data_3I6E
#
_entry.id   3I6E
#
_cell.length_a   109.135
_cell.length_b   135.358
_cell.length_c   113.024
_cell.angle_alpha   90.00
_cell.angle_beta   103.18
_cell.angle_gamma   90.00
#
_symmetry.space_group_name_H-M   'P 1 21 1'
#
loop_
_entity.id
_entity.type
_entity.pdbx_description
1 polymer 'Muconate cycloisomerase I'
2 non-polymer 'MAGNESIUM ION'
3 non-polymer 'SODIUM ION'
4 water water
#
_entity_poly.entity_id   1
_entity_poly.type   'polypeptide(L)'
_entity_poly.pdbx_seq_one_letter_code
;MSLGDLEQKIIAMDLWHLALPVVSARDHGIGRVEGSCEIVVLRLVAEGGAEGFGEASPWAVFTGTPEASYAALDRYLRPL
VIGRRVGDRVAIMDEAARAVAHCTEAKAALDSALLDLAGRISNLPVWALLGGKCRDTIPLSCSIANPDFDADIALMERLR
ADGVGLIKLKTGFRDHAFDIMRLELIARDFPEFRVRVDYNQGLEIDEAVPRVLDVAQFQPDFIEQPVRAHHFELMARLRG
LTDVPLLADESVYGPEDMVRAAHEGICDGVSIKIMKSGGLTRAQTVARIAAAHGLMAYGGDMFEAGLAHLAGTHMIAATP
EITLGCEFYQASYFLNEDILETPFRVEAGQVIVPDGPGLGARADPEKLEHYAVRRSGEGHHHHHH
;
_entity_poly.pdbx_strand_id   A,B,C,D,E,F,G,H
#
# COMPACT_ATOMS: atom_id res chain seq x y z
N LEU A 6 20.62 45.82 10.31
CA LEU A 6 19.29 45.17 10.08
C LEU A 6 18.43 45.21 11.34
N GLU A 7 18.96 45.84 12.39
CA GLU A 7 18.21 45.95 13.64
C GLU A 7 17.20 47.08 13.52
N GLN A 8 17.37 47.95 12.53
CA GLN A 8 16.47 49.08 12.35
C GLN A 8 15.07 48.61 11.93
N LYS A 9 14.08 49.45 12.23
CA LYS A 9 12.69 49.14 11.95
C LYS A 9 12.15 49.63 10.61
N ILE A 10 11.09 48.96 10.15
CA ILE A 10 10.42 49.30 8.91
C ILE A 10 9.36 50.31 9.34
N ILE A 11 9.38 51.50 8.74
CA ILE A 11 8.44 52.54 9.13
C ILE A 11 7.33 52.86 8.14
N ALA A 12 7.41 52.32 6.93
CA ALA A 12 6.37 52.62 5.96
C ALA A 12 6.16 51.55 4.89
N MET A 13 4.92 51.47 4.42
CA MET A 13 4.50 50.55 3.37
C MET A 13 3.64 51.33 2.39
N ASP A 14 4.08 51.39 1.14
CA ASP A 14 3.33 52.07 0.10
C ASP A 14 2.97 51.05 -0.95
N LEU A 15 1.74 51.13 -1.46
CA LEU A 15 1.24 50.19 -2.46
C LEU A 15 0.68 50.86 -3.69
N TRP A 16 0.80 50.15 -4.82
CA TRP A 16 0.29 50.64 -6.10
C TRP A 16 -0.33 49.47 -6.87
N HIS A 17 -1.59 49.61 -7.24
CA HIS A 17 -2.23 48.59 -8.07
C HIS A 17 -2.05 49.18 -9.47
N LEU A 18 -1.22 48.52 -10.28
CA LEU A 18 -0.94 49.01 -11.62
C LEU A 18 -1.66 48.27 -12.73
N ALA A 19 -1.77 48.95 -13.87
CA ALA A 19 -2.39 48.41 -15.07
C ALA A 19 -1.37 48.74 -16.16
N LEU A 20 -0.61 47.74 -16.58
CA LEU A 20 0.42 47.94 -17.59
C LEU A 20 0.00 47.51 -18.98
N PRO A 21 0.06 48.43 -19.96
CA PRO A 21 -0.32 48.14 -21.34
C PRO A 21 0.58 47.08 -21.98
N VAL A 22 0.00 46.24 -22.82
CA VAL A 22 0.75 45.19 -23.50
C VAL A 22 0.48 45.22 -25.01
N CYS A 37 -2.00 44.17 -18.31
CA CYS A 37 -1.34 43.38 -17.26
C CYS A 37 -1.39 44.12 -15.93
N GLU A 38 -2.04 43.51 -14.94
CA GLU A 38 -2.16 44.15 -13.63
C GLU A 38 -1.30 43.49 -12.57
N ILE A 39 -0.58 44.31 -11.82
CA ILE A 39 0.26 43.81 -10.74
C ILE A 39 0.13 44.77 -9.57
N VAL A 40 0.62 44.36 -8.42
CA VAL A 40 0.60 45.21 -7.23
C VAL A 40 2.05 45.39 -6.84
N VAL A 41 2.49 46.63 -6.72
CA VAL A 41 3.87 46.90 -6.34
C VAL A 41 3.91 47.40 -4.89
N LEU A 42 4.91 46.91 -4.18
CA LEU A 42 5.11 47.27 -2.79
C LEU A 42 6.46 47.93 -2.54
N ARG A 43 6.46 48.96 -1.71
CA ARG A 43 7.70 49.63 -1.35
C ARG A 43 7.71 49.75 0.18
N LEU A 44 8.81 49.33 0.78
CA LEU A 44 8.98 49.43 2.22
C LEU A 44 10.12 50.39 2.47
N VAL A 45 10.00 51.18 3.53
CA VAL A 45 11.03 52.15 3.87
C VAL A 45 11.48 51.88 5.31
N ALA A 46 12.79 51.88 5.54
CA ALA A 46 13.34 51.64 6.87
C ALA A 46 13.66 52.99 7.54
N GLU A 47 13.89 52.96 8.85
CA GLU A 47 14.22 54.17 9.62
C GLU A 47 15.34 54.99 9.00
N GLY A 48 16.37 54.32 8.52
CA GLY A 48 17.51 54.99 7.92
C GLY A 48 17.30 55.54 6.53
N GLY A 49 16.12 55.32 5.96
CA GLY A 49 15.84 55.83 4.63
C GLY A 49 15.93 54.84 3.47
N ALA A 50 16.58 53.71 3.67
CA ALA A 50 16.69 52.72 2.59
C ALA A 50 15.29 52.22 2.18
N GLU A 51 15.17 51.76 0.94
CA GLU A 51 13.90 51.25 0.43
C GLU A 51 14.03 49.80 -0.04
N GLY A 52 12.88 49.17 -0.20
CA GLY A 52 12.82 47.80 -0.68
C GLY A 52 11.58 47.67 -1.53
N PHE A 53 11.71 47.09 -2.72
CA PHE A 53 10.58 46.93 -3.63
C PHE A 53 10.23 45.45 -3.84
N GLY A 54 8.93 45.20 -4.06
CA GLY A 54 8.47 43.85 -4.29
C GLY A 54 7.26 43.89 -5.20
N GLU A 55 7.04 42.83 -5.97
CA GLU A 55 5.92 42.76 -6.89
C GLU A 55 5.07 41.52 -6.65
N ALA A 56 3.75 41.70 -6.76
CA ALA A 56 2.77 40.61 -6.64
C ALA A 56 2.13 40.60 -8.02
N SER A 57 2.12 39.45 -8.69
CA SER A 57 1.56 39.36 -10.02
C SER A 57 0.42 38.35 -10.07
N PRO A 58 -0.76 38.74 -9.57
CA PRO A 58 -1.96 37.89 -9.53
C PRO A 58 -2.58 37.50 -10.85
N TRP A 59 -3.04 36.24 -10.91
CA TRP A 59 -3.73 35.73 -12.08
C TRP A 59 -5.09 35.32 -11.53
N ALA A 60 -6.07 36.19 -11.75
CA ALA A 60 -7.44 36.03 -11.26
C ALA A 60 -8.02 34.62 -11.18
N VAL A 61 -7.94 33.87 -12.27
CA VAL A 61 -8.51 32.53 -12.28
C VAL A 61 -7.66 31.44 -11.62
N PHE A 62 -6.41 31.76 -11.28
CA PHE A 62 -5.55 30.75 -10.65
C PHE A 62 -5.06 31.08 -9.24
N THR A 63 -4.22 32.09 -9.09
CA THR A 63 -3.68 32.46 -7.79
C THR A 63 -4.56 33.39 -6.96
N GLY A 64 -5.31 34.25 -7.64
CA GLY A 64 -6.15 35.20 -6.96
C GLY A 64 -6.17 36.52 -7.71
N THR A 65 -6.94 37.48 -7.22
CA THR A 65 -7.06 38.78 -7.87
C THR A 65 -6.10 39.83 -7.34
N PRO A 66 -5.83 40.88 -8.15
CA PRO A 66 -4.93 41.92 -7.69
C PRO A 66 -5.60 42.66 -6.53
N GLU A 67 -6.93 42.66 -6.50
CA GLU A 67 -7.67 43.32 -5.43
C GLU A 67 -7.47 42.55 -4.12
N ALA A 68 -7.43 41.23 -4.21
CA ALA A 68 -7.24 40.39 -3.01
C ALA A 68 -5.84 40.61 -2.45
N SER A 69 -4.83 40.64 -3.32
CA SER A 69 -3.46 40.84 -2.89
C SER A 69 -3.24 42.27 -2.37
N TYR A 70 -3.91 43.24 -2.99
CA TYR A 70 -3.77 44.64 -2.56
C TYR A 70 -4.28 44.74 -1.12
N ALA A 71 -5.47 44.20 -0.89
CA ALA A 71 -6.08 44.22 0.44
C ALA A 71 -5.21 43.47 1.44
N ALA A 72 -4.69 42.33 1.03
CA ALA A 72 -3.84 41.51 1.90
C ALA A 72 -2.69 42.33 2.49
N LEU A 73 -2.01 43.07 1.63
CA LEU A 73 -0.87 43.90 2.06
C LEU A 73 -1.31 45.17 2.80
N ASP A 74 -2.22 45.90 2.20
CA ASP A 74 -2.70 47.17 2.75
C ASP A 74 -3.34 47.09 4.13
N ARG A 75 -4.17 46.08 4.36
CA ARG A 75 -4.87 45.95 5.63
C ARG A 75 -4.43 44.85 6.58
N TYR A 76 -4.10 43.68 6.06
CA TYR A 76 -3.74 42.55 6.91
C TYR A 76 -2.26 42.32 7.22
N LEU A 77 -1.38 42.60 6.27
CA LEU A 77 0.05 42.42 6.52
C LEU A 77 0.73 43.69 7.02
N ARG A 78 0.12 44.84 6.72
CA ARG A 78 0.67 46.13 7.15
C ARG A 78 0.97 46.17 8.66
N PRO A 79 0.03 45.71 9.49
CA PRO A 79 0.21 45.71 10.96
C PRO A 79 1.34 44.83 11.49
N LEU A 80 1.61 43.71 10.82
CA LEU A 80 2.66 42.83 11.29
C LEU A 80 4.01 43.15 10.65
N VAL A 81 4.03 44.17 9.80
CA VAL A 81 5.25 44.59 9.12
C VAL A 81 5.77 45.92 9.68
N ILE A 82 4.89 46.91 9.83
CA ILE A 82 5.30 48.21 10.33
C ILE A 82 5.82 48.11 11.76
N GLY A 83 7.00 48.68 12.00
CA GLY A 83 7.58 48.64 13.33
C GLY A 83 8.50 47.46 13.61
N ARG A 84 8.58 46.52 12.66
CA ARG A 84 9.43 45.34 12.82
C ARG A 84 10.86 45.57 12.37
N ARG A 85 11.79 44.76 12.88
CA ARG A 85 13.19 44.88 12.48
C ARG A 85 13.36 44.25 11.10
N VAL A 86 14.10 44.92 10.24
CA VAL A 86 14.33 44.42 8.89
C VAL A 86 14.88 43.00 8.98
N GLY A 87 15.74 42.76 9.97
CA GLY A 87 16.35 41.45 10.13
C GLY A 87 15.45 40.32 10.63
N ASP A 88 14.22 40.64 11.02
CA ASP A 88 13.31 39.61 11.50
C ASP A 88 12.47 39.03 10.36
N ARG A 89 12.98 39.14 9.14
CA ARG A 89 12.28 38.66 7.95
C ARG A 89 11.66 37.27 8.10
N VAL A 90 12.43 36.32 8.61
CA VAL A 90 11.92 34.95 8.76
C VAL A 90 10.65 34.91 9.61
N ALA A 91 10.66 35.61 10.74
CA ALA A 91 9.52 35.67 11.63
C ALA A 91 8.35 36.39 10.96
N ILE A 92 8.64 37.50 10.29
CA ILE A 92 7.61 38.26 9.61
C ILE A 92 6.87 37.41 8.57
N MET A 93 7.62 36.69 7.75
CA MET A 93 7.02 35.86 6.71
C MET A 93 6.28 34.66 7.30
N ASP A 94 6.79 34.12 8.40
CA ASP A 94 6.17 32.99 9.07
C ASP A 94 4.78 33.45 9.52
N GLU A 95 4.75 34.62 10.15
CA GLU A 95 3.51 35.22 10.63
C GLU A 95 2.58 35.65 9.48
N ALA A 96 3.16 36.20 8.42
CA ALA A 96 2.37 36.66 7.28
C ALA A 96 1.57 35.55 6.63
N ALA A 97 2.19 34.37 6.49
CA ALA A 97 1.52 33.24 5.87
C ALA A 97 0.22 32.91 6.58
N ARG A 98 0.21 33.05 7.91
CA ARG A 98 -0.97 32.75 8.69
C ARG A 98 -1.92 33.93 8.88
N ALA A 99 -1.40 35.14 8.69
CA ALA A 99 -2.18 36.36 8.87
C ALA A 99 -3.30 36.59 7.85
N VAL A 100 -3.14 36.02 6.65
CA VAL A 100 -4.15 36.19 5.61
C VAL A 100 -4.18 34.96 4.70
N ALA A 101 -5.37 34.48 4.38
CA ALA A 101 -5.52 33.31 3.52
C ALA A 101 -5.13 33.61 2.08
N HIS A 102 -4.53 32.63 1.41
CA HIS A 102 -4.11 32.76 0.02
C HIS A 102 -3.23 33.98 -0.19
N CYS A 103 -3.42 34.70 -1.31
CA CYS A 103 -2.61 35.88 -1.60
C CYS A 103 -1.12 35.58 -1.50
N THR A 104 -0.72 34.45 -2.05
CA THR A 104 0.68 34.03 -2.07
C THR A 104 1.49 35.04 -2.89
N GLU A 105 0.82 35.75 -3.80
CA GLU A 105 1.51 36.74 -4.62
C GLU A 105 1.90 37.92 -3.75
N ALA A 106 1.00 38.33 -2.86
CA ALA A 106 1.27 39.44 -1.95
C ALA A 106 2.38 39.05 -1.00
N LYS A 107 2.36 37.80 -0.56
CA LYS A 107 3.37 37.30 0.35
C LYS A 107 4.74 37.28 -0.32
N ALA A 108 4.77 36.92 -1.60
CA ALA A 108 6.01 36.88 -2.36
C ALA A 108 6.54 38.32 -2.52
N ALA A 109 5.63 39.26 -2.74
CA ALA A 109 5.99 40.67 -2.90
C ALA A 109 6.62 41.20 -1.61
N LEU A 110 6.01 40.86 -0.48
CA LEU A 110 6.53 41.28 0.82
C LEU A 110 7.91 40.69 1.06
N ASP A 111 8.09 39.42 0.72
CA ASP A 111 9.36 38.75 0.91
C ASP A 111 10.41 39.43 0.01
N SER A 112 10.02 39.73 -1.22
CA SER A 112 10.92 40.38 -2.17
C SER A 112 11.36 41.76 -1.65
N ALA A 113 10.41 42.54 -1.14
CA ALA A 113 10.70 43.87 -0.60
C ALA A 113 11.61 43.79 0.62
N LEU A 114 11.33 42.83 1.50
CA LEU A 114 12.14 42.65 2.70
C LEU A 114 13.58 42.31 2.33
N LEU A 115 13.73 41.46 1.32
CA LEU A 115 15.06 41.05 0.86
C LEU A 115 15.76 42.20 0.15
N ASP A 116 14.99 42.91 -0.66
CA ASP A 116 15.52 44.05 -1.40
C ASP A 116 16.00 45.11 -0.39
N LEU A 117 15.15 45.38 0.60
CA LEU A 117 15.48 46.36 1.64
C LEU A 117 16.74 45.94 2.38
N ALA A 118 16.79 44.68 2.82
CA ALA A 118 17.94 44.18 3.54
C ALA A 118 19.21 44.25 2.68
N GLY A 119 19.05 44.01 1.39
CA GLY A 119 20.19 44.06 0.47
C GLY A 119 20.74 45.47 0.38
N ARG A 120 19.84 46.45 0.30
CA ARG A 120 20.23 47.84 0.21
C ARG A 120 20.99 48.27 1.47
N ILE A 121 20.47 47.87 2.63
CA ILE A 121 21.09 48.20 3.91
C ILE A 121 22.51 47.66 4.02
N SER A 122 22.64 46.35 3.79
CA SER A 122 23.92 45.67 3.89
C SER A 122 24.78 45.78 2.64
N ASN A 123 24.23 46.38 1.59
CA ASN A 123 24.93 46.53 0.32
C ASN A 123 25.27 45.16 -0.29
N LEU A 124 24.26 44.30 -0.39
CA LEU A 124 24.43 42.97 -0.96
C LEU A 124 23.32 42.67 -1.95
N PRO A 125 23.60 41.81 -2.94
CA PRO A 125 22.61 41.43 -3.96
C PRO A 125 21.68 40.45 -3.23
N VAL A 126 20.42 40.38 -3.64
CA VAL A 126 19.50 39.47 -2.98
C VAL A 126 20.03 38.03 -2.97
N TRP A 127 20.58 37.56 -4.08
CA TRP A 127 21.09 36.19 -4.09
C TRP A 127 22.09 35.95 -2.97
N ALA A 128 22.80 37.01 -2.55
CA ALA A 128 23.77 36.88 -1.48
C ALA A 128 23.08 36.59 -0.14
N LEU A 129 21.80 36.93 -0.03
CA LEU A 129 21.04 36.68 1.18
C LEU A 129 20.28 35.34 1.07
N LEU A 130 20.42 34.67 -0.06
CA LEU A 130 19.75 33.39 -0.27
C LEU A 130 20.75 32.24 -0.26
N GLY A 131 21.96 32.54 0.20
CA GLY A 131 22.99 31.53 0.27
C GLY A 131 24.14 31.65 -0.71
N GLY A 132 24.08 32.66 -1.57
CA GLY A 132 25.13 32.84 -2.56
C GLY A 132 24.60 32.45 -3.92
N LYS A 133 25.47 32.32 -4.93
CA LYS A 133 24.99 31.93 -6.24
C LYS A 133 25.76 30.78 -6.84
N CYS A 134 25.11 30.09 -7.78
CA CYS A 134 25.71 28.96 -8.45
C CYS A 134 25.74 29.16 -9.96
N ARG A 135 25.13 30.23 -10.43
CA ARG A 135 25.11 30.54 -11.85
C ARG A 135 25.05 32.06 -12.07
N ASP A 136 25.71 32.53 -13.13
CA ASP A 136 25.72 33.96 -13.43
C ASP A 136 24.68 34.34 -14.47
N THR A 137 24.14 33.34 -15.18
CA THR A 137 23.12 33.59 -16.19
C THR A 137 22.07 32.48 -16.12
N ILE A 138 20.90 32.73 -16.73
CA ILE A 138 19.81 31.75 -16.74
C ILE A 138 19.19 31.68 -18.13
N PRO A 139 19.15 30.48 -18.74
CA PRO A 139 18.55 30.34 -20.07
C PRO A 139 17.10 30.83 -20.04
N LEU A 140 16.72 31.66 -21.01
CA LEU A 140 15.36 32.19 -21.06
C LEU A 140 14.44 31.52 -22.08
N SER A 141 13.19 31.36 -21.68
CA SER A 141 12.16 30.78 -22.54
C SER A 141 11.03 31.78 -22.72
N CYS A 142 10.54 31.91 -23.95
CA CYS A 142 9.44 32.82 -24.22
C CYS A 142 8.23 31.97 -24.59
N SER A 143 7.06 32.37 -24.10
CA SER A 143 5.86 31.61 -24.40
C SER A 143 5.26 32.02 -25.75
N ILE A 144 4.58 31.06 -26.37
CA ILE A 144 3.93 31.26 -27.66
C ILE A 144 2.44 30.99 -27.41
N ALA A 145 1.67 32.06 -27.20
CA ALA A 145 0.26 31.90 -26.87
C ALA A 145 -0.74 32.74 -27.64
N ASN A 146 -0.31 33.41 -28.70
CA ASN A 146 -1.23 34.25 -29.45
C ASN A 146 -2.24 33.45 -30.27
N PRO A 147 -3.54 33.77 -30.14
CA PRO A 147 -4.53 33.03 -30.93
C PRO A 147 -4.30 33.29 -32.42
N ASP A 148 -3.62 34.39 -32.72
CA ASP A 148 -3.27 34.76 -34.09
C ASP A 148 -1.85 34.27 -34.26
N PHE A 149 -1.71 33.03 -34.73
CA PHE A 149 -0.39 32.43 -34.89
C PHE A 149 0.59 33.19 -35.77
N ASP A 150 0.09 33.98 -36.72
CA ASP A 150 1.00 34.74 -37.58
C ASP A 150 1.80 35.71 -36.72
N ALA A 151 1.17 36.21 -35.67
CA ALA A 151 1.83 37.14 -34.76
C ALA A 151 2.98 36.47 -34.03
N ASP A 152 2.81 35.20 -33.66
CA ASP A 152 3.85 34.47 -32.96
C ASP A 152 4.99 34.07 -33.90
N ILE A 153 4.69 33.86 -35.18
CA ILE A 153 5.73 33.52 -36.13
C ILE A 153 6.67 34.72 -36.21
N ALA A 154 6.07 35.91 -36.25
CA ALA A 154 6.84 37.15 -36.31
C ALA A 154 7.69 37.27 -35.04
N LEU A 155 7.08 36.99 -33.89
CA LEU A 155 7.80 37.06 -32.63
C LEU A 155 8.93 36.03 -32.59
N MET A 156 8.66 34.84 -33.11
CA MET A 156 9.67 33.79 -33.11
C MET A 156 10.84 34.20 -33.99
N GLU A 157 10.57 34.99 -35.02
CA GLU A 157 11.63 35.48 -35.91
C GLU A 157 12.49 36.39 -35.05
N ARG A 158 11.83 37.27 -34.30
CA ARG A 158 12.50 38.19 -33.41
C ARG A 158 13.26 37.42 -32.34
N LEU A 159 12.61 36.40 -31.78
CA LEU A 159 13.22 35.59 -30.74
C LEU A 159 14.50 34.91 -31.19
N ARG A 160 14.47 34.27 -32.35
CA ARG A 160 15.65 33.58 -32.87
C ARG A 160 16.80 34.55 -33.09
N ALA A 161 16.49 35.75 -33.57
CA ALA A 161 17.49 36.76 -33.82
C ALA A 161 18.13 37.24 -32.52
N ASP A 162 17.33 37.33 -31.45
CA ASP A 162 17.84 37.78 -30.16
C ASP A 162 18.63 36.71 -29.41
N GLY A 163 18.67 35.49 -29.96
CA GLY A 163 19.42 34.43 -29.29
C GLY A 163 18.63 33.58 -28.31
N VAL A 164 17.32 33.80 -28.19
CA VAL A 164 16.51 33.01 -27.29
C VAL A 164 16.38 31.61 -27.87
N GLY A 165 16.81 30.60 -27.11
CA GLY A 165 16.77 29.23 -27.58
C GLY A 165 15.69 28.33 -27.02
N LEU A 166 14.82 28.89 -26.18
CA LEU A 166 13.74 28.10 -25.58
C LEU A 166 12.39 28.78 -25.76
N ILE A 167 11.38 27.99 -26.10
CA ILE A 167 10.03 28.53 -26.23
C ILE A 167 9.05 27.53 -25.63
N LYS A 168 7.94 28.03 -25.10
CA LYS A 168 6.93 27.16 -24.52
C LYS A 168 5.61 27.46 -25.20
N LEU A 169 5.05 26.45 -25.85
CA LEU A 169 3.80 26.59 -26.55
C LEU A 169 2.59 26.48 -25.64
N LYS A 170 1.77 27.52 -25.59
CA LYS A 170 0.57 27.48 -24.76
C LYS A 170 -0.44 26.68 -25.58
N THR A 171 -0.85 25.54 -25.04
CA THR A 171 -1.80 24.66 -25.73
C THR A 171 -3.12 24.51 -24.99
N GLY A 172 -4.11 23.96 -25.69
CA GLY A 172 -5.40 23.73 -25.07
C GLY A 172 -6.44 24.85 -25.06
N PHE A 173 -6.05 26.07 -25.41
CA PHE A 173 -7.02 27.17 -25.39
C PHE A 173 -7.90 27.20 -26.63
N ARG A 174 -7.53 26.40 -27.62
CA ARG A 174 -8.29 26.26 -28.85
C ARG A 174 -8.39 24.76 -29.12
N ASP A 175 -8.88 24.38 -30.29
CA ASP A 175 -8.99 22.96 -30.59
C ASP A 175 -7.61 22.32 -30.68
N HIS A 176 -7.60 20.99 -30.69
CA HIS A 176 -6.37 20.22 -30.75
C HIS A 176 -5.60 20.47 -32.05
N ALA A 177 -6.32 20.66 -33.15
CA ALA A 177 -5.67 20.88 -34.45
C ALA A 177 -4.74 22.09 -34.39
N PHE A 178 -5.21 23.15 -33.74
CA PHE A 178 -4.42 24.37 -33.61
C PHE A 178 -3.09 24.13 -32.89
N ASP A 179 -3.10 23.23 -31.90
CA ASP A 179 -1.88 22.92 -31.19
C ASP A 179 -0.93 22.15 -32.11
N ILE A 180 -1.48 21.13 -32.79
CA ILE A 180 -0.70 20.32 -33.71
C ILE A 180 -0.14 21.15 -34.85
N MET A 181 -0.96 22.04 -35.40
CA MET A 181 -0.57 22.92 -36.49
C MET A 181 0.69 23.69 -36.10
N ARG A 182 0.64 24.34 -34.94
CA ARG A 182 1.76 25.13 -34.46
C ARG A 182 3.01 24.30 -34.17
N LEU A 183 2.82 23.10 -33.61
CA LEU A 183 3.95 22.24 -33.29
C LEU A 183 4.69 21.80 -34.55
N GLU A 184 3.94 21.55 -35.62
CA GLU A 184 4.55 21.13 -36.87
C GLU A 184 5.30 22.28 -37.54
N LEU A 185 4.67 23.45 -37.58
CA LEU A 185 5.31 24.62 -38.19
C LEU A 185 6.58 25.01 -37.44
N ILE A 186 6.55 24.90 -36.12
CA ILE A 186 7.72 25.24 -35.32
C ILE A 186 8.88 24.30 -35.61
N ALA A 187 8.57 23.02 -35.73
CA ALA A 187 9.60 22.01 -36.01
C ALA A 187 10.18 22.19 -37.40
N ARG A 188 9.36 22.69 -38.31
CA ARG A 188 9.77 22.90 -39.69
C ARG A 188 10.49 24.22 -39.93
N ASP A 189 9.89 25.32 -39.49
CA ASP A 189 10.48 26.64 -39.71
C ASP A 189 11.32 27.22 -38.57
N PHE A 190 11.24 26.62 -37.39
CA PHE A 190 12.00 27.12 -36.25
C PHE A 190 12.63 26.00 -35.45
N PRO A 191 13.44 25.15 -36.12
CA PRO A 191 14.10 24.01 -35.47
C PRO A 191 15.17 24.39 -34.45
N GLU A 192 15.60 25.65 -34.48
CA GLU A 192 16.63 26.12 -33.55
C GLU A 192 16.17 26.09 -32.09
N PHE A 193 14.87 26.26 -31.88
CA PHE A 193 14.31 26.28 -30.53
C PHE A 193 14.11 24.91 -29.88
N ARG A 194 14.23 24.86 -28.56
CA ARG A 194 13.93 23.63 -27.83
C ARG A 194 12.48 23.98 -27.49
N VAL A 195 11.57 23.03 -27.63
CA VAL A 195 10.16 23.32 -27.38
C VAL A 195 9.57 22.66 -26.13
N ARG A 196 8.83 23.46 -25.36
CA ARG A 196 8.14 22.99 -24.15
C ARG A 196 6.65 23.24 -24.38
N VAL A 197 5.79 22.51 -23.68
CA VAL A 197 4.35 22.68 -23.83
C VAL A 197 3.66 22.96 -22.50
N ASP A 198 2.63 23.80 -22.52
CA ASP A 198 1.87 24.12 -21.31
C ASP A 198 0.38 24.26 -21.59
N TYR A 199 -0.42 23.38 -20.99
CA TYR A 199 -1.87 23.39 -21.15
C TYR A 199 -2.60 24.30 -20.18
N ASN A 200 -1.90 24.78 -19.14
CA ASN A 200 -2.52 25.64 -18.13
C ASN A 200 -3.85 25.09 -17.61
N GLN A 201 -3.86 23.80 -17.25
CA GLN A 201 -5.06 23.15 -16.72
C GLN A 201 -6.22 23.20 -17.71
N GLY A 202 -5.93 23.53 -18.96
CA GLY A 202 -6.99 23.68 -19.95
C GLY A 202 -7.80 22.51 -20.47
N LEU A 203 -7.36 21.28 -20.20
CA LEU A 203 -8.08 20.11 -20.72
C LEU A 203 -9.11 19.49 -19.78
N GLU A 204 -10.22 19.05 -20.37
CA GLU A 204 -11.28 18.40 -19.63
C GLU A 204 -10.93 16.92 -19.49
N ILE A 205 -11.59 16.26 -18.53
CA ILE A 205 -11.34 14.86 -18.27
C ILE A 205 -11.43 13.96 -19.50
N ASP A 206 -12.52 14.08 -20.25
CA ASP A 206 -12.74 13.22 -21.41
C ASP A 206 -11.87 13.46 -22.65
N GLU A 207 -10.99 14.46 -22.62
CA GLU A 207 -10.12 14.72 -23.76
C GLU A 207 -8.64 14.75 -23.40
N ALA A 208 -8.34 14.61 -22.11
CA ALA A 208 -6.96 14.68 -21.63
C ALA A 208 -5.98 13.64 -22.18
N VAL A 209 -6.34 12.37 -22.13
CA VAL A 209 -5.46 11.31 -22.62
C VAL A 209 -5.17 11.41 -24.12
N PRO A 210 -6.22 11.47 -24.96
CA PRO A 210 -5.95 11.55 -26.40
C PRO A 210 -5.12 12.76 -26.83
N ARG A 211 -5.43 13.95 -26.29
CA ARG A 211 -4.68 15.14 -26.67
C ARG A 211 -3.23 15.12 -26.18
N VAL A 212 -3.00 14.71 -24.94
CA VAL A 212 -1.64 14.65 -24.41
C VAL A 212 -0.81 13.63 -25.19
N LEU A 213 -1.40 12.48 -25.49
CA LEU A 213 -0.68 11.45 -26.24
C LEU A 213 -0.25 11.97 -27.62
N ASP A 214 -1.17 12.65 -28.31
CA ASP A 214 -0.87 13.18 -29.63
C ASP A 214 0.31 14.15 -29.56
N VAL A 215 0.19 15.14 -28.68
CA VAL A 215 1.24 16.14 -28.51
C VAL A 215 2.58 15.52 -28.07
N ALA A 216 2.54 14.49 -27.23
CA ALA A 216 3.77 13.86 -26.77
C ALA A 216 4.59 13.26 -27.91
N GLN A 217 3.91 12.95 -29.02
CA GLN A 217 4.60 12.39 -30.17
C GLN A 217 5.62 13.37 -30.72
N PHE A 218 5.44 14.65 -30.42
CA PHE A 218 6.36 15.70 -30.88
C PHE A 218 7.57 15.84 -29.97
N GLN A 219 7.60 15.02 -28.92
CA GLN A 219 8.69 15.01 -27.96
C GLN A 219 9.11 16.36 -27.40
N PRO A 220 8.16 17.16 -26.89
CA PRO A 220 8.55 18.47 -26.33
C PRO A 220 9.41 18.17 -25.11
N ASP A 221 10.17 19.15 -24.61
CA ASP A 221 11.03 18.91 -23.44
C ASP A 221 10.21 18.48 -22.23
N PHE A 222 9.00 19.02 -22.13
CA PHE A 222 8.07 18.65 -21.09
C PHE A 222 6.68 19.17 -21.42
N ILE A 223 5.67 18.56 -20.81
CA ILE A 223 4.28 18.96 -20.99
C ILE A 223 3.81 19.43 -19.62
N GLU A 224 3.32 20.66 -19.57
CA GLU A 224 2.89 21.26 -18.32
C GLU A 224 1.39 21.20 -18.03
N GLN A 225 1.09 20.80 -16.80
CA GLN A 225 -0.25 20.71 -16.22
C GLN A 225 -1.42 20.61 -17.20
N PRO A 226 -1.65 19.42 -17.77
CA PRO A 226 -2.76 19.22 -18.72
C PRO A 226 -4.16 19.45 -18.16
N VAL A 227 -4.38 19.06 -16.90
CA VAL A 227 -5.70 19.17 -16.28
C VAL A 227 -5.74 20.04 -15.02
N ARG A 228 -6.94 20.25 -14.48
CA ARG A 228 -7.13 21.07 -13.28
C ARG A 228 -6.20 20.65 -12.15
N ALA A 229 -5.78 21.63 -11.36
CA ALA A 229 -4.87 21.42 -10.23
C ALA A 229 -5.23 20.31 -9.27
N HIS A 230 -6.51 20.19 -8.95
CA HIS A 230 -6.96 19.17 -7.99
C HIS A 230 -6.95 17.74 -8.52
N HIS A 231 -6.72 17.58 -9.83
CA HIS A 231 -6.72 16.25 -10.41
C HIS A 231 -5.41 15.49 -10.22
N PHE A 232 -5.05 15.23 -8.97
CA PHE A 232 -3.81 14.50 -8.68
C PHE A 232 -3.85 13.08 -9.25
N GLU A 233 -4.97 12.39 -9.12
CA GLU A 233 -5.08 11.03 -9.62
C GLU A 233 -4.91 10.97 -11.13
N LEU A 234 -5.62 11.84 -11.83
CA LEU A 234 -5.54 11.89 -13.30
C LEU A 234 -4.13 12.29 -13.77
N MET A 235 -3.51 13.24 -13.07
CA MET A 235 -2.17 13.67 -13.43
C MET A 235 -1.22 12.47 -13.31
N ALA A 236 -1.34 11.69 -12.25
CA ALA A 236 -0.49 10.53 -12.08
C ALA A 236 -0.71 9.52 -13.22
N ARG A 237 -1.96 9.33 -13.65
CA ARG A 237 -2.22 8.40 -14.74
C ARG A 237 -1.59 8.94 -16.03
N LEU A 238 -1.76 10.23 -16.28
CA LEU A 238 -1.18 10.83 -17.46
C LEU A 238 0.34 10.67 -17.45
N ARG A 239 0.95 10.74 -16.26
CA ARG A 239 2.40 10.60 -16.18
C ARG A 239 2.85 9.21 -16.63
N GLY A 240 2.02 8.19 -16.40
CA GLY A 240 2.43 6.86 -16.81
C GLY A 240 2.17 6.50 -18.27
N LEU A 241 1.63 7.43 -19.05
CA LEU A 241 1.31 7.15 -20.45
C LEU A 241 2.41 7.38 -21.50
N THR A 242 3.37 8.26 -21.21
CA THR A 242 4.44 8.52 -22.16
C THR A 242 5.74 8.75 -21.42
N ASP A 243 6.83 8.90 -22.15
CA ASP A 243 8.12 9.15 -21.52
C ASP A 243 8.49 10.62 -21.61
N VAL A 244 7.55 11.43 -22.07
CA VAL A 244 7.77 12.87 -22.15
C VAL A 244 7.51 13.35 -20.73
N PRO A 245 8.43 14.14 -20.16
CA PRO A 245 8.23 14.62 -18.78
C PRO A 245 6.93 15.40 -18.60
N LEU A 246 6.22 15.09 -17.50
CA LEU A 246 4.99 15.78 -17.18
C LEU A 246 5.31 16.70 -16.01
N LEU A 247 5.10 18.00 -16.21
CA LEU A 247 5.37 18.98 -15.18
C LEU A 247 4.11 19.42 -14.46
N ALA A 248 4.21 19.55 -13.15
CA ALA A 248 3.10 20.03 -12.36
C ALA A 248 3.31 21.53 -12.19
N ASP A 249 2.24 22.30 -12.36
CA ASP A 249 2.32 23.73 -12.15
C ASP A 249 1.28 24.14 -11.12
N GLU A 250 0.04 24.37 -11.56
CA GLU A 250 -1.01 24.77 -10.64
C GLU A 250 -1.26 23.76 -9.52
N SER A 251 -0.87 22.50 -9.72
CA SER A 251 -1.06 21.50 -8.67
C SER A 251 -0.10 21.69 -7.50
N VAL A 252 0.95 22.50 -7.69
CA VAL A 252 1.93 22.69 -6.62
C VAL A 252 2.31 24.14 -6.39
N TYR A 253 1.94 24.64 -5.22
CA TYR A 253 2.24 26.02 -4.81
C TYR A 253 3.48 26.06 -3.93
N GLY A 254 3.43 25.40 -2.78
CA GLY A 254 4.55 25.39 -1.86
C GLY A 254 5.03 24.02 -1.43
N PRO A 255 5.90 23.97 -0.41
CA PRO A 255 6.47 22.73 0.12
C PRO A 255 5.41 21.69 0.49
N GLU A 256 4.31 22.17 1.06
CA GLU A 256 3.23 21.27 1.45
C GLU A 256 2.67 20.52 0.24
N ASP A 257 2.36 21.25 -0.83
CA ASP A 257 1.86 20.63 -2.05
C ASP A 257 2.93 19.74 -2.68
N MET A 258 4.20 20.17 -2.62
CA MET A 258 5.25 19.37 -3.25
C MET A 258 5.35 18.01 -2.57
N VAL A 259 5.23 18.00 -1.24
CA VAL A 259 5.28 16.73 -0.50
C VAL A 259 4.14 15.84 -0.97
N ARG A 260 2.93 16.39 -1.07
CA ARG A 260 1.78 15.59 -1.52
C ARG A 260 1.96 15.12 -2.96
N ALA A 261 2.35 16.04 -3.84
CA ALA A 261 2.53 15.69 -5.25
C ALA A 261 3.59 14.59 -5.45
N ALA A 262 4.68 14.66 -4.69
CA ALA A 262 5.73 13.65 -4.82
C ALA A 262 5.22 12.30 -4.34
N HIS A 263 4.50 12.30 -3.22
CA HIS A 263 3.94 11.06 -2.66
C HIS A 263 2.97 10.36 -3.62
N GLU A 264 2.13 11.15 -4.29
CA GLU A 264 1.14 10.59 -5.20
C GLU A 264 1.69 10.36 -6.62
N GLY A 265 2.94 10.74 -6.83
CA GLY A 265 3.59 10.55 -8.14
C GLY A 265 2.84 11.19 -9.28
N ILE A 266 2.46 12.44 -9.13
CA ILE A 266 1.71 13.14 -10.17
C ILE A 266 2.56 13.78 -11.25
N CYS A 267 3.88 13.80 -11.08
CA CYS A 267 4.73 14.46 -12.05
C CYS A 267 6.18 13.98 -12.11
N ASP A 268 6.92 14.49 -13.09
CA ASP A 268 8.34 14.16 -13.26
C ASP A 268 9.13 15.41 -12.90
N GLY A 269 8.43 16.53 -12.74
CA GLY A 269 9.09 17.77 -12.41
C GLY A 269 8.05 18.82 -12.06
N VAL A 270 8.53 19.97 -11.58
CA VAL A 270 7.61 21.02 -11.17
C VAL A 270 8.02 22.40 -11.65
N SER A 271 7.03 23.24 -11.93
CA SER A 271 7.28 24.62 -12.34
C SER A 271 7.26 25.41 -11.04
N ILE A 272 8.37 26.02 -10.69
CA ILE A 272 8.47 26.79 -9.46
C ILE A 272 8.28 28.28 -9.69
N LYS A 273 7.38 28.88 -8.91
CA LYS A 273 7.08 30.30 -9.03
C LYS A 273 6.95 30.94 -7.65
N ILE A 274 7.64 32.05 -7.43
CA ILE A 274 7.55 32.70 -6.13
C ILE A 274 6.11 33.19 -5.86
N MET A 275 5.38 33.52 -6.92
CA MET A 275 4.01 33.99 -6.74
C MET A 275 3.12 32.88 -6.18
N LYS A 276 3.55 31.63 -6.31
CA LYS A 276 2.82 30.48 -5.77
C LYS A 276 3.34 30.11 -4.39
N SER A 277 4.66 30.03 -4.26
CA SER A 277 5.28 29.64 -2.99
C SER A 277 5.11 30.71 -1.90
N GLY A 278 4.77 31.92 -2.30
CA GLY A 278 4.59 33.00 -1.34
C GLY A 278 5.90 33.47 -0.75
N GLY A 279 6.99 33.36 -1.52
CA GLY A 279 8.27 33.78 -1.03
C GLY A 279 9.41 33.07 -1.73
N LEU A 280 10.61 33.65 -1.67
CA LEU A 280 11.76 33.05 -2.32
C LEU A 280 12.28 31.81 -1.63
N THR A 281 12.36 31.83 -0.30
CA THR A 281 12.84 30.65 0.41
C THR A 281 11.89 29.47 0.19
N ARG A 282 10.59 29.71 0.28
CA ARG A 282 9.63 28.62 0.06
C ARG A 282 9.76 28.03 -1.34
N ALA A 283 10.09 28.88 -2.32
CA ALA A 283 10.28 28.41 -3.68
C ALA A 283 11.51 27.47 -3.74
N GLN A 284 12.55 27.81 -2.98
CA GLN A 284 13.76 26.99 -2.95
C GLN A 284 13.45 25.65 -2.28
N THR A 285 12.65 25.69 -1.24
CA THR A 285 12.28 24.47 -0.53
C THR A 285 11.51 23.53 -1.47
N VAL A 286 10.66 24.09 -2.31
CA VAL A 286 9.90 23.26 -3.26
C VAL A 286 10.89 22.55 -4.19
N ALA A 287 11.89 23.30 -4.67
CA ALA A 287 12.88 22.76 -5.59
C ALA A 287 13.73 21.68 -4.93
N ARG A 288 14.10 21.90 -3.68
CA ARG A 288 14.91 20.95 -2.93
C ARG A 288 14.15 19.68 -2.62
N ILE A 289 12.86 19.80 -2.34
CA ILE A 289 12.05 18.62 -2.06
C ILE A 289 11.91 17.81 -3.34
N ALA A 290 11.67 18.49 -4.44
CA ALA A 290 11.53 17.81 -5.72
C ALA A 290 12.81 17.01 -6.04
N ALA A 291 13.96 17.67 -5.88
CA ALA A 291 15.23 17.03 -6.17
C ALA A 291 15.44 15.79 -5.30
N ALA A 292 15.03 15.89 -4.04
CA ALA A 292 15.17 14.77 -3.12
C ALA A 292 14.33 13.57 -3.59
N HIS A 293 13.33 13.83 -4.42
CA HIS A 293 12.47 12.78 -4.97
C HIS A 293 12.84 12.44 -6.41
N GLY A 294 13.95 12.99 -6.88
CA GLY A 294 14.38 12.73 -8.24
C GLY A 294 13.51 13.40 -9.29
N LEU A 295 12.95 14.56 -8.95
CA LEU A 295 12.07 15.29 -9.86
C LEU A 295 12.79 16.58 -10.29
N MET A 296 12.63 16.97 -11.55
CA MET A 296 13.28 18.18 -12.07
C MET A 296 12.51 19.46 -11.71
N ALA A 297 13.18 20.60 -11.86
CA ALA A 297 12.58 21.89 -11.54
C ALA A 297 12.80 22.93 -12.63
N TYR A 298 11.78 23.75 -12.85
CA TYR A 298 11.78 24.79 -13.87
C TYR A 298 11.42 26.15 -13.27
N GLY A 299 12.01 27.22 -13.81
CA GLY A 299 11.73 28.55 -13.30
C GLY A 299 10.54 29.20 -13.98
N GLY A 300 9.33 28.87 -13.53
CA GLY A 300 8.14 29.44 -14.14
C GLY A 300 7.84 30.85 -13.66
N ASP A 301 6.81 31.46 -14.23
CA ASP A 301 6.43 32.80 -13.80
C ASP A 301 4.99 33.10 -14.16
N MET A 302 4.45 34.17 -13.59
CA MET A 302 3.08 34.56 -13.88
C MET A 302 3.21 35.72 -14.87
N PHE A 303 2.13 36.44 -15.12
CA PHE A 303 2.23 37.58 -16.02
C PHE A 303 2.74 38.76 -15.19
N GLU A 304 4.05 38.74 -14.99
CA GLU A 304 4.75 39.74 -14.18
C GLU A 304 5.59 40.73 -14.97
N ALA A 305 6.14 41.70 -14.23
CA ALA A 305 6.99 42.74 -14.78
C ALA A 305 8.43 42.52 -14.32
N GLY A 306 9.29 43.50 -14.57
CA GLY A 306 10.70 43.38 -14.21
C GLY A 306 11.04 43.18 -12.74
N LEU A 307 10.25 43.78 -11.84
CA LEU A 307 10.50 43.66 -10.41
C LEU A 307 10.35 42.18 -10.01
N ALA A 308 9.27 41.55 -10.45
CA ALA A 308 9.05 40.14 -10.15
C ALA A 308 10.12 39.28 -10.83
N HIS A 309 10.50 39.65 -12.04
CA HIS A 309 11.53 38.91 -12.77
C HIS A 309 12.84 38.90 -11.98
N LEU A 310 13.21 40.05 -11.41
CA LEU A 310 14.45 40.14 -10.64
C LEU A 310 14.40 39.22 -9.41
N ALA A 311 13.27 39.24 -8.71
CA ALA A 311 13.12 38.41 -7.52
C ALA A 311 13.29 36.94 -7.92
N GLY A 312 12.63 36.56 -9.00
CA GLY A 312 12.72 35.19 -9.49
C GLY A 312 14.12 34.84 -9.94
N THR A 313 14.82 35.81 -10.52
CA THR A 313 16.18 35.61 -11.00
C THR A 313 17.16 35.37 -9.85
N HIS A 314 17.06 36.17 -8.80
CA HIS A 314 17.93 36.02 -7.64
C HIS A 314 17.68 34.67 -6.96
N MET A 315 16.43 34.22 -6.91
CA MET A 315 16.14 32.94 -6.27
C MET A 315 16.74 31.79 -7.07
N ILE A 316 16.57 31.82 -8.39
CA ILE A 316 17.11 30.77 -9.24
C ILE A 316 18.63 30.81 -9.21
N ALA A 317 19.18 32.02 -9.08
CA ALA A 317 20.63 32.16 -9.04
C ALA A 317 21.22 31.38 -7.86
N ALA A 318 20.47 31.32 -6.77
CA ALA A 318 20.91 30.62 -5.56
C ALA A 318 20.34 29.21 -5.43
N THR A 319 19.72 28.70 -6.49
CA THR A 319 19.11 27.37 -6.43
C THR A 319 19.55 26.44 -7.56
N PRO A 320 20.61 25.63 -7.32
CA PRO A 320 21.16 24.68 -8.28
C PRO A 320 20.14 23.68 -8.82
N GLU A 321 19.16 23.35 -7.99
CA GLU A 321 18.11 22.39 -8.37
C GLU A 321 17.24 22.79 -9.57
N ILE A 322 17.15 24.10 -9.83
CA ILE A 322 16.33 24.56 -10.96
C ILE A 322 17.25 24.59 -12.17
N THR A 323 17.09 23.60 -13.04
CA THR A 323 17.94 23.44 -14.22
C THR A 323 17.28 23.57 -15.59
N LEU A 324 15.97 23.71 -15.65
CA LEU A 324 15.28 23.79 -16.94
C LEU A 324 15.09 25.19 -17.51
N GLY A 325 15.76 26.18 -16.91
CA GLY A 325 15.67 27.54 -17.39
C GLY A 325 14.56 28.33 -16.71
N CYS A 326 14.25 29.51 -17.25
CA CYS A 326 13.20 30.34 -16.68
C CYS A 326 12.41 31.00 -17.79
N GLU A 327 11.25 31.55 -17.45
CA GLU A 327 10.41 32.21 -18.45
C GLU A 327 10.08 33.66 -18.11
N PHE A 328 11.09 34.41 -17.67
CA PHE A 328 10.90 35.82 -17.33
C PHE A 328 11.06 36.59 -18.64
N TYR A 329 10.09 36.42 -19.54
CA TYR A 329 10.12 37.06 -20.86
C TYR A 329 9.22 38.28 -21.04
N GLN A 330 8.21 38.40 -20.20
CA GLN A 330 7.25 39.50 -20.32
C GLN A 330 7.82 40.90 -20.36
N ALA A 331 8.82 41.20 -19.53
CA ALA A 331 9.40 42.54 -19.54
C ALA A 331 10.03 42.82 -20.90
N SER A 332 10.61 41.78 -21.51
CA SER A 332 11.27 41.92 -22.81
C SER A 332 10.36 41.82 -24.03
N TYR A 333 9.40 40.90 -24.01
CA TYR A 333 8.55 40.68 -25.18
C TYR A 333 7.03 40.84 -25.03
N PHE A 334 6.54 41.14 -23.84
CA PHE A 334 5.09 41.27 -23.66
C PHE A 334 4.60 42.65 -23.24
N LEU A 335 5.22 43.23 -22.22
CA LEU A 335 4.84 44.55 -21.74
C LEU A 335 5.30 45.67 -22.67
N ASN A 336 4.42 46.61 -22.97
CA ASN A 336 4.78 47.72 -23.83
C ASN A 336 5.93 48.46 -23.13
N GLU A 337 5.81 48.58 -21.81
CA GLU A 337 6.82 49.25 -21.02
C GLU A 337 6.93 48.63 -19.63
N ASP A 338 8.15 48.51 -19.12
CA ASP A 338 8.40 47.93 -17.80
C ASP A 338 8.42 49.06 -16.76
N ILE A 339 8.46 48.70 -15.48
CA ILE A 339 8.45 49.70 -14.42
C ILE A 339 9.79 50.02 -13.76
N LEU A 340 10.87 49.36 -14.21
CA LEU A 340 12.20 49.59 -13.63
C LEU A 340 12.87 50.82 -14.24
N GLU A 341 13.83 51.40 -13.51
CA GLU A 341 14.56 52.57 -14.01
C GLU A 341 15.60 52.13 -15.03
N THR A 342 15.99 50.86 -14.97
CA THR A 342 16.96 50.29 -15.88
C THR A 342 16.43 48.94 -16.36
N PRO A 343 16.58 48.64 -17.66
CA PRO A 343 16.12 47.39 -18.28
C PRO A 343 16.49 46.08 -17.58
N PHE A 344 15.53 45.15 -17.55
CA PHE A 344 15.77 43.83 -16.97
C PHE A 344 16.72 43.21 -17.99
N ARG A 345 17.96 42.97 -17.57
CA ARG A 345 19.00 42.46 -18.46
C ARG A 345 18.90 41.05 -19.00
N VAL A 346 18.83 40.95 -20.32
CA VAL A 346 18.78 39.67 -21.04
C VAL A 346 19.77 39.75 -22.19
N GLU A 347 20.83 38.96 -22.12
CA GLU A 347 21.85 38.97 -23.18
C GLU A 347 22.00 37.63 -23.90
N ALA A 348 21.84 37.66 -25.21
CA ALA A 348 21.96 36.46 -26.03
C ALA A 348 21.04 35.35 -25.50
N GLY A 349 19.79 35.71 -25.20
CA GLY A 349 18.83 34.75 -24.71
C GLY A 349 19.09 34.21 -23.31
N GLN A 350 19.95 34.89 -22.56
CA GLN A 350 20.26 34.46 -21.20
C GLN A 350 19.97 35.58 -20.21
N VAL A 351 19.22 35.28 -19.16
CA VAL A 351 18.93 36.28 -18.15
C VAL A 351 20.23 36.50 -17.38
N ILE A 352 20.56 37.75 -17.12
CA ILE A 352 21.79 38.07 -16.39
C ILE A 352 21.48 38.28 -14.91
N VAL A 353 22.19 37.55 -14.06
CA VAL A 353 22.00 37.68 -12.62
C VAL A 353 22.70 38.96 -12.15
N PRO A 354 21.94 39.93 -11.63
CA PRO A 354 22.53 41.19 -11.15
C PRO A 354 23.46 40.98 -9.96
N ASP A 355 24.46 41.84 -9.84
CA ASP A 355 25.41 41.74 -8.72
C ASP A 355 25.33 42.98 -7.83
N GLY A 356 24.52 43.94 -8.23
CA GLY A 356 24.38 45.16 -7.46
C GLY A 356 23.63 44.96 -6.16
N PRO A 357 23.45 46.02 -5.36
CA PRO A 357 22.73 45.91 -4.09
C PRO A 357 21.23 45.65 -4.28
N GLY A 358 20.63 44.88 -3.38
CA GLY A 358 19.22 44.58 -3.49
C GLY A 358 18.90 43.78 -4.74
N LEU A 359 17.72 44.03 -5.31
CA LEU A 359 17.29 43.31 -6.50
C LEU A 359 18.13 43.61 -7.74
N GLY A 360 18.86 44.71 -7.73
CA GLY A 360 19.70 45.04 -8.86
C GLY A 360 19.16 46.15 -9.75
N ALA A 361 17.99 46.65 -9.41
CA ALA A 361 17.35 47.73 -10.16
C ALA A 361 16.28 48.34 -9.28
N ARG A 362 15.88 49.56 -9.60
CA ARG A 362 14.86 50.26 -8.83
C ARG A 362 13.57 50.45 -9.61
N ALA A 363 12.45 50.52 -8.89
CA ALA A 363 11.16 50.75 -9.52
C ALA A 363 11.17 52.25 -9.79
N ASP A 364 10.54 52.67 -10.88
CA ASP A 364 10.50 54.09 -11.23
C ASP A 364 9.28 54.76 -10.60
N PRO A 365 9.49 55.57 -9.55
CA PRO A 365 8.40 56.27 -8.86
C PRO A 365 7.42 56.96 -9.81
N GLU A 366 7.94 57.52 -10.90
CA GLU A 366 7.10 58.21 -11.87
C GLU A 366 6.21 57.22 -12.62
N LYS A 367 6.77 56.08 -13.00
CA LYS A 367 6.00 55.07 -13.72
C LYS A 367 4.92 54.45 -12.83
N LEU A 368 5.26 54.23 -11.56
CA LEU A 368 4.30 53.64 -10.63
C LEU A 368 3.10 54.56 -10.50
N GLU A 369 3.36 55.86 -10.44
CA GLU A 369 2.30 56.83 -10.31
C GLU A 369 1.47 56.92 -11.58
N HIS A 370 2.13 56.84 -12.73
CA HIS A 370 1.44 56.94 -14.02
C HIS A 370 0.51 55.78 -14.35
N TYR A 371 0.96 54.56 -14.09
CA TYR A 371 0.16 53.37 -14.39
C TYR A 371 -0.71 52.86 -13.28
N ALA A 372 -0.70 53.54 -12.13
CA ALA A 372 -1.50 53.10 -11.00
C ALA A 372 -2.99 53.39 -11.17
N VAL A 373 -3.81 52.40 -10.82
CA VAL A 373 -5.26 52.55 -10.89
C VAL A 373 -5.76 52.73 -9.46
N ARG A 374 -4.85 52.52 -8.52
CA ARG A 374 -5.13 52.67 -7.09
C ARG A 374 -3.81 52.65 -6.34
N ARG A 375 -3.68 53.48 -5.31
CA ARG A 375 -2.46 53.55 -4.52
C ARG A 375 -2.77 53.88 -3.07
N LEU B 6 31.77 40.67 -2.19
CA LEU B 6 31.77 39.18 -2.17
C LEU B 6 32.42 38.59 -3.41
N GLU B 7 32.94 39.45 -4.27
CA GLU B 7 33.63 39.00 -5.48
C GLU B 7 35.04 38.60 -5.09
N GLN B 8 35.41 38.90 -3.84
CA GLN B 8 36.73 38.57 -3.31
C GLN B 8 37.00 37.09 -3.43
N LYS B 9 38.26 36.75 -3.63
CA LYS B 9 38.66 35.36 -3.75
C LYS B 9 39.21 34.84 -2.42
N ILE B 10 38.97 33.55 -2.16
CA ILE B 10 39.47 32.93 -0.94
C ILE B 10 40.90 32.57 -1.29
N ILE B 11 41.85 33.06 -0.51
CA ILE B 11 43.26 32.82 -0.81
C ILE B 11 44.00 31.83 0.10
N ALA B 12 43.42 31.48 1.24
CA ALA B 12 44.09 30.54 2.14
C ALA B 12 43.16 29.66 2.94
N MET B 13 43.68 28.49 3.33
CA MET B 13 42.93 27.53 4.14
C MET B 13 43.86 26.97 5.21
N ASP B 14 43.52 27.16 6.47
CA ASP B 14 44.34 26.65 7.57
C ASP B 14 43.55 25.62 8.36
N LEU B 15 44.25 24.62 8.90
CA LEU B 15 43.59 23.57 9.66
C LEU B 15 44.27 23.19 10.97
N TRP B 16 43.45 22.74 11.92
CA TRP B 16 43.92 22.30 13.22
C TRP B 16 43.12 21.09 13.67
N HIS B 17 43.82 20.05 14.10
CA HIS B 17 43.17 18.85 14.63
C HIS B 17 43.42 18.96 16.13
N LEU B 18 42.41 19.44 16.86
CA LEU B 18 42.53 19.63 18.29
C LEU B 18 42.05 18.48 19.17
N ALA B 19 42.62 18.43 20.37
CA ALA B 19 42.28 17.45 21.39
C ALA B 19 42.07 18.30 22.63
N LEU B 20 40.80 18.57 22.94
CA LEU B 20 40.45 19.42 24.07
C LEU B 20 40.14 18.63 25.34
N PRO B 21 40.77 18.98 26.46
CA PRO B 21 40.52 18.27 27.72
C PRO B 21 39.10 18.51 28.21
N VAL B 22 38.56 17.54 28.93
CA VAL B 22 37.20 17.64 29.46
C VAL B 22 37.20 17.41 30.97
N CYS B 37 38.22 15.36 23.95
CA CYS B 37 37.32 15.73 22.86
C CYS B 37 38.07 16.32 21.68
N GLU B 38 38.08 15.57 20.57
CA GLU B 38 38.80 16.00 19.38
C GLU B 38 37.89 16.63 18.33
N ILE B 39 38.39 17.71 17.73
CA ILE B 39 37.66 18.41 16.68
C ILE B 39 38.66 18.93 15.65
N VAL B 40 38.15 19.36 14.51
CA VAL B 40 38.98 19.92 13.45
C VAL B 40 38.47 21.33 13.16
N VAL B 41 39.36 22.31 13.27
CA VAL B 41 39.00 23.70 13.04
C VAL B 41 39.55 24.18 11.71
N LEU B 42 38.73 24.93 10.98
CA LEU B 42 39.09 25.45 9.67
C LEU B 42 39.05 26.97 9.64
N ARG B 43 40.01 27.56 8.93
CA ARG B 43 40.04 29.00 8.77
C ARG B 43 40.24 29.33 7.28
N LEU B 44 39.43 30.23 6.78
CA LEU B 44 39.53 30.67 5.40
C LEU B 44 39.89 32.15 5.41
N VAL B 45 40.71 32.57 4.46
CA VAL B 45 41.11 33.96 4.37
C VAL B 45 40.83 34.48 2.97
N ALA B 46 40.15 35.62 2.89
CA ALA B 46 39.83 36.21 1.59
C ALA B 46 40.87 37.28 1.24
N GLU B 47 40.94 37.62 -0.04
CA GLU B 47 41.90 38.62 -0.52
C GLU B 47 41.90 39.84 0.37
N GLY B 48 40.70 40.29 0.74
CA GLY B 48 40.55 41.48 1.57
C GLY B 48 41.04 41.40 3.01
N GLY B 49 41.44 40.23 3.46
CA GLY B 49 41.93 40.10 4.82
C GLY B 49 40.94 39.50 5.82
N ALA B 50 39.66 39.48 5.46
CA ALA B 50 38.66 38.90 6.37
C ALA B 50 38.90 37.41 6.55
N GLU B 51 38.55 36.90 7.72
CA GLU B 51 38.73 35.48 8.03
C GLU B 51 37.41 34.84 8.41
N GLY B 52 37.28 33.55 8.10
CA GLY B 52 36.09 32.81 8.45
C GLY B 52 36.49 31.53 9.17
N PHE B 53 35.78 31.20 10.24
CA PHE B 53 36.07 29.99 11.01
C PHE B 53 34.94 28.97 10.90
N GLY B 54 35.30 27.69 11.05
CA GLY B 54 34.34 26.62 10.97
C GLY B 54 34.87 25.44 11.76
N GLU B 55 33.97 24.67 12.36
CA GLU B 55 34.37 23.52 13.15
C GLU B 55 33.70 22.24 12.67
N ALA B 56 34.43 21.13 12.74
CA ALA B 56 33.93 19.81 12.39
C ALA B 56 34.11 19.02 13.67
N SER B 57 33.04 18.43 14.18
CA SER B 57 33.12 17.66 15.44
C SER B 57 32.72 16.21 15.20
N PRO B 58 33.63 15.42 14.64
CA PRO B 58 33.40 14.01 14.33
C PRO B 58 33.23 13.09 15.54
N TRP B 59 32.35 12.12 15.39
CA TRP B 59 32.14 11.12 16.41
C TRP B 59 32.49 9.85 15.66
N ALA B 60 33.76 9.44 15.81
CA ALA B 60 34.33 8.28 15.13
C ALA B 60 33.40 7.10 14.84
N VAL B 61 32.61 6.69 15.83
CA VAL B 61 31.72 5.56 15.65
C VAL B 61 30.43 5.86 14.89
N PHE B 62 30.09 7.13 14.74
CA PHE B 62 28.85 7.49 14.05
C PHE B 62 29.03 8.25 12.73
N THR B 63 29.53 9.47 12.81
CA THR B 63 29.71 10.29 11.62
C THR B 63 31.01 10.06 10.87
N GLY B 64 32.07 9.72 11.60
CA GLY B 64 33.37 9.51 10.98
C GLY B 64 34.45 10.00 11.95
N THR B 65 35.70 9.79 11.57
CA THR B 65 36.84 10.16 12.41
C THR B 65 37.39 11.56 12.14
N PRO B 66 38.12 12.13 13.12
CA PRO B 66 38.69 13.47 12.90
C PRO B 66 39.72 13.42 11.78
N GLU B 67 40.39 12.28 11.63
CA GLU B 67 41.39 12.11 10.58
C GLU B 67 40.72 12.20 9.22
N ALA B 68 39.58 11.52 9.07
CA ALA B 68 38.84 11.54 7.82
C ALA B 68 38.43 12.95 7.42
N SER B 69 37.86 13.70 8.36
CA SER B 69 37.44 15.06 8.06
C SER B 69 38.63 15.98 7.82
N TYR B 70 39.73 15.73 8.52
CA TYR B 70 40.93 16.54 8.34
C TYR B 70 41.41 16.39 6.90
N ALA B 71 41.49 15.15 6.44
CA ALA B 71 41.94 14.86 5.08
C ALA B 71 40.97 15.41 4.03
N ALA B 72 39.68 15.28 4.29
CA ALA B 72 38.65 15.76 3.37
C ALA B 72 38.87 17.23 3.07
N LEU B 73 39.12 18.01 4.10
CA LEU B 73 39.34 19.45 3.94
C LEU B 73 40.72 19.74 3.34
N ASP B 74 41.75 19.21 3.99
CA ASP B 74 43.13 19.43 3.59
C ASP B 74 43.49 19.03 2.15
N ARG B 75 43.02 17.86 1.72
CA ARG B 75 43.35 17.38 0.38
C ARG B 75 42.27 17.46 -0.69
N TYR B 76 41.05 17.09 -0.33
CA TYR B 76 39.96 17.06 -1.31
C TYR B 76 39.12 18.32 -1.52
N LEU B 77 38.89 19.09 -0.48
CA LEU B 77 38.08 20.31 -0.62
C LEU B 77 38.92 21.55 -0.87
N ARG B 78 40.15 21.53 -0.39
CA ARG B 78 41.04 22.67 -0.56
C ARG B 78 41.09 23.16 -2.02
N PRO B 79 41.41 22.29 -2.97
CA PRO B 79 41.49 22.68 -4.38
C PRO B 79 40.17 23.22 -4.94
N LEU B 80 39.08 22.84 -4.29
CA LEU B 80 37.75 23.25 -4.70
C LEU B 80 37.41 24.65 -4.18
N VAL B 81 37.98 25.01 -3.04
CA VAL B 81 37.72 26.30 -2.41
C VAL B 81 38.71 27.41 -2.73
N ILE B 82 40.01 27.09 -2.69
CA ILE B 82 41.05 28.08 -2.96
C ILE B 82 40.85 28.73 -4.33
N GLY B 83 40.81 30.05 -4.34
CA GLY B 83 40.63 30.76 -5.60
C GLY B 83 39.19 31.05 -5.97
N ARG B 84 38.24 30.51 -5.22
CA ARG B 84 36.82 30.73 -5.50
C ARG B 84 36.35 32.04 -4.89
N ARG B 85 35.29 32.59 -5.46
CA ARG B 85 34.72 33.84 -4.95
C ARG B 85 33.88 33.52 -3.73
N VAL B 86 34.00 34.35 -2.70
CA VAL B 86 33.24 34.13 -1.46
C VAL B 86 31.74 33.97 -1.76
N GLY B 87 31.24 34.73 -2.73
CA GLY B 87 29.83 34.70 -3.08
C GLY B 87 29.31 33.44 -3.76
N ASP B 88 30.20 32.56 -4.21
CA ASP B 88 29.77 31.34 -4.88
C ASP B 88 29.61 30.18 -3.91
N ARG B 89 29.31 30.49 -2.65
CA ARG B 89 29.16 29.46 -1.63
C ARG B 89 28.22 28.32 -2.06
N VAL B 90 27.08 28.66 -2.65
CA VAL B 90 26.12 27.64 -3.08
C VAL B 90 26.78 26.63 -4.02
N ALA B 91 27.49 27.15 -5.02
CA ALA B 91 28.18 26.30 -5.98
C ALA B 91 29.26 25.49 -5.28
N ILE B 92 30.03 26.17 -4.43
CA ILE B 92 31.10 25.52 -3.69
C ILE B 92 30.62 24.35 -2.83
N MET B 93 29.49 24.54 -2.14
CA MET B 93 28.97 23.48 -1.28
C MET B 93 28.33 22.36 -2.08
N ASP B 94 27.77 22.70 -3.24
CA ASP B 94 27.14 21.71 -4.11
C ASP B 94 28.24 20.77 -4.60
N GLU B 95 29.33 21.36 -5.08
CA GLU B 95 30.48 20.61 -5.56
C GLU B 95 31.13 19.86 -4.40
N ALA B 96 31.21 20.51 -3.24
CA ALA B 96 31.85 19.91 -2.07
C ALA B 96 31.20 18.61 -1.63
N ALA B 97 29.87 18.53 -1.69
CA ALA B 97 29.19 17.32 -1.28
C ALA B 97 29.59 16.13 -2.16
N ARG B 98 29.82 16.40 -3.44
CA ARG B 98 30.21 15.36 -4.39
C ARG B 98 31.70 15.10 -4.50
N ALA B 99 32.51 16.06 -4.06
CA ALA B 99 33.97 15.95 -4.15
C ALA B 99 34.59 14.94 -3.19
N VAL B 100 33.90 14.60 -2.12
CA VAL B 100 34.43 13.64 -1.17
C VAL B 100 33.27 12.95 -0.46
N ALA B 101 33.39 11.65 -0.23
CA ALA B 101 32.32 10.91 0.42
C ALA B 101 32.29 11.11 1.93
N HIS B 102 31.09 11.11 2.49
CA HIS B 102 30.89 11.30 3.93
C HIS B 102 31.55 12.59 4.41
N CYS B 103 32.18 12.56 5.57
CA CYS B 103 32.82 13.76 6.11
C CYS B 103 31.85 14.94 6.09
N THR B 104 30.63 14.70 6.54
CA THR B 104 29.63 15.76 6.60
C THR B 104 30.04 16.79 7.65
N GLU B 105 30.86 16.37 8.61
CA GLU B 105 31.36 17.29 9.64
C GLU B 105 32.26 18.31 8.96
N ALA B 106 33.15 17.81 8.08
CA ALA B 106 34.07 18.66 7.34
C ALA B 106 33.30 19.60 6.42
N LYS B 107 32.25 19.07 5.80
CA LYS B 107 31.43 19.88 4.91
C LYS B 107 30.71 20.96 5.70
N ALA B 108 30.32 20.62 6.92
CA ALA B 108 29.64 21.59 7.79
C ALA B 108 30.64 22.68 8.20
N ALA B 109 31.89 22.28 8.42
CA ALA B 109 32.92 23.24 8.81
C ALA B 109 33.18 24.22 7.67
N LEU B 110 33.22 23.69 6.45
CA LEU B 110 33.45 24.52 5.29
C LEU B 110 32.30 25.53 5.15
N ASP B 111 31.07 25.05 5.26
CA ASP B 111 29.93 25.94 5.13
C ASP B 111 29.97 27.03 6.20
N SER B 112 30.34 26.66 7.42
CA SER B 112 30.42 27.60 8.53
C SER B 112 31.46 28.67 8.26
N ALA B 113 32.64 28.26 7.79
CA ALA B 113 33.71 29.21 7.49
C ALA B 113 33.31 30.12 6.34
N LEU B 114 32.66 29.54 5.33
CA LEU B 114 32.21 30.32 4.18
C LEU B 114 31.22 31.40 4.62
N LEU B 115 30.28 31.02 5.47
CA LEU B 115 29.28 31.96 5.99
C LEU B 115 29.90 32.98 6.95
N ASP B 116 30.78 32.51 7.84
CA ASP B 116 31.45 33.38 8.79
C ASP B 116 32.24 34.43 7.99
N LEU B 117 32.87 33.98 6.93
CA LEU B 117 33.65 34.87 6.07
C LEU B 117 32.78 35.90 5.34
N ALA B 118 31.67 35.46 4.77
CA ALA B 118 30.78 36.37 4.06
C ALA B 118 30.18 37.37 5.04
N GLY B 119 29.88 36.90 6.24
CA GLY B 119 29.32 37.77 7.26
C GLY B 119 30.29 38.85 7.68
N ARG B 120 31.58 38.50 7.75
CA ARG B 120 32.63 39.45 8.14
C ARG B 120 32.76 40.50 7.05
N ILE B 121 32.85 40.04 5.81
CA ILE B 121 32.98 40.90 4.65
C ILE B 121 31.84 41.92 4.54
N SER B 122 30.61 41.44 4.63
CA SER B 122 29.44 42.32 4.51
C SER B 122 28.98 42.94 5.83
N ASN B 123 29.64 42.56 6.92
CA ASN B 123 29.30 43.08 8.23
C ASN B 123 27.88 42.65 8.64
N LEU B 124 27.63 41.35 8.53
CA LEU B 124 26.33 40.80 8.87
C LEU B 124 26.50 39.53 9.68
N PRO B 125 25.57 39.27 10.61
CA PRO B 125 25.67 38.05 11.41
C PRO B 125 25.27 36.91 10.47
N VAL B 126 25.71 35.69 10.77
CA VAL B 126 25.39 34.57 9.90
C VAL B 126 23.89 34.34 9.72
N TRP B 127 23.09 34.49 10.80
CA TRP B 127 21.66 34.27 10.64
C TRP B 127 21.06 35.18 9.57
N ALA B 128 21.69 36.34 9.37
CA ALA B 128 21.21 37.28 8.37
C ALA B 128 21.45 36.77 6.95
N LEU B 129 22.33 35.78 6.81
CA LEU B 129 22.61 35.22 5.49
C LEU B 129 21.79 33.94 5.33
N LEU B 130 21.06 33.58 6.38
CA LEU B 130 20.22 32.39 6.41
C LEU B 130 18.74 32.73 6.33
N GLY B 131 18.42 33.98 6.02
CA GLY B 131 17.03 34.40 5.90
C GLY B 131 16.53 35.38 6.95
N GLY B 132 17.30 35.57 8.01
CA GLY B 132 16.88 36.48 9.06
C GLY B 132 16.75 35.68 10.34
N LYS B 133 16.15 36.27 11.37
CA LYS B 133 16.00 35.57 12.65
C LYS B 133 14.55 35.56 13.11
N CYS B 134 14.18 34.55 13.89
CA CYS B 134 12.83 34.44 14.41
C CYS B 134 12.85 34.34 15.95
N ARG B 135 14.04 34.28 16.52
CA ARG B 135 14.21 34.20 17.96
C ARG B 135 15.55 34.82 18.35
N ASP B 136 15.61 35.42 19.54
CA ASP B 136 16.83 36.07 20.03
C ASP B 136 17.57 35.18 21.02
N THR B 137 16.88 34.16 21.52
CA THR B 137 17.49 33.23 22.45
C THR B 137 16.98 31.82 22.14
N ILE B 138 17.67 30.82 22.67
CA ILE B 138 17.29 29.42 22.46
C ILE B 138 17.41 28.64 23.76
N PRO B 139 16.34 27.97 24.18
CA PRO B 139 16.39 27.18 25.43
C PRO B 139 17.51 26.16 25.36
N LEU B 140 18.35 26.11 26.40
CA LEU B 140 19.45 25.17 26.43
C LEU B 140 19.19 23.92 27.24
N SER B 141 19.64 22.80 26.69
CA SER B 141 19.51 21.51 27.35
C SER B 141 20.92 20.98 27.62
N CYS B 142 21.13 20.40 28.80
CA CYS B 142 22.43 19.82 29.14
C CYS B 142 22.24 18.32 29.29
N SER B 143 23.13 17.54 28.70
CA SER B 143 23.02 16.09 28.80
C SER B 143 23.56 15.56 30.12
N ILE B 144 22.91 14.50 30.60
CA ILE B 144 23.27 13.83 31.85
C ILE B 144 23.74 12.44 31.40
N ALA B 145 25.06 12.26 31.31
CA ALA B 145 25.60 10.99 30.83
C ALA B 145 26.76 10.40 31.62
N ASN B 146 26.97 10.85 32.84
CA ASN B 146 28.08 10.35 33.64
C ASN B 146 27.81 8.99 34.26
N PRO B 147 28.73 8.03 34.06
CA PRO B 147 28.53 6.70 34.66
C PRO B 147 28.50 6.83 36.17
N ASP B 148 29.08 7.92 36.67
CA ASP B 148 29.10 8.24 38.09
C ASP B 148 27.99 9.27 38.27
N PHE B 149 26.80 8.78 38.59
CA PHE B 149 25.64 9.64 38.75
C PHE B 149 25.80 10.72 39.82
N ASP B 150 26.53 10.42 40.89
CA ASP B 150 26.71 11.41 41.94
C ASP B 150 27.32 12.69 41.35
N ALA B 151 28.23 12.52 40.40
CA ALA B 151 28.87 13.66 39.75
C ALA B 151 27.84 14.46 38.94
N ASP B 152 26.86 13.78 38.36
CA ASP B 152 25.83 14.46 37.59
C ASP B 152 24.84 15.17 38.50
N ILE B 153 24.62 14.63 39.70
CA ILE B 153 23.72 15.26 40.65
C ILE B 153 24.31 16.62 41.00
N ALA B 154 25.63 16.66 41.19
CA ALA B 154 26.30 17.91 41.50
C ALA B 154 26.20 18.82 40.29
N LEU B 155 26.25 18.22 39.11
CA LEU B 155 26.14 18.99 37.88
C LEU B 155 24.74 19.60 37.79
N MET B 156 23.73 18.78 38.08
CA MET B 156 22.35 19.25 38.03
C MET B 156 22.08 20.37 39.04
N GLU B 157 22.75 20.32 40.18
CA GLU B 157 22.59 21.37 41.19
C GLU B 157 23.05 22.68 40.56
N ARG B 158 24.18 22.62 39.87
CA ARG B 158 24.75 23.78 39.20
C ARG B 158 23.84 24.25 38.06
N LEU B 159 23.35 23.32 37.27
CA LEU B 159 22.47 23.65 36.15
C LEU B 159 21.21 24.38 36.64
N ARG B 160 20.61 23.84 37.69
CA ARG B 160 19.41 24.46 38.25
C ARG B 160 19.74 25.87 38.73
N ALA B 161 20.93 26.01 39.31
CA ALA B 161 21.37 27.31 39.82
C ALA B 161 21.59 28.29 38.67
N ASP B 162 22.11 27.80 37.55
CA ASP B 162 22.37 28.67 36.39
C ASP B 162 21.12 29.00 35.59
N GLY B 163 20.01 28.39 35.95
CA GLY B 163 18.78 28.67 35.23
C GLY B 163 18.47 27.73 34.06
N VAL B 164 19.26 26.67 33.92
CA VAL B 164 19.02 25.71 32.83
C VAL B 164 17.74 24.94 33.16
N GLY B 165 16.81 24.88 32.21
CA GLY B 165 15.55 24.19 32.47
C GLY B 165 15.32 22.89 31.74
N LEU B 166 16.29 22.49 30.92
CA LEU B 166 16.15 21.25 30.15
C LEU B 166 17.37 20.37 30.32
N ILE B 167 17.15 19.07 30.42
CA ILE B 167 18.24 18.12 30.53
C ILE B 167 17.87 16.88 29.70
N LYS B 168 18.88 16.19 29.20
CA LYS B 168 18.62 15.00 28.41
C LYS B 168 19.44 13.87 29.03
N LEU B 169 18.73 12.85 29.48
CA LEU B 169 19.38 11.72 30.11
C LEU B 169 19.91 10.76 29.06
N LYS B 170 21.22 10.55 29.04
CA LYS B 170 21.81 9.60 28.11
C LYS B 170 21.52 8.23 28.73
N THR B 171 20.78 7.41 28.00
CA THR B 171 20.40 6.09 28.49
C THR B 171 20.94 4.98 27.61
N GLY B 172 20.83 3.75 28.09
CA GLY B 172 21.28 2.61 27.31
C GLY B 172 22.74 2.17 27.40
N PHE B 173 23.63 3.02 27.90
CA PHE B 173 25.04 2.62 27.96
C PHE B 173 25.37 1.64 29.10
N ARG B 174 24.44 1.49 30.04
CA ARG B 174 24.60 0.55 31.14
C ARG B 174 23.31 -0.26 31.20
N ASP B 175 23.06 -0.94 32.33
CA ASP B 175 21.84 -1.73 32.44
C ASP B 175 20.58 -0.87 32.57
N HIS B 176 19.43 -1.50 32.34
CA HIS B 176 18.15 -0.80 32.41
C HIS B 176 17.93 -0.17 33.78
N ALA B 177 18.26 -0.90 34.84
CA ALA B 177 18.08 -0.40 36.20
C ALA B 177 18.74 0.95 36.44
N PHE B 178 19.91 1.14 35.83
CA PHE B 178 20.65 2.40 35.96
C PHE B 178 19.88 3.57 35.34
N ASP B 179 19.14 3.30 34.27
CA ASP B 179 18.37 4.35 33.61
C ASP B 179 17.16 4.72 34.48
N ILE B 180 16.47 3.70 34.99
CA ILE B 180 15.30 3.94 35.82
C ILE B 180 15.69 4.66 37.11
N MET B 181 16.78 4.22 37.73
CA MET B 181 17.26 4.83 38.97
C MET B 181 17.40 6.33 38.80
N ARG B 182 18.05 6.75 37.72
CA ARG B 182 18.27 8.16 37.46
C ARG B 182 16.99 8.94 37.18
N LEU B 183 16.07 8.36 36.40
CA LEU B 183 14.81 9.03 36.10
C LEU B 183 14.02 9.29 37.38
N GLU B 184 14.00 8.29 38.26
CA GLU B 184 13.28 8.40 39.52
C GLU B 184 13.84 9.50 40.42
N LEU B 185 15.16 9.54 40.58
CA LEU B 185 15.80 10.55 41.42
C LEU B 185 15.61 11.94 40.83
N ILE B 186 15.75 12.06 39.51
CA ILE B 186 15.57 13.35 38.86
C ILE B 186 14.17 13.88 39.13
N ALA B 187 13.18 13.01 39.00
CA ALA B 187 11.77 13.36 39.23
C ALA B 187 11.52 13.77 40.68
N ARG B 188 12.24 13.15 41.60
CA ARG B 188 12.10 13.44 43.02
C ARG B 188 12.86 14.67 43.51
N ASP B 189 14.12 14.79 43.10
CA ASP B 189 14.95 15.91 43.54
C ASP B 189 15.24 17.04 42.56
N PHE B 190 14.85 16.87 41.30
CA PHE B 190 15.07 17.91 40.30
C PHE B 190 13.86 18.05 39.39
N PRO B 191 12.68 18.23 39.98
CA PRO B 191 11.43 18.38 39.22
C PRO B 191 11.34 19.65 38.38
N GLU B 192 12.28 20.57 38.56
CA GLU B 192 12.29 21.81 37.82
C GLU B 192 12.62 21.63 36.34
N PHE B 193 13.41 20.60 36.03
CA PHE B 193 13.82 20.33 34.66
C PHE B 193 12.79 19.57 33.85
N ARG B 194 12.72 19.87 32.56
CA ARG B 194 11.87 19.11 31.66
C ARG B 194 12.91 18.06 31.29
N VAL B 195 12.50 16.82 31.13
CA VAL B 195 13.45 15.76 30.84
C VAL B 195 13.27 15.10 29.48
N ARG B 196 14.39 14.97 28.77
CA ARG B 196 14.44 14.31 27.46
C ARG B 196 15.31 13.06 27.66
N VAL B 197 15.17 12.09 26.77
CA VAL B 197 15.94 10.85 26.86
C VAL B 197 16.63 10.57 25.51
N ASP B 198 17.86 10.06 25.55
CA ASP B 198 18.58 9.72 24.34
C ASP B 198 19.37 8.42 24.51
N TYR B 199 19.03 7.42 23.71
CA TYR B 199 19.70 6.12 23.76
C TYR B 199 20.94 6.02 22.88
N ASN B 200 21.15 7.00 22.01
CA ASN B 200 22.30 7.01 21.09
C ASN B 200 22.48 5.66 20.39
N GLN B 201 21.41 5.15 19.78
CA GLN B 201 21.45 3.86 19.07
C GLN B 201 21.88 2.72 19.97
N GLY B 202 21.99 2.98 21.25
CA GLY B 202 22.49 1.96 22.17
C GLY B 202 21.84 0.62 22.40
N LEU B 203 20.54 0.49 22.14
CA LEU B 203 19.86 -0.77 22.41
C LEU B 203 19.91 -1.83 21.31
N GLU B 204 19.97 -3.09 21.72
CA GLU B 204 19.97 -4.20 20.79
C GLU B 204 18.52 -4.56 20.44
N ILE B 205 18.33 -5.23 19.32
CA ILE B 205 17.00 -5.62 18.88
C ILE B 205 16.17 -6.31 19.96
N ASP B 206 16.76 -7.27 20.66
CA ASP B 206 16.04 -8.02 21.69
C ASP B 206 15.72 -7.30 23.01
N GLU B 207 16.12 -6.04 23.16
CA GLU B 207 15.83 -5.32 24.40
C GLU B 207 15.16 -3.97 24.16
N ALA B 208 15.04 -3.58 22.90
CA ALA B 208 14.47 -2.28 22.57
C ALA B 208 13.06 -2.01 23.10
N VAL B 209 12.11 -2.87 22.75
CA VAL B 209 10.73 -2.68 23.19
C VAL B 209 10.52 -2.60 24.70
N PRO B 210 10.97 -3.60 25.45
CA PRO B 210 10.76 -3.51 26.90
C PRO B 210 11.43 -2.33 27.61
N ARG B 211 12.64 -1.96 27.18
CA ARG B 211 13.33 -0.84 27.80
C ARG B 211 12.67 0.50 27.47
N VAL B 212 12.30 0.68 26.20
CA VAL B 212 11.65 1.92 25.77
C VAL B 212 10.29 2.08 26.46
N LEU B 213 9.52 1.00 26.53
CA LEU B 213 8.21 1.06 27.17
C LEU B 213 8.28 1.45 28.64
N ASP B 214 9.33 0.98 29.32
CA ASP B 214 9.53 1.29 30.73
C ASP B 214 9.88 2.75 30.92
N VAL B 215 10.84 3.22 30.13
CA VAL B 215 11.28 4.60 30.22
C VAL B 215 10.15 5.56 29.81
N ALA B 216 9.32 5.15 28.86
CA ALA B 216 8.20 5.98 28.41
C ALA B 216 7.19 6.26 29.53
N GLN B 217 7.15 5.39 30.53
CA GLN B 217 6.24 5.58 31.67
C GLN B 217 6.59 6.86 32.40
N PHE B 218 7.85 7.27 32.33
CA PHE B 218 8.29 8.50 32.98
C PHE B 218 7.93 9.74 32.20
N GLN B 219 7.28 9.53 31.05
CA GLN B 219 6.84 10.63 30.21
C GLN B 219 7.86 11.72 29.88
N PRO B 220 9.04 11.33 29.36
CA PRO B 220 10.01 12.39 29.03
C PRO B 220 9.42 13.13 27.83
N ASP B 221 9.95 14.31 27.51
CA ASP B 221 9.45 15.09 26.37
C ASP B 221 9.61 14.32 25.06
N PHE B 222 10.65 13.50 25.00
CA PHE B 222 10.89 12.65 23.84
C PHE B 222 11.98 11.64 24.12
N ILE B 223 11.99 10.57 23.34
CA ILE B 223 12.99 9.52 23.45
C ILE B 223 13.68 9.51 22.11
N GLU B 224 15.00 9.65 22.15
CA GLU B 224 15.80 9.70 20.94
C GLU B 224 16.46 8.38 20.53
N GLN B 225 16.39 8.11 19.23
CA GLN B 225 17.00 6.95 18.57
C GLN B 225 17.41 5.77 19.46
N PRO B 226 16.45 4.89 19.82
CA PRO B 226 16.75 3.73 20.67
C PRO B 226 17.65 2.66 20.04
N VAL B 227 17.52 2.47 18.73
CA VAL B 227 18.28 1.47 18.01
C VAL B 227 19.13 2.02 16.88
N ARG B 228 19.95 1.14 16.29
CA ARG B 228 20.86 1.52 15.20
C ARG B 228 20.14 2.27 14.08
N ALA B 229 20.86 3.22 13.48
CA ALA B 229 20.35 4.06 12.42
C ALA B 229 19.62 3.35 11.27
N HIS B 230 20.14 2.21 10.84
CA HIS B 230 19.53 1.50 9.72
C HIS B 230 18.21 0.79 10.04
N HIS B 231 17.85 0.75 11.33
CA HIS B 231 16.62 0.07 11.73
C HIS B 231 15.35 0.88 11.55
N PHE B 232 15.05 1.29 10.32
CA PHE B 232 13.85 2.06 10.04
C PHE B 232 12.59 1.30 10.41
N GLU B 233 12.52 0.02 10.06
CA GLU B 233 11.34 -0.77 10.38
C GLU B 233 11.09 -0.83 11.87
N LEU B 234 12.12 -1.17 12.64
CA LEU B 234 11.99 -1.26 14.08
C LEU B 234 11.67 0.11 14.70
N MET B 235 12.27 1.17 14.19
CA MET B 235 11.98 2.52 14.71
C MET B 235 10.48 2.81 14.50
N ALA B 236 9.97 2.51 13.31
CA ALA B 236 8.57 2.74 13.02
C ALA B 236 7.69 1.96 14.01
N ARG B 237 8.09 0.74 14.34
CA ARG B 237 7.33 -0.08 15.29
C ARG B 237 7.38 0.52 16.70
N LEU B 238 8.56 0.96 17.11
CA LEU B 238 8.71 1.55 18.44
C LEU B 238 7.86 2.82 18.52
N ARG B 239 7.74 3.53 17.41
CA ARG B 239 6.95 4.76 17.40
C ARG B 239 5.50 4.45 17.72
N GLY B 240 5.00 3.31 17.27
CA GLY B 240 3.61 2.99 17.53
C GLY B 240 3.30 2.44 18.91
N LEU B 241 4.32 2.25 19.75
CA LEU B 241 4.10 1.67 21.08
C LEU B 241 3.67 2.59 22.21
N THR B 242 3.94 3.88 22.12
CA THR B 242 3.54 4.80 23.19
C THR B 242 3.23 6.17 22.58
N ASP B 243 2.76 7.11 23.39
CA ASP B 243 2.47 8.44 22.87
C ASP B 243 3.59 9.41 23.21
N VAL B 244 4.69 8.89 23.76
CA VAL B 244 5.85 9.71 24.05
C VAL B 244 6.53 9.89 22.69
N PRO B 245 6.83 11.14 22.29
CA PRO B 245 7.48 11.38 20.99
C PRO B 245 8.79 10.60 20.81
N LEU B 246 8.94 9.95 19.65
CA LEU B 246 10.13 9.19 19.32
C LEU B 246 10.89 10.05 18.31
N LEU B 247 12.11 10.47 18.65
CA LEU B 247 12.91 11.28 17.75
C LEU B 247 13.98 10.50 17.01
N ALA B 248 14.13 10.79 15.73
CA ALA B 248 15.16 10.14 14.94
C ALA B 248 16.39 11.03 15.03
N ASP B 249 17.55 10.42 15.20
CA ASP B 249 18.80 11.18 15.22
C ASP B 249 19.72 10.57 14.18
N GLU B 250 20.41 9.50 14.56
CA GLU B 250 21.35 8.85 13.64
C GLU B 250 20.70 8.33 12.36
N SER B 251 19.40 8.04 12.38
CA SER B 251 18.73 7.57 11.18
C SER B 251 18.56 8.66 10.14
N VAL B 252 18.73 9.92 10.53
CA VAL B 252 18.56 11.02 9.60
C VAL B 252 19.70 12.04 9.60
N TYR B 253 20.40 12.15 8.47
CA TYR B 253 21.49 13.12 8.32
C TYR B 253 21.02 14.35 7.58
N GLY B 254 20.56 14.14 6.35
CA GLY B 254 20.11 15.25 5.52
C GLY B 254 18.71 15.09 4.98
N PRO B 255 18.32 15.94 4.02
CA PRO B 255 17.01 15.95 3.38
C PRO B 255 16.63 14.61 2.77
N GLU B 256 17.61 13.95 2.15
CA GLU B 256 17.37 12.66 1.52
C GLU B 256 16.88 11.66 2.57
N ASP B 257 17.60 11.54 3.67
CA ASP B 257 17.18 10.64 4.75
C ASP B 257 15.85 11.08 5.35
N MET B 258 15.64 12.39 5.47
CA MET B 258 14.40 12.90 6.06
C MET B 258 13.21 12.49 5.20
N VAL B 259 13.36 12.59 3.89
CA VAL B 259 12.27 12.19 3.00
C VAL B 259 11.96 10.70 3.27
N ARG B 260 13.01 9.89 3.35
CA ARG B 260 12.83 8.47 3.60
C ARG B 260 12.22 8.19 4.98
N ALA B 261 12.74 8.87 5.99
CA ALA B 261 12.27 8.69 7.35
C ALA B 261 10.79 9.05 7.48
N ALA B 262 10.39 10.13 6.81
CA ALA B 262 9.02 10.59 6.83
C ALA B 262 8.10 9.58 6.14
N HIS B 263 8.55 9.08 4.99
CA HIS B 263 7.77 8.12 4.22
C HIS B 263 7.50 6.84 5.00
N GLU B 264 8.53 6.33 5.69
CA GLU B 264 8.39 5.11 6.45
C GLU B 264 7.83 5.31 7.86
N GLY B 265 7.56 6.56 8.21
CA GLY B 265 7.00 6.90 9.51
C GLY B 265 7.78 6.37 10.69
N ILE B 266 9.09 6.58 10.68
CA ILE B 266 9.93 6.07 11.75
C ILE B 266 10.00 6.95 13.00
N CYS B 267 9.47 8.17 12.93
CA CYS B 267 9.55 9.08 14.06
C CYS B 267 8.45 10.12 14.13
N ASP B 268 8.45 10.86 15.25
CA ASP B 268 7.49 11.93 15.51
C ASP B 268 8.24 13.24 15.33
N GLY B 269 9.56 13.15 15.22
CA GLY B 269 10.37 14.34 15.07
C GLY B 269 11.82 13.96 14.82
N VAL B 270 12.66 14.96 14.64
CA VAL B 270 14.06 14.70 14.36
C VAL B 270 15.04 15.62 15.07
N SER B 271 16.20 15.09 15.41
CA SER B 271 17.26 15.87 16.03
C SER B 271 18.11 16.35 14.85
N ILE B 272 18.16 17.66 14.66
CA ILE B 272 18.91 18.23 13.56
C ILE B 272 20.28 18.72 13.99
N LYS B 273 21.31 18.30 13.25
CA LYS B 273 22.69 18.68 13.55
C LYS B 273 23.43 19.09 12.27
N ILE B 274 24.12 20.23 12.28
CA ILE B 274 24.82 20.63 11.08
C ILE B 274 25.94 19.65 10.74
N MET B 275 26.46 18.95 11.76
CA MET B 275 27.53 18.00 11.53
C MET B 275 27.03 16.80 10.71
N LYS B 276 25.73 16.53 10.76
CA LYS B 276 25.13 15.43 9.98
C LYS B 276 24.67 15.93 8.62
N SER B 277 24.02 17.09 8.59
CA SER B 277 23.51 17.64 7.35
C SER B 277 24.61 18.15 6.41
N GLY B 278 25.81 18.32 6.94
CA GLY B 278 26.91 18.81 6.13
C GLY B 278 26.74 20.25 5.72
N GLY B 279 26.06 21.04 6.55
CA GLY B 279 25.87 22.43 6.24
C GLY B 279 24.67 23.03 6.94
N LEU B 280 24.64 24.35 7.03
CA LEU B 280 23.53 25.03 7.70
C LEU B 280 22.23 25.02 6.89
N THR B 281 22.32 25.24 5.58
CA THR B 281 21.13 25.24 4.75
C THR B 281 20.51 23.84 4.70
N ARG B 282 21.34 22.81 4.55
CA ARG B 282 20.81 21.45 4.49
C ARG B 282 20.12 21.10 5.81
N ALA B 283 20.61 21.68 6.91
CA ALA B 283 20.01 21.44 8.22
C ALA B 283 18.62 22.05 8.22
N GLN B 284 18.50 23.27 7.69
CA GLN B 284 17.21 23.94 7.63
C GLN B 284 16.25 23.14 6.75
N THR B 285 16.75 22.63 5.63
CA THR B 285 15.91 21.85 4.73
C THR B 285 15.30 20.65 5.45
N VAL B 286 16.11 19.99 6.28
CA VAL B 286 15.63 18.83 7.04
C VAL B 286 14.48 19.26 7.94
N ALA B 287 14.65 20.38 8.63
CA ALA B 287 13.60 20.89 9.52
C ALA B 287 12.33 21.24 8.76
N ARG B 288 12.49 21.85 7.60
CA ARG B 288 11.34 22.26 6.80
C ARG B 288 10.58 21.07 6.25
N ILE B 289 11.29 20.00 5.90
CA ILE B 289 10.65 18.81 5.38
C ILE B 289 9.94 18.09 6.53
N ALA B 290 10.56 18.10 7.71
CA ALA B 290 9.94 17.47 8.87
C ALA B 290 8.62 18.20 9.16
N ALA B 291 8.65 19.52 9.18
CA ALA B 291 7.46 20.32 9.43
C ALA B 291 6.34 20.05 8.43
N ALA B 292 6.71 19.88 7.16
CA ALA B 292 5.73 19.61 6.11
C ALA B 292 5.01 18.27 6.34
N HIS B 293 5.65 17.39 7.10
CA HIS B 293 5.07 16.08 7.40
C HIS B 293 4.47 16.05 8.80
N GLY B 294 4.38 17.20 9.44
CA GLY B 294 3.84 17.25 10.78
C GLY B 294 4.75 16.60 11.80
N LEU B 295 6.07 16.76 11.63
CA LEU B 295 7.05 16.21 12.55
C LEU B 295 7.80 17.36 13.23
N MET B 296 8.13 17.19 14.51
CA MET B 296 8.83 18.24 15.26
C MET B 296 10.33 18.21 15.05
N ALA B 297 11.00 19.28 15.46
CA ALA B 297 12.45 19.38 15.28
C ALA B 297 13.18 19.93 16.51
N TYR B 298 14.36 19.38 16.76
CA TYR B 298 15.20 19.73 17.91
C TYR B 298 16.63 20.08 17.47
N GLY B 299 17.24 21.03 18.16
CA GLY B 299 18.60 21.43 17.83
C GLY B 299 19.62 20.56 18.54
N GLY B 300 19.96 19.44 17.92
CA GLY B 300 20.94 18.56 18.53
C GLY B 300 22.35 19.01 18.22
N ASP B 301 23.32 18.32 18.79
CA ASP B 301 24.71 18.64 18.51
C ASP B 301 25.59 17.43 18.77
N MET B 302 26.85 17.51 18.39
CA MET B 302 27.80 16.42 18.61
C MET B 302 28.68 16.89 19.77
N PHE B 303 29.82 16.25 19.97
CA PHE B 303 30.70 16.70 21.03
C PHE B 303 31.56 17.79 20.41
N GLU B 304 30.95 18.96 20.34
CA GLU B 304 31.55 20.14 19.74
C GLU B 304 31.97 21.20 20.74
N ALA B 305 32.67 22.20 20.23
CA ALA B 305 33.16 23.33 21.02
C ALA B 305 32.30 24.55 20.67
N GLY B 306 32.72 25.72 21.14
CA GLY B 306 31.97 26.94 20.90
C GLY B 306 31.78 27.40 19.47
N LEU B 307 32.74 27.09 18.60
CA LEU B 307 32.66 27.49 17.21
C LEU B 307 31.48 26.78 16.55
N ALA B 308 31.38 25.48 16.80
CA ALA B 308 30.29 24.68 16.25
C ALA B 308 28.97 25.16 16.87
N HIS B 309 29.00 25.45 18.16
CA HIS B 309 27.81 25.93 18.87
C HIS B 309 27.27 27.20 18.21
N LEU B 310 28.16 28.12 17.88
CA LEU B 310 27.75 29.35 17.23
C LEU B 310 27.12 29.08 15.87
N ALA B 311 27.71 28.17 15.11
CA ALA B 311 27.19 27.85 13.78
C ALA B 311 25.77 27.30 13.93
N GLY B 312 25.58 26.38 14.85
CA GLY B 312 24.27 25.81 15.08
C GLY B 312 23.28 26.83 15.63
N THR B 313 23.77 27.77 16.43
CA THR B 313 22.93 28.79 17.02
C THR B 313 22.36 29.72 15.93
N HIS B 314 23.20 30.12 14.99
CA HIS B 314 22.74 30.99 13.91
C HIS B 314 21.74 30.24 13.01
N MET B 315 21.98 28.94 12.79
CA MET B 315 21.07 28.13 11.98
C MET B 315 19.69 28.11 12.63
N ILE B 316 19.65 27.74 13.90
CA ILE B 316 18.38 27.67 14.63
C ILE B 316 17.69 29.04 14.73
N ALA B 317 18.45 30.11 14.91
CA ALA B 317 17.87 31.44 15.01
C ALA B 317 17.06 31.78 13.77
N ALA B 318 17.44 31.21 12.63
CA ALA B 318 16.75 31.48 11.37
C ALA B 318 15.78 30.37 10.96
N THR B 319 15.53 29.42 11.85
CA THR B 319 14.65 28.28 11.54
C THR B 319 13.50 28.10 12.55
N PRO B 320 12.37 28.76 12.32
CA PRO B 320 11.23 28.61 13.25
C PRO B 320 10.77 27.16 13.48
N GLU B 321 11.02 26.28 12.50
CA GLU B 321 10.62 24.87 12.62
C GLU B 321 11.28 24.09 13.74
N ILE B 322 12.43 24.56 14.22
CA ILE B 322 13.13 23.89 15.32
C ILE B 322 12.63 24.56 16.60
N THR B 323 11.74 23.87 17.31
CA THR B 323 11.10 24.40 18.50
C THR B 323 11.40 23.72 19.83
N LEU B 324 12.11 22.60 19.81
CA LEU B 324 12.38 21.87 21.03
C LEU B 324 13.63 22.29 21.80
N GLY B 325 14.24 23.41 21.41
CA GLY B 325 15.44 23.89 22.08
C GLY B 325 16.72 23.37 21.43
N CYS B 326 17.86 23.58 22.09
CA CYS B 326 19.13 23.11 21.55
C CYS B 326 19.98 22.52 22.67
N GLU B 327 21.02 21.78 22.30
CA GLU B 327 21.87 21.18 23.32
C GLU B 327 23.35 21.58 23.17
N PHE B 328 23.59 22.87 22.96
CA PHE B 328 24.97 23.36 22.82
C PHE B 328 25.48 23.65 24.24
N TYR B 329 25.63 22.59 25.04
CA TYR B 329 26.06 22.70 26.44
C TYR B 329 27.53 22.39 26.73
N GLN B 330 28.23 21.79 25.76
CA GLN B 330 29.62 21.40 25.99
C GLN B 330 30.60 22.52 26.31
N ALA B 331 30.53 23.63 25.59
CA ALA B 331 31.46 24.72 25.84
C ALA B 331 31.32 25.25 27.27
N SER B 332 30.12 25.19 27.81
CA SER B 332 29.85 25.69 29.16
C SER B 332 29.97 24.67 30.29
N TYR B 333 29.62 23.41 30.03
CA TYR B 333 29.65 22.41 31.08
C TYR B 333 30.47 21.14 30.86
N PHE B 334 31.06 20.99 29.67
CA PHE B 334 31.81 19.76 29.40
C PHE B 334 33.31 19.99 29.18
N LEU B 335 33.64 20.94 28.30
CA LEU B 335 35.03 21.24 28.01
C LEU B 335 35.71 21.95 29.17
N ASN B 336 36.95 21.59 29.45
CA ASN B 336 37.68 22.23 30.53
C ASN B 336 37.84 23.69 30.13
N GLU B 337 38.13 23.90 28.85
CA GLU B 337 38.27 25.24 28.29
C GLU B 337 37.82 25.22 26.83
N ASP B 338 37.14 26.28 26.40
CA ASP B 338 36.66 26.38 25.03
C ASP B 338 37.72 27.05 24.17
N ILE B 339 37.51 27.06 22.86
CA ILE B 339 38.47 27.64 21.92
C ILE B 339 38.14 29.06 21.43
N LEU B 340 37.05 29.64 21.93
CA LEU B 340 36.66 30.98 21.53
C LEU B 340 37.40 32.04 22.36
N GLU B 341 37.61 33.22 21.79
CA GLU B 341 38.30 34.30 22.50
C GLU B 341 37.36 34.94 23.50
N THR B 342 36.07 34.80 23.24
CA THR B 342 35.02 35.33 24.11
C THR B 342 34.11 34.13 24.42
N PRO B 343 33.62 34.04 25.67
CA PRO B 343 32.75 32.93 26.07
C PRO B 343 31.45 32.78 25.25
N PHE B 344 31.11 31.54 24.93
CA PHE B 344 29.88 31.26 24.20
C PHE B 344 28.78 31.72 25.15
N ARG B 345 28.03 32.74 24.73
CA ARG B 345 26.98 33.34 25.56
C ARG B 345 25.70 32.57 25.86
N VAL B 346 25.48 32.31 27.14
CA VAL B 346 24.29 31.63 27.64
C VAL B 346 23.89 32.37 28.93
N GLU B 347 22.64 32.82 28.99
CA GLU B 347 22.17 33.55 30.16
C GLU B 347 20.83 33.02 30.65
N ALA B 348 20.73 32.75 31.95
CA ALA B 348 19.50 32.25 32.53
C ALA B 348 18.99 31.01 31.78
N GLY B 349 19.91 30.13 31.41
CA GLY B 349 19.56 28.90 30.71
C GLY B 349 19.20 29.03 29.24
N GLN B 350 19.43 30.21 28.65
CA GLN B 350 19.12 30.41 27.24
C GLN B 350 20.35 30.81 26.44
N VAL B 351 20.53 30.16 25.30
CA VAL B 351 21.66 30.49 24.42
C VAL B 351 21.34 31.85 23.81
N ILE B 352 22.32 32.74 23.79
CA ILE B 352 22.09 34.05 23.21
C ILE B 352 22.49 34.09 21.75
N VAL B 353 21.56 34.52 20.89
CA VAL B 353 21.83 34.61 19.47
C VAL B 353 22.68 35.86 19.25
N PRO B 354 23.91 35.69 18.73
CA PRO B 354 24.79 36.83 18.48
C PRO B 354 24.29 37.69 17.34
N ASP B 355 24.59 38.98 17.38
CA ASP B 355 24.16 39.85 16.29
C ASP B 355 25.36 40.50 15.62
N GLY B 356 26.56 40.18 16.11
CA GLY B 356 27.76 40.75 15.55
C GLY B 356 28.09 40.17 14.18
N PRO B 357 29.14 40.67 13.51
CA PRO B 357 29.54 40.17 12.19
C PRO B 357 29.93 38.69 12.22
N GLY B 358 29.59 37.98 11.16
CA GLY B 358 29.92 36.57 11.10
C GLY B 358 29.29 35.71 12.18
N LEU B 359 30.04 34.74 12.68
CA LEU B 359 29.57 33.84 13.72
C LEU B 359 29.41 34.52 15.08
N GLY B 360 30.04 35.69 15.24
CA GLY B 360 29.92 36.43 16.49
C GLY B 360 31.08 36.29 17.46
N ALA B 361 32.06 35.48 17.10
CA ALA B 361 33.23 35.27 17.95
C ALA B 361 34.32 34.59 17.15
N ARG B 362 35.57 34.91 17.47
CA ARG B 362 36.71 34.33 16.79
C ARG B 362 37.31 33.22 17.63
N ALA B 363 37.96 32.28 16.96
CA ALA B 363 38.63 31.20 17.66
C ALA B 363 39.97 31.81 18.08
N ASP B 364 40.47 31.43 19.24
CA ASP B 364 41.75 31.97 19.72
C ASP B 364 42.93 31.19 19.14
N PRO B 365 43.74 31.85 18.31
CA PRO B 365 44.91 31.22 17.68
C PRO B 365 45.82 30.48 18.66
N GLU B 366 46.09 31.11 19.81
CA GLU B 366 46.95 30.49 20.81
C GLU B 366 46.35 29.17 21.30
N LYS B 367 45.05 29.15 21.54
CA LYS B 367 44.40 27.92 22.00
C LYS B 367 44.44 26.87 20.90
N LEU B 368 44.30 27.31 19.66
CA LEU B 368 44.31 26.39 18.53
C LEU B 368 45.70 25.79 18.37
N GLU B 369 46.72 26.61 18.64
CA GLU B 369 48.10 26.17 18.53
C GLU B 369 48.45 25.26 19.70
N HIS B 370 47.97 25.63 20.88
CA HIS B 370 48.24 24.87 22.09
C HIS B 370 47.61 23.48 22.15
N TYR B 371 46.33 23.38 21.81
CA TYR B 371 45.61 22.11 21.87
C TYR B 371 45.69 21.24 20.63
N ALA B 372 46.38 21.72 19.60
CA ALA B 372 46.51 20.96 18.37
C ALA B 372 47.42 19.76 18.53
N VAL B 373 47.05 18.65 17.89
CA VAL B 373 47.86 17.44 17.91
C VAL B 373 48.39 17.29 16.50
N ARG B 374 47.83 18.12 15.61
CA ARG B 374 48.19 18.16 14.21
C ARG B 374 47.64 19.48 13.63
N ARG B 375 48.31 20.02 12.62
CA ARG B 375 47.88 21.27 12.01
C ARG B 375 48.60 21.55 10.70
N LEU C 6 44.22 -22.00 15.48
CA LEU C 6 43.51 -20.70 15.35
C LEU C 6 43.28 -20.05 16.72
N GLU C 7 43.80 -20.68 17.76
CA GLU C 7 43.65 -20.15 19.12
C GLU C 7 44.73 -19.11 19.35
N GLN C 8 45.76 -19.15 18.52
CA GLN C 8 46.87 -18.21 18.62
C GLN C 8 46.43 -16.77 18.35
N LYS C 9 47.16 -15.82 18.92
CA LYS C 9 46.83 -14.41 18.78
C LYS C 9 47.51 -13.64 17.65
N ILE C 10 46.87 -12.56 17.24
CA ILE C 10 47.40 -11.69 16.19
C ILE C 10 48.30 -10.73 16.96
N ILE C 11 49.57 -10.66 16.58
CA ILE C 11 50.51 -9.80 17.31
C ILE C 11 50.95 -8.52 16.62
N ALA C 12 50.59 -8.32 15.36
CA ALA C 12 51.01 -7.11 14.69
C ALA C 12 50.16 -6.70 13.50
N MET C 13 50.10 -5.39 13.27
CA MET C 13 49.35 -4.81 12.16
C MET C 13 50.24 -3.82 11.43
N ASP C 14 50.51 -4.07 10.15
CA ASP C 14 51.33 -3.17 9.36
C ASP C 14 50.46 -2.61 8.24
N LEU C 15 50.64 -1.33 7.94
CA LEU C 15 49.84 -0.67 6.91
C LEU C 15 50.67 0.11 5.89
N TRP C 16 50.22 0.07 4.64
CA TRP C 16 50.89 0.78 3.55
C TRP C 16 49.87 1.54 2.71
N HIS C 17 50.03 2.85 2.62
CA HIS C 17 49.15 3.64 1.78
C HIS C 17 49.96 3.72 0.49
N LEU C 18 49.43 3.13 -0.58
CA LEU C 18 50.15 3.09 -1.85
C LEU C 18 49.60 4.00 -2.94
N ALA C 19 50.48 4.32 -3.89
CA ALA C 19 50.14 5.13 -5.05
C ALA C 19 50.69 4.33 -6.22
N LEU C 20 49.81 3.62 -6.92
CA LEU C 20 50.20 2.78 -8.04
C LEU C 20 49.97 3.43 -9.41
N PRO C 21 51.02 3.47 -10.26
CA PRO C 21 50.94 4.06 -11.59
C PRO C 21 50.03 3.27 -12.53
N VAL C 22 49.35 3.97 -13.44
CA VAL C 22 48.47 3.32 -14.40
C VAL C 22 48.98 3.48 -15.83
N CYS C 37 46.41 5.46 -9.02
CA CYS C 37 45.55 4.57 -8.26
C CYS C 37 46.05 4.36 -6.84
N GLU C 38 45.28 4.81 -5.86
CA GLU C 38 45.68 4.66 -4.47
C GLU C 38 44.89 3.58 -3.73
N ILE C 39 45.61 2.80 -2.94
CA ILE C 39 45.00 1.74 -2.15
C ILE C 39 45.74 1.68 -0.82
N VAL C 40 45.20 0.90 0.12
CA VAL C 40 45.80 0.76 1.43
C VAL C 40 45.95 -0.74 1.70
N VAL C 41 47.18 -1.17 1.94
CA VAL C 41 47.42 -2.59 2.20
C VAL C 41 47.66 -2.88 3.68
N LEU C 42 47.09 -3.99 4.13
CA LEU C 42 47.20 -4.40 5.52
C LEU C 42 47.84 -5.77 5.67
N ARG C 43 48.74 -5.90 6.63
CA ARG C 43 49.39 -7.17 6.92
C ARG C 43 49.17 -7.48 8.39
N LEU C 44 48.77 -8.72 8.67
CA LEU C 44 48.57 -9.16 10.04
C LEU C 44 49.50 -10.35 10.27
N VAL C 45 50.14 -10.39 11.44
CA VAL C 45 51.04 -11.48 11.77
C VAL C 45 50.57 -12.15 13.05
N ALA C 46 50.55 -13.48 13.05
CA ALA C 46 50.11 -14.24 14.20
C ALA C 46 51.30 -14.73 15.02
N GLU C 47 51.03 -15.20 16.23
CA GLU C 47 52.08 -15.71 17.12
C GLU C 47 52.95 -16.75 16.43
N GLY C 48 52.30 -17.73 15.80
CA GLY C 48 53.00 -18.79 15.12
C GLY C 48 53.85 -18.35 13.94
N GLY C 49 53.62 -17.14 13.44
CA GLY C 49 54.39 -16.65 12.32
C GLY C 49 53.66 -16.50 11.00
N ALA C 50 52.45 -17.06 10.91
CA ALA C 50 51.67 -16.96 9.68
C ALA C 50 51.32 -15.49 9.42
N GLU C 51 51.18 -15.14 8.14
CA GLU C 51 50.85 -13.76 7.77
C GLU C 51 49.63 -13.69 6.87
N GLY C 52 48.80 -12.66 7.10
CA GLY C 52 47.61 -12.45 6.29
C GLY C 52 47.62 -11.06 5.71
N PHE C 53 47.23 -10.93 4.44
CA PHE C 53 47.20 -9.64 3.76
C PHE C 53 45.80 -9.24 3.34
N GLY C 54 45.54 -7.93 3.32
CA GLY C 54 44.25 -7.42 2.92
C GLY C 54 44.38 -6.09 2.20
N GLU C 55 43.48 -5.84 1.27
CA GLU C 55 43.51 -4.58 0.51
C GLU C 55 42.24 -3.75 0.65
N ALA C 56 42.43 -2.45 0.86
CA ALA C 56 41.32 -1.51 0.94
C ALA C 56 41.50 -0.65 -0.31
N SER C 57 40.46 -0.55 -1.13
CA SER C 57 40.55 0.22 -2.37
C SER C 57 39.49 1.32 -2.41
N PRO C 58 39.72 2.42 -1.67
CA PRO C 58 38.77 3.53 -1.63
C PRO C 58 38.68 4.43 -2.86
N TRP C 59 37.46 4.85 -3.18
CA TRP C 59 37.23 5.75 -4.28
C TRP C 59 36.68 7.00 -3.59
N ALA C 60 37.58 7.97 -3.39
CA ALA C 60 37.29 9.22 -2.72
C ALA C 60 35.88 9.77 -2.78
N VAL C 61 35.36 9.98 -3.99
CA VAL C 61 34.02 10.54 -4.15
C VAL C 61 32.85 9.62 -3.81
N PHE C 62 33.09 8.31 -3.71
CA PHE C 62 32.01 7.38 -3.40
C PHE C 62 32.09 6.64 -2.07
N THR C 63 33.06 5.74 -1.93
CA THR C 63 33.21 4.97 -0.69
C THR C 63 33.92 5.75 0.40
N GLY C 64 34.89 6.58 -0.01
CA GLY C 64 35.65 7.34 0.97
C GLY C 64 37.11 7.44 0.54
N THR C 65 37.90 8.18 1.30
CA THR C 65 39.29 8.39 0.96
C THR C 65 40.25 7.35 1.53
N PRO C 66 41.43 7.21 0.91
CA PRO C 66 42.41 6.24 1.41
C PRO C 66 42.90 6.67 2.80
N GLU C 67 42.94 7.99 3.03
CA GLU C 67 43.34 8.50 4.33
C GLU C 67 42.37 8.06 5.42
N ALA C 68 41.08 8.06 5.10
CA ALA C 68 40.08 7.65 6.07
C ALA C 68 40.23 6.18 6.42
N SER C 69 40.39 5.33 5.41
CA SER C 69 40.55 3.90 5.65
C SER C 69 41.85 3.59 6.38
N TYR C 70 42.91 4.32 6.03
CA TYR C 70 44.22 4.12 6.66
C TYR C 70 44.06 4.37 8.16
N ALA C 71 43.51 5.53 8.51
CA ALA C 71 43.29 5.89 9.92
C ALA C 71 42.36 4.89 10.60
N ALA C 72 41.33 4.44 9.88
CA ALA C 72 40.39 3.48 10.42
C ALA C 72 41.13 2.27 10.98
N LEU C 73 42.00 1.68 10.15
CA LEU C 73 42.76 0.51 10.57
C LEU C 73 43.84 0.83 11.60
N ASP C 74 44.65 1.84 11.29
CA ASP C 74 45.75 2.23 12.16
C ASP C 74 45.39 2.65 13.58
N ARG C 75 44.36 3.46 13.73
CA ARG C 75 43.99 3.93 15.06
C ARG C 75 42.75 3.30 15.70
N TYR C 76 41.68 3.15 14.91
CA TYR C 76 40.44 2.62 15.44
C TYR C 76 40.25 1.11 15.46
N LEU C 77 40.79 0.41 14.48
CA LEU C 77 40.63 -1.04 14.43
C LEU C 77 41.78 -1.79 15.07
N ARG C 78 42.98 -1.22 14.99
CA ARG C 78 44.16 -1.84 15.56
C ARG C 78 43.94 -2.37 16.98
N PRO C 79 43.51 -1.51 17.92
CA PRO C 79 43.29 -1.98 19.30
C PRO C 79 42.24 -3.08 19.44
N LEU C 80 41.41 -3.21 18.41
CA LEU C 80 40.35 -4.22 18.38
C LEU C 80 40.83 -5.54 17.79
N VAL C 81 41.98 -5.51 17.12
CA VAL C 81 42.53 -6.69 16.48
C VAL C 81 43.74 -7.28 17.22
N ILE C 82 44.65 -6.40 17.62
CA ILE C 82 45.86 -6.82 18.33
C ILE C 82 45.54 -7.59 19.62
N GLY C 83 46.08 -8.80 19.73
CA GLY C 83 45.86 -9.60 20.91
C GLY C 83 44.66 -10.53 20.84
N ARG C 84 43.89 -10.44 19.76
CA ARG C 84 42.71 -11.29 19.59
C ARG C 84 43.10 -12.64 19.00
N ARG C 85 42.22 -13.63 19.18
CA ARG C 85 42.47 -14.97 18.64
C ARG C 85 42.07 -14.97 17.17
N VAL C 86 42.91 -15.56 16.33
CA VAL C 86 42.63 -15.63 14.89
C VAL C 86 41.25 -16.22 14.63
N GLY C 87 40.83 -17.15 15.49
CA GLY C 87 39.54 -17.78 15.31
C GLY C 87 38.31 -16.98 15.71
N ASP C 88 38.51 -15.78 16.26
CA ASP C 88 37.39 -14.93 16.66
C ASP C 88 37.03 -13.93 15.58
N ARG C 89 37.31 -14.26 14.32
CA ARG C 89 37.03 -13.38 13.20
C ARG C 89 35.61 -12.80 13.21
N VAL C 90 34.61 -13.64 13.40
CA VAL C 90 33.22 -13.19 13.40
C VAL C 90 32.97 -12.10 14.45
N ALA C 91 33.50 -12.31 15.65
CA ALA C 91 33.33 -11.34 16.73
C ALA C 91 34.07 -10.06 16.37
N ILE C 92 35.29 -10.22 15.86
CA ILE C 92 36.11 -9.09 15.47
C ILE C 92 35.46 -8.22 14.38
N MET C 93 34.91 -8.85 13.35
CA MET C 93 34.27 -8.10 12.28
C MET C 93 32.96 -7.48 12.74
N ASP C 94 32.29 -8.13 13.67
CA ASP C 94 31.03 -7.62 14.20
C ASP C 94 31.35 -6.33 14.96
N GLU C 95 32.45 -6.36 15.70
CA GLU C 95 32.90 -5.21 16.48
C GLU C 95 33.50 -4.10 15.61
N ALA C 96 34.29 -4.49 14.61
CA ALA C 96 34.91 -3.54 13.72
C ALA C 96 33.87 -2.68 13.00
N ALA C 97 32.76 -3.30 12.62
CA ALA C 97 31.70 -2.58 11.93
C ALA C 97 31.20 -1.42 12.80
N ARG C 98 31.18 -1.62 14.11
CA ARG C 98 30.70 -0.58 15.03
C ARG C 98 31.80 0.31 15.58
N ALA C 99 33.05 -0.14 15.49
CA ALA C 99 34.19 0.62 16.02
C ALA C 99 34.51 1.89 15.26
N VAL C 100 34.09 1.97 14.02
CA VAL C 100 34.37 3.17 13.23
C VAL C 100 33.38 3.25 12.09
N ALA C 101 32.90 4.47 11.82
CA ALA C 101 31.93 4.70 10.76
C ALA C 101 32.52 4.64 9.37
N HIS C 102 31.72 4.13 8.43
CA HIS C 102 32.10 3.99 7.03
C HIS C 102 33.39 3.18 6.90
N CYS C 103 34.26 3.60 5.99
CA CYS C 103 35.52 2.89 5.78
C CYS C 103 35.26 1.40 5.56
N THR C 104 34.26 1.09 4.75
CA THR C 104 33.92 -0.31 4.49
C THR C 104 35.08 -0.97 3.72
N GLU C 105 35.91 -0.15 3.08
CA GLU C 105 37.06 -0.68 2.34
C GLU C 105 38.07 -1.21 3.35
N ALA C 106 38.26 -0.45 4.43
CA ALA C 106 39.19 -0.83 5.49
C ALA C 106 38.69 -2.10 6.18
N LYS C 107 37.38 -2.16 6.39
CA LYS C 107 36.80 -3.33 7.04
C LYS C 107 36.95 -4.56 6.14
N ALA C 108 36.81 -4.38 4.83
CA ALA C 108 36.96 -5.48 3.89
C ALA C 108 38.42 -5.95 3.87
N ALA C 109 39.35 -5.01 4.01
CA ALA C 109 40.77 -5.36 4.03
C ALA C 109 41.06 -6.19 5.27
N LEU C 110 40.43 -5.82 6.38
CA LEU C 110 40.62 -6.53 7.64
C LEU C 110 40.05 -7.95 7.58
N ASP C 111 38.90 -8.09 6.95
CA ASP C 111 38.27 -9.41 6.82
C ASP C 111 39.14 -10.29 5.92
N SER C 112 39.64 -9.73 4.83
CA SER C 112 40.49 -10.46 3.90
C SER C 112 41.75 -10.93 4.60
N ALA C 113 42.39 -10.03 5.36
CA ALA C 113 43.61 -10.36 6.09
C ALA C 113 43.36 -11.42 7.15
N LEU C 114 42.20 -11.36 7.80
CA LEU C 114 41.87 -12.34 8.82
C LEU C 114 41.64 -13.72 8.19
N LEU C 115 40.99 -13.73 7.03
CA LEU C 115 40.70 -14.97 6.31
C LEU C 115 41.98 -15.56 5.73
N ASP C 116 42.82 -14.70 5.18
CA ASP C 116 44.08 -15.12 4.58
C ASP C 116 44.94 -15.76 5.68
N LEU C 117 45.00 -15.09 6.83
CA LEU C 117 45.77 -15.57 7.96
C LEU C 117 45.27 -16.92 8.46
N ALA C 118 43.95 -17.06 8.58
CA ALA C 118 43.36 -18.31 9.05
C ALA C 118 43.60 -19.42 8.03
N GLY C 119 43.55 -19.08 6.76
CA GLY C 119 43.79 -20.05 5.71
C GLY C 119 45.21 -20.58 5.72
N ARG C 120 46.16 -19.68 5.95
CA ARG C 120 47.58 -20.03 5.99
C ARG C 120 47.85 -20.98 7.16
N ILE C 121 47.23 -20.69 8.30
CA ILE C 121 47.41 -21.50 9.50
C ILE C 121 46.81 -22.90 9.38
N SER C 122 45.62 -22.99 8.80
CA SER C 122 44.94 -24.28 8.65
C SER C 122 45.23 -24.91 7.29
N ASN C 123 46.05 -24.24 6.49
CA ASN C 123 46.43 -24.72 5.16
C ASN C 123 45.23 -24.94 4.26
N LEU C 124 44.39 -23.91 4.13
CA LEU C 124 43.20 -23.97 3.30
C LEU C 124 43.04 -22.69 2.52
N PRO C 125 42.46 -22.76 1.30
CA PRO C 125 42.27 -21.54 0.52
C PRO C 125 41.12 -20.78 1.18
N VAL C 126 41.07 -19.47 0.96
CA VAL C 126 40.01 -18.67 1.56
C VAL C 126 38.61 -19.20 1.23
N TRP C 127 38.35 -19.57 -0.01
CA TRP C 127 37.02 -20.07 -0.35
C TRP C 127 36.59 -21.26 0.50
N ALA C 128 37.55 -21.98 1.05
CA ALA C 128 37.25 -23.15 1.90
C ALA C 128 36.73 -22.69 3.26
N LEU C 129 36.90 -21.41 3.57
CA LEU C 129 36.43 -20.87 4.83
C LEU C 129 35.13 -20.09 4.62
N LEU C 130 34.69 -20.03 3.37
CA LEU C 130 33.47 -19.33 2.99
C LEU C 130 32.38 -20.27 2.50
N GLY C 131 32.51 -21.56 2.84
CA GLY C 131 31.51 -22.54 2.44
C GLY C 131 31.95 -23.61 1.46
N GLY C 132 33.03 -23.34 0.71
CA GLY C 132 33.48 -24.31 -0.27
C GLY C 132 33.42 -23.66 -1.64
N LYS C 133 33.70 -24.42 -2.70
CA LYS C 133 33.68 -23.83 -4.03
C LYS C 133 32.57 -24.38 -4.92
N CYS C 134 32.06 -23.52 -5.80
CA CYS C 134 31.01 -23.93 -6.72
C CYS C 134 31.47 -23.71 -8.15
N ARG C 135 32.62 -23.06 -8.31
CA ARG C 135 33.18 -22.79 -9.62
C ARG C 135 34.70 -22.70 -9.53
N ASP C 136 35.38 -23.03 -10.62
CA ASP C 136 36.85 -22.99 -10.65
C ASP C 136 37.35 -21.77 -11.41
N THR C 137 36.48 -21.15 -12.18
CA THR C 137 36.84 -19.96 -12.95
C THR C 137 35.68 -18.98 -12.97
N ILE C 138 35.99 -17.71 -13.23
CA ILE C 138 34.97 -16.68 -13.30
C ILE C 138 35.16 -15.86 -14.56
N PRO C 139 34.11 -15.71 -15.38
CA PRO C 139 34.21 -14.93 -16.61
C PRO C 139 34.64 -13.50 -16.25
N LEU C 140 35.64 -12.97 -16.96
CA LEU C 140 36.13 -11.63 -16.70
C LEU C 140 35.60 -10.57 -17.66
N SER C 141 35.36 -9.39 -17.11
CA SER C 141 34.89 -8.25 -17.88
C SER C 141 35.93 -7.14 -17.72
N CYS C 142 36.12 -6.37 -18.79
CA CYS C 142 37.06 -5.27 -18.73
C CYS C 142 36.29 -4.00 -19.08
N SER C 143 36.56 -2.93 -18.34
CA SER C 143 35.86 -1.67 -18.57
C SER C 143 36.49 -0.85 -19.70
N ILE C 144 35.62 -0.18 -20.46
CA ILE C 144 36.04 0.68 -21.55
C ILE C 144 35.64 2.08 -21.10
N ALA C 145 36.59 2.80 -20.53
CA ALA C 145 36.32 4.14 -19.99
C ALA C 145 37.32 5.23 -20.36
N ASN C 146 38.01 5.08 -21.49
CA ASN C 146 38.99 6.09 -21.87
C ASN C 146 38.36 7.23 -22.65
N PRO C 147 38.63 8.49 -22.25
CA PRO C 147 38.06 9.63 -22.96
C PRO C 147 38.56 9.63 -24.41
N ASP C 148 39.66 8.92 -24.64
CA ASP C 148 40.22 8.77 -25.98
C ASP C 148 39.85 7.37 -26.41
N PHE C 149 38.78 7.26 -27.19
CA PHE C 149 38.29 5.97 -27.64
C PHE C 149 39.28 5.15 -28.45
N ASP C 150 40.10 5.82 -29.27
CA ASP C 150 41.08 5.10 -30.07
C ASP C 150 41.98 4.26 -29.17
N ALA C 151 42.32 4.81 -28.01
CA ALA C 151 43.15 4.09 -27.05
C ALA C 151 42.43 2.82 -26.58
N ASP C 152 41.10 2.90 -26.47
CA ASP C 152 40.31 1.75 -26.04
C ASP C 152 40.11 0.75 -27.18
N ILE C 153 39.99 1.26 -28.41
CA ILE C 153 39.81 0.38 -29.56
C ILE C 153 41.01 -0.54 -29.60
N ALA C 154 42.18 0.01 -29.27
CA ALA C 154 43.41 -0.77 -29.24
C ALA C 154 43.31 -1.77 -28.11
N LEU C 155 42.74 -1.32 -26.99
CA LEU C 155 42.57 -2.18 -25.83
C LEU C 155 41.63 -3.34 -26.18
N MET C 156 40.54 -3.03 -26.86
CA MET C 156 39.57 -4.04 -27.24
C MET C 156 40.20 -5.05 -28.20
N GLU C 157 41.11 -4.59 -29.05
CA GLU C 157 41.79 -5.47 -29.99
C GLU C 157 42.56 -6.51 -29.18
N ARG C 158 43.26 -6.05 -28.15
CA ARG C 158 44.04 -6.92 -27.28
C ARG C 158 43.13 -7.83 -26.46
N LEU C 159 42.04 -7.29 -25.93
CA LEU C 159 41.10 -8.07 -25.13
C LEU C 159 40.59 -9.25 -25.97
N ARG C 160 40.14 -8.95 -27.19
CA ARG C 160 39.64 -9.97 -28.08
C ARG C 160 40.71 -11.05 -28.31
N ALA C 161 41.96 -10.61 -28.41
CA ALA C 161 43.06 -11.53 -28.63
C ALA C 161 43.30 -12.40 -27.41
N ASP C 162 43.10 -11.82 -26.22
CA ASP C 162 43.31 -12.55 -24.98
C ASP C 162 42.17 -13.49 -24.61
N GLY C 163 41.06 -13.39 -25.34
CA GLY C 163 39.94 -14.26 -25.06
C GLY C 163 38.90 -13.67 -24.11
N VAL C 164 39.07 -12.40 -23.74
CA VAL C 164 38.11 -11.75 -22.85
C VAL C 164 36.80 -11.62 -23.64
N GLY C 165 35.71 -12.12 -23.06
CA GLY C 165 34.43 -12.06 -23.76
C GLY C 165 33.42 -11.06 -23.21
N LEU C 166 33.81 -10.34 -22.15
CA LEU C 166 32.92 -9.35 -21.55
C LEU C 166 33.56 -7.99 -21.38
N ILE C 167 32.80 -6.94 -21.70
CA ILE C 167 33.28 -5.58 -21.55
C ILE C 167 32.15 -4.73 -20.97
N LYS C 168 32.51 -3.64 -20.29
CA LYS C 168 31.52 -2.76 -19.71
C LYS C 168 31.87 -1.34 -20.12
N LEU C 169 30.97 -0.71 -20.88
CA LEU C 169 31.19 0.65 -21.34
C LEU C 169 30.86 1.67 -20.25
N LYS C 170 31.84 2.49 -19.86
CA LYS C 170 31.60 3.51 -18.86
C LYS C 170 30.94 4.64 -19.63
N THR C 171 29.70 4.94 -19.28
CA THR C 171 28.94 5.98 -19.96
C THR C 171 28.61 7.15 -19.03
N GLY C 172 28.15 8.24 -19.63
CA GLY C 172 27.77 9.41 -18.87
C GLY C 172 28.84 10.39 -18.45
N PHE C 173 30.12 10.06 -18.65
CA PHE C 173 31.18 11.00 -18.24
C PHE C 173 31.42 12.09 -19.29
N ARG C 174 30.83 11.89 -20.47
CA ARG C 174 30.91 12.86 -21.55
C ARG C 174 29.48 13.03 -22.06
N ASP C 175 29.32 13.65 -23.22
CA ASP C 175 27.99 13.86 -23.76
C ASP C 175 27.38 12.53 -24.18
N HIS C 176 26.07 12.54 -24.40
CA HIS C 176 25.34 11.34 -24.80
C HIS C 176 25.85 10.78 -26.13
N ALA C 177 26.16 11.67 -27.07
CA ALA C 177 26.64 11.26 -28.39
C ALA C 177 27.88 10.38 -28.28
N PHE C 178 28.74 10.69 -27.31
CA PHE C 178 29.97 9.93 -27.11
C PHE C 178 29.63 8.49 -26.75
N ASP C 179 28.62 8.31 -25.90
CA ASP C 179 28.22 6.98 -25.47
C ASP C 179 27.68 6.19 -26.66
N ILE C 180 26.84 6.84 -27.46
CA ILE C 180 26.24 6.20 -28.63
C ILE C 180 27.31 5.87 -29.68
N MET C 181 28.25 6.79 -29.88
CA MET C 181 29.32 6.58 -30.85
C MET C 181 30.03 5.27 -30.57
N ARG C 182 30.51 5.12 -29.34
CA ARG C 182 31.22 3.91 -28.92
C ARG C 182 30.37 2.65 -28.99
N LEU C 183 29.09 2.76 -28.65
CA LEU C 183 28.20 1.60 -28.69
C LEU C 183 28.02 1.10 -30.11
N GLU C 184 27.94 2.03 -31.05
CA GLU C 184 27.77 1.68 -32.46
C GLU C 184 29.02 1.02 -33.01
N LEU C 185 30.17 1.59 -32.71
CA LEU C 185 31.44 1.04 -33.19
C LEU C 185 31.70 -0.34 -32.61
N ILE C 186 31.39 -0.53 -31.34
CA ILE C 186 31.60 -1.82 -30.69
C ILE C 186 30.74 -2.90 -31.36
N ALA C 187 29.50 -2.56 -31.64
CA ALA C 187 28.59 -3.51 -32.28
C ALA C 187 29.11 -3.86 -33.68
N ARG C 188 29.75 -2.89 -34.33
CA ARG C 188 30.27 -3.10 -35.68
C ARG C 188 31.62 -3.81 -35.77
N ASP C 189 32.62 -3.33 -35.03
CA ASP C 189 33.95 -3.91 -35.07
C ASP C 189 34.28 -4.98 -34.02
N PHE C 190 33.57 -4.97 -32.90
CA PHE C 190 33.84 -5.94 -31.84
C PHE C 190 32.58 -6.66 -31.39
N PRO C 191 31.85 -7.30 -32.32
CA PRO C 191 30.63 -8.03 -31.98
C PRO C 191 30.82 -9.26 -31.12
N GLU C 192 32.07 -9.71 -30.96
CA GLU C 192 32.36 -10.90 -30.16
C GLU C 192 32.07 -10.69 -28.68
N PHE C 193 32.17 -9.44 -28.23
CA PHE C 193 31.94 -9.10 -26.83
C PHE C 193 30.47 -8.99 -26.43
N ARG C 194 30.20 -9.33 -25.17
CA ARG C 194 28.86 -9.17 -24.61
C ARG C 194 29.11 -7.81 -23.95
N VAL C 195 28.21 -6.87 -24.16
CA VAL C 195 28.40 -5.53 -23.61
C VAL C 195 27.52 -5.17 -22.43
N ARG C 196 28.14 -4.57 -21.42
CA ARG C 196 27.46 -4.10 -20.22
C ARG C 196 27.69 -2.58 -20.21
N VAL C 197 26.86 -1.84 -19.48
CA VAL C 197 26.98 -0.39 -19.40
C VAL C 197 26.94 0.07 -17.94
N ASP C 198 27.76 1.06 -17.61
CA ASP C 198 27.80 1.59 -16.25
C ASP C 198 27.95 3.11 -16.28
N TYR C 199 26.95 3.81 -15.75
CA TYR C 199 26.94 5.27 -15.69
C TYR C 199 27.62 5.84 -14.45
N ASN C 200 27.93 4.97 -13.49
CA ASN C 200 28.57 5.36 -12.25
C ASN C 200 27.92 6.61 -11.62
N GLN C 201 26.59 6.58 -11.51
CA GLN C 201 25.81 7.69 -10.94
C GLN C 201 26.00 8.98 -11.69
N GLY C 202 26.56 8.92 -12.90
CA GLY C 202 26.86 10.12 -13.64
C GLY C 202 25.78 10.99 -14.27
N LEU C 203 24.53 10.55 -14.24
CA LEU C 203 23.48 11.34 -14.85
C LEU C 203 22.71 12.22 -13.88
N GLU C 204 22.28 13.38 -14.35
CA GLU C 204 21.50 14.29 -13.53
C GLU C 204 20.04 13.93 -13.76
N ILE C 205 19.17 14.41 -12.88
CA ILE C 205 17.75 14.13 -12.97
C ILE C 205 17.10 14.47 -14.31
N ASP C 206 17.37 15.67 -14.83
CA ASP C 206 16.75 16.06 -16.08
C ASP C 206 17.25 15.39 -17.35
N GLU C 207 18.18 14.44 -17.23
CA GLU C 207 18.69 13.77 -18.43
C GLU C 207 18.67 12.24 -18.33
N ALA C 208 18.32 11.73 -17.15
CA ALA C 208 18.31 10.29 -16.92
C ALA C 208 17.43 9.45 -17.85
N VAL C 209 16.14 9.74 -17.93
CA VAL C 209 15.23 8.96 -18.77
C VAL C 209 15.63 8.90 -20.25
N PRO C 210 15.79 10.07 -20.90
CA PRO C 210 16.18 10.07 -22.32
C PRO C 210 17.48 9.36 -22.68
N ARG C 211 18.52 9.55 -21.86
CA ARG C 211 19.80 8.91 -22.14
C ARG C 211 19.74 7.41 -21.90
N VAL C 212 19.06 7.00 -20.84
CA VAL C 212 18.95 5.57 -20.52
C VAL C 212 18.10 4.83 -21.54
N LEU C 213 17.02 5.44 -22.01
CA LEU C 213 16.17 4.78 -22.99
C LEU C 213 16.89 4.62 -24.32
N ASP C 214 17.75 5.58 -24.65
CA ASP C 214 18.49 5.55 -25.90
C ASP C 214 19.52 4.42 -25.88
N VAL C 215 20.28 4.33 -24.80
CA VAL C 215 21.30 3.31 -24.65
C VAL C 215 20.66 1.91 -24.56
N ALA C 216 19.49 1.84 -23.95
CA ALA C 216 18.79 0.58 -23.81
C ALA C 216 18.50 -0.02 -25.18
N GLN C 217 18.33 0.83 -26.18
CA GLN C 217 18.06 0.41 -27.55
C GLN C 217 19.13 -0.55 -28.05
N PHE C 218 20.35 -0.43 -27.51
CA PHE C 218 21.48 -1.28 -27.90
C PHE C 218 21.48 -2.61 -27.17
N GLN C 219 20.48 -2.78 -26.32
CA GLN C 219 20.30 -4.02 -25.56
C GLN C 219 21.53 -4.56 -24.83
N PRO C 220 22.18 -3.74 -24.01
CA PRO C 220 23.35 -4.24 -23.29
C PRO C 220 22.82 -5.28 -22.29
N ASP C 221 23.68 -6.12 -21.74
CA ASP C 221 23.24 -7.14 -20.79
C ASP C 221 22.61 -6.48 -19.57
N PHE C 222 23.12 -5.30 -19.23
CA PHE C 222 22.57 -4.52 -18.13
C PHE C 222 23.13 -3.12 -18.10
N ILE C 223 22.38 -2.21 -17.49
CA ILE C 223 22.79 -0.82 -17.34
C ILE C 223 22.92 -0.60 -15.84
N GLU C 224 24.10 -0.17 -15.43
CA GLU C 224 24.40 0.03 -14.02
C GLU C 224 24.24 1.46 -13.53
N GLN C 225 23.62 1.58 -12.35
CA GLN C 225 23.43 2.84 -11.62
C GLN C 225 23.49 4.13 -12.43
N PRO C 226 22.41 4.50 -13.14
CA PRO C 226 22.41 5.74 -13.93
C PRO C 226 22.44 7.04 -13.12
N VAL C 227 21.84 7.02 -11.93
CA VAL C 227 21.76 8.21 -11.10
C VAL C 227 22.36 8.05 -9.70
N ARG C 228 22.45 9.15 -8.96
CA ARG C 228 23.01 9.13 -7.61
C ARG C 228 22.39 8.05 -6.73
N ALA C 229 23.22 7.49 -5.85
CA ALA C 229 22.84 6.42 -4.94
C ALA C 229 21.54 6.61 -4.15
N HIS C 230 21.32 7.82 -3.64
CA HIS C 230 20.12 8.06 -2.84
C HIS C 230 18.81 8.14 -3.63
N HIS C 231 18.90 8.13 -4.96
CA HIS C 231 17.71 8.22 -5.81
C HIS C 231 16.99 6.90 -5.98
N PHE C 232 16.53 6.32 -4.88
CA PHE C 232 15.80 5.06 -4.94
C PHE C 232 14.52 5.17 -5.76
N GLU C 233 13.80 6.28 -5.61
CA GLU C 233 12.55 6.46 -6.33
C GLU C 233 12.79 6.57 -7.83
N LEU C 234 13.74 7.42 -8.24
CA LEU C 234 14.03 7.57 -9.66
C LEU C 234 14.55 6.26 -10.25
N MET C 235 15.40 5.55 -9.51
CA MET C 235 15.93 4.28 -9.99
C MET C 235 14.76 3.31 -10.25
N ALA C 236 13.82 3.25 -9.31
CA ALA C 236 12.65 2.37 -9.48
C ALA C 236 11.89 2.74 -10.75
N ARG C 237 11.75 4.05 -11.02
CA ARG C 237 11.05 4.48 -12.22
C ARG C 237 11.83 4.06 -13.46
N LEU C 238 13.14 4.24 -13.41
CA LEU C 238 13.98 3.87 -14.54
C LEU C 238 13.85 2.37 -14.82
N ARG C 239 13.71 1.56 -13.77
CA ARG C 239 13.59 0.12 -13.96
C ARG C 239 12.37 -0.23 -14.79
N GLY C 240 11.27 0.50 -14.60
CA GLY C 240 10.07 0.20 -15.35
C GLY C 240 10.05 0.74 -16.77
N LEU C 241 11.12 1.44 -17.15
CA LEU C 241 11.22 2.04 -18.48
C LEU C 241 11.51 1.09 -19.65
N THR C 242 12.33 0.08 -19.41
CA THR C 242 12.70 -0.86 -20.47
C THR C 242 12.80 -2.25 -19.89
N ASP C 243 13.13 -3.23 -20.74
CA ASP C 243 13.27 -4.59 -20.26
C ASP C 243 14.75 -4.97 -20.15
N VAL C 244 15.62 -3.98 -20.31
CA VAL C 244 17.05 -4.19 -20.15
C VAL C 244 17.28 -4.14 -18.65
N PRO C 245 17.95 -5.15 -18.08
CA PRO C 245 18.20 -5.16 -16.64
C PRO C 245 18.89 -3.89 -16.10
N LEU C 246 18.37 -3.38 -14.99
CA LEU C 246 18.94 -2.20 -14.33
C LEU C 246 19.64 -2.70 -13.07
N LEU C 247 20.96 -2.47 -12.99
CA LEU C 247 21.72 -2.91 -11.82
C LEU C 247 22.00 -1.80 -10.82
N ALA C 248 21.83 -2.10 -9.54
CA ALA C 248 22.14 -1.11 -8.52
C ALA C 248 23.59 -1.32 -8.12
N ASP C 249 24.34 -0.23 -7.96
CA ASP C 249 25.72 -0.37 -7.51
C ASP C 249 25.85 0.49 -6.26
N GLU C 250 26.10 1.78 -6.47
CA GLU C 250 26.28 2.68 -5.33
C GLU C 250 25.07 2.72 -4.37
N SER C 251 23.87 2.45 -4.88
CA SER C 251 22.70 2.46 -4.02
C SER C 251 22.72 1.31 -3.00
N VAL C 252 23.57 0.31 -3.24
CA VAL C 252 23.61 -0.84 -2.34
C VAL C 252 24.99 -1.27 -1.85
N TYR C 253 25.25 -1.09 -0.56
CA TYR C 253 26.53 -1.48 0.03
C TYR C 253 26.44 -2.85 0.69
N GLY C 254 25.64 -2.94 1.73
CA GLY C 254 25.51 -4.20 2.45
C GLY C 254 24.11 -4.77 2.48
N PRO C 255 23.87 -5.80 3.30
CA PRO C 255 22.54 -6.40 3.37
C PRO C 255 21.42 -5.44 3.79
N GLU C 256 21.74 -4.45 4.62
CA GLU C 256 20.74 -3.48 5.04
C GLU C 256 20.24 -2.73 3.79
N ASP C 257 21.16 -2.24 2.98
CA ASP C 257 20.76 -1.54 1.76
C ASP C 257 20.03 -2.49 0.79
N MET C 258 20.45 -3.76 0.75
CA MET C 258 19.84 -4.72 -0.17
C MET C 258 18.37 -4.94 0.18
N VAL C 259 18.09 -5.02 1.48
CA VAL C 259 16.72 -5.22 1.95
C VAL C 259 15.86 -4.04 1.50
N ARG C 260 16.39 -2.82 1.65
CA ARG C 260 15.68 -1.61 1.28
C ARG C 260 15.52 -1.54 -0.24
N ALA C 261 16.59 -1.83 -0.97
CA ALA C 261 16.57 -1.80 -2.42
C ALA C 261 15.56 -2.78 -3.00
N ALA C 262 15.50 -3.97 -2.44
CA ALA C 262 14.57 -4.99 -2.92
C ALA C 262 13.13 -4.57 -2.61
N HIS C 263 12.90 -4.04 -1.41
CA HIS C 263 11.57 -3.60 -1.03
C HIS C 263 11.07 -2.48 -1.93
N GLU C 264 11.96 -1.53 -2.25
CA GLU C 264 11.56 -0.43 -3.10
C GLU C 264 11.58 -0.72 -4.59
N GLY C 265 12.04 -1.94 -4.94
CA GLY C 265 12.10 -2.36 -6.33
C GLY C 265 12.89 -1.42 -7.23
N ILE C 266 14.09 -1.04 -6.77
CA ILE C 266 14.92 -0.11 -7.54
C ILE C 266 15.78 -0.79 -8.60
N CYS C 267 15.82 -2.11 -8.63
CA CYS C 267 16.66 -2.80 -9.60
C CYS C 267 16.23 -4.21 -10.00
N ASP C 268 16.97 -4.78 -10.95
CA ASP C 268 16.74 -6.14 -11.43
C ASP C 268 17.89 -6.99 -10.94
N GLY C 269 18.92 -6.33 -10.41
CA GLY C 269 20.09 -7.02 -9.92
C GLY C 269 21.04 -6.07 -9.24
N VAL C 270 22.10 -6.58 -8.65
CA VAL C 270 23.06 -5.75 -7.93
C VAL C 270 24.51 -6.09 -8.19
N SER C 271 25.35 -5.05 -8.17
CA SER C 271 26.79 -5.23 -8.33
C SER C 271 27.33 -5.41 -6.91
N ILE C 272 27.89 -6.57 -6.63
CA ILE C 272 28.42 -6.83 -5.29
C ILE C 272 29.93 -6.61 -5.21
N LYS C 273 30.34 -5.80 -4.25
CA LYS C 273 31.76 -5.49 -4.05
C LYS C 273 32.12 -5.61 -2.58
N ILE C 274 33.20 -6.34 -2.27
CA ILE C 274 33.59 -6.48 -0.87
C ILE C 274 33.97 -5.12 -0.28
N MET C 275 34.42 -4.19 -1.12
CA MET C 275 34.82 -2.87 -0.63
C MET C 275 33.59 -2.09 -0.15
N LYS C 276 32.40 -2.48 -0.60
CA LYS C 276 31.17 -1.80 -0.17
C LYS C 276 30.55 -2.56 1.02
N SER C 277 30.57 -3.88 0.93
CA SER C 277 29.99 -4.72 1.95
C SER C 277 30.82 -4.77 3.24
N GLY C 278 32.09 -4.36 3.16
CA GLY C 278 32.94 -4.36 4.33
C GLY C 278 33.27 -5.74 4.85
N GLY C 279 33.32 -6.71 3.94
CA GLY C 279 33.63 -8.07 4.32
C GLY C 279 33.19 -9.04 3.23
N LEU C 280 33.77 -10.24 3.25
CA LEU C 280 33.42 -11.24 2.25
C LEU C 280 32.08 -11.91 2.57
N THR C 281 31.84 -12.17 3.85
CA THR C 281 30.59 -12.80 4.26
C THR C 281 29.42 -11.85 3.98
N ARG C 282 29.59 -10.57 4.30
CA ARG C 282 28.52 -9.62 4.07
C ARG C 282 28.21 -9.49 2.58
N ALA C 283 29.23 -9.65 1.74
CA ALA C 283 29.01 -9.58 0.29
C ALA C 283 28.15 -10.78 -0.09
N GLN C 284 28.43 -11.92 0.51
CA GLN C 284 27.67 -13.13 0.22
C GLN C 284 26.20 -12.93 0.63
N THR C 285 25.98 -12.31 1.79
CA THR C 285 24.62 -12.06 2.26
C THR C 285 23.86 -11.20 1.27
N VAL C 286 24.50 -10.16 0.75
CA VAL C 286 23.84 -9.31 -0.23
C VAL C 286 23.36 -10.17 -1.41
N ALA C 287 24.26 -10.99 -1.94
CA ALA C 287 23.94 -11.86 -3.06
C ALA C 287 22.76 -12.78 -2.76
N ARG C 288 22.79 -13.39 -1.58
CA ARG C 288 21.73 -14.30 -1.17
C ARG C 288 20.38 -13.60 -0.99
N ILE C 289 20.38 -12.40 -0.43
CA ILE C 289 19.14 -11.66 -0.25
C ILE C 289 18.62 -11.28 -1.65
N ALA C 290 19.52 -10.90 -2.55
CA ALA C 290 19.11 -10.55 -3.90
C ALA C 290 18.46 -11.76 -4.56
N ALA C 291 19.09 -12.91 -4.44
CA ALA C 291 18.57 -14.14 -5.04
C ALA C 291 17.16 -14.47 -4.50
N ALA C 292 16.97 -14.30 -3.19
CA ALA C 292 15.68 -14.59 -2.59
C ALA C 292 14.57 -13.70 -3.16
N HIS C 293 14.93 -12.52 -3.65
CA HIS C 293 13.96 -11.60 -4.23
C HIS C 293 13.89 -11.74 -5.75
N GLY C 294 14.60 -12.72 -6.31
CA GLY C 294 14.58 -12.91 -7.74
C GLY C 294 15.40 -11.87 -8.49
N LEU C 295 16.46 -11.39 -7.86
CA LEU C 295 17.35 -10.40 -8.46
C LEU C 295 18.72 -11.04 -8.75
N MET C 296 19.33 -10.67 -9.86
CA MET C 296 20.62 -11.25 -10.25
C MET C 296 21.80 -10.53 -9.56
N ALA C 297 22.98 -11.15 -9.59
CA ALA C 297 24.14 -10.56 -8.94
C ALA C 297 25.38 -10.58 -9.84
N TYR C 298 26.16 -9.51 -9.75
CA TYR C 298 27.37 -9.34 -10.55
C TYR C 298 28.59 -9.08 -9.66
N GLY C 299 29.75 -9.58 -10.08
CA GLY C 299 30.96 -9.38 -9.30
C GLY C 299 31.68 -8.09 -9.65
N GLY C 300 31.23 -6.99 -9.06
CA GLY C 300 31.85 -5.71 -9.35
C GLY C 300 33.14 -5.50 -8.58
N ASP C 301 33.81 -4.39 -8.84
CA ASP C 301 35.04 -4.10 -8.12
C ASP C 301 35.32 -2.62 -8.15
N MET C 302 36.27 -2.20 -7.32
CA MET C 302 36.66 -0.81 -7.25
C MET C 302 37.97 -0.73 -8.04
N PHE C 303 38.70 0.37 -7.94
CA PHE C 303 39.98 0.45 -8.65
C PHE C 303 40.98 -0.17 -7.68
N GLU C 304 40.98 -1.49 -7.70
CA GLU C 304 41.80 -2.31 -6.82
C GLU C 304 42.98 -3.00 -7.52
N ALA C 305 43.83 -3.60 -6.70
CA ALA C 305 44.99 -4.32 -7.18
C ALA C 305 44.72 -5.83 -7.09
N GLY C 306 45.76 -6.62 -7.31
CA GLY C 306 45.61 -8.07 -7.28
C GLY C 306 45.22 -8.67 -5.95
N LEU C 307 45.58 -8.00 -4.86
CA LEU C 307 45.25 -8.50 -3.53
C LEU C 307 43.75 -8.43 -3.33
N ALA C 308 43.13 -7.33 -3.78
CA ALA C 308 41.70 -7.18 -3.66
C ALA C 308 41.00 -8.13 -4.63
N HIS C 309 41.60 -8.30 -5.82
CA HIS C 309 41.05 -9.21 -6.82
C HIS C 309 40.93 -10.62 -6.27
N LEU C 310 41.96 -11.04 -5.54
CA LEU C 310 41.98 -12.38 -4.95
C LEU C 310 40.87 -12.57 -3.92
N ALA C 311 40.71 -11.60 -3.02
CA ALA C 311 39.66 -11.68 -2.00
C ALA C 311 38.32 -11.79 -2.70
N GLY C 312 38.10 -10.92 -3.69
CA GLY C 312 36.84 -10.94 -4.42
C GLY C 312 36.65 -12.24 -5.17
N THR C 313 37.76 -12.83 -5.62
CA THR C 313 37.70 -14.08 -6.36
C THR C 313 37.27 -15.23 -5.47
N HIS C 314 37.88 -15.34 -4.28
CA HIS C 314 37.50 -16.39 -3.36
C HIS C 314 36.03 -16.26 -2.96
N MET C 315 35.58 -15.04 -2.70
CA MET C 315 34.18 -14.79 -2.32
C MET C 315 33.24 -15.30 -3.41
N ILE C 316 33.50 -14.89 -4.65
CA ILE C 316 32.66 -15.30 -5.77
C ILE C 316 32.70 -16.82 -5.99
N ALA C 317 33.86 -17.41 -5.75
CA ALA C 317 34.03 -18.86 -5.93
C ALA C 317 33.12 -19.66 -5.00
N ALA C 318 32.76 -19.07 -3.86
CA ALA C 318 31.90 -19.75 -2.89
C ALA C 318 30.46 -19.21 -2.88
N THR C 319 30.10 -18.46 -3.91
CA THR C 319 28.77 -17.86 -3.98
C THR C 319 28.09 -18.08 -5.32
N PRO C 320 27.29 -19.16 -5.43
CA PRO C 320 26.56 -19.52 -6.65
C PRO C 320 25.66 -18.39 -7.17
N GLU C 321 25.13 -17.60 -6.24
CA GLU C 321 24.23 -16.50 -6.58
C GLU C 321 24.80 -15.46 -7.54
N ILE C 322 26.12 -15.27 -7.52
CA ILE C 322 26.75 -14.32 -8.41
C ILE C 322 27.04 -15.04 -9.75
N THR C 323 26.25 -14.72 -10.78
CA THR C 323 26.38 -15.40 -12.07
C THR C 323 26.70 -14.52 -13.27
N LEU C 324 26.78 -13.21 -13.06
CA LEU C 324 27.04 -12.33 -14.20
C LEU C 324 28.51 -12.05 -14.50
N GLY C 325 29.41 -12.79 -13.85
CA GLY C 325 30.83 -12.58 -14.06
C GLY C 325 31.43 -11.58 -13.10
N CYS C 326 32.70 -11.22 -13.31
CA CYS C 326 33.38 -10.26 -12.44
C CYS C 326 34.19 -9.27 -13.25
N GLU C 327 34.66 -8.20 -12.61
CA GLU C 327 35.44 -7.20 -13.32
C GLU C 327 36.81 -6.90 -12.68
N PHE C 328 37.51 -7.96 -12.29
CA PHE C 328 38.83 -7.82 -11.67
C PHE C 328 39.85 -7.73 -12.81
N TYR C 329 39.73 -6.69 -13.62
CA TYR C 329 40.60 -6.48 -14.79
C TYR C 329 41.78 -5.54 -14.59
N GLN C 330 41.73 -4.69 -13.57
CA GLN C 330 42.79 -3.70 -13.33
C GLN C 330 44.23 -4.24 -13.25
N ALA C 331 44.44 -5.27 -12.45
CA ALA C 331 45.77 -5.85 -12.29
C ALA C 331 46.37 -6.32 -13.62
N SER C 332 45.50 -6.63 -14.58
CA SER C 332 45.95 -7.12 -15.90
C SER C 332 45.99 -6.06 -17.00
N TYR C 333 45.04 -5.13 -16.98
CA TYR C 333 44.95 -4.13 -18.03
C TYR C 333 45.00 -2.66 -17.63
N PHE C 334 45.03 -2.36 -16.34
CA PHE C 334 45.04 -0.97 -15.91
C PHE C 334 46.31 -0.53 -15.17
N LEU C 335 46.70 -1.28 -14.16
CA LEU C 335 47.89 -0.95 -13.39
C LEU C 335 49.16 -1.23 -14.20
N ASN C 336 50.15 -0.34 -14.06
CA ASN C 336 51.41 -0.52 -14.76
C ASN C 336 52.11 -1.74 -14.16
N GLU C 337 51.93 -1.92 -12.86
CA GLU C 337 52.50 -3.04 -12.13
C GLU C 337 51.62 -3.39 -10.93
N ASP C 338 51.42 -4.68 -10.70
CA ASP C 338 50.61 -5.14 -9.57
C ASP C 338 51.50 -5.37 -8.35
N ILE C 339 50.89 -5.48 -7.18
CA ILE C 339 51.64 -5.64 -5.93
C ILE C 339 51.90 -7.08 -5.48
N LEU C 340 51.44 -8.06 -6.23
CA LEU C 340 51.63 -9.46 -5.87
C LEU C 340 52.98 -9.99 -6.35
N GLU C 341 53.49 -11.01 -5.65
CA GLU C 341 54.76 -11.63 -6.02
C GLU C 341 54.54 -12.47 -7.27
N THR C 342 53.36 -13.07 -7.38
CA THR C 342 52.99 -13.88 -8.53
C THR C 342 51.77 -13.21 -9.19
N PRO C 343 51.69 -13.25 -10.52
CA PRO C 343 50.60 -12.64 -11.28
C PRO C 343 49.18 -13.14 -10.98
N PHE C 344 48.22 -12.21 -10.99
CA PHE C 344 46.82 -12.57 -10.76
C PHE C 344 46.42 -13.38 -11.99
N ARG C 345 46.18 -14.67 -11.78
CA ARG C 345 45.85 -15.61 -12.86
C ARG C 345 44.54 -15.46 -13.63
N VAL C 346 44.68 -15.17 -14.92
CA VAL C 346 43.53 -15.04 -15.83
C VAL C 346 43.91 -15.81 -17.10
N GLU C 347 43.09 -16.78 -17.47
CA GLU C 347 43.35 -17.61 -18.65
C GLU C 347 42.17 -17.63 -19.62
N ALA C 348 42.44 -17.24 -20.86
CA ALA C 348 41.41 -17.21 -21.90
C ALA C 348 40.16 -16.44 -21.48
N GLY C 349 40.36 -15.31 -20.81
CA GLY C 349 39.23 -14.50 -20.38
C GLY C 349 38.55 -14.92 -19.10
N GLN C 350 39.08 -15.92 -18.42
CA GLN C 350 38.47 -16.40 -17.18
C GLN C 350 39.41 -16.31 -15.98
N VAL C 351 38.94 -15.67 -14.92
CA VAL C 351 39.74 -15.55 -13.71
C VAL C 351 39.86 -16.95 -13.13
N ILE C 352 41.07 -17.30 -12.69
CA ILE C 352 41.32 -18.63 -12.12
C ILE C 352 41.22 -18.62 -10.60
N VAL C 353 40.31 -19.41 -10.06
CA VAL C 353 40.14 -19.51 -8.62
C VAL C 353 41.31 -20.27 -8.01
N PRO C 354 42.10 -19.59 -7.16
CA PRO C 354 43.27 -20.18 -6.50
C PRO C 354 42.90 -21.35 -5.59
N ASP C 355 43.79 -22.33 -5.49
CA ASP C 355 43.53 -23.48 -4.65
C ASP C 355 44.57 -23.60 -3.54
N GLY C 356 45.55 -22.69 -3.55
CA GLY C 356 46.58 -22.72 -2.53
C GLY C 356 46.08 -22.19 -1.20
N PRO C 357 46.90 -22.23 -0.14
CA PRO C 357 46.51 -21.75 1.19
C PRO C 357 46.29 -20.24 1.18
N GLY C 358 45.43 -19.76 2.07
CA GLY C 358 45.15 -18.33 2.12
C GLY C 358 44.55 -17.82 0.83
N LEU C 359 44.91 -16.59 0.46
CA LEU C 359 44.40 -15.98 -0.77
C LEU C 359 44.99 -16.60 -2.02
N GLY C 360 46.08 -17.34 -1.88
CA GLY C 360 46.69 -17.98 -3.04
C GLY C 360 47.85 -17.23 -3.67
N ALA C 361 48.27 -16.16 -3.02
CA ALA C 361 49.38 -15.34 -3.48
C ALA C 361 49.68 -14.30 -2.41
N ARG C 362 50.94 -13.93 -2.28
CA ARG C 362 51.33 -12.95 -1.28
C ARG C 362 51.71 -11.62 -1.90
N ALA C 363 51.57 -10.56 -1.12
CA ALA C 363 51.92 -9.23 -1.59
C ALA C 363 53.44 -9.14 -1.51
N ASP C 364 54.05 -8.52 -2.52
CA ASP C 364 55.50 -8.38 -2.54
C ASP C 364 55.93 -7.25 -1.60
N PRO C 365 56.52 -7.59 -0.44
CA PRO C 365 56.97 -6.61 0.54
C PRO C 365 57.79 -5.48 -0.06
N GLU C 366 58.56 -5.78 -1.10
CA GLU C 366 59.38 -4.78 -1.75
C GLU C 366 58.55 -3.84 -2.60
N LYS C 367 57.49 -4.36 -3.23
CA LYS C 367 56.62 -3.53 -4.05
C LYS C 367 55.85 -2.56 -3.15
N LEU C 368 55.53 -3.01 -1.94
CA LEU C 368 54.80 -2.17 -0.99
C LEU C 368 55.66 -0.97 -0.60
N GLU C 369 56.89 -1.22 -0.16
CA GLU C 369 57.79 -0.15 0.24
C GLU C 369 58.05 0.80 -0.93
N HIS C 370 58.20 0.24 -2.12
CA HIS C 370 58.48 1.03 -3.32
C HIS C 370 57.37 1.99 -3.72
N TYR C 371 56.12 1.56 -3.59
CA TYR C 371 54.99 2.41 -3.96
C TYR C 371 54.33 3.13 -2.78
N ALA C 372 54.79 2.84 -1.57
CA ALA C 372 54.24 3.45 -0.37
C ALA C 372 54.42 4.95 -0.28
N VAL C 373 53.34 5.65 0.05
CA VAL C 373 53.40 7.10 0.22
C VAL C 373 53.35 7.35 1.73
N ARG C 374 53.01 6.30 2.46
CA ARG C 374 52.93 6.32 3.91
C ARG C 374 52.88 4.89 4.44
N ARG C 375 53.47 4.65 5.60
CA ARG C 375 53.46 3.31 6.20
C ARG C 375 53.51 3.38 7.71
N LEU D 6 -46.26 22.52 -1.26
CA LEU D 6 -45.75 21.12 -1.19
C LEU D 6 -46.07 20.48 0.15
N GLU D 7 -46.95 21.12 0.91
CA GLU D 7 -47.34 20.59 2.21
C GLU D 7 -48.42 19.53 1.95
N GLN D 8 -48.95 19.54 0.73
CA GLN D 8 -49.97 18.59 0.31
C GLN D 8 -49.52 17.18 0.63
N LYS D 9 -50.47 16.26 0.77
CA LYS D 9 -50.15 14.88 1.06
C LYS D 9 -50.41 14.01 -0.16
N ILE D 10 -49.67 12.92 -0.25
CA ILE D 10 -49.82 11.98 -1.35
C ILE D 10 -50.97 11.07 -0.97
N ILE D 11 -52.04 11.10 -1.77
CA ILE D 11 -53.23 10.31 -1.45
C ILE D 11 -53.46 9.02 -2.23
N ALA D 12 -52.64 8.76 -3.25
CA ALA D 12 -52.83 7.53 -4.02
C ALA D 12 -51.63 7.08 -4.84
N MET D 13 -51.46 5.77 -4.93
CA MET D 13 -50.39 5.15 -5.69
C MET D 13 -51.03 4.09 -6.58
N ASP D 14 -50.74 4.15 -7.87
CA ASP D 14 -51.28 3.17 -8.81
C ASP D 14 -50.13 2.61 -9.64
N LEU D 15 -50.17 1.30 -9.87
CA LEU D 15 -49.12 0.64 -10.64
C LEU D 15 -49.63 -0.08 -11.87
N TRP D 16 -48.74 -0.21 -12.87
CA TRP D 16 -49.05 -0.90 -14.10
C TRP D 16 -47.82 -1.67 -14.56
N HIS D 17 -47.92 -3.00 -14.60
CA HIS D 17 -46.82 -3.82 -15.09
C HIS D 17 -47.14 -3.95 -16.58
N LEU D 18 -46.37 -3.26 -17.41
CA LEU D 18 -46.61 -3.26 -18.85
C LEU D 18 -45.71 -4.17 -19.67
N ALA D 19 -46.23 -4.61 -20.81
CA ALA D 19 -45.50 -5.45 -21.75
C ALA D 19 -45.63 -4.73 -23.08
N LEU D 20 -44.57 -4.02 -23.46
CA LEU D 20 -44.56 -3.26 -24.71
C LEU D 20 -43.87 -4.02 -25.84
N PRO D 21 -44.53 -4.11 -27.00
CA PRO D 21 -43.96 -4.82 -28.14
C PRO D 21 -42.81 -4.04 -28.80
N VAL D 22 -41.88 -4.77 -29.40
CA VAL D 22 -40.72 -4.16 -30.06
C VAL D 22 -40.54 -4.73 -31.47
N CYS D 37 -40.83 -6.02 -24.19
CA CYS D 37 -40.20 -5.11 -23.24
C CYS D 37 -41.14 -4.80 -22.08
N GLU D 38 -40.77 -5.27 -20.89
CA GLU D 38 -41.60 -5.04 -19.71
C GLU D 38 -41.08 -3.94 -18.81
N ILE D 39 -42.00 -3.11 -18.35
CA ILE D 39 -41.66 -2.02 -17.44
C ILE D 39 -42.80 -1.90 -16.45
N VAL D 40 -42.57 -1.18 -15.36
CA VAL D 40 -43.61 -0.96 -14.37
C VAL D 40 -43.76 0.54 -14.27
N VAL D 41 -45.01 0.99 -14.42
CA VAL D 41 -45.29 2.41 -14.35
C VAL D 41 -46.00 2.74 -13.04
N LEU D 42 -45.61 3.88 -12.46
CA LEU D 42 -46.16 4.32 -11.20
C LEU D 42 -46.86 5.67 -11.34
N ARG D 43 -47.97 5.82 -10.64
CA ARG D 43 -48.69 7.07 -10.65
C ARG D 43 -48.98 7.49 -9.22
N LEU D 44 -48.64 8.73 -8.89
CA LEU D 44 -48.87 9.28 -7.57
C LEU D 44 -49.85 10.43 -7.73
N VAL D 45 -50.82 10.53 -6.82
CA VAL D 45 -51.80 11.60 -6.85
C VAL D 45 -51.75 12.41 -5.56
N ALA D 46 -51.68 13.73 -5.70
CA ALA D 46 -51.63 14.63 -4.54
C ALA D 46 -53.03 15.14 -4.21
N GLU D 47 -53.23 15.51 -2.94
CA GLU D 47 -54.52 16.02 -2.47
C GLU D 47 -55.08 17.07 -3.43
N GLY D 48 -54.22 17.93 -3.94
CA GLY D 48 -54.65 18.98 -4.85
C GLY D 48 -55.08 18.48 -6.22
N GLY D 49 -54.87 17.20 -6.49
CA GLY D 49 -55.25 16.64 -7.78
C GLY D 49 -54.10 16.41 -8.75
N ALA D 50 -52.99 17.11 -8.53
CA ALA D 50 -51.81 16.95 -9.39
C ALA D 50 -51.39 15.50 -9.44
N GLU D 51 -50.79 15.09 -10.55
CA GLU D 51 -50.36 13.70 -10.70
C GLU D 51 -48.90 13.59 -11.12
N GLY D 52 -48.20 12.60 -10.57
CA GLY D 52 -46.81 12.39 -10.91
C GLY D 52 -46.59 10.97 -11.39
N PHE D 53 -45.84 10.81 -12.48
CA PHE D 53 -45.56 9.49 -13.04
C PHE D 53 -44.09 9.08 -12.95
N GLY D 54 -43.85 7.79 -12.86
CA GLY D 54 -42.48 7.28 -12.79
C GLY D 54 -42.36 5.90 -13.42
N GLU D 55 -41.21 5.61 -14.01
CA GLU D 55 -41.01 4.31 -14.65
C GLU D 55 -39.88 3.50 -14.04
N ALA D 56 -40.11 2.20 -13.91
CA ALA D 56 -39.10 1.26 -13.43
C ALA D 56 -38.88 0.34 -14.62
N SER D 57 -37.64 0.19 -15.07
CA SER D 57 -37.36 -0.66 -16.23
C SER D 57 -36.35 -1.75 -15.87
N PRO D 58 -36.82 -2.81 -15.19
CA PRO D 58 -35.97 -3.93 -14.76
C PRO D 58 -35.41 -4.82 -15.87
N TRP D 59 -34.15 -5.21 -15.71
CA TRP D 59 -33.50 -6.12 -16.63
C TRP D 59 -33.21 -7.32 -15.74
N ALA D 60 -34.11 -8.30 -15.81
CA ALA D 60 -34.05 -9.52 -15.00
C ALA D 60 -32.70 -10.08 -14.59
N VAL D 61 -31.80 -10.27 -15.56
CA VAL D 61 -30.49 -10.84 -15.23
C VAL D 61 -29.51 -9.88 -14.57
N PHE D 62 -29.81 -8.58 -14.62
CA PHE D 62 -28.90 -7.60 -14.01
C PHE D 62 -29.46 -6.85 -12.80
N THR D 63 -30.42 -5.95 -13.02
CA THR D 63 -30.98 -5.16 -11.92
C THR D 63 -32.02 -5.90 -11.10
N GLY D 64 -32.82 -6.73 -11.77
CA GLY D 64 -33.86 -7.48 -11.07
C GLY D 64 -35.06 -7.66 -11.98
N THR D 65 -36.09 -8.32 -11.49
CA THR D 65 -37.29 -8.59 -12.29
C THR D 65 -38.40 -7.55 -12.15
N PRO D 66 -39.32 -7.50 -13.13
CA PRO D 66 -40.42 -6.54 -13.07
C PRO D 66 -41.31 -6.94 -11.89
N GLU D 67 -41.39 -8.24 -11.62
CA GLU D 67 -42.19 -8.73 -10.52
C GLU D 67 -41.64 -8.19 -9.19
N ALA D 68 -40.32 -8.22 -9.05
CA ALA D 68 -39.67 -7.74 -7.84
C ALA D 68 -39.95 -6.26 -7.61
N SER D 69 -39.79 -5.46 -8.65
CA SER D 69 -40.03 -4.03 -8.55
C SER D 69 -41.49 -3.69 -8.34
N TYR D 70 -42.38 -4.47 -8.94
CA TYR D 70 -43.82 -4.24 -8.80
C TYR D 70 -44.19 -4.41 -7.32
N ALA D 71 -43.74 -5.52 -6.74
CA ALA D 71 -44.02 -5.82 -5.34
C ALA D 71 -43.40 -4.77 -4.41
N ALA D 72 -42.16 -4.39 -4.71
CA ALA D 72 -41.45 -3.39 -3.92
C ALA D 72 -42.33 -2.16 -3.74
N LEU D 73 -42.86 -1.66 -4.85
CA LEU D 73 -43.73 -0.48 -4.83
C LEU D 73 -45.11 -0.76 -4.23
N ASP D 74 -45.78 -1.76 -4.77
CA ASP D 74 -47.13 -2.11 -4.32
C ASP D 74 -47.29 -2.44 -2.84
N ARG D 75 -46.37 -3.23 -2.30
CA ARG D 75 -46.46 -3.63 -0.91
C ARG D 75 -45.53 -2.95 0.09
N TYR D 76 -44.25 -2.85 -0.26
CA TYR D 76 -43.24 -2.30 0.64
C TYR D 76 -43.04 -0.79 0.69
N LEU D 77 -43.19 -0.12 -0.45
CA LEU D 77 -43.01 1.34 -0.46
C LEU D 77 -44.34 2.08 -0.32
N ARG D 78 -45.44 1.42 -0.66
CA ARG D 78 -46.75 2.04 -0.56
C ARG D 78 -46.99 2.68 0.82
N PRO D 79 -46.80 1.93 1.91
CA PRO D 79 -47.00 2.46 3.26
C PRO D 79 -46.14 3.67 3.62
N LEU D 80 -45.00 3.80 2.96
CA LEU D 80 -44.08 4.91 3.22
C LEU D 80 -44.40 6.18 2.45
N VAL D 81 -45.19 6.04 1.39
CA VAL D 81 -45.54 7.19 0.55
C VAL D 81 -46.92 7.77 0.82
N ILE D 82 -47.92 6.90 0.93
CA ILE D 82 -49.28 7.35 1.17
C ILE D 82 -49.38 8.09 2.50
N GLY D 83 -49.88 9.32 2.45
CA GLY D 83 -50.03 10.12 3.65
C GLY D 83 -48.92 11.14 3.84
N ARG D 84 -47.79 10.91 3.17
CA ARG D 84 -46.63 11.79 3.29
C ARG D 84 -46.82 13.08 2.50
N ARG D 85 -46.08 14.11 2.90
CA ARG D 85 -46.13 15.39 2.21
C ARG D 85 -45.25 15.29 0.98
N VAL D 86 -45.66 15.94 -0.10
CA VAL D 86 -44.90 15.91 -1.34
C VAL D 86 -43.50 16.50 -1.16
N GLY D 87 -43.41 17.53 -0.33
CA GLY D 87 -42.13 18.17 -0.06
C GLY D 87 -41.15 17.38 0.77
N ASP D 88 -41.58 16.22 1.29
CA ASP D 88 -40.69 15.41 2.11
C ASP D 88 -39.96 14.35 1.29
N ARG D 89 -39.82 14.60 -0.01
CA ARG D 89 -39.14 13.65 -0.91
C ARG D 89 -37.83 13.08 -0.38
N VAL D 90 -36.95 13.94 0.12
CA VAL D 90 -35.66 13.48 0.63
C VAL D 90 -35.83 12.41 1.69
N ALA D 91 -36.72 12.66 2.65
CA ALA D 91 -36.98 11.71 3.73
C ALA D 91 -37.58 10.43 3.15
N ILE D 92 -38.56 10.58 2.27
CA ILE D 92 -39.22 9.44 1.65
C ILE D 92 -38.20 8.54 0.95
N MET D 93 -37.35 9.14 0.09
CA MET D 93 -36.35 8.36 -0.63
C MET D 93 -35.30 7.76 0.30
N ASP D 94 -34.90 8.51 1.34
CA ASP D 94 -33.92 8.00 2.29
C ASP D 94 -34.50 6.72 2.92
N GLU D 95 -35.74 6.81 3.36
CA GLU D 95 -36.43 5.67 3.98
C GLU D 95 -36.69 4.53 2.99
N ALA D 96 -37.04 4.89 1.76
CA ALA D 96 -37.33 3.91 0.72
C ALA D 96 -36.15 3.00 0.42
N ALA D 97 -34.95 3.55 0.41
CA ALA D 97 -33.76 2.76 0.13
C ALA D 97 -33.64 1.62 1.14
N ARG D 98 -34.03 1.89 2.39
CA ARG D 98 -33.93 0.88 3.44
C ARG D 98 -35.15 -0.02 3.64
N ALA D 99 -36.30 0.40 3.12
CA ALA D 99 -37.53 -0.36 3.29
C ALA D 99 -37.63 -1.65 2.47
N VAL D 100 -36.82 -1.77 1.44
CA VAL D 100 -36.84 -2.96 0.60
C VAL D 100 -35.49 -3.11 -0.11
N ALA D 101 -34.98 -4.33 -0.13
CA ALA D 101 -33.68 -4.59 -0.76
C ALA D 101 -33.77 -4.51 -2.27
N HIS D 102 -32.68 -4.04 -2.88
CA HIS D 102 -32.57 -3.92 -4.33
C HIS D 102 -33.74 -3.16 -4.93
N CYS D 103 -34.22 -3.61 -6.09
CA CYS D 103 -35.33 -2.92 -6.75
C CYS D 103 -34.98 -1.45 -6.88
N THR D 104 -33.77 -1.17 -7.34
CA THR D 104 -33.35 0.21 -7.53
C THR D 104 -34.16 0.84 -8.67
N GLU D 105 -34.75 -0.01 -9.52
CA GLU D 105 -35.56 0.48 -10.62
C GLU D 105 -36.86 1.05 -10.05
N ALA D 106 -37.42 0.35 -9.06
CA ALA D 106 -38.64 0.79 -8.41
C ALA D 106 -38.37 2.07 -7.62
N LYS D 107 -37.17 2.16 -7.06
CA LYS D 107 -36.82 3.34 -6.28
C LYS D 107 -36.67 4.55 -7.21
N ALA D 108 -36.14 4.31 -8.39
CA ALA D 108 -35.97 5.37 -9.39
C ALA D 108 -37.34 5.84 -9.86
N ALA D 109 -38.25 4.88 -10.01
CA ALA D 109 -39.61 5.18 -10.45
C ALA D 109 -40.29 6.07 -9.42
N LEU D 110 -40.11 5.76 -8.14
CA LEU D 110 -40.73 6.56 -7.08
C LEU D 110 -40.15 7.97 -7.06
N ASP D 111 -38.83 8.07 -7.18
CA ASP D 111 -38.17 9.37 -7.17
C ASP D 111 -38.68 10.22 -8.34
N SER D 112 -38.83 9.58 -9.50
CA SER D 112 -39.31 10.25 -10.72
C SER D 112 -40.72 10.79 -10.53
N ALA D 113 -41.59 9.98 -9.95
CA ALA D 113 -42.98 10.36 -9.71
C ALA D 113 -43.07 11.50 -8.69
N LEU D 114 -42.25 11.43 -7.65
CA LEU D 114 -42.23 12.46 -6.62
C LEU D 114 -41.79 13.80 -7.21
N LEU D 115 -40.78 13.76 -8.07
CA LEU D 115 -40.27 14.96 -8.71
C LEU D 115 -41.28 15.48 -9.74
N ASP D 116 -41.87 14.57 -10.49
CA ASP D 116 -42.86 14.94 -11.50
C ASP D 116 -44.03 15.60 -10.77
N LEU D 117 -44.50 14.96 -9.71
CA LEU D 117 -45.59 15.50 -8.92
C LEU D 117 -45.26 16.89 -8.36
N ALA D 118 -44.06 17.05 -7.80
CA ALA D 118 -43.65 18.34 -7.25
C ALA D 118 -43.54 19.40 -8.34
N GLY D 119 -43.04 19.01 -9.50
CA GLY D 119 -42.89 19.95 -10.60
C GLY D 119 -44.23 20.42 -11.13
N ARG D 120 -45.24 19.55 -11.04
CA ARG D 120 -46.58 19.90 -11.50
C ARG D 120 -47.17 20.90 -10.52
N ILE D 121 -47.01 20.62 -9.24
CA ILE D 121 -47.53 21.48 -8.17
C ILE D 121 -46.97 22.90 -8.23
N SER D 122 -45.65 23.01 -8.39
CA SER D 122 -45.01 24.32 -8.42
C SER D 122 -44.82 24.87 -9.83
N ASN D 123 -45.36 24.15 -10.82
CA ASN D 123 -45.27 24.58 -12.21
C ASN D 123 -43.80 24.72 -12.64
N LEU D 124 -43.02 23.66 -12.41
CA LEU D 124 -41.60 23.68 -12.77
C LEU D 124 -41.15 22.37 -13.41
N PRO D 125 -40.17 22.45 -14.31
CA PRO D 125 -39.66 21.24 -14.96
C PRO D 125 -38.81 20.51 -13.91
N VAL D 126 -38.68 19.20 -14.03
CA VAL D 126 -37.91 18.45 -13.06
C VAL D 126 -36.46 18.93 -12.90
N TRP D 127 -35.83 19.33 -14.00
CA TRP D 127 -34.44 19.80 -13.90
C TRP D 127 -34.31 21.01 -12.98
N ALA D 128 -35.37 21.81 -12.88
CA ALA D 128 -35.34 22.99 -12.01
C ALA D 128 -35.36 22.56 -10.55
N LEU D 129 -35.66 21.28 -10.31
CA LEU D 129 -35.69 20.77 -8.95
C LEU D 129 -34.40 20.00 -8.64
N LEU D 130 -33.52 19.91 -9.63
CA LEU D 130 -32.25 19.21 -9.51
C LEU D 130 -31.03 20.13 -9.60
N GLY D 131 -31.25 21.43 -9.39
CA GLY D 131 -30.15 22.37 -9.44
C GLY D 131 -30.18 23.31 -10.62
N GLY D 132 -31.08 23.08 -11.56
CA GLY D 132 -31.14 23.95 -12.72
C GLY D 132 -30.64 23.24 -13.95
N LYS D 133 -30.45 23.99 -15.03
CA LYS D 133 -30.01 23.43 -16.29
C LYS D 133 -28.62 23.88 -16.74
N CYS D 134 -27.87 22.97 -17.36
CA CYS D 134 -26.55 23.31 -17.87
C CYS D 134 -26.47 23.04 -19.37
N ARG D 135 -27.52 22.44 -19.93
CA ARG D 135 -27.60 22.15 -21.35
C ARG D 135 -29.05 21.99 -21.79
N ASP D 136 -29.35 22.38 -23.03
CA ASP D 136 -30.71 22.30 -23.57
C ASP D 136 -30.94 21.02 -24.38
N THR D 137 -29.85 20.38 -24.79
CA THR D 137 -29.96 19.14 -25.55
C THR D 137 -28.84 18.17 -25.15
N ILE D 138 -29.04 16.90 -25.46
CA ILE D 138 -28.07 15.85 -25.13
C ILE D 138 -27.85 14.98 -26.38
N PRO D 139 -26.58 14.78 -26.79
CA PRO D 139 -26.30 13.95 -27.96
C PRO D 139 -26.83 12.54 -27.71
N LEU D 140 -27.55 11.99 -28.68
CA LEU D 140 -28.12 10.66 -28.55
C LEU D 140 -27.32 9.55 -29.21
N SER D 141 -27.29 8.39 -28.56
CA SER D 141 -26.60 7.22 -29.09
C SER D 141 -27.62 6.10 -29.22
N CYS D 142 -27.51 5.33 -30.30
CA CYS D 142 -28.41 4.21 -30.50
C CYS D 142 -27.56 2.94 -30.49
N SER D 143 -28.04 1.90 -29.80
CA SER D 143 -27.29 0.65 -29.73
C SER D 143 -27.49 -0.22 -30.98
N ILE D 144 -26.43 -0.90 -31.38
CA ILE D 144 -26.45 -1.81 -32.52
C ILE D 144 -26.25 -3.19 -31.91
N ALA D 145 -27.35 -3.93 -31.74
CA ALA D 145 -27.27 -5.24 -31.09
C ALA D 145 -28.09 -6.36 -31.74
N ASN D 146 -28.57 -6.15 -32.95
CA ASN D 146 -29.36 -7.18 -33.60
C ASN D 146 -28.49 -8.36 -34.06
N PRO D 147 -28.88 -9.60 -33.72
CA PRO D 147 -28.12 -10.78 -34.11
C PRO D 147 -28.05 -10.83 -35.64
N ASP D 148 -29.04 -10.21 -36.27
CA ASP D 148 -29.09 -10.13 -37.73
C ASP D 148 -28.56 -8.75 -38.10
N PHE D 149 -27.28 -8.70 -38.48
CA PHE D 149 -26.63 -7.45 -38.82
C PHE D 149 -27.26 -6.68 -39.99
N ASP D 150 -27.82 -7.39 -40.97
CA ASP D 150 -28.44 -6.70 -42.10
C ASP D 150 -29.54 -5.79 -41.58
N ALA D 151 -30.20 -6.22 -40.52
CA ALA D 151 -31.28 -5.44 -39.92
C ALA D 151 -30.73 -4.16 -39.29
N ASP D 152 -29.54 -4.25 -38.70
CA ASP D 152 -28.89 -3.09 -38.07
C ASP D 152 -28.32 -2.13 -39.12
N ILE D 153 -27.95 -2.67 -40.28
CA ILE D 153 -27.42 -1.84 -41.34
C ILE D 153 -28.54 -0.90 -41.79
N ALA D 154 -29.74 -1.46 -41.92
CA ALA D 154 -30.91 -0.68 -42.32
C ALA D 154 -31.20 0.34 -41.23
N LEU D 155 -30.98 -0.05 -39.98
CA LEU D 155 -31.20 0.83 -38.85
C LEU D 155 -30.23 1.99 -38.93
N MET D 156 -28.96 1.68 -39.21
CA MET D 156 -27.93 2.70 -39.29
C MET D 156 -28.17 3.69 -40.44
N GLU D 157 -28.71 3.20 -41.54
CA GLU D 157 -29.01 4.07 -42.69
C GLU D 157 -30.02 5.09 -42.21
N ARG D 158 -30.98 4.64 -41.42
CA ARG D 158 -32.03 5.48 -40.86
C ARG D 158 -31.44 6.42 -39.82
N LEU D 159 -30.59 5.88 -38.94
CA LEU D 159 -29.95 6.69 -37.90
C LEU D 159 -29.17 7.85 -38.52
N ARG D 160 -28.38 7.55 -39.53
CA ARG D 160 -27.59 8.57 -40.21
C ARG D 160 -28.50 9.59 -40.90
N ALA D 161 -29.63 9.13 -41.40
CA ALA D 161 -30.57 10.01 -42.07
C ALA D 161 -31.28 10.90 -41.05
N ASP D 162 -31.42 10.40 -39.83
CA ASP D 162 -32.07 11.15 -38.77
C ASP D 162 -31.13 12.10 -38.04
N GLY D 163 -29.84 12.04 -38.36
CA GLY D 163 -28.88 12.93 -37.73
C GLY D 163 -28.17 12.37 -36.50
N VAL D 164 -28.54 11.16 -36.09
CA VAL D 164 -27.89 10.54 -34.93
C VAL D 164 -26.41 10.36 -35.25
N GLY D 165 -25.54 10.90 -34.40
CA GLY D 165 -24.11 10.80 -34.63
C GLY D 165 -23.35 9.85 -33.73
N LEU D 166 -24.06 9.14 -32.86
CA LEU D 166 -23.42 8.20 -31.96
C LEU D 166 -24.13 6.85 -31.98
N ILE D 167 -23.36 5.79 -31.95
CA ILE D 167 -23.91 4.44 -31.90
C ILE D 167 -23.03 3.62 -30.96
N LYS D 168 -23.62 2.62 -30.31
CA LYS D 168 -22.86 1.77 -29.40
C LYS D 168 -23.09 0.33 -29.82
N LEU D 169 -22.01 -0.33 -30.21
CA LEU D 169 -22.06 -1.71 -30.64
C LEU D 169 -22.10 -2.68 -29.47
N LYS D 170 -23.15 -3.49 -29.41
CA LYS D 170 -23.26 -4.50 -28.37
C LYS D 170 -22.39 -5.66 -28.83
N THR D 171 -21.38 -5.98 -28.05
CA THR D 171 -20.44 -7.04 -28.39
C THR D 171 -20.45 -8.17 -27.37
N GLY D 172 -19.81 -9.27 -27.73
CA GLY D 172 -19.71 -10.41 -26.83
C GLY D 172 -20.85 -11.40 -26.77
N PHE D 173 -22.00 -11.10 -27.36
CA PHE D 173 -23.12 -12.04 -27.30
C PHE D 173 -22.99 -13.17 -28.32
N ARG D 174 -22.00 -13.04 -29.20
CA ARG D 174 -21.69 -14.04 -30.22
C ARG D 174 -20.17 -14.20 -30.20
N ASP D 175 -19.61 -14.85 -31.21
CA ASP D 175 -18.17 -15.04 -31.24
C ASP D 175 -17.45 -13.72 -31.52
N HIS D 176 -16.14 -13.72 -31.32
CA HIS D 176 -15.32 -12.53 -31.53
C HIS D 176 -15.35 -12.03 -32.98
N ALA D 177 -15.36 -12.97 -33.93
CA ALA D 177 -15.39 -12.62 -35.35
C ALA D 177 -16.59 -11.75 -35.69
N PHE D 178 -17.75 -12.07 -35.11
CA PHE D 178 -18.96 -11.30 -35.37
C PHE D 178 -18.80 -9.85 -34.92
N ASP D 179 -18.04 -9.63 -33.85
CA ASP D 179 -17.82 -8.27 -33.36
C ASP D 179 -16.89 -7.51 -34.31
N ILE D 180 -15.83 -8.18 -34.74
CA ILE D 180 -14.88 -7.57 -35.66
C ILE D 180 -15.55 -7.26 -37.01
N MET D 181 -16.36 -8.19 -37.49
CA MET D 181 -17.06 -8.03 -38.76
C MET D 181 -17.87 -6.73 -38.76
N ARG D 182 -18.65 -6.52 -37.71
CA ARG D 182 -19.47 -5.31 -37.62
C ARG D 182 -18.65 -4.04 -37.47
N LEU D 183 -17.59 -4.10 -36.66
CA LEU D 183 -16.74 -2.92 -36.47
C LEU D 183 -16.12 -2.47 -37.78
N GLU D 184 -15.65 -3.43 -38.58
CA GLU D 184 -15.01 -3.12 -39.86
C GLU D 184 -16.00 -2.54 -40.88
N LEU D 185 -17.21 -3.08 -40.92
CA LEU D 185 -18.22 -2.58 -41.85
C LEU D 185 -18.62 -1.17 -41.48
N ILE D 186 -18.80 -0.92 -40.19
CA ILE D 186 -19.18 0.40 -39.72
C ILE D 186 -18.11 1.42 -40.09
N ALA D 187 -16.85 1.03 -39.98
CA ALA D 187 -15.76 1.94 -40.31
C ALA D 187 -15.77 2.25 -41.81
N ARG D 188 -16.05 1.24 -42.61
CA ARG D 188 -16.09 1.35 -44.06
C ARG D 188 -17.35 2.01 -44.63
N ASP D 189 -18.52 1.61 -44.16
CA ASP D 189 -19.77 2.16 -44.68
C ASP D 189 -20.48 3.26 -43.86
N PHE D 190 -20.14 3.38 -42.58
CA PHE D 190 -20.79 4.39 -41.74
C PHE D 190 -19.77 5.20 -40.94
N PRO D 191 -18.76 5.76 -41.61
CA PRO D 191 -17.71 6.55 -40.94
C PRO D 191 -18.24 7.80 -40.24
N GLU D 192 -19.49 8.17 -40.51
CA GLU D 192 -20.07 9.36 -39.90
C GLU D 192 -20.26 9.23 -38.40
N PHE D 193 -20.58 8.02 -37.94
CA PHE D 193 -20.81 7.77 -36.52
C PHE D 193 -19.56 7.69 -35.67
N ARG D 194 -19.65 8.16 -34.43
CA ARG D 194 -18.55 8.01 -33.50
C ARG D 194 -19.00 6.67 -32.91
N VAL D 195 -18.07 5.76 -32.69
CA VAL D 195 -18.44 4.44 -32.18
C VAL D 195 -18.01 4.09 -30.76
N ARG D 196 -18.96 3.54 -30.00
CA ARG D 196 -18.72 3.08 -28.63
C ARG D 196 -18.98 1.58 -28.63
N VAL D 197 -18.47 0.88 -27.63
CA VAL D 197 -18.63 -0.57 -27.51
C VAL D 197 -19.14 -0.95 -26.12
N ASP D 198 -19.98 -1.97 -26.04
CA ASP D 198 -20.51 -2.42 -24.74
C ASP D 198 -20.65 -3.94 -24.72
N TYR D 199 -19.91 -4.59 -23.84
CA TYR D 199 -19.94 -6.05 -23.71
C TYR D 199 -21.01 -6.58 -22.77
N ASN D 200 -21.63 -5.69 -21.98
CA ASN D 200 -22.66 -6.08 -21.02
C ASN D 200 -22.25 -7.30 -20.18
N GLN D 201 -21.05 -7.25 -19.61
CA GLN D 201 -20.52 -8.33 -18.78
C GLN D 201 -20.43 -9.65 -19.54
N GLY D 202 -20.57 -9.59 -20.86
CA GLY D 202 -20.57 -10.82 -21.65
C GLY D 202 -19.34 -11.71 -21.80
N LEU D 203 -18.16 -11.22 -21.45
CA LEU D 203 -16.95 -12.03 -21.61
C LEU D 203 -16.57 -12.87 -20.40
N GLU D 204 -16.06 -14.07 -20.66
CA GLU D 204 -15.61 -14.96 -19.60
C GLU D 204 -14.18 -14.56 -19.29
N ILE D 205 -13.69 -14.98 -18.14
CA ILE D 205 -12.33 -14.64 -17.71
C ILE D 205 -11.26 -15.04 -18.72
N ASP D 206 -11.36 -16.25 -19.25
CA ASP D 206 -10.34 -16.73 -20.18
C ASP D 206 -10.34 -16.12 -21.57
N GLU D 207 -11.26 -15.20 -21.85
CA GLU D 207 -11.31 -14.59 -23.17
C GLU D 207 -11.33 -13.07 -23.10
N ALA D 208 -11.41 -12.53 -21.90
CA ALA D 208 -11.49 -11.08 -21.70
C ALA D 208 -10.36 -10.27 -22.32
N VAL D 209 -9.11 -10.59 -21.97
CA VAL D 209 -7.97 -9.85 -22.49
C VAL D 209 -7.82 -9.87 -24.01
N PRO D 210 -7.81 -11.06 -24.64
CA PRO D 210 -7.67 -11.11 -26.10
C PRO D 210 -8.73 -10.36 -26.92
N ARG D 211 -10.00 -10.49 -26.53
CA ARG D 211 -11.06 -9.82 -27.27
C ARG D 211 -11.02 -8.31 -27.06
N VAL D 212 -10.83 -7.87 -25.81
CA VAL D 212 -10.78 -6.44 -25.52
C VAL D 212 -9.63 -5.76 -26.28
N LEU D 213 -8.46 -6.39 -26.27
CA LEU D 213 -7.29 -5.84 -26.98
C LEU D 213 -7.57 -5.67 -28.46
N ASP D 214 -8.20 -6.69 -29.04
CA ASP D 214 -8.52 -6.69 -30.46
C ASP D 214 -9.50 -5.57 -30.82
N VAL D 215 -10.57 -5.45 -30.04
CA VAL D 215 -11.57 -4.42 -30.27
C VAL D 215 -10.99 -3.03 -30.02
N ALA D 216 -10.07 -2.94 -29.06
CA ALA D 216 -9.43 -1.66 -28.72
C ALA D 216 -8.70 -1.09 -29.94
N GLN D 217 -8.27 -1.96 -30.83
CA GLN D 217 -7.55 -1.55 -32.04
C GLN D 217 -8.37 -0.61 -32.90
N PHE D 218 -9.70 -0.74 -32.84
CA PHE D 218 -10.60 0.10 -33.61
C PHE D 218 -10.81 1.46 -32.97
N GLN D 219 -10.20 1.64 -31.79
CA GLN D 219 -10.29 2.89 -31.04
C GLN D 219 -11.69 3.46 -30.81
N PRO D 220 -12.60 2.65 -30.24
CA PRO D 220 -13.94 3.17 -29.98
C PRO D 220 -13.79 4.29 -28.92
N ASP D 221 -14.81 5.12 -28.75
CA ASP D 221 -14.77 6.21 -27.77
C ASP D 221 -14.59 5.61 -26.38
N PHE D 222 -15.17 4.45 -26.16
CA PHE D 222 -15.02 3.72 -24.91
C PHE D 222 -15.53 2.30 -25.07
N ILE D 223 -15.04 1.42 -24.19
CA ILE D 223 -15.43 0.02 -24.16
C ILE D 223 -16.07 -0.18 -22.79
N GLU D 224 -17.33 -0.59 -22.80
CA GLU D 224 -18.10 -0.75 -21.58
C GLU D 224 -18.11 -2.17 -21.01
N GLN D 225 -17.95 -2.25 -19.69
CA GLN D 225 -18.00 -3.47 -18.90
C GLN D 225 -17.81 -4.83 -19.61
N PRO D 226 -16.56 -5.21 -19.91
CA PRO D 226 -16.31 -6.49 -20.58
C PRO D 226 -16.57 -7.76 -19.75
N VAL D 227 -16.37 -7.67 -18.44
CA VAL D 227 -16.56 -8.84 -17.57
C VAL D 227 -17.63 -8.64 -16.48
N ARG D 228 -17.95 -9.71 -15.76
CA ARG D 228 -18.98 -9.65 -14.72
C ARG D 228 -18.73 -8.54 -13.71
N ALA D 229 -19.82 -7.93 -13.26
CA ALA D 229 -19.79 -6.82 -12.32
C ALA D 229 -18.87 -6.96 -11.11
N HIS D 230 -18.79 -8.15 -10.54
CA HIS D 230 -17.96 -8.33 -9.34
C HIS D 230 -16.46 -8.44 -9.60
N HIS D 231 -16.06 -8.53 -10.87
CA HIS D 231 -14.65 -8.65 -11.23
C HIS D 231 -13.91 -7.31 -11.22
N PHE D 232 -13.82 -6.69 -10.05
CA PHE D 232 -13.14 -5.42 -9.90
C PHE D 232 -11.65 -5.52 -10.22
N GLU D 233 -11.02 -6.60 -9.77
CA GLU D 233 -9.60 -6.80 -9.99
C GLU D 233 -9.30 -6.97 -11.48
N LEU D 234 -10.09 -7.80 -12.16
CA LEU D 234 -9.89 -8.02 -13.57
C LEU D 234 -10.19 -6.74 -14.36
N MET D 235 -11.20 -5.98 -13.93
CA MET D 235 -11.54 -4.74 -14.63
C MET D 235 -10.33 -3.78 -14.50
N ALA D 236 -9.73 -3.73 -13.31
CA ALA D 236 -8.57 -2.88 -13.08
C ALA D 236 -7.43 -3.29 -14.01
N ARG D 237 -7.24 -4.60 -14.19
CA ARG D 237 -6.18 -5.07 -15.08
C ARG D 237 -6.50 -4.72 -16.54
N LEU D 238 -7.76 -4.87 -16.93
CA LEU D 238 -8.17 -4.55 -18.29
C LEU D 238 -7.96 -3.08 -18.58
N ARG D 239 -8.19 -2.24 -17.58
CA ARG D 239 -8.03 -0.80 -17.76
C ARG D 239 -6.57 -0.46 -18.12
N GLY D 240 -5.63 -1.21 -17.57
CA GLY D 240 -4.23 -0.93 -17.84
C GLY D 240 -3.67 -1.46 -19.15
N LEU D 241 -4.48 -2.17 -19.93
CA LEU D 241 -3.99 -2.75 -21.18
C LEU D 241 -4.00 -1.86 -22.43
N THR D 242 -4.84 -0.84 -22.46
CA THR D 242 -4.90 0.05 -23.64
C THR D 242 -5.20 1.46 -23.19
N ASP D 243 -5.20 2.41 -24.13
CA ASP D 243 -5.51 3.78 -23.76
C ASP D 243 -6.94 4.13 -24.16
N VAL D 244 -7.67 3.12 -24.61
CA VAL D 244 -9.07 3.29 -24.97
C VAL D 244 -9.79 3.30 -23.61
N PRO D 245 -10.65 4.30 -23.37
CA PRO D 245 -11.37 4.39 -22.09
C PRO D 245 -12.21 3.15 -21.76
N LEU D 246 -12.10 2.69 -20.53
CA LEU D 246 -12.87 1.52 -20.07
C LEU D 246 -13.95 2.04 -19.12
N LEU D 247 -15.22 1.82 -19.47
CA LEU D 247 -16.30 2.28 -18.61
C LEU D 247 -16.92 1.16 -17.79
N ALA D 248 -17.22 1.47 -16.54
CA ALA D 248 -17.87 0.50 -15.68
C ALA D 248 -19.37 0.74 -15.81
N ASP D 249 -20.15 -0.32 -15.89
CA ASP D 249 -21.59 -0.17 -15.95
C ASP D 249 -22.15 -0.98 -14.78
N GLU D 250 -22.36 -2.27 -15.02
CA GLU D 250 -22.91 -3.13 -13.99
C GLU D 250 -22.08 -3.19 -12.69
N SER D 251 -20.81 -2.79 -12.75
CA SER D 251 -19.97 -2.79 -11.55
C SER D 251 -20.36 -1.64 -10.60
N VAL D 252 -20.99 -0.60 -11.14
CA VAL D 252 -21.37 0.56 -10.35
C VAL D 252 -22.84 1.00 -10.41
N TYR D 253 -23.55 0.79 -9.31
CA TYR D 253 -24.95 1.19 -9.21
C TYR D 253 -25.09 2.60 -8.62
N GLY D 254 -24.59 2.77 -7.39
CA GLY D 254 -24.72 4.06 -6.72
C GLY D 254 -23.42 4.63 -6.17
N PRO D 255 -23.51 5.68 -5.35
CA PRO D 255 -22.36 6.35 -4.73
C PRO D 255 -21.41 5.40 -4.01
N GLU D 256 -21.97 4.45 -3.28
CA GLU D 256 -21.17 3.49 -2.54
C GLU D 256 -20.30 2.68 -3.50
N ASP D 257 -20.88 2.16 -4.58
CA ASP D 257 -20.10 1.41 -5.57
C ASP D 257 -19.06 2.30 -6.24
N MET D 258 -19.43 3.54 -6.50
CA MET D 258 -18.51 4.47 -7.19
C MET D 258 -17.28 4.73 -6.33
N VAL D 259 -17.47 4.91 -5.04
CA VAL D 259 -16.34 5.14 -4.14
C VAL D 259 -15.40 3.94 -4.23
N ARG D 260 -15.97 2.73 -4.19
CA ARG D 260 -15.16 1.51 -4.27
C ARG D 260 -14.47 1.37 -5.62
N ALA D 261 -15.22 1.61 -6.69
CA ALA D 261 -14.69 1.51 -8.06
C ALA D 261 -13.53 2.47 -8.26
N ALA D 262 -13.66 3.70 -7.76
CA ALA D 262 -12.61 4.71 -7.89
C ALA D 262 -11.36 4.30 -7.11
N HIS D 263 -11.56 3.82 -5.88
CA HIS D 263 -10.45 3.38 -5.04
C HIS D 263 -9.66 2.24 -5.67
N GLU D 264 -10.36 1.31 -6.30
CA GLU D 264 -9.70 0.16 -6.92
C GLU D 264 -9.23 0.42 -8.36
N GLY D 265 -9.56 1.60 -8.87
CA GLY D 265 -9.16 1.96 -10.22
C GLY D 265 -9.61 0.99 -11.30
N ILE D 266 -10.88 0.63 -11.28
CA ILE D 266 -11.41 -0.32 -12.23
C ILE D 266 -11.87 0.31 -13.56
N CYS D 267 -11.87 1.63 -13.64
CA CYS D 267 -12.37 2.29 -14.85
C CYS D 267 -11.83 3.69 -15.10
N ASP D 268 -12.15 4.22 -16.29
CA ASP D 268 -11.77 5.58 -16.68
C ASP D 268 -13.01 6.43 -16.66
N GLY D 269 -14.17 5.77 -16.52
CA GLY D 269 -15.42 6.48 -16.48
C GLY D 269 -16.55 5.54 -16.13
N VAL D 270 -17.74 6.08 -15.94
CA VAL D 270 -18.88 5.26 -15.55
C VAL D 270 -20.16 5.52 -16.34
N SER D 271 -20.93 4.46 -16.54
CA SER D 271 -22.22 4.56 -17.20
C SER D 271 -23.20 4.80 -16.07
N ILE D 272 -23.82 5.97 -16.07
CA ILE D 272 -24.77 6.30 -15.01
C ILE D 272 -26.23 6.10 -15.44
N LYS D 273 -26.98 5.35 -14.64
CA LYS D 273 -28.39 5.06 -14.94
C LYS D 273 -29.24 5.22 -13.68
N ILE D 274 -30.35 5.94 -13.79
CA ILE D 274 -31.19 6.11 -12.61
C ILE D 274 -31.75 4.77 -12.13
N MET D 275 -31.91 3.81 -13.04
CA MET D 275 -32.46 2.50 -12.63
C MET D 275 -31.49 1.73 -11.73
N LYS D 276 -30.22 2.12 -11.76
CA LYS D 276 -29.20 1.48 -10.91
C LYS D 276 -29.02 2.29 -9.64
N SER D 277 -28.96 3.61 -9.80
CA SER D 277 -28.78 4.52 -8.67
C SER D 277 -30.00 4.61 -7.77
N GLY D 278 -31.15 4.18 -8.28
CA GLY D 278 -32.37 4.23 -7.51
C GLY D 278 -32.87 5.64 -7.23
N GLY D 279 -32.58 6.57 -8.12
CA GLY D 279 -33.01 7.94 -7.93
C GLY D 279 -32.17 8.90 -8.75
N LEU D 280 -32.71 10.08 -9.03
CA LEU D 280 -32.00 11.06 -9.83
C LEU D 280 -30.86 11.72 -9.07
N THR D 281 -31.08 12.07 -7.80
CA THR D 281 -30.02 12.70 -7.02
C THR D 281 -28.84 11.73 -6.87
N ARG D 282 -29.11 10.47 -6.54
CA ARG D 282 -28.03 9.51 -6.37
C ARG D 282 -27.24 9.33 -7.66
N ALA D 283 -27.91 9.50 -8.80
CA ALA D 283 -27.25 9.38 -10.09
C ALA D 283 -26.29 10.56 -10.22
N GLN D 284 -26.74 11.74 -9.79
CA GLN D 284 -25.88 12.92 -9.86
C GLN D 284 -24.66 12.73 -8.96
N THR D 285 -24.89 12.17 -7.77
CA THR D 285 -23.80 11.94 -6.84
C THR D 285 -22.73 11.01 -7.44
N VAL D 286 -23.15 9.96 -8.15
CA VAL D 286 -22.17 9.07 -8.76
C VAL D 286 -21.33 9.85 -9.78
N ALA D 287 -21.99 10.74 -10.52
CA ALA D 287 -21.31 11.56 -11.53
C ALA D 287 -20.31 12.52 -10.90
N ARG D 288 -20.71 13.15 -9.80
CA ARG D 288 -19.85 14.10 -9.12
C ARG D 288 -18.65 13.43 -8.46
N ILE D 289 -18.86 12.22 -7.95
CA ILE D 289 -17.76 11.47 -7.33
C ILE D 289 -16.78 11.06 -8.44
N ALA D 290 -17.32 10.55 -9.53
CA ALA D 290 -16.51 10.15 -10.68
C ALA D 290 -15.66 11.34 -11.11
N ALA D 291 -16.29 12.50 -11.26
CA ALA D 291 -15.58 13.71 -11.67
C ALA D 291 -14.46 14.09 -10.70
N ALA D 292 -14.73 13.95 -9.41
CA ALA D 292 -13.74 14.27 -8.38
C ALA D 292 -12.51 13.38 -8.50
N HIS D 293 -12.67 12.20 -9.10
CA HIS D 293 -11.55 11.28 -9.27
C HIS D 293 -10.95 11.37 -10.68
N GLY D 294 -11.41 12.33 -11.47
CA GLY D 294 -10.90 12.49 -12.81
C GLY D 294 -11.41 11.40 -13.74
N LEU D 295 -12.64 10.95 -13.47
CA LEU D 295 -13.27 9.90 -14.27
C LEU D 295 -14.44 10.49 -15.05
N MET D 296 -14.67 10.01 -16.28
CA MET D 296 -15.75 10.54 -17.10
C MET D 296 -17.10 9.85 -16.84
N ALA D 297 -18.18 10.44 -17.35
CA ALA D 297 -19.52 9.90 -17.13
C ALA D 297 -20.38 9.92 -18.38
N TYR D 298 -21.19 8.87 -18.50
CA TYR D 298 -22.07 8.65 -19.63
C TYR D 298 -23.52 8.41 -19.23
N GLY D 299 -24.44 8.93 -20.04
CA GLY D 299 -25.86 8.78 -19.74
C GLY D 299 -26.39 7.45 -20.25
N GLY D 300 -26.19 6.39 -19.49
CA GLY D 300 -26.66 5.09 -19.91
C GLY D 300 -28.14 4.91 -19.63
N ASP D 301 -28.69 3.79 -20.06
CA ASP D 301 -30.09 3.54 -19.78
C ASP D 301 -30.35 2.05 -19.87
N MET D 302 -31.54 1.64 -19.45
CA MET D 302 -31.91 0.25 -19.50
C MET D 302 -32.90 0.13 -20.66
N PHE D 303 -33.62 -0.97 -20.78
CA PHE D 303 -34.60 -1.08 -21.86
C PHE D 303 -35.86 -0.41 -21.33
N GLU D 304 -35.85 0.92 -21.44
CA GLU D 304 -36.94 1.75 -20.94
C GLU D 304 -37.78 2.40 -22.02
N ALA D 305 -38.86 3.06 -21.59
CA ALA D 305 -39.77 3.75 -22.48
C ALA D 305 -39.58 5.26 -22.31
N GLY D 306 -40.48 6.04 -22.90
CA GLY D 306 -40.38 7.49 -22.82
C GLY D 306 -40.38 8.09 -21.44
N LEU D 307 -41.16 7.52 -20.52
CA LEU D 307 -41.21 8.05 -19.17
C LEU D 307 -39.84 7.99 -18.50
N ALA D 308 -39.17 6.85 -18.63
CA ALA D 308 -37.84 6.69 -18.04
C ALA D 308 -36.85 7.61 -18.75
N HIS D 309 -36.98 7.70 -20.07
CA HIS D 309 -36.12 8.57 -20.86
C HIS D 309 -36.23 10.02 -20.37
N LEU D 310 -37.44 10.44 -20.05
CA LEU D 310 -37.67 11.82 -19.57
C LEU D 310 -36.98 12.07 -18.23
N ALA D 311 -37.11 11.12 -17.31
CA ALA D 311 -36.48 11.25 -16.00
C ALA D 311 -34.98 11.34 -16.14
N GLY D 312 -34.42 10.53 -17.03
CA GLY D 312 -32.98 10.53 -17.24
C GLY D 312 -32.51 11.79 -17.93
N THR D 313 -33.35 12.31 -18.81
CA THR D 313 -33.02 13.53 -19.54
C THR D 313 -32.94 14.72 -18.59
N HIS D 314 -33.90 14.83 -17.68
CA HIS D 314 -33.91 15.93 -16.73
C HIS D 314 -32.69 15.85 -15.81
N MET D 315 -32.33 14.62 -15.42
CA MET D 315 -31.18 14.44 -14.54
C MET D 315 -29.90 14.87 -15.24
N ILE D 316 -29.71 14.42 -16.48
CA ILE D 316 -28.52 14.77 -17.24
C ILE D 316 -28.45 16.27 -17.52
N ALA D 317 -29.62 16.89 -17.74
CA ALA D 317 -29.69 18.31 -18.04
C ALA D 317 -29.14 19.15 -16.88
N ALA D 318 -29.22 18.60 -15.68
CA ALA D 318 -28.75 19.30 -14.49
C ALA D 318 -27.40 18.81 -14.00
N THR D 319 -26.75 17.97 -14.80
CA THR D 319 -25.47 17.40 -14.39
C THR D 319 -24.33 17.57 -15.41
N PRO D 320 -23.57 18.67 -15.28
CA PRO D 320 -22.44 18.98 -16.16
C PRO D 320 -21.46 17.83 -16.31
N GLU D 321 -21.28 17.07 -15.23
CA GLU D 321 -20.35 15.95 -15.22
C GLU D 321 -20.57 14.90 -16.32
N ILE D 322 -21.82 14.67 -16.71
CA ILE D 322 -22.12 13.70 -17.76
C ILE D 322 -21.90 14.39 -19.11
N THR D 323 -20.79 14.09 -19.77
CA THR D 323 -20.43 14.71 -21.05
C THR D 323 -20.35 13.77 -22.26
N LEU D 324 -20.52 12.47 -22.04
CA LEU D 324 -20.42 11.51 -23.13
C LEU D 324 -21.70 11.21 -23.89
N GLY D 325 -22.74 12.00 -23.65
CA GLY D 325 -24.01 11.79 -24.32
C GLY D 325 -24.91 10.83 -23.57
N CYS D 326 -26.03 10.45 -24.18
CA CYS D 326 -26.97 9.53 -23.54
C CYS D 326 -27.47 8.51 -24.55
N GLU D 327 -28.12 7.46 -24.07
CA GLU D 327 -28.63 6.43 -24.97
C GLU D 327 -30.12 6.14 -24.82
N PHE D 328 -30.93 7.21 -24.72
CA PHE D 328 -32.38 7.06 -24.60
C PHE D 328 -32.92 6.96 -26.03
N TYR D 329 -32.61 5.84 -26.69
CA TYR D 329 -32.99 5.60 -28.07
C TYR D 329 -34.19 4.67 -28.26
N GLN D 330 -34.51 3.87 -27.25
CA GLN D 330 -35.61 2.90 -27.37
C GLN D 330 -36.98 3.43 -27.77
N ALA D 331 -37.43 4.53 -27.19
CA ALA D 331 -38.74 5.06 -27.54
C ALA D 331 -38.80 5.43 -29.03
N SER D 332 -37.67 5.85 -29.58
CA SER D 332 -37.60 6.25 -30.99
C SER D 332 -37.21 5.16 -31.98
N TYR D 333 -36.41 4.20 -31.55
CA TYR D 333 -35.95 3.16 -32.47
C TYR D 333 -36.12 1.71 -32.04
N PHE D 334 -36.73 1.46 -30.88
CA PHE D 334 -36.90 0.09 -30.42
C PHE D 334 -38.33 -0.31 -30.13
N LEU D 335 -39.05 0.52 -29.38
CA LEU D 335 -40.43 0.23 -29.05
C LEU D 335 -41.33 0.43 -30.28
N ASN D 336 -42.24 -0.50 -30.52
CA ASN D 336 -43.15 -0.37 -31.66
C ASN D 336 -43.96 0.90 -31.42
N GLU D 337 -44.30 1.13 -30.16
CA GLU D 337 -45.06 2.31 -29.77
C GLU D 337 -44.66 2.71 -28.35
N ASP D 338 -44.57 4.01 -28.10
CA ASP D 338 -44.19 4.52 -26.78
C ASP D 338 -45.46 4.79 -25.98
N ILE D 339 -45.30 5.03 -24.67
CA ILE D 339 -46.44 5.26 -23.79
C ILE D 339 -46.79 6.71 -23.50
N LEU D 340 -46.02 7.65 -24.05
CA LEU D 340 -46.28 9.06 -23.83
C LEU D 340 -47.37 9.62 -24.75
N GLU D 341 -48.19 10.53 -24.23
CA GLU D 341 -49.24 11.14 -25.02
C GLU D 341 -48.61 11.93 -26.17
N THR D 342 -47.44 12.50 -25.90
CA THR D 342 -46.70 13.25 -26.90
C THR D 342 -45.36 12.55 -27.08
N PRO D 343 -44.78 12.65 -28.29
CA PRO D 343 -43.49 12.00 -28.61
C PRO D 343 -42.29 12.49 -27.79
N PHE D 344 -41.44 11.56 -27.38
CA PHE D 344 -40.23 11.91 -26.65
C PHE D 344 -39.38 12.65 -27.68
N ARG D 345 -39.25 13.96 -27.49
CA ARG D 345 -38.51 14.80 -28.43
C ARG D 345 -37.01 14.59 -28.63
N VAL D 346 -36.68 14.22 -29.85
CA VAL D 346 -35.30 14.00 -30.29
C VAL D 346 -35.24 14.71 -31.63
N GLU D 347 -34.31 15.64 -31.79
CA GLU D 347 -34.23 16.38 -33.04
C GLU D 347 -32.80 16.47 -33.57
N ALA D 348 -32.61 16.06 -34.82
CA ALA D 348 -31.30 16.09 -35.45
C ALA D 348 -30.26 15.32 -34.61
N GLY D 349 -30.70 14.21 -34.02
CA GLY D 349 -29.81 13.39 -33.22
C GLY D 349 -29.50 13.96 -31.85
N GLN D 350 -30.39 14.79 -31.33
CA GLN D 350 -30.17 15.39 -30.02
C GLN D 350 -31.44 15.35 -29.18
N VAL D 351 -31.33 14.76 -27.99
CA VAL D 351 -32.47 14.71 -27.09
C VAL D 351 -32.75 16.15 -26.69
N ILE D 352 -34.01 16.56 -26.77
CA ILE D 352 -34.37 17.93 -26.42
C ILE D 352 -34.88 17.98 -24.97
N VAL D 353 -34.26 18.83 -24.16
CA VAL D 353 -34.69 18.94 -22.77
C VAL D 353 -36.01 19.70 -22.63
N PRO D 354 -37.03 19.05 -22.06
CA PRO D 354 -38.35 19.67 -21.87
C PRO D 354 -38.30 20.78 -20.84
N ASP D 355 -39.07 21.84 -21.07
CA ASP D 355 -39.10 22.96 -20.13
C ASP D 355 -40.47 23.09 -19.49
N GLY D 356 -41.37 22.16 -19.81
CA GLY D 356 -42.71 22.20 -19.24
C GLY D 356 -42.75 21.68 -17.82
N PRO D 357 -43.93 21.76 -17.17
CA PRO D 357 -44.13 21.29 -15.79
C PRO D 357 -43.78 19.81 -15.62
N GLY D 358 -43.20 19.47 -14.47
CA GLY D 358 -42.83 18.09 -14.21
C GLY D 358 -41.87 17.53 -15.23
N LEU D 359 -42.07 16.27 -15.61
CA LEU D 359 -41.21 15.62 -16.60
C LEU D 359 -41.37 16.17 -18.00
N GLY D 360 -42.44 16.94 -18.23
CA GLY D 360 -42.65 17.53 -19.54
C GLY D 360 -43.55 16.74 -20.47
N ALA D 361 -44.14 15.67 -19.95
CA ALA D 361 -45.03 14.83 -20.74
C ALA D 361 -45.76 13.89 -19.80
N ARG D 362 -46.98 13.52 -20.15
CA ARG D 362 -47.78 12.61 -19.34
C ARG D 362 -47.87 11.25 -20.00
N ALA D 363 -48.10 10.21 -19.19
CA ALA D 363 -48.26 8.87 -19.72
C ALA D 363 -49.67 8.80 -20.27
N ASP D 364 -49.87 7.98 -21.30
CA ASP D 364 -51.19 7.84 -21.90
C ASP D 364 -52.00 6.80 -21.12
N PRO D 365 -52.97 7.25 -20.31
CA PRO D 365 -53.80 6.36 -19.51
C PRO D 365 -54.37 5.17 -20.29
N GLU D 366 -54.57 5.37 -21.60
CA GLU D 366 -55.11 4.32 -22.45
C GLU D 366 -54.02 3.30 -22.77
N LYS D 367 -52.82 3.80 -23.01
CA LYS D 367 -51.68 2.94 -23.31
C LYS D 367 -51.39 2.03 -22.12
N LEU D 368 -51.39 2.60 -20.91
CA LEU D 368 -51.13 1.85 -19.70
C LEU D 368 -52.14 0.73 -19.53
N GLU D 369 -53.40 1.05 -19.74
CA GLU D 369 -54.45 0.07 -19.59
C GLU D 369 -54.36 -1.02 -20.66
N HIS D 370 -54.05 -0.61 -21.88
CA HIS D 370 -53.95 -1.53 -23.02
C HIS D 370 -52.81 -2.54 -22.92
N TYR D 371 -51.61 -2.07 -22.63
CA TYR D 371 -50.44 -2.93 -22.54
C TYR D 371 -50.16 -3.54 -21.17
N ALA D 372 -51.03 -3.26 -20.20
CA ALA D 372 -50.83 -3.78 -18.85
C ALA D 372 -51.14 -5.26 -18.73
N VAL D 373 -50.31 -5.96 -17.96
CA VAL D 373 -50.48 -7.39 -17.74
C VAL D 373 -50.79 -7.58 -16.26
N ARG D 374 -50.80 -6.46 -15.55
CA ARG D 374 -51.09 -6.45 -14.12
C ARG D 374 -51.20 -5.00 -13.66
N ARG D 375 -52.27 -4.69 -12.93
CA ARG D 375 -52.48 -3.33 -12.44
C ARG D 375 -52.97 -3.34 -10.99
N LEU E 6 41.41 -30.86 0.77
CA LEU E 6 39.93 -31.07 0.63
C LEU E 6 39.53 -31.53 -0.77
N GLU E 7 40.50 -31.75 -1.63
CA GLU E 7 40.21 -32.22 -2.99
C GLU E 7 39.87 -33.71 -2.94
N GLN E 8 40.02 -34.30 -1.75
CA GLN E 8 39.71 -35.71 -1.55
C GLN E 8 38.27 -35.98 -1.96
N LYS E 9 38.01 -37.18 -2.45
CA LYS E 9 36.67 -37.54 -2.86
C LYS E 9 35.92 -38.28 -1.76
N ILE E 10 34.59 -38.18 -1.80
CA ILE E 10 33.74 -38.85 -0.84
C ILE E 10 33.55 -40.24 -1.44
N ILE E 11 33.99 -41.26 -0.72
CA ILE E 11 33.90 -42.63 -1.23
C ILE E 11 32.82 -43.52 -0.65
N ALA E 12 32.14 -43.05 0.38
CA ALA E 12 31.09 -43.86 0.99
C ALA E 12 30.05 -43.06 1.76
N MET E 13 28.82 -43.55 1.75
CA MET E 13 27.70 -42.96 2.46
C MET E 13 26.98 -44.08 3.19
N ASP E 14 26.91 -43.98 4.51
CA ASP E 14 26.22 -44.98 5.32
C ASP E 14 25.06 -44.28 6.03
N LEU E 15 23.93 -44.97 6.13
CA LEU E 15 22.75 -44.42 6.79
C LEU E 15 22.20 -45.34 7.85
N TRP E 16 21.56 -44.74 8.86
CA TRP E 16 20.94 -45.47 9.96
C TRP E 16 19.65 -44.79 10.38
N HIS E 17 18.54 -45.52 10.32
CA HIS E 17 17.27 -44.96 10.78
C HIS E 17 17.20 -45.46 12.22
N LEU E 18 17.40 -44.57 13.17
CA LEU E 18 17.38 -44.95 14.57
C LEU E 18 16.04 -44.71 15.26
N ALA E 19 15.87 -45.39 16.38
CA ALA E 19 14.67 -45.29 17.21
C ALA E 19 15.22 -45.30 18.64
N LEU E 20 15.42 -44.11 19.19
CA LEU E 20 15.97 -43.95 20.54
C LEU E 20 14.88 -43.81 21.61
N PRO E 21 15.10 -44.44 22.78
CA PRO E 21 14.13 -44.39 23.88
C PRO E 21 14.26 -43.08 24.65
N VAL E 22 13.15 -42.60 25.20
CA VAL E 22 13.15 -41.35 25.96
C VAL E 22 12.67 -41.53 27.40
N CYS E 37 11.80 -41.56 19.96
CA CYS E 37 12.46 -40.51 19.19
C CYS E 37 13.26 -41.10 18.05
N GLU E 38 12.76 -40.92 16.83
CA GLU E 38 13.44 -41.43 15.65
C GLU E 38 14.23 -40.36 14.93
N ILE E 39 15.43 -40.73 14.48
CA ILE E 39 16.30 -39.82 13.75
C ILE E 39 17.04 -40.62 12.69
N VAL E 40 17.57 -39.94 11.69
CA VAL E 40 18.33 -40.60 10.64
C VAL E 40 19.76 -40.08 10.76
N VAL E 41 20.71 -40.99 10.84
CA VAL E 41 22.11 -40.59 10.96
C VAL E 41 22.87 -40.92 9.68
N LEU E 42 23.71 -39.98 9.28
CA LEU E 42 24.52 -40.12 8.06
C LEU E 42 26.00 -40.13 8.34
N ARG E 43 26.72 -40.96 7.60
CA ARG E 43 28.17 -41.01 7.72
C ARG E 43 28.80 -40.98 6.33
N LEU E 44 29.72 -40.05 6.12
CA LEU E 44 30.43 -39.94 4.85
C LEU E 44 31.91 -40.22 5.12
N VAL E 45 32.55 -40.90 4.17
CA VAL E 45 33.97 -41.23 4.30
C VAL E 45 34.75 -40.67 3.11
N ALA E 46 35.91 -40.08 3.38
CA ALA E 46 36.73 -39.53 2.32
C ALA E 46 37.81 -40.56 1.96
N GLU E 47 38.45 -40.37 0.82
CA GLU E 47 39.50 -41.29 0.35
C GLU E 47 40.49 -41.67 1.44
N GLY E 48 41.04 -40.64 2.10
CA GLY E 48 42.02 -40.86 3.14
C GLY E 48 41.51 -41.63 4.35
N GLY E 49 40.20 -41.81 4.44
CA GLY E 49 39.63 -42.53 5.55
C GLY E 49 38.91 -41.70 6.59
N ALA E 50 39.07 -40.38 6.56
CA ALA E 50 38.40 -39.51 7.52
C ALA E 50 36.89 -39.67 7.39
N GLU E 51 36.17 -39.46 8.48
CA GLU E 51 34.72 -39.60 8.45
C GLU E 51 33.99 -38.37 8.96
N GLY E 52 32.79 -38.16 8.42
CA GLY E 52 31.96 -37.04 8.81
C GLY E 52 30.57 -37.55 9.14
N PHE E 53 29.99 -37.07 10.23
CA PHE E 53 28.66 -37.50 10.65
C PHE E 53 27.63 -36.37 10.60
N GLY E 54 26.39 -36.73 10.28
CA GLY E 54 25.31 -35.75 10.21
C GLY E 54 24.02 -36.35 10.71
N GLU E 55 23.16 -35.52 11.30
CA GLU E 55 21.88 -36.01 11.82
C GLU E 55 20.67 -35.28 11.23
N ALA E 56 19.63 -36.05 10.95
CA ALA E 56 18.37 -35.53 10.43
C ALA E 56 17.35 -35.90 11.51
N SER E 57 16.60 -34.92 11.99
CA SER E 57 15.62 -35.16 13.05
C SER E 57 14.23 -34.71 12.60
N PRO E 58 13.58 -35.52 11.75
CA PRO E 58 12.25 -35.21 11.24
C PRO E 58 11.11 -35.32 12.25
N TRP E 59 10.17 -34.40 12.14
CA TRP E 59 8.99 -34.39 13.00
C TRP E 59 7.86 -34.63 12.01
N ALA E 60 7.40 -35.87 11.96
CA ALA E 60 6.36 -36.33 11.05
C ALA E 60 5.28 -35.33 10.65
N VAL E 61 4.65 -34.69 11.62
CA VAL E 61 3.58 -33.74 11.34
C VAL E 61 4.06 -32.38 10.83
N PHE E 62 5.31 -32.02 11.11
CA PHE E 62 5.83 -30.71 10.68
C PHE E 62 6.81 -30.73 9.51
N THR E 63 8.01 -31.24 9.74
CA THR E 63 9.04 -31.27 8.71
C THR E 63 8.93 -32.40 7.69
N GLY E 64 8.45 -33.56 8.13
CA GLY E 64 8.35 -34.71 7.26
C GLY E 64 8.70 -35.95 8.06
N THR E 65 8.56 -37.13 7.47
CA THR E 65 8.85 -38.38 8.17
C THR E 65 10.30 -38.82 8.09
N PRO E 66 10.72 -39.72 9.01
CA PRO E 66 12.11 -40.19 8.98
C PRO E 66 12.32 -41.03 7.73
N GLU E 67 11.25 -41.67 7.26
CA GLU E 67 11.30 -42.50 6.06
C GLU E 67 11.55 -41.64 4.81
N ALA E 68 11.02 -40.43 4.81
CA ALA E 68 11.21 -39.54 3.68
C ALA E 68 12.66 -39.08 3.63
N SER E 69 13.19 -38.64 4.78
CA SER E 69 14.57 -38.18 4.85
C SER E 69 15.57 -39.31 4.55
N TYR E 70 15.24 -40.53 4.99
CA TYR E 70 16.12 -41.67 4.75
C TYR E 70 16.26 -41.90 3.25
N ALA E 71 15.12 -42.01 2.58
CA ALA E 71 15.08 -42.24 1.13
C ALA E 71 15.77 -41.10 0.39
N ALA E 72 15.49 -39.87 0.81
CA ALA E 72 16.09 -38.71 0.17
C ALA E 72 17.60 -38.93 0.07
N LEU E 73 18.20 -39.28 1.20
CA LEU E 73 19.64 -39.52 1.28
C LEU E 73 20.07 -40.79 0.54
N ASP E 74 19.45 -41.91 0.89
CA ASP E 74 19.79 -43.21 0.31
C ASP E 74 19.67 -43.34 -1.20
N ARG E 75 18.61 -42.79 -1.78
CA ARG E 75 18.41 -42.90 -3.22
C ARG E 75 18.66 -41.65 -4.07
N TYR E 76 18.20 -40.50 -3.59
CA TYR E 76 18.32 -39.27 -4.37
C TYR E 76 19.57 -38.42 -4.16
N LEU E 77 20.08 -38.36 -2.95
CA LEU E 77 21.28 -37.57 -2.69
C LEU E 77 22.55 -38.39 -2.84
N ARG E 78 22.45 -39.70 -2.63
CA ARG E 78 23.61 -40.58 -2.74
C ARG E 78 24.36 -40.39 -4.07
N PRO E 79 23.65 -40.43 -5.22
CA PRO E 79 24.31 -40.26 -6.51
C PRO E 79 24.98 -38.90 -6.66
N LEU E 80 24.42 -37.91 -5.98
CA LEU E 80 24.93 -36.55 -6.03
C LEU E 80 26.15 -36.31 -5.15
N VAL E 81 26.33 -37.14 -4.13
CA VAL E 81 27.45 -36.96 -3.20
C VAL E 81 28.65 -37.87 -3.44
N ILE E 82 28.41 -39.13 -3.73
CA ILE E 82 29.50 -40.08 -3.98
C ILE E 82 30.38 -39.62 -5.15
N GLY E 83 31.69 -39.57 -4.91
CA GLY E 83 32.62 -39.16 -5.96
C GLY E 83 32.94 -37.68 -5.96
N ARG E 84 32.13 -36.88 -5.27
CA ARG E 84 32.35 -35.44 -5.22
C ARG E 84 33.50 -35.12 -4.26
N ARG E 85 34.08 -33.93 -4.41
CA ARG E 85 35.18 -33.50 -3.56
C ARG E 85 34.68 -32.79 -2.31
N VAL E 86 35.32 -33.08 -1.18
CA VAL E 86 34.93 -32.48 0.09
C VAL E 86 34.86 -30.95 0.02
N GLY E 87 35.70 -30.36 -0.82
CA GLY E 87 35.73 -28.91 -0.95
C GLY E 87 34.64 -28.26 -1.79
N ASP E 88 33.81 -29.06 -2.48
CA ASP E 88 32.75 -28.50 -3.29
C ASP E 88 31.42 -28.52 -2.53
N ARG E 89 31.48 -28.37 -1.21
CA ARG E 89 30.28 -28.39 -0.37
C ARG E 89 29.18 -27.45 -0.87
N VAL E 90 29.54 -26.21 -1.19
CA VAL E 90 28.57 -25.23 -1.68
C VAL E 90 27.81 -25.75 -2.89
N ALA E 91 28.53 -26.26 -3.88
CA ALA E 91 27.90 -26.78 -5.09
C ALA E 91 27.04 -27.99 -4.75
N ILE E 92 27.59 -28.88 -3.92
CA ILE E 92 26.85 -30.07 -3.51
C ILE E 92 25.52 -29.71 -2.86
N MET E 93 25.53 -28.77 -1.91
CA MET E 93 24.30 -28.38 -1.23
C MET E 93 23.35 -27.61 -2.13
N ASP E 94 23.89 -26.81 -3.05
CA ASP E 94 23.08 -26.06 -3.99
C ASP E 94 22.30 -27.10 -4.81
N GLU E 95 23.02 -28.11 -5.30
CA GLU E 95 22.40 -29.17 -6.09
C GLU E 95 21.48 -30.07 -5.28
N ALA E 96 21.88 -30.37 -4.05
CA ALA E 96 21.07 -31.23 -3.18
C ALA E 96 19.68 -30.66 -2.91
N ALA E 97 19.58 -29.34 -2.78
CA ALA E 97 18.30 -28.72 -2.51
C ALA E 97 17.30 -28.95 -3.65
N ARG E 98 17.80 -28.99 -4.88
CA ARG E 98 16.95 -29.19 -6.04
C ARG E 98 16.78 -30.65 -6.44
N ALA E 99 17.68 -31.51 -5.98
CA ALA E 99 17.65 -32.93 -6.31
C ALA E 99 16.47 -33.70 -5.70
N VAL E 100 15.89 -33.16 -4.63
CA VAL E 100 14.76 -33.81 -3.98
C VAL E 100 13.94 -32.78 -3.22
N ALA E 101 12.61 -32.94 -3.24
CA ALA E 101 11.72 -32.01 -2.56
C ALA E 101 11.64 -32.23 -1.05
N HIS E 102 11.54 -31.13 -0.33
CA HIS E 102 11.45 -31.14 1.13
C HIS E 102 12.64 -31.85 1.75
N CYS E 103 12.41 -32.66 2.78
CA CYS E 103 13.48 -33.39 3.45
C CYS E 103 14.62 -32.44 3.80
N THR E 104 14.26 -31.29 4.37
CA THR E 104 15.24 -30.31 4.77
C THR E 104 16.11 -30.88 5.89
N GLU E 105 15.59 -31.88 6.60
CA GLU E 105 16.34 -32.51 7.68
C GLU E 105 17.50 -33.32 7.09
N ALA E 106 17.20 -34.07 6.03
CA ALA E 106 18.22 -34.88 5.35
C ALA E 106 19.29 -33.94 4.79
N LYS E 107 18.86 -32.81 4.26
CA LYS E 107 19.81 -31.85 3.70
C LYS E 107 20.67 -31.26 4.79
N ALA E 108 20.09 -31.08 5.98
CA ALA E 108 20.82 -30.54 7.11
C ALA E 108 21.84 -31.58 7.54
N ALA E 109 21.45 -32.84 7.50
CA ALA E 109 22.34 -33.94 7.87
C ALA E 109 23.52 -33.99 6.91
N LEU E 110 23.23 -33.84 5.62
CA LEU E 110 24.27 -33.89 4.60
C LEU E 110 25.27 -32.75 4.81
N ASP E 111 24.76 -31.54 5.02
CA ASP E 111 25.60 -30.38 5.24
C ASP E 111 26.46 -30.57 6.51
N SER E 112 25.86 -31.16 7.53
CA SER E 112 26.56 -31.40 8.79
C SER E 112 27.71 -32.39 8.61
N ALA E 113 27.48 -33.45 7.85
CA ALA E 113 28.50 -34.46 7.60
C ALA E 113 29.63 -33.89 6.74
N LEU E 114 29.28 -33.06 5.76
CA LEU E 114 30.27 -32.44 4.88
C LEU E 114 31.18 -31.51 5.66
N LEU E 115 30.61 -30.79 6.63
CA LEU E 115 31.37 -29.88 7.45
C LEU E 115 32.20 -30.66 8.47
N ASP E 116 31.62 -31.72 9.01
CA ASP E 116 32.32 -32.54 9.99
C ASP E 116 33.54 -33.16 9.29
N LEU E 117 33.31 -33.65 8.08
CA LEU E 117 34.36 -34.27 7.29
C LEU E 117 35.47 -33.27 6.96
N ALA E 118 35.08 -32.11 6.44
CA ALA E 118 36.04 -31.06 6.09
C ALA E 118 36.81 -30.62 7.33
N GLY E 119 36.12 -30.63 8.47
CA GLY E 119 36.75 -30.22 9.71
C GLY E 119 37.77 -31.25 10.17
N ARG E 120 37.45 -32.53 9.99
CA ARG E 120 38.35 -33.61 10.38
C ARG E 120 39.60 -33.59 9.50
N ILE E 121 39.38 -33.42 8.20
CA ILE E 121 40.48 -33.39 7.24
C ILE E 121 41.46 -32.25 7.49
N SER E 122 40.94 -31.05 7.72
CA SER E 122 41.77 -29.87 7.94
C SER E 122 42.11 -29.59 9.40
N ASN E 123 41.59 -30.41 10.31
CA ASN E 123 41.84 -30.23 11.73
C ASN E 123 41.33 -28.88 12.20
N LEU E 124 40.05 -28.63 11.94
CA LEU E 124 39.39 -27.39 12.34
C LEU E 124 37.98 -27.70 12.83
N PRO E 125 37.51 -26.95 13.85
CA PRO E 125 36.15 -27.19 14.36
C PRO E 125 35.19 -26.64 13.30
N VAL E 126 33.96 -27.15 13.27
CA VAL E 126 32.99 -26.68 12.27
C VAL E 126 32.79 -25.17 12.26
N TRP E 127 32.73 -24.54 13.43
CA TRP E 127 32.54 -23.08 13.46
C TRP E 127 33.64 -22.34 12.73
N ALA E 128 34.82 -22.94 12.65
CA ALA E 128 35.94 -22.30 11.95
C ALA E 128 35.70 -22.30 10.45
N LEU E 129 34.79 -23.15 10.00
CA LEU E 129 34.42 -23.24 8.58
C LEU E 129 33.17 -22.41 8.33
N LEU E 130 32.59 -21.87 9.40
CA LEU E 130 31.37 -21.08 9.30
C LEU E 130 31.63 -19.60 9.54
N GLY E 131 32.89 -19.19 9.48
CA GLY E 131 33.24 -17.80 9.68
C GLY E 131 34.01 -17.49 10.95
N GLY E 132 34.10 -18.46 11.85
CA GLY E 132 34.79 -18.24 13.10
C GLY E 132 33.77 -18.23 14.22
N LYS E 133 34.18 -17.89 15.43
CA LYS E 133 33.25 -17.88 16.56
C LYS E 133 33.10 -16.51 17.22
N CYS E 134 31.93 -16.25 17.78
CA CYS E 134 31.68 -14.98 18.46
C CYS E 134 31.32 -15.25 19.92
N ARG E 135 31.17 -16.52 20.27
CA ARG E 135 30.83 -16.90 21.63
C ARG E 135 31.36 -18.30 21.96
N ASP E 136 31.79 -18.50 23.21
CA ASP E 136 32.32 -19.79 23.63
C ASP E 136 31.26 -20.65 24.29
N THR E 137 30.16 -20.03 24.70
CA THR E 137 29.06 -20.74 25.35
C THR E 137 27.75 -20.16 24.85
N ILE E 138 26.67 -20.92 25.06
CA ILE E 138 25.34 -20.51 24.65
C ILE E 138 24.35 -20.88 25.75
N PRO E 139 23.51 -19.93 26.21
CA PRO E 139 22.55 -20.26 27.26
C PRO E 139 21.59 -21.36 26.81
N LEU E 140 21.28 -22.28 27.71
CA LEU E 140 20.39 -23.38 27.37
C LEU E 140 18.98 -23.22 27.94
N SER E 141 18.01 -23.68 27.16
CA SER E 141 16.61 -23.65 27.57
C SER E 141 16.09 -25.07 27.48
N CYS E 142 15.28 -25.46 28.44
CA CYS E 142 14.69 -26.80 28.44
C CYS E 142 13.19 -26.62 28.36
N SER E 143 12.54 -27.45 27.56
CA SER E 143 11.10 -27.37 27.40
C SER E 143 10.35 -28.08 28.51
N ILE E 144 9.18 -27.55 28.86
CA ILE E 144 8.31 -28.13 29.88
C ILE E 144 7.05 -28.49 29.10
N ALA E 145 6.93 -29.77 28.73
CA ALA E 145 5.80 -30.21 27.93
C ALA E 145 5.12 -31.49 28.40
N ASN E 146 5.35 -31.86 29.65
CA ASN E 146 4.74 -33.07 30.18
C ASN E 146 3.27 -32.86 30.53
N PRO E 147 2.38 -33.75 30.04
CA PRO E 147 0.95 -33.62 30.34
C PRO E 147 0.73 -33.79 31.85
N ASP E 148 1.76 -34.30 32.52
CA ASP E 148 1.74 -34.48 33.97
C ASP E 148 2.68 -33.43 34.54
N PHE E 149 2.13 -32.29 34.93
CA PHE E 149 2.94 -31.20 35.45
C PHE E 149 3.79 -31.53 36.68
N ASP E 150 3.38 -32.55 37.42
CA ASP E 150 4.15 -32.93 38.61
C ASP E 150 5.55 -33.38 38.20
N ALA E 151 5.63 -34.15 37.11
CA ALA E 151 6.90 -34.63 36.61
C ALA E 151 7.81 -33.46 36.19
N ASP E 152 7.21 -32.41 35.64
CA ASP E 152 7.98 -31.25 35.22
C ASP E 152 8.41 -30.39 36.39
N ILE E 153 7.67 -30.45 37.49
CA ILE E 153 8.05 -29.68 38.67
C ILE E 153 9.33 -30.31 39.20
N ALA E 154 9.42 -31.62 39.09
CA ALA E 154 10.60 -32.36 39.53
C ALA E 154 11.75 -32.00 38.59
N LEU E 155 11.43 -31.95 37.30
CA LEU E 155 12.42 -31.61 36.28
C LEU E 155 12.95 -30.20 36.54
N MET E 156 12.05 -29.27 36.82
CA MET E 156 12.47 -27.90 37.08
C MET E 156 13.32 -27.84 38.34
N GLU E 157 13.10 -28.77 39.27
CA GLU E 157 13.89 -28.83 40.50
C GLU E 157 15.33 -29.12 40.09
N ARG E 158 15.46 -30.09 39.19
CA ARG E 158 16.76 -30.50 38.67
C ARG E 158 17.39 -29.41 37.81
N LEU E 159 16.58 -28.83 36.93
CA LEU E 159 17.05 -27.77 36.04
C LEU E 159 17.64 -26.58 36.81
N ARG E 160 16.95 -26.16 37.86
CA ARG E 160 17.42 -25.05 38.67
C ARG E 160 18.72 -25.43 39.38
N ALA E 161 18.81 -26.69 39.80
CA ALA E 161 20.01 -27.17 40.49
C ALA E 161 21.16 -27.24 39.48
N ASP E 162 20.84 -27.66 38.25
CA ASP E 162 21.84 -27.77 37.20
C ASP E 162 22.27 -26.42 36.66
N GLY E 163 21.63 -25.36 37.15
CA GLY E 163 22.00 -24.03 36.70
C GLY E 163 21.33 -23.57 35.41
N VAL E 164 20.38 -24.35 34.90
CA VAL E 164 19.68 -23.96 33.68
C VAL E 164 18.79 -22.77 34.05
N GLY E 165 18.96 -21.65 33.36
CA GLY E 165 18.18 -20.47 33.67
C GLY E 165 17.06 -20.11 32.72
N LEU E 166 16.83 -20.94 31.71
CA LEU E 166 15.77 -20.70 30.73
C LEU E 166 14.90 -21.94 30.55
N ILE E 167 13.60 -21.73 30.38
CA ILE E 167 12.66 -22.82 30.14
C ILE E 167 11.61 -22.35 29.15
N LYS E 168 11.04 -23.30 28.41
CA LYS E 168 10.02 -22.96 27.43
C LYS E 168 8.81 -23.84 27.66
N LEU E 169 7.70 -23.22 28.06
CA LEU E 169 6.47 -23.96 28.32
C LEU E 169 5.73 -24.30 27.04
N LYS E 170 5.51 -25.60 26.81
CA LYS E 170 4.78 -26.03 25.64
C LYS E 170 3.33 -25.83 26.04
N THR E 171 2.64 -24.94 25.33
CA THR E 171 1.25 -24.62 25.61
C THR E 171 0.32 -25.06 24.49
N GLY E 172 -0.97 -25.00 24.76
CA GLY E 172 -1.96 -25.34 23.74
C GLY E 172 -2.23 -26.79 23.39
N PHE E 173 -1.58 -27.74 24.06
CA PHE E 173 -1.85 -29.14 23.72
C PHE E 173 -3.01 -29.69 24.56
N ARG E 174 -3.36 -28.96 25.61
CA ARG E 174 -4.49 -29.31 26.47
C ARG E 174 -5.39 -28.08 26.49
N ASP E 175 -6.15 -27.90 27.58
CA ASP E 175 -7.03 -26.75 27.65
C ASP E 175 -6.26 -25.50 28.09
N HIS E 176 -6.90 -24.35 27.93
CA HIS E 176 -6.28 -23.08 28.31
C HIS E 176 -5.94 -23.01 29.81
N ALA E 177 -6.82 -23.57 30.64
CA ALA E 177 -6.60 -23.57 32.08
C ALA E 177 -5.27 -24.22 32.43
N PHE E 178 -4.96 -25.31 31.74
CA PHE E 178 -3.71 -26.03 31.99
C PHE E 178 -2.48 -25.13 31.77
N ASP E 179 -2.56 -24.24 30.78
CA ASP E 179 -1.45 -23.34 30.48
C ASP E 179 -1.32 -22.27 31.55
N ILE E 180 -2.44 -21.67 31.94
CA ILE E 180 -2.41 -20.64 32.96
C ILE E 180 -1.92 -21.20 34.30
N MET E 181 -2.40 -22.39 34.65
CA MET E 181 -2.01 -23.04 35.90
C MET E 181 -0.48 -23.14 35.99
N ARG E 182 0.13 -23.74 34.97
CA ARG E 182 1.58 -23.91 34.94
C ARG E 182 2.35 -22.60 35.00
N LEU E 183 1.87 -21.58 34.30
CA LEU E 183 2.54 -20.29 34.31
C LEU E 183 2.48 -19.66 35.69
N GLU E 184 1.32 -19.75 36.32
CA GLU E 184 1.13 -19.20 37.66
C GLU E 184 2.14 -19.79 38.64
N LEU E 185 2.22 -21.11 38.68
CA LEU E 185 3.14 -21.80 39.59
C LEU E 185 4.60 -21.45 39.31
N ILE E 186 5.02 -21.56 38.06
CA ILE E 186 6.40 -21.27 37.72
C ILE E 186 6.84 -19.88 38.20
N ALA E 187 5.97 -18.90 38.03
CA ALA E 187 6.28 -17.53 38.44
C ALA E 187 6.41 -17.44 39.95
N ARG E 188 5.70 -18.32 40.65
CA ARG E 188 5.71 -18.35 42.10
C ARG E 188 6.88 -19.12 42.69
N ASP E 189 6.99 -20.40 42.35
CA ASP E 189 8.05 -21.25 42.88
C ASP E 189 9.36 -21.29 42.09
N PHE E 190 9.35 -20.78 40.87
CA PHE E 190 10.57 -20.79 40.06
C PHE E 190 10.89 -19.46 39.41
N PRO E 191 10.91 -18.37 40.20
CA PRO E 191 11.22 -17.04 39.67
C PRO E 191 12.64 -16.88 39.11
N GLU E 192 13.47 -17.89 39.32
CA GLU E 192 14.84 -17.85 38.83
C GLU E 192 14.85 -17.91 37.30
N PHE E 193 14.01 -18.77 36.76
CA PHE E 193 13.91 -18.96 35.31
C PHE E 193 13.32 -17.80 34.55
N ARG E 194 13.78 -17.64 33.31
CA ARG E 194 13.20 -16.63 32.42
C ARG E 194 12.29 -17.60 31.68
N VAL E 195 11.06 -17.19 31.39
CA VAL E 195 10.14 -18.12 30.75
C VAL E 195 9.75 -17.76 29.31
N ARG E 196 9.72 -18.79 28.45
CA ARG E 196 9.34 -18.65 27.05
C ARG E 196 8.11 -19.54 26.84
N VAL E 197 7.33 -19.27 25.80
CA VAL E 197 6.14 -20.06 25.51
C VAL E 197 6.08 -20.48 24.05
N ASP E 198 5.63 -21.72 23.80
CA ASP E 198 5.52 -22.24 22.45
C ASP E 198 4.24 -23.05 22.27
N TYR E 199 3.38 -22.62 21.34
CA TYR E 199 2.13 -23.32 21.07
C TYR E 199 2.23 -24.40 19.99
N ASN E 200 3.37 -24.44 19.29
CA ASN E 200 3.57 -25.42 18.22
C ASN E 200 2.39 -25.50 17.25
N GLN E 201 1.89 -24.35 16.80
CA GLN E 201 0.76 -24.30 15.85
C GLN E 201 -0.52 -24.92 16.41
N GLY E 202 -0.54 -25.19 17.71
CA GLY E 202 -1.70 -25.85 18.30
C GLY E 202 -3.05 -25.16 18.39
N LEU E 203 -3.07 -23.83 18.32
CA LEU E 203 -4.34 -23.13 18.45
C LEU E 203 -5.17 -23.04 17.18
N GLU E 204 -6.49 -23.14 17.34
CA GLU E 204 -7.41 -23.03 16.22
C GLU E 204 -7.75 -21.55 16.09
N ILE E 205 -8.24 -21.16 14.92
CA ILE E 205 -8.58 -19.77 14.65
C ILE E 205 -9.50 -19.12 15.70
N ASP E 206 -10.60 -19.78 16.03
CA ASP E 206 -11.54 -19.19 16.98
C ASP E 206 -11.08 -19.06 18.44
N GLU E 207 -9.87 -19.53 18.76
CA GLU E 207 -9.37 -19.44 20.13
C GLU E 207 -8.02 -18.76 20.25
N ALA E 208 -7.40 -18.43 19.12
CA ALA E 208 -6.07 -17.83 19.12
C ALA E 208 -5.90 -16.53 19.90
N VAL E 209 -6.71 -15.53 19.60
CA VAL E 209 -6.61 -14.23 20.27
C VAL E 209 -6.80 -14.28 21.80
N PRO E 210 -7.92 -14.85 22.26
CA PRO E 210 -8.13 -14.89 23.72
C PRO E 210 -7.05 -15.63 24.51
N ARG E 211 -6.61 -16.78 24.00
CA ARG E 211 -5.59 -17.55 24.70
C ARG E 211 -4.24 -16.84 24.72
N VAL E 212 -3.85 -16.29 23.57
CA VAL E 212 -2.58 -15.57 23.50
C VAL E 212 -2.61 -14.34 24.40
N LEU E 213 -3.73 -13.62 24.38
CA LEU E 213 -3.88 -12.42 25.21
C LEU E 213 -3.66 -12.74 26.69
N ASP E 214 -4.28 -13.82 27.15
CA ASP E 214 -4.16 -14.23 28.56
C ASP E 214 -2.73 -14.61 28.91
N VAL E 215 -2.13 -15.49 28.10
CA VAL E 215 -0.76 -15.91 28.35
C VAL E 215 0.17 -14.72 28.32
N ALA E 216 -0.16 -13.74 27.48
CA ALA E 216 0.68 -12.55 27.37
C ALA E 216 0.79 -11.80 28.70
N GLN E 217 -0.23 -11.91 29.53
CA GLN E 217 -0.25 -11.24 30.84
C GLN E 217 0.93 -11.62 31.72
N PHE E 218 1.42 -12.85 31.55
CA PHE E 218 2.53 -13.36 32.35
C PHE E 218 3.88 -12.83 31.86
N GLN E 219 3.85 -12.07 30.78
CA GLN E 219 5.05 -11.47 30.21
C GLN E 219 6.22 -12.42 29.94
N PRO E 220 5.97 -13.54 29.23
CA PRO E 220 7.07 -14.47 28.94
C PRO E 220 8.03 -13.74 27.98
N ASP E 221 9.25 -14.24 27.83
CA ASP E 221 10.22 -13.58 26.94
C ASP E 221 9.70 -13.53 25.51
N PHE E 222 8.91 -14.53 25.14
CA PHE E 222 8.28 -14.58 23.84
C PHE E 222 7.25 -15.70 23.75
N ILE E 223 6.36 -15.59 22.76
CA ILE E 223 5.33 -16.59 22.51
C ILE E 223 5.61 -17.07 21.09
N GLU E 224 5.81 -18.37 20.95
CA GLU E 224 6.12 -18.97 19.66
C GLU E 224 4.92 -19.58 18.92
N GLN E 225 4.86 -19.29 17.62
CA GLN E 225 3.85 -19.82 16.69
C GLN E 225 2.52 -20.34 17.26
N PRO E 226 1.62 -19.43 17.66
CA PRO E 226 0.34 -19.89 18.20
C PRO E 226 -0.54 -20.66 17.21
N VAL E 227 -0.48 -20.30 15.93
CA VAL E 227 -1.32 -20.94 14.92
C VAL E 227 -0.54 -21.61 13.77
N ARG E 228 -1.25 -22.32 12.90
CA ARG E 228 -0.64 -23.04 11.78
C ARG E 228 0.26 -22.16 10.91
N ALA E 229 1.34 -22.76 10.43
CA ALA E 229 2.35 -22.09 9.61
C ALA E 229 1.85 -21.18 8.49
N HIS E 230 0.84 -21.62 7.74
CA HIS E 230 0.32 -20.83 6.63
C HIS E 230 -0.47 -19.59 7.04
N HIS E 231 -0.75 -19.45 8.33
CA HIS E 231 -1.53 -18.30 8.82
C HIS E 231 -0.72 -17.01 8.98
N PHE E 232 -0.13 -16.53 7.88
CA PHE E 232 0.66 -15.29 7.93
C PHE E 232 -0.18 -14.09 8.35
N GLU E 233 -1.39 -13.98 7.80
CA GLU E 233 -2.24 -12.85 8.13
C GLU E 233 -2.63 -12.84 9.62
N LEU E 234 -3.08 -13.97 10.12
CA LEU E 234 -3.47 -14.02 11.53
C LEU E 234 -2.28 -13.83 12.48
N MET E 235 -1.11 -14.35 12.09
CA MET E 235 0.07 -14.20 12.91
C MET E 235 0.41 -12.70 12.96
N ALA E 236 0.24 -12.00 11.85
CA ALA E 236 0.51 -10.57 11.84
C ALA E 236 -0.49 -9.88 12.78
N ARG E 237 -1.73 -10.33 12.76
CA ARG E 237 -2.74 -9.73 13.64
C ARG E 237 -2.39 -10.01 15.10
N LEU E 238 -1.94 -11.22 15.39
CA LEU E 238 -1.57 -11.57 16.77
C LEU E 238 -0.36 -10.74 17.23
N ARG E 239 0.55 -10.45 16.31
CA ARG E 239 1.73 -9.67 16.67
C ARG E 239 1.32 -8.29 17.20
N GLY E 240 0.28 -7.70 16.62
CA GLY E 240 -0.14 -6.38 17.07
C GLY E 240 -1.01 -6.32 18.31
N LEU E 241 -1.33 -7.47 18.87
CA LEU E 241 -2.18 -7.51 20.05
C LEU E 241 -1.52 -7.25 21.40
N THR E 242 -0.21 -7.52 21.51
CA THR E 242 0.49 -7.31 22.78
C THR E 242 1.92 -6.84 22.50
N ASP E 243 2.65 -6.52 23.55
CA ASP E 243 4.02 -6.08 23.36
C ASP E 243 4.98 -7.21 23.70
N VAL E 244 4.42 -8.39 23.93
CA VAL E 244 5.21 -9.59 24.21
C VAL E 244 5.66 -10.07 22.83
N PRO E 245 6.97 -10.32 22.66
CA PRO E 245 7.51 -10.78 21.38
C PRO E 245 6.81 -12.02 20.84
N LEU E 246 6.45 -11.98 19.57
CA LEU E 246 5.81 -13.10 18.90
C LEU E 246 6.84 -13.72 17.97
N LEU E 247 7.20 -14.98 18.21
CA LEU E 247 8.19 -15.64 17.35
C LEU E 247 7.60 -16.59 16.34
N ALA E 248 8.11 -16.55 15.12
CA ALA E 248 7.67 -17.45 14.08
C ALA E 248 8.60 -18.65 14.12
N ASP E 249 8.02 -19.84 13.95
CA ASP E 249 8.82 -21.06 13.92
C ASP E 249 8.41 -21.80 12.65
N GLU E 250 7.36 -22.60 12.73
CA GLU E 250 6.89 -23.35 11.58
C GLU E 250 6.59 -22.51 10.34
N SER E 251 6.31 -21.22 10.53
CA SER E 251 6.05 -20.32 9.40
C SER E 251 7.31 -19.98 8.60
N VAL E 252 8.49 -20.19 9.20
CA VAL E 252 9.75 -19.86 8.52
C VAL E 252 10.78 -20.98 8.51
N TYR E 253 11.07 -21.50 7.32
CA TYR E 253 12.05 -22.57 7.16
C TYR E 253 13.39 -22.00 6.74
N GLY E 254 13.42 -21.36 5.58
CA GLY E 254 14.67 -20.81 5.09
C GLY E 254 14.59 -19.33 4.73
N PRO E 255 15.63 -18.81 4.07
CA PRO E 255 15.70 -17.41 3.65
C PRO E 255 14.49 -16.95 2.87
N GLU E 256 13.97 -17.82 2.00
CA GLU E 256 12.81 -17.47 1.19
C GLU E 256 11.61 -17.15 2.06
N ASP E 257 11.33 -17.98 3.06
CA ASP E 257 10.22 -17.74 3.97
C ASP E 257 10.51 -16.51 4.84
N MET E 258 11.76 -16.35 5.26
CA MET E 258 12.12 -15.21 6.12
C MET E 258 11.81 -13.92 5.42
N VAL E 259 12.15 -13.84 4.13
CA VAL E 259 11.89 -12.64 3.35
C VAL E 259 10.38 -12.36 3.34
N ARG E 260 9.58 -13.41 3.11
CA ARG E 260 8.12 -13.26 3.08
C ARG E 260 7.56 -12.87 4.45
N ALA E 261 8.02 -13.56 5.48
CA ALA E 261 7.54 -13.31 6.85
C ALA E 261 7.86 -11.88 7.30
N ALA E 262 9.06 -11.42 6.97
CA ALA E 262 9.47 -10.07 7.34
C ALA E 262 8.62 -9.05 6.57
N HIS E 263 8.39 -9.32 5.29
CA HIS E 263 7.59 -8.40 4.48
C HIS E 263 6.15 -8.29 5.00
N GLU E 264 5.58 -9.41 5.41
CA GLU E 264 4.20 -9.44 5.91
C GLU E 264 4.06 -9.10 7.40
N GLY E 265 5.18 -8.85 8.07
CA GLY E 265 5.16 -8.49 9.49
C GLY E 265 4.48 -9.48 10.42
N ILE E 266 4.75 -10.76 10.20
CA ILE E 266 4.11 -11.80 11.01
C ILE E 266 4.77 -12.07 12.35
N CYS E 267 5.91 -11.45 12.63
CA CYS E 267 6.61 -11.73 13.88
C CYS E 267 7.59 -10.67 14.35
N ASP E 268 8.10 -10.86 15.56
CA ASP E 268 9.09 -9.96 16.14
C ASP E 268 10.45 -10.65 16.10
N GLY E 269 10.42 -11.95 15.84
CA GLY E 269 11.65 -12.71 15.78
C GLY E 269 11.36 -14.10 15.24
N VAL E 270 12.41 -14.89 15.06
CA VAL E 270 12.24 -16.23 14.51
C VAL E 270 13.05 -17.29 15.23
N SER E 271 12.52 -18.51 15.23
CA SER E 271 13.21 -19.65 15.82
C SER E 271 13.95 -20.28 14.64
N ILE E 272 15.27 -20.31 14.72
CA ILE E 272 16.07 -20.86 13.63
C ILE E 272 16.51 -22.29 13.93
N LYS E 273 16.32 -23.18 12.96
CA LYS E 273 16.67 -24.59 13.11
C LYS E 273 17.31 -25.11 11.82
N ILE E 274 18.46 -25.76 11.92
CA ILE E 274 19.09 -26.29 10.72
C ILE E 274 18.20 -27.34 10.07
N MET E 275 17.36 -28.00 10.87
CA MET E 275 16.48 -29.01 10.30
C MET E 275 15.43 -28.39 9.37
N LYS E 276 15.17 -27.09 9.52
CA LYS E 276 14.21 -26.41 8.65
C LYS E 276 14.93 -25.73 7.49
N SER E 277 16.05 -25.07 7.79
CA SER E 277 16.81 -24.37 6.75
C SER E 277 17.55 -25.32 5.82
N GLY E 278 17.65 -26.59 6.21
CA GLY E 278 18.33 -27.57 5.38
C GLY E 278 19.82 -27.33 5.26
N GLY E 279 20.44 -26.85 6.33
CA GLY E 279 21.86 -26.57 6.32
C GLY E 279 22.23 -25.49 7.30
N LEU E 280 23.51 -25.41 7.65
CA LEU E 280 23.98 -24.42 8.61
C LEU E 280 24.09 -23.02 8.01
N THR E 281 24.61 -22.91 6.79
CA THR E 281 24.72 -21.61 6.14
C THR E 281 23.32 -21.00 5.96
N ARG E 282 22.40 -21.78 5.44
CA ARG E 282 21.05 -21.27 5.24
C ARG E 282 20.41 -20.79 6.55
N ALA E 283 20.78 -21.44 7.66
CA ALA E 283 20.24 -21.03 8.95
C ALA E 283 20.82 -19.66 9.29
N GLN E 284 22.10 -19.48 9.02
CA GLN E 284 22.77 -18.22 9.29
C GLN E 284 22.14 -17.12 8.44
N THR E 285 21.81 -17.45 7.20
CA THR E 285 21.19 -16.48 6.31
C THR E 285 19.83 -16.01 6.86
N VAL E 286 19.06 -16.94 7.44
CA VAL E 286 17.77 -16.56 7.99
C VAL E 286 17.98 -15.57 9.14
N ALA E 287 18.96 -15.85 10.00
CA ALA E 287 19.27 -15.00 11.15
C ALA E 287 19.71 -13.60 10.71
N ARG E 288 20.50 -13.56 9.65
CA ARG E 288 21.01 -12.30 9.13
C ARG E 288 19.91 -11.47 8.47
N ILE E 289 19.00 -12.13 7.76
CA ILE E 289 17.91 -11.41 7.12
C ILE E 289 16.99 -10.88 8.23
N ALA E 290 16.77 -11.69 9.27
CA ALA E 290 15.93 -11.26 10.38
C ALA E 290 16.50 -10.00 11.01
N ALA E 291 17.80 -10.03 11.30
CA ALA E 291 18.48 -8.88 11.90
C ALA E 291 18.40 -7.62 11.04
N ALA E 292 18.48 -7.79 9.72
CA ALA E 292 18.41 -6.66 8.81
C ALA E 292 17.01 -6.03 8.83
N HIS E 293 16.03 -6.76 9.33
CA HIS E 293 14.64 -6.27 9.43
C HIS E 293 14.33 -5.90 10.88
N GLY E 294 15.35 -5.92 11.74
CA GLY E 294 15.15 -5.59 13.14
C GLY E 294 14.35 -6.64 13.88
N LEU E 295 14.55 -7.89 13.53
CA LEU E 295 13.86 -8.99 14.16
C LEU E 295 14.88 -9.85 14.91
N MET E 296 14.49 -10.38 16.08
CA MET E 296 15.39 -11.20 16.89
C MET E 296 15.41 -12.67 16.45
N ALA E 297 16.44 -13.40 16.88
CA ALA E 297 16.58 -14.80 16.50
C ALA E 297 16.93 -15.68 17.70
N TYR E 298 16.36 -16.88 17.68
CA TYR E 298 16.52 -17.87 18.75
C TYR E 298 16.98 -19.21 18.18
N GLY E 299 17.82 -19.92 18.93
CA GLY E 299 18.31 -21.21 18.48
C GLY E 299 17.36 -22.34 18.82
N GLY E 300 16.40 -22.58 17.95
CA GLY E 300 15.45 -23.65 18.20
C GLY E 300 15.99 -24.99 17.76
N ASP E 301 15.25 -26.05 18.04
CA ASP E 301 15.68 -27.36 17.62
C ASP E 301 14.48 -28.27 17.54
N MET E 302 14.68 -29.46 16.98
CA MET E 302 13.61 -30.44 16.85
C MET E 302 13.92 -31.50 17.91
N PHE E 303 13.28 -32.66 17.82
CA PHE E 303 13.56 -33.73 18.77
C PHE E 303 14.80 -34.45 18.22
N GLU E 304 15.94 -33.83 18.45
CA GLU E 304 17.22 -34.31 17.97
C GLU E 304 18.12 -34.86 19.07
N ALA E 305 19.20 -35.50 18.64
CA ALA E 305 20.18 -36.09 19.55
C ALA E 305 21.43 -35.20 19.61
N GLY E 306 22.47 -35.71 20.28
CA GLY E 306 23.70 -34.95 20.42
C GLY E 306 24.36 -34.52 19.13
N LEU E 307 24.29 -35.36 18.11
CA LEU E 307 24.90 -35.04 16.82
C LEU E 307 24.27 -33.77 16.27
N ALA E 308 22.95 -33.72 16.20
CA ALA E 308 22.25 -32.53 15.71
C ALA E 308 22.56 -31.34 16.61
N HIS E 309 22.59 -31.55 17.92
CA HIS E 309 22.88 -30.46 18.86
C HIS E 309 24.23 -29.86 18.55
N LEU E 310 25.20 -30.70 18.21
CA LEU E 310 26.54 -30.23 17.91
C LEU E 310 26.55 -29.33 16.68
N ALA E 311 25.89 -29.76 15.62
CA ALA E 311 25.83 -28.98 14.38
C ALA E 311 25.17 -27.62 14.67
N GLY E 312 24.09 -27.63 15.45
CA GLY E 312 23.41 -26.41 15.79
C GLY E 312 24.29 -25.50 16.65
N THR E 313 25.08 -26.11 17.53
CA THR E 313 25.97 -25.37 18.41
C THR E 313 27.03 -24.62 17.61
N HIS E 314 27.66 -25.31 16.67
CA HIS E 314 28.67 -24.65 15.85
C HIS E 314 28.05 -23.52 15.04
N MET E 315 26.85 -23.74 14.51
CA MET E 315 26.19 -22.70 13.71
C MET E 315 25.98 -21.44 14.53
N ILE E 316 25.41 -21.60 15.71
CA ILE E 316 25.16 -20.46 16.60
C ILE E 316 26.45 -19.80 17.07
N ALA E 317 27.51 -20.58 17.25
CA ALA E 317 28.79 -20.02 17.70
C ALA E 317 29.32 -19.01 16.70
N ALA E 318 28.99 -19.22 15.42
CA ALA E 318 29.45 -18.33 14.35
C ALA E 318 28.37 -17.35 13.90
N THR E 319 27.31 -17.24 14.67
CA THR E 319 26.19 -16.37 14.30
C THR E 319 25.77 -15.44 15.43
N PRO E 320 26.39 -14.25 15.52
CA PRO E 320 26.04 -13.31 16.58
C PRO E 320 24.57 -12.86 16.58
N GLU E 321 23.91 -12.95 15.43
CA GLU E 321 22.50 -12.55 15.32
C GLU E 321 21.59 -13.37 16.23
N ILE E 322 21.98 -14.60 16.53
CA ILE E 322 21.18 -15.46 17.40
C ILE E 322 21.57 -15.14 18.85
N THR E 323 20.70 -14.39 19.54
CA THR E 323 20.97 -13.95 20.90
C THR E 323 20.03 -14.46 21.99
N LEU E 324 18.98 -15.18 21.61
CA LEU E 324 18.00 -15.64 22.61
C LEU E 324 18.24 -17.00 23.25
N GLY E 325 19.42 -17.56 23.05
CA GLY E 325 19.73 -18.86 23.63
C GLY E 325 19.39 -19.99 22.69
N CYS E 326 19.53 -21.23 23.15
CA CYS E 326 19.21 -22.39 22.32
C CYS E 326 18.46 -23.40 23.17
N GLU E 327 17.85 -24.39 22.53
CA GLU E 327 17.11 -25.41 23.26
C GLU E 327 17.59 -26.84 22.96
N PHE E 328 18.90 -27.02 22.92
CA PHE E 328 19.47 -28.35 22.67
C PHE E 328 19.53 -29.07 24.02
N TYR E 329 18.36 -29.39 24.56
CA TYR E 329 18.22 -30.04 25.87
C TYR E 329 17.89 -31.53 25.85
N GLN E 330 17.46 -32.05 24.71
CA GLN E 330 17.08 -33.45 24.62
C GLN E 330 18.16 -34.48 24.96
N ALA E 331 19.38 -34.27 24.49
CA ALA E 331 20.45 -35.21 24.78
C ALA E 331 20.69 -35.34 26.29
N SER E 332 20.45 -34.26 27.02
CA SER E 332 20.65 -34.24 28.46
C SER E 332 19.45 -34.65 29.31
N TYR E 333 18.28 -34.10 28.99
CA TYR E 333 17.07 -34.37 29.78
C TYR E 333 15.95 -35.17 29.15
N PHE E 334 16.08 -35.57 27.90
CA PHE E 334 14.99 -36.30 27.25
C PHE E 334 15.31 -37.70 26.76
N LEU E 335 16.45 -37.86 26.09
CA LEU E 335 16.84 -39.16 25.59
C LEU E 335 17.42 -39.98 26.73
N ASN E 336 16.99 -41.24 26.81
CA ASN E 336 17.49 -42.12 27.85
C ASN E 336 19.00 -42.27 27.68
N GLU E 337 19.44 -42.36 26.44
CA GLU E 337 20.85 -42.50 26.13
C GLU E 337 21.16 -41.76 24.82
N ASP E 338 22.24 -40.98 24.78
CA ASP E 338 22.61 -40.24 23.59
C ASP E 338 23.48 -41.14 22.69
N ILE E 339 23.64 -40.76 21.43
CA ILE E 339 24.42 -41.57 20.48
C ILE E 339 25.89 -41.19 20.35
N LEU E 340 26.30 -40.12 21.02
CA LEU E 340 27.69 -39.69 20.95
C LEU E 340 28.59 -40.58 21.82
N GLU E 341 29.88 -40.62 21.50
CA GLU E 341 30.82 -41.42 22.27
C GLU E 341 31.06 -40.72 23.60
N THR E 342 31.11 -39.39 23.54
CA THR E 342 31.30 -38.56 24.72
C THR E 342 30.08 -37.63 24.82
N PRO E 343 29.56 -37.43 26.03
CA PRO E 343 28.39 -36.57 26.26
C PRO E 343 28.45 -35.16 25.67
N PHE E 344 27.29 -34.66 25.26
CA PHE E 344 27.16 -33.31 24.71
C PHE E 344 27.42 -32.40 25.92
N ARG E 345 28.46 -31.57 25.84
CA ARG E 345 28.84 -30.69 26.95
C ARG E 345 27.95 -29.50 27.28
N VAL E 346 27.48 -29.49 28.52
CA VAL E 346 26.63 -28.41 29.06
C VAL E 346 27.08 -28.23 30.50
N GLU E 347 27.48 -27.02 30.86
CA GLU E 347 27.93 -26.74 32.22
C GLU E 347 27.35 -25.42 32.74
N ALA E 348 26.78 -25.48 33.94
CA ALA E 348 26.18 -24.31 34.56
C ALA E 348 25.14 -23.70 33.63
N GLY E 349 24.29 -24.57 33.08
CA GLY E 349 23.24 -24.14 32.17
C GLY E 349 23.69 -23.52 30.87
N GLN E 350 24.96 -23.71 30.52
CA GLN E 350 25.50 -23.16 29.28
C GLN E 350 26.06 -24.25 28.37
N VAL E 351 25.64 -24.25 27.10
CA VAL E 351 26.16 -25.24 26.16
C VAL E 351 27.61 -24.83 25.85
N ILE E 352 28.51 -25.80 25.88
CA ILE E 352 29.91 -25.51 25.60
C ILE E 352 30.21 -25.64 24.12
N VAL E 353 30.82 -24.61 23.52
CA VAL E 353 31.15 -24.66 22.10
C VAL E 353 32.47 -25.43 21.97
N PRO E 354 32.43 -26.57 21.26
CA PRO E 354 33.65 -27.38 21.07
C PRO E 354 34.70 -26.68 20.22
N ASP E 355 35.96 -27.00 20.45
CA ASP E 355 37.03 -26.39 19.67
C ASP E 355 37.85 -27.44 18.94
N GLY E 356 37.49 -28.71 19.14
CA GLY E 356 38.22 -29.80 18.51
C GLY E 356 37.87 -29.93 17.03
N PRO E 357 38.55 -30.81 16.30
CA PRO E 357 38.28 -31.02 14.87
C PRO E 357 36.85 -31.47 14.61
N GLY E 358 36.28 -31.03 13.50
CA GLY E 358 34.92 -31.42 13.16
C GLY E 358 33.85 -30.92 14.13
N LEU E 359 32.80 -31.71 14.29
CA LEU E 359 31.70 -31.36 15.18
C LEU E 359 32.11 -31.38 16.65
N GLY E 360 33.21 -32.06 16.94
CA GLY E 360 33.69 -32.11 18.32
C GLY E 360 33.37 -33.42 19.03
N ALA E 361 32.65 -34.30 18.33
CA ALA E 361 32.32 -35.59 18.91
C ALA E 361 31.93 -36.55 17.81
N ARG E 362 32.21 -37.83 18.02
CA ARG E 362 31.90 -38.85 17.03
C ARG E 362 30.72 -39.70 17.48
N ALA E 363 29.86 -40.05 16.53
CA ALA E 363 28.72 -40.88 16.83
C ALA E 363 29.28 -42.24 17.23
N ASP E 364 28.61 -42.92 18.16
CA ASP E 364 29.06 -44.22 18.61
C ASP E 364 28.56 -45.32 17.68
N PRO E 365 29.46 -45.91 16.89
CA PRO E 365 29.06 -46.97 15.95
C PRO E 365 28.25 -48.11 16.58
N GLU E 366 28.58 -48.47 17.83
CA GLU E 366 27.84 -49.54 18.50
C GLU E 366 26.42 -49.12 18.82
N LYS E 367 26.25 -47.87 19.28
CA LYS E 367 24.93 -47.37 19.61
C LYS E 367 24.09 -47.22 18.34
N LEU E 368 24.75 -46.84 17.24
CA LEU E 368 24.04 -46.67 15.98
C LEU E 368 23.49 -48.02 15.53
N GLU E 369 24.28 -49.08 15.75
CA GLU E 369 23.86 -50.41 15.35
C GLU E 369 22.80 -50.97 16.31
N HIS E 370 22.95 -50.66 17.59
CA HIS E 370 22.04 -51.12 18.62
C HIS E 370 20.63 -50.54 18.51
N TYR E 371 20.54 -49.25 18.19
CA TYR E 371 19.24 -48.59 18.09
C TYR E 371 18.67 -48.46 16.68
N ALA E 372 19.40 -48.98 15.69
CA ALA E 372 18.95 -48.89 14.32
C ALA E 372 17.77 -49.82 14.02
N VAL E 373 16.83 -49.31 13.22
CA VAL E 373 15.67 -50.08 12.80
C VAL E 373 15.78 -50.26 11.30
N ARG E 374 16.88 -49.75 10.75
CA ARG E 374 17.18 -49.84 9.33
C ARG E 374 18.54 -49.20 9.05
N ARG E 375 19.31 -49.81 8.15
CA ARG E 375 20.63 -49.30 7.81
C ARG E 375 20.93 -49.54 6.33
N LEU F 6 -28.83 -40.77 -11.77
CA LEU F 6 -29.03 -39.30 -11.74
C LEU F 6 -29.25 -38.74 -13.14
N GLU F 7 -29.44 -39.64 -14.10
CA GLU F 7 -29.69 -39.23 -15.47
C GLU F 7 -31.15 -38.84 -15.59
N GLN F 8 -31.93 -39.17 -14.56
CA GLN F 8 -33.36 -38.84 -14.53
C GLN F 8 -33.56 -37.35 -14.74
N LYS F 9 -34.70 -36.98 -15.32
CA LYS F 9 -34.97 -35.58 -15.56
C LYS F 9 -35.98 -35.00 -14.57
N ILE F 10 -35.86 -33.70 -14.32
CA ILE F 10 -36.76 -32.99 -13.41
C ILE F 10 -37.99 -32.71 -14.24
N ILE F 11 -39.14 -33.24 -13.82
CA ILE F 11 -40.36 -33.03 -14.58
C ILE F 11 -41.35 -32.01 -14.02
N ALA F 12 -41.20 -31.65 -12.75
CA ALA F 12 -42.12 -30.68 -12.16
C ALA F 12 -41.53 -29.78 -11.09
N MET F 13 -42.04 -28.54 -11.05
CA MET F 13 -41.64 -27.54 -10.07
C MET F 13 -42.92 -26.96 -9.47
N ASP F 14 -43.08 -27.10 -8.17
CA ASP F 14 -44.24 -26.57 -7.46
C ASP F 14 -43.73 -25.58 -6.42
N LEU F 15 -44.45 -24.48 -6.26
CA LEU F 15 -44.08 -23.44 -5.30
C LEU F 15 -45.21 -23.07 -4.35
N TRP F 16 -44.83 -22.66 -3.14
CA TRP F 16 -45.78 -22.25 -2.11
C TRP F 16 -45.24 -21.03 -1.37
N HIS F 17 -45.99 -19.92 -1.40
CA HIS F 17 -45.60 -18.73 -0.66
C HIS F 17 -46.38 -18.88 0.65
N LEU F 18 -45.67 -19.17 1.73
CA LEU F 18 -46.31 -19.38 3.01
C LEU F 18 -46.29 -18.18 3.93
N ALA F 19 -47.28 -18.12 4.81
CA ALA F 19 -47.41 -17.08 5.80
C ALA F 19 -47.54 -17.89 7.08
N LEU F 20 -46.46 -17.97 7.85
CA LEU F 20 -46.45 -18.76 9.07
C LEU F 20 -46.57 -17.94 10.36
N PRO F 21 -47.51 -18.32 11.24
CA PRO F 21 -47.73 -17.63 12.52
C PRO F 21 -46.54 -17.85 13.44
N VAL F 22 -46.19 -16.83 14.21
CA VAL F 22 -45.05 -16.92 15.12
C VAL F 22 -45.46 -16.97 16.60
N CYS F 37 -44.22 -14.76 9.56
CA CYS F 37 -42.99 -15.24 8.92
C CYS F 37 -43.31 -15.83 7.55
N GLU F 38 -42.91 -15.10 6.50
CA GLU F 38 -43.16 -15.55 5.13
C GLU F 38 -41.95 -16.26 4.54
N ILE F 39 -42.20 -17.39 3.89
CA ILE F 39 -41.15 -18.16 3.24
C ILE F 39 -41.74 -18.77 1.98
N VAL F 40 -40.87 -19.20 1.08
CA VAL F 40 -41.32 -19.82 -0.15
C VAL F 40 -40.74 -21.22 -0.19
N VAL F 41 -41.62 -22.21 -0.35
CA VAL F 41 -41.20 -23.60 -0.38
C VAL F 41 -41.23 -24.10 -1.82
N LEU F 42 -40.19 -24.84 -2.19
CA LEU F 42 -40.06 -25.39 -3.53
C LEU F 42 -40.05 -26.90 -3.52
N ARG F 43 -40.76 -27.50 -4.47
CA ARG F 43 -40.78 -28.95 -4.59
C ARG F 43 -40.37 -29.32 -6.02
N LEU F 44 -39.41 -30.22 -6.13
CA LEU F 44 -38.97 -30.69 -7.44
C LEU F 44 -39.30 -32.18 -7.52
N VAL F 45 -39.69 -32.64 -8.69
CA VAL F 45 -40.02 -34.05 -8.86
C VAL F 45 -39.31 -34.63 -10.08
N ALA F 46 -38.63 -35.75 -9.89
CA ALA F 46 -37.92 -36.42 -10.96
C ALA F 46 -38.84 -37.41 -11.68
N GLU F 47 -38.43 -37.88 -12.84
CA GLU F 47 -39.22 -38.82 -13.62
C GLU F 47 -39.59 -40.05 -12.78
N GLY F 48 -38.63 -40.52 -11.99
CA GLY F 48 -38.85 -41.68 -11.16
C GLY F 48 -39.80 -41.45 -9.99
N GLY F 49 -40.33 -40.23 -9.87
CA GLY F 49 -41.24 -39.92 -8.78
C GLY F 49 -40.63 -39.37 -7.51
N ALA F 50 -39.30 -39.44 -7.37
CA ALA F 50 -38.64 -38.93 -6.18
C ALA F 50 -38.94 -37.44 -6.04
N GLU F 51 -38.95 -36.94 -4.80
CA GLU F 51 -39.24 -35.53 -4.57
C GLU F 51 -38.17 -34.81 -3.77
N GLY F 52 -37.90 -33.57 -4.16
CA GLY F 52 -36.89 -32.77 -3.48
C GLY F 52 -37.51 -31.47 -2.99
N PHE F 53 -37.17 -31.08 -1.76
CA PHE F 53 -37.69 -29.86 -1.17
C PHE F 53 -36.61 -28.85 -0.83
N GLY F 54 -36.95 -27.58 -0.99
CA GLY F 54 -36.02 -26.51 -0.69
C GLY F 54 -36.80 -25.33 -0.17
N GLU F 55 -36.20 -24.54 0.72
CA GLU F 55 -36.88 -23.38 1.28
C GLU F 55 -36.11 -22.10 1.03
N ALA F 56 -36.84 -21.02 0.74
CA ALA F 56 -36.27 -19.70 0.54
C ALA F 56 -36.89 -18.86 1.65
N SER F 57 -36.06 -18.21 2.48
CA SER F 57 -36.54 -17.41 3.60
C SER F 57 -36.06 -15.96 3.51
N PRO F 58 -36.68 -15.16 2.63
CA PRO F 58 -36.33 -13.75 2.40
C PRO F 58 -36.61 -12.77 3.54
N TRP F 59 -35.73 -11.80 3.69
CA TRP F 59 -35.91 -10.74 4.68
C TRP F 59 -35.99 -9.51 3.80
N ALA F 60 -37.22 -9.04 3.60
CA ALA F 60 -37.53 -7.89 2.76
C ALA F 60 -36.51 -6.77 2.67
N VAL F 61 -36.08 -6.25 3.81
CA VAL F 61 -35.13 -5.14 3.83
C VAL F 61 -33.68 -5.51 3.59
N PHE F 62 -33.34 -6.79 3.71
CA PHE F 62 -31.95 -7.20 3.50
C PHE F 62 -31.66 -8.05 2.27
N THR F 63 -32.21 -9.26 2.21
CA THR F 63 -31.95 -10.15 1.08
C THR F 63 -32.91 -9.95 -0.09
N GLY F 64 -34.13 -9.52 0.22
CA GLY F 64 -35.11 -9.34 -0.82
C GLY F 64 -36.46 -9.80 -0.31
N THR F 65 -37.48 -9.64 -1.13
CA THR F 65 -38.84 -9.99 -0.74
C THR F 65 -39.28 -11.40 -1.15
N PRO F 66 -40.27 -11.97 -0.44
CA PRO F 66 -40.75 -13.30 -0.79
C PRO F 66 -41.33 -13.29 -2.21
N GLU F 67 -41.93 -12.17 -2.60
CA GLU F 67 -42.49 -12.03 -3.94
C GLU F 67 -41.39 -12.14 -5.00
N ALA F 68 -40.23 -11.53 -4.74
CA ALA F 68 -39.13 -11.57 -5.69
C ALA F 68 -38.59 -12.99 -5.89
N SER F 69 -38.38 -13.69 -4.78
CA SER F 69 -37.87 -15.06 -4.85
C SER F 69 -38.89 -16.01 -5.47
N TYR F 70 -40.17 -15.73 -5.24
CA TYR F 70 -41.23 -16.56 -5.80
C TYR F 70 -41.19 -16.43 -7.32
N ALA F 71 -41.21 -15.20 -7.82
CA ALA F 71 -41.16 -14.96 -9.25
C ALA F 71 -39.89 -15.54 -9.85
N ALA F 72 -38.77 -15.38 -9.13
CA ALA F 72 -37.49 -15.89 -9.61
C ALA F 72 -37.59 -17.37 -9.94
N LEU F 73 -38.16 -18.14 -9.03
CA LEU F 73 -38.30 -19.58 -9.26
C LEU F 73 -39.36 -19.89 -10.31
N ASP F 74 -40.56 -19.35 -10.10
CA ASP F 74 -41.70 -19.58 -10.97
C ASP F 74 -41.51 -19.25 -12.45
N ARG F 75 -40.98 -18.07 -12.74
CA ARG F 75 -40.81 -17.65 -14.13
C ARG F 75 -39.42 -17.76 -14.74
N TYR F 76 -38.42 -17.29 -14.01
CA TYR F 76 -37.06 -17.27 -14.52
C TYR F 76 -36.19 -18.51 -14.39
N LEU F 77 -36.31 -19.25 -13.29
CA LEU F 77 -35.49 -20.45 -13.12
C LEU F 77 -36.19 -21.72 -13.59
N ARG F 78 -37.51 -21.69 -13.59
CA ARG F 78 -38.30 -22.84 -14.03
C ARG F 78 -37.84 -23.37 -15.41
N PRO F 79 -37.75 -22.48 -16.41
CA PRO F 79 -37.32 -22.88 -17.77
C PRO F 79 -35.94 -23.52 -17.78
N LEU F 80 -35.13 -23.15 -16.79
CA LEU F 80 -33.77 -23.63 -16.66
C LEU F 80 -33.65 -24.98 -15.96
N VAL F 81 -34.66 -25.32 -15.15
CA VAL F 81 -34.65 -26.56 -14.39
C VAL F 81 -35.46 -27.70 -15.01
N ILE F 82 -36.68 -27.39 -15.46
CA ILE F 82 -37.55 -28.39 -16.06
C ILE F 82 -36.91 -29.08 -17.26
N GLY F 83 -36.80 -30.41 -17.19
CA GLY F 83 -36.22 -31.17 -18.28
C GLY F 83 -34.76 -31.50 -18.09
N ARG F 84 -34.12 -30.86 -17.12
CA ARG F 84 -32.71 -31.08 -16.83
C ARG F 84 -32.51 -32.35 -16.01
N ARG F 85 -31.32 -32.93 -16.10
CA ARG F 85 -30.97 -34.14 -15.36
C ARG F 85 -30.59 -33.78 -13.93
N VAL F 86 -30.99 -34.61 -12.98
CA VAL F 86 -30.70 -34.39 -11.56
C VAL F 86 -29.20 -34.32 -11.27
N GLY F 87 -28.42 -35.08 -12.04
CA GLY F 87 -26.98 -35.10 -11.83
C GLY F 87 -26.27 -33.86 -12.36
N ASP F 88 -26.98 -33.02 -13.10
CA ASP F 88 -26.40 -31.80 -13.65
C ASP F 88 -26.52 -30.59 -12.73
N ARG F 89 -26.70 -30.84 -11.44
CA ARG F 89 -26.85 -29.78 -10.44
C ARG F 89 -25.84 -28.64 -10.59
N VAL F 90 -24.56 -28.98 -10.75
CA VAL F 90 -23.52 -27.97 -10.88
C VAL F 90 -23.81 -27.00 -12.02
N ALA F 91 -24.13 -27.54 -13.19
CA ALA F 91 -24.42 -26.71 -14.36
C ALA F 91 -25.66 -25.88 -14.11
N ILE F 92 -26.71 -26.52 -13.60
CA ILE F 92 -27.96 -25.85 -13.31
C ILE F 92 -27.76 -24.63 -12.41
N MET F 93 -27.03 -24.82 -11.32
CA MET F 93 -26.80 -23.73 -10.37
C MET F 93 -25.88 -22.65 -10.92
N ASP F 94 -24.94 -23.04 -11.77
CA ASP F 94 -24.03 -22.07 -12.37
C ASP F 94 -24.90 -21.17 -13.24
N GLU F 95 -25.79 -21.78 -14.01
CA GLU F 95 -26.69 -21.06 -14.89
C GLU F 95 -27.74 -20.26 -14.11
N ALA F 96 -28.20 -20.83 -13.01
CA ALA F 96 -29.22 -20.20 -12.18
C ALA F 96 -28.73 -18.86 -11.63
N ALA F 97 -27.49 -18.83 -11.16
CA ALA F 97 -26.93 -17.62 -10.61
C ALA F 97 -27.01 -16.47 -11.61
N ARG F 98 -26.81 -16.79 -12.88
CA ARG F 98 -26.83 -15.76 -13.93
C ARG F 98 -28.20 -15.46 -14.56
N ALA F 99 -29.14 -16.37 -14.40
CA ALA F 99 -30.48 -16.22 -15.00
C ALA F 99 -31.39 -15.17 -14.37
N VAL F 100 -31.17 -14.83 -13.12
CA VAL F 100 -31.99 -13.84 -12.44
C VAL F 100 -31.15 -13.15 -11.37
N ALA F 101 -31.24 -11.83 -11.32
CA ALA F 101 -30.46 -11.05 -10.35
C ALA F 101 -30.94 -11.25 -8.93
N HIS F 102 -30.00 -11.25 -7.98
CA HIS F 102 -30.33 -11.40 -6.57
C HIS F 102 -31.12 -12.68 -6.31
N CYS F 103 -32.08 -12.63 -5.39
CA CYS F 103 -32.88 -13.79 -5.06
C CYS F 103 -32.01 -14.99 -4.69
N THR F 104 -30.98 -14.73 -3.90
CA THR F 104 -30.07 -15.77 -3.43
C THR F 104 -30.85 -16.76 -2.57
N GLU F 105 -31.97 -16.32 -2.03
CA GLU F 105 -32.82 -17.18 -1.20
C GLU F 105 -33.45 -18.22 -2.12
N ALA F 106 -33.92 -17.78 -3.28
CA ALA F 106 -34.54 -18.67 -4.27
C ALA F 106 -33.50 -19.65 -4.83
N LYS F 107 -32.27 -19.17 -4.99
CA LYS F 107 -31.20 -19.99 -5.51
C LYS F 107 -30.83 -21.04 -4.47
N ALA F 108 -30.87 -20.67 -3.19
CA ALA F 108 -30.55 -21.60 -2.11
C ALA F 108 -31.66 -22.67 -2.04
N ALA F 109 -32.90 -22.23 -2.28
CA ALA F 109 -34.05 -23.14 -2.25
C ALA F 109 -33.88 -24.19 -3.34
N LEU F 110 -33.47 -23.75 -4.53
CA LEU F 110 -33.28 -24.65 -5.66
C LEU F 110 -32.16 -25.65 -5.39
N ASP F 111 -31.04 -25.15 -4.86
CA ASP F 111 -29.91 -26.00 -4.56
C ASP F 111 -30.35 -27.04 -3.52
N SER F 112 -31.11 -26.59 -2.53
CA SER F 112 -31.61 -27.48 -1.48
C SER F 112 -32.49 -28.57 -2.11
N ALA F 113 -33.38 -28.17 -3.02
CA ALA F 113 -34.27 -29.12 -3.67
C ALA F 113 -33.50 -30.14 -4.53
N LEU F 114 -32.49 -29.66 -5.25
CA LEU F 114 -31.69 -30.53 -6.12
C LEU F 114 -30.92 -31.58 -5.32
N LEU F 115 -30.35 -31.17 -4.19
CA LEU F 115 -29.60 -32.07 -3.33
C LEU F 115 -30.51 -33.06 -2.61
N ASP F 116 -31.66 -32.57 -2.17
CA ASP F 116 -32.64 -33.40 -1.47
C ASP F 116 -33.05 -34.49 -2.46
N LEU F 117 -33.34 -34.07 -3.68
CA LEU F 117 -33.76 -34.98 -4.75
C LEU F 117 -32.69 -36.01 -5.08
N ALA F 118 -31.45 -35.55 -5.24
CA ALA F 118 -30.34 -36.45 -5.55
C ALA F 118 -30.11 -37.44 -4.42
N GLY F 119 -30.25 -36.97 -3.19
CA GLY F 119 -30.04 -37.84 -2.03
C GLY F 119 -31.13 -38.89 -1.93
N ARG F 120 -32.35 -38.53 -2.29
CA ARG F 120 -33.48 -39.45 -2.25
C ARG F 120 -33.22 -40.55 -3.28
N ILE F 121 -32.87 -40.13 -4.49
CA ILE F 121 -32.59 -41.06 -5.58
C ILE F 121 -31.48 -42.04 -5.25
N SER F 122 -30.36 -41.53 -4.74
CA SER F 122 -29.21 -42.37 -4.42
C SER F 122 -29.23 -42.95 -3.01
N ASN F 123 -30.29 -42.64 -2.26
CA ASN F 123 -30.42 -43.13 -0.89
C ASN F 123 -29.23 -42.66 -0.05
N LEU F 124 -29.05 -41.35 0.02
CA LEU F 124 -27.96 -40.77 0.79
C LEU F 124 -28.39 -39.44 1.39
N PRO F 125 -27.90 -39.14 2.60
CA PRO F 125 -28.24 -37.89 3.27
C PRO F 125 -27.52 -36.77 2.51
N VAL F 126 -28.08 -35.57 2.51
CA VAL F 126 -27.46 -34.47 1.79
C VAL F 126 -25.99 -34.24 2.12
N TRP F 127 -25.60 -34.39 3.40
CA TRP F 127 -24.21 -34.16 3.76
C TRP F 127 -23.26 -35.14 3.05
N ALA F 128 -23.79 -36.27 2.62
CA ALA F 128 -22.98 -37.27 1.93
C ALA F 128 -22.68 -36.80 0.51
N LEU F 129 -23.42 -35.79 0.05
CA LEU F 129 -23.20 -35.26 -1.28
C LEU F 129 -22.37 -33.98 -1.20
N LEU F 130 -22.04 -33.58 0.03
CA LEU F 130 -21.26 -32.37 0.27
C LEU F 130 -19.87 -32.67 0.82
N GLY F 131 -19.42 -33.91 0.65
CA GLY F 131 -18.10 -34.30 1.11
C GLY F 131 -18.06 -35.24 2.31
N GLY F 132 -19.20 -35.48 2.93
CA GLY F 132 -19.22 -36.34 4.09
C GLY F 132 -19.49 -35.49 5.32
N LYS F 133 -19.40 -36.07 6.50
CA LYS F 133 -19.66 -35.31 7.72
C LYS F 133 -18.46 -35.31 8.66
N CYS F 134 -18.36 -34.24 9.46
CA CYS F 134 -17.25 -34.11 10.40
C CYS F 134 -17.81 -33.96 11.82
N ARG F 135 -19.13 -33.91 11.93
CA ARG F 135 -19.79 -33.77 13.23
C ARG F 135 -21.19 -34.37 13.18
N ASP F 136 -21.64 -34.89 14.32
CA ASP F 136 -22.96 -35.49 14.42
C ASP F 136 -24.01 -34.53 14.95
N THR F 137 -23.56 -33.49 15.65
CA THR F 137 -24.46 -32.49 16.21
C THR F 137 -23.85 -31.09 16.10
N ILE F 138 -24.67 -30.07 16.27
CA ILE F 138 -24.21 -28.68 16.19
C ILE F 138 -24.78 -27.86 17.35
N PRO F 139 -23.91 -27.20 18.14
CA PRO F 139 -24.41 -26.39 19.26
C PRO F 139 -25.41 -25.37 18.74
N LEU F 140 -26.54 -25.25 19.42
CA LEU F 140 -27.58 -24.31 19.00
C LEU F 140 -27.61 -23.02 19.80
N SER F 141 -27.87 -21.93 19.09
CA SER F 141 -27.99 -20.61 19.71
C SER F 141 -29.39 -20.10 19.43
N CYS F 142 -30.01 -19.49 20.44
CA CYS F 142 -31.34 -18.92 20.28
C CYS F 142 -31.20 -17.40 20.46
N SER F 143 -31.85 -16.65 19.58
CA SER F 143 -31.78 -15.20 19.65
C SER F 143 -32.74 -14.60 20.67
N ILE F 144 -32.30 -13.51 21.29
CA ILE F 144 -33.08 -12.78 22.31
C ILE F 144 -33.32 -11.40 21.70
N ALA F 145 -34.53 -11.20 21.17
CA ALA F 145 -34.86 -9.94 20.49
C ALA F 145 -36.24 -9.36 20.73
N ASN F 146 -36.89 -9.74 21.82
CA ASN F 146 -38.22 -9.23 22.10
C ASN F 146 -38.16 -7.84 22.72
N PRO F 147 -38.95 -6.88 22.19
CA PRO F 147 -38.93 -5.53 22.77
C PRO F 147 -39.43 -5.58 24.21
N ASP F 148 -40.18 -6.63 24.51
CA ASP F 148 -40.69 -6.88 25.86
C ASP F 148 -39.71 -7.91 26.43
N PHE F 149 -38.70 -7.43 27.15
CA PHE F 149 -37.67 -8.29 27.70
C PHE F 149 -38.20 -9.35 28.67
N ASP F 150 -39.29 -9.06 29.37
CA ASP F 150 -39.85 -10.04 30.31
C ASP F 150 -40.24 -11.32 29.55
N ALA F 151 -40.71 -11.18 28.33
CA ALA F 151 -41.09 -12.34 27.53
C ALA F 151 -39.84 -13.18 27.27
N ASP F 152 -38.72 -12.52 26.96
CA ASP F 152 -37.47 -13.23 26.71
C ASP F 152 -36.90 -13.87 27.97
N ILE F 153 -37.15 -13.27 29.13
CA ILE F 153 -36.66 -13.86 30.37
C ILE F 153 -37.35 -15.21 30.55
N ALA F 154 -38.65 -15.24 30.24
CA ALA F 154 -39.42 -16.48 30.34
C ALA F 154 -38.85 -17.46 29.32
N LEU F 155 -38.48 -16.94 28.15
CA LEU F 155 -37.91 -17.75 27.10
C LEU F 155 -36.55 -18.30 27.56
N MET F 156 -35.72 -17.43 28.13
CA MET F 156 -34.41 -17.87 28.59
C MET F 156 -34.54 -18.92 29.69
N GLU F 157 -35.62 -18.88 30.44
CA GLU F 157 -35.86 -19.87 31.51
C GLU F 157 -36.05 -21.23 30.86
N ARG F 158 -36.81 -21.24 29.76
CA ARG F 158 -37.10 -22.45 29.02
C ARG F 158 -35.84 -22.95 28.31
N LEU F 159 -35.08 -22.03 27.75
CA LEU F 159 -33.84 -22.36 27.05
C LEU F 159 -32.87 -23.05 27.99
N ARG F 160 -32.67 -22.47 29.16
CA ARG F 160 -31.76 -23.06 30.14
C ARG F 160 -32.24 -24.47 30.49
N ALA F 161 -33.54 -24.61 30.71
CA ALA F 161 -34.11 -25.90 31.04
C ALA F 161 -33.88 -26.92 29.93
N ASP F 162 -33.94 -26.46 28.67
CA ASP F 162 -33.75 -27.36 27.54
C ASP F 162 -32.29 -27.73 27.23
N GLY F 163 -31.35 -27.09 27.90
CA GLY F 163 -29.95 -27.41 27.65
C GLY F 163 -29.30 -26.53 26.58
N VAL F 164 -30.01 -25.50 26.13
CA VAL F 164 -29.46 -24.60 25.13
C VAL F 164 -28.40 -23.78 25.86
N GLY F 165 -27.17 -23.80 25.36
CA GLY F 165 -26.11 -23.07 26.04
C GLY F 165 -25.63 -21.80 25.35
N LEU F 166 -26.23 -21.45 24.23
CA LEU F 166 -25.82 -20.25 23.51
C LEU F 166 -27.00 -19.36 23.18
N ILE F 167 -26.82 -18.05 23.33
CA ILE F 167 -27.86 -17.10 22.97
C ILE F 167 -27.21 -15.91 22.28
N LYS F 168 -27.96 -15.27 21.38
CA LYS F 168 -27.46 -14.10 20.67
C LYS F 168 -28.43 -12.95 20.94
N LEU F 169 -27.95 -11.93 21.62
CA LEU F 169 -28.78 -10.78 21.95
C LEU F 169 -28.88 -9.82 20.75
N LYS F 170 -30.10 -9.57 20.30
CA LYS F 170 -30.32 -8.65 19.19
C LYS F 170 -30.24 -7.27 19.81
N THR F 171 -29.26 -6.49 19.36
CA THR F 171 -29.05 -5.15 19.87
C THR F 171 -29.28 -4.05 18.84
N GLY F 172 -29.35 -2.81 19.33
CA GLY F 172 -29.53 -1.68 18.44
C GLY F 172 -30.90 -1.31 17.92
N PHE F 173 -31.94 -2.13 18.15
CA PHE F 173 -33.25 -1.77 17.62
C PHE F 173 -33.99 -0.78 18.54
N ARG F 174 -33.39 -0.51 19.69
CA ARG F 174 -33.91 0.45 20.66
C ARG F 174 -32.69 1.26 21.10
N ASP F 175 -32.82 2.01 22.18
CA ASP F 175 -31.68 2.81 22.63
C ASP F 175 -30.59 1.93 23.24
N HIS F 176 -29.41 2.53 23.43
CA HIS F 176 -28.27 1.83 23.99
C HIS F 176 -28.54 1.26 25.39
N ALA F 177 -29.25 2.04 26.20
CA ALA F 177 -29.58 1.63 27.56
C ALA F 177 -30.26 0.27 27.58
N PHE F 178 -31.16 0.05 26.63
CA PHE F 178 -31.89 -1.21 26.54
C PHE F 178 -30.95 -2.39 26.30
N ASP F 179 -29.90 -2.17 25.52
CA ASP F 179 -28.93 -3.24 25.26
C ASP F 179 -28.13 -3.54 26.51
N ILE F 180 -27.69 -2.49 27.21
CA ILE F 180 -26.91 -2.66 28.43
C ILE F 180 -27.75 -3.31 29.52
N MET F 181 -29.00 -2.86 29.66
CA MET F 181 -29.90 -3.42 30.66
C MET F 181 -29.99 -4.93 30.53
N ARG F 182 -30.24 -5.40 29.31
CA ARG F 182 -30.35 -6.83 29.07
C ARG F 182 -29.05 -7.58 29.30
N LEU F 183 -27.94 -7.03 28.84
CA LEU F 183 -26.66 -7.69 29.04
C LEU F 183 -26.38 -7.85 30.53
N GLU F 184 -26.72 -6.84 31.31
CA GLU F 184 -26.48 -6.87 32.75
C GLU F 184 -27.32 -7.94 33.44
N LEU F 185 -28.60 -8.02 33.08
CA LEU F 185 -29.48 -9.01 33.68
C LEU F 185 -29.07 -10.42 33.26
N ILE F 186 -28.71 -10.60 32.00
CA ILE F 186 -28.30 -11.92 31.52
C ILE F 186 -27.09 -12.42 32.30
N ALA F 187 -26.10 -11.56 32.49
CA ALA F 187 -24.90 -11.95 33.23
C ALA F 187 -25.26 -12.28 34.68
N ARG F 188 -26.24 -11.55 35.20
CA ARG F 188 -26.68 -11.74 36.59
C ARG F 188 -27.56 -12.97 36.79
N ASP F 189 -28.64 -13.07 36.03
CA ASP F 189 -29.58 -14.20 36.17
C ASP F 189 -29.38 -15.42 35.29
N PHE F 190 -28.64 -15.28 34.19
CA PHE F 190 -28.42 -16.40 33.29
C PHE F 190 -26.96 -16.55 32.90
N PRO F 191 -26.07 -16.69 33.90
CA PRO F 191 -24.62 -16.85 33.68
C PRO F 191 -24.21 -18.12 32.95
N GLU F 192 -25.14 -19.07 32.84
CA GLU F 192 -24.85 -20.34 32.19
C GLU F 192 -24.67 -20.22 30.69
N PHE F 193 -25.32 -19.23 30.09
CA PHE F 193 -25.24 -19.01 28.64
C PHE F 193 -23.95 -18.33 28.18
N ARG F 194 -23.50 -18.67 26.98
CA ARG F 194 -22.37 -18.00 26.37
C ARG F 194 -23.17 -16.97 25.57
N VAL F 195 -22.75 -15.72 25.56
CA VAL F 195 -23.50 -14.69 24.88
C VAL F 195 -22.84 -14.10 23.64
N ARG F 196 -23.64 -13.94 22.58
CA ARG F 196 -23.19 -13.33 21.34
C ARG F 196 -24.07 -12.10 21.15
N VAL F 197 -23.66 -11.17 20.30
CA VAL F 197 -24.42 -9.95 20.05
C VAL F 197 -24.58 -9.70 18.55
N ASP F 198 -25.75 -9.19 18.15
CA ASP F 198 -26.00 -8.92 16.72
C ASP F 198 -26.80 -7.63 16.55
N TYR F 199 -26.17 -6.64 15.92
CA TYR F 199 -26.80 -5.36 15.67
C TYR F 199 -27.63 -5.31 14.39
N ASN F 200 -27.52 -6.37 13.58
CA ASN F 200 -28.25 -6.43 12.31
C ASN F 200 -28.18 -5.12 11.51
N GLN F 201 -26.97 -4.60 11.32
CA GLN F 201 -26.77 -3.34 10.58
C GLN F 201 -27.56 -2.18 11.17
N GLY F 202 -28.02 -2.35 12.41
CA GLY F 202 -28.85 -1.34 13.03
C GLY F 202 -28.31 -0.01 13.49
N LEU F 203 -26.99 0.14 13.60
CA LEU F 203 -26.42 1.40 14.07
C LEU F 203 -26.08 2.40 12.99
N GLU F 204 -26.27 3.68 13.31
CA GLU F 204 -25.94 4.75 12.39
C GLU F 204 -24.46 5.09 12.58
N ILE F 205 -23.88 5.75 11.58
CA ILE F 205 -22.48 6.13 11.61
C ILE F 205 -22.08 6.87 12.90
N ASP F 206 -22.85 7.87 13.28
CA ASP F 206 -22.51 8.68 14.45
C ASP F 206 -22.68 8.05 15.82
N GLU F 207 -23.09 6.79 15.88
CA GLU F 207 -23.27 6.12 17.16
C GLU F 207 -22.59 4.76 17.21
N ALA F 208 -22.06 4.31 16.07
CA ALA F 208 -21.42 3.00 16.00
C ALA F 208 -20.28 2.77 17.00
N VAL F 209 -19.27 3.64 16.97
CA VAL F 209 -18.14 3.46 17.87
C VAL F 209 -18.49 3.44 19.36
N PRO F 210 -19.18 4.48 19.86
CA PRO F 210 -19.50 4.46 21.29
C PRO F 210 -20.36 3.28 21.76
N ARG F 211 -21.36 2.89 20.98
CA ARG F 211 -22.19 1.76 21.40
C ARG F 211 -21.45 0.43 21.36
N VAL F 212 -20.68 0.19 20.30
CA VAL F 212 -19.92 -1.06 20.19
C VAL F 212 -18.87 -1.15 21.30
N LEU F 213 -18.18 -0.05 21.57
CA LEU F 213 -17.17 -0.05 22.61
C LEU F 213 -17.75 -0.41 23.97
N ASP F 214 -18.91 0.16 24.29
CA ASP F 214 -19.55 -0.11 25.58
C ASP F 214 -20.05 -1.54 25.67
N VAL F 215 -20.66 -2.04 24.60
CA VAL F 215 -21.15 -3.42 24.61
C VAL F 215 -19.98 -4.40 24.70
N ALA F 216 -18.89 -4.10 24.01
CA ALA F 216 -17.71 -4.97 24.01
C ALA F 216 -17.15 -5.18 25.43
N GLN F 217 -17.47 -4.27 26.34
CA GLN F 217 -17.00 -4.39 27.72
C GLN F 217 -17.57 -5.63 28.39
N PHE F 218 -18.71 -6.09 27.89
CA PHE F 218 -19.36 -7.29 28.42
C PHE F 218 -18.74 -8.56 27.85
N GLN F 219 -17.73 -8.38 27.00
CA GLN F 219 -17.02 -9.47 26.38
C GLN F 219 -17.85 -10.61 25.77
N PRO F 220 -18.77 -10.30 24.85
CA PRO F 220 -19.57 -11.36 24.25
C PRO F 220 -18.63 -12.17 23.33
N ASP F 221 -19.03 -13.36 22.91
CA ASP F 221 -18.20 -14.20 22.06
C ASP F 221 -17.89 -13.48 20.74
N PHE F 222 -18.83 -12.66 20.29
CA PHE F 222 -18.62 -11.85 19.09
C PHE F 222 -19.72 -10.84 18.93
N ILE F 223 -19.44 -9.81 18.15
CA ILE F 223 -20.42 -8.77 17.87
C ILE F 223 -20.60 -8.78 16.37
N GLU F 224 -21.84 -8.98 15.95
CA GLU F 224 -22.17 -9.07 14.54
C GLU F 224 -22.66 -7.77 13.90
N GLN F 225 -22.13 -7.51 12.70
CA GLN F 225 -22.51 -6.39 11.83
C GLN F 225 -23.17 -5.17 12.46
N PRO F 226 -22.38 -4.29 13.13
CA PRO F 226 -22.95 -3.10 13.76
C PRO F 226 -23.57 -2.07 12.80
N VAL F 227 -22.99 -1.95 11.61
CA VAL F 227 -23.41 -0.97 10.63
C VAL F 227 -23.86 -1.56 9.27
N ARG F 228 -24.39 -0.72 8.39
CA ARG F 228 -24.86 -1.17 7.09
C ARG F 228 -23.82 -1.96 6.30
N ALA F 229 -24.31 -2.92 5.52
CA ALA F 229 -23.48 -3.81 4.70
C ALA F 229 -22.38 -3.15 3.88
N HIS F 230 -22.70 -2.07 3.21
CA HIS F 230 -21.72 -1.41 2.35
C HIS F 230 -20.59 -0.68 3.09
N HIS F 231 -20.72 -0.52 4.40
CA HIS F 231 -19.71 0.18 5.19
C HIS F 231 -18.46 -0.64 5.51
N PHE F 232 -17.75 -1.07 4.47
CA PHE F 232 -16.55 -1.86 4.67
C PHE F 232 -15.49 -1.07 5.43
N GLU F 233 -15.31 0.19 5.08
CA GLU F 233 -14.31 1.02 5.75
C GLU F 233 -14.61 1.15 7.23
N LEU F 234 -15.85 1.44 7.56
CA LEU F 234 -16.18 1.58 8.98
C LEU F 234 -16.16 0.26 9.76
N MET F 235 -16.63 -0.87 9.21
CA MET F 235 -16.57 -2.12 10.01
C MET F 235 -15.05 -2.42 10.18
N ALA F 236 -14.18 -2.09 9.20
CA ALA F 236 -12.74 -2.32 9.38
C ALA F 236 -12.19 -1.49 10.56
N ARG F 237 -12.65 -0.25 10.70
CA ARG F 237 -12.20 0.58 11.82
C ARG F 237 -12.76 0.03 13.13
N LEU F 238 -14.01 -0.44 13.09
CA LEU F 238 -14.62 -1.00 14.28
C LEU F 238 -13.88 -2.26 14.70
N ARG F 239 -13.37 -3.00 13.72
CA ARG F 239 -12.63 -4.23 14.05
C ARG F 239 -11.38 -3.90 14.85
N GLY F 240 -10.76 -2.76 14.59
CA GLY F 240 -9.56 -2.42 15.33
C GLY F 240 -9.76 -1.81 16.71
N LEU F 241 -11.00 -1.59 17.11
CA LEU F 241 -11.28 -0.98 18.41
C LEU F 241 -11.29 -1.84 19.67
N THR F 242 -11.53 -3.14 19.53
CA THR F 242 -11.53 -4.03 20.70
C THR F 242 -10.99 -5.38 20.31
N ASP F 243 -10.82 -6.27 21.29
CA ASP F 243 -10.33 -7.60 21.00
C ASP F 243 -11.49 -8.58 20.96
N VAL F 244 -12.70 -8.02 20.98
CA VAL F 244 -13.91 -8.84 20.89
C VAL F 244 -14.10 -9.10 19.40
N PRO F 245 -14.25 -10.38 19.00
CA PRO F 245 -14.45 -10.71 17.58
C PRO F 245 -15.58 -9.94 16.90
N LEU F 246 -15.28 -9.38 15.74
CA LEU F 246 -16.29 -8.65 14.96
C LEU F 246 -16.68 -9.56 13.78
N LEU F 247 -17.95 -9.95 13.70
CA LEU F 247 -18.38 -10.80 12.59
C LEU F 247 -19.12 -10.02 11.52
N ALA F 248 -18.85 -10.38 10.27
CA ALA F 248 -19.56 -9.74 9.17
C ALA F 248 -20.75 -10.62 8.83
N ASP F 249 -21.90 -10.01 8.60
CA ASP F 249 -23.07 -10.78 8.21
C ASP F 249 -23.52 -10.22 6.88
N GLU F 250 -24.36 -9.19 6.94
CA GLU F 250 -24.86 -8.58 5.72
C GLU F 250 -23.79 -8.12 4.73
N SER F 251 -22.58 -7.81 5.21
CA SER F 251 -21.50 -7.39 4.31
C SER F 251 -20.99 -8.53 3.42
N VAL F 252 -21.30 -9.78 3.78
CA VAL F 252 -20.81 -10.90 2.99
C VAL F 252 -21.87 -11.95 2.64
N TYR F 253 -22.14 -12.08 1.35
CA TYR F 253 -23.12 -13.05 0.87
C TYR F 253 -22.40 -14.31 0.38
N GLY F 254 -21.62 -14.15 -0.67
CA GLY F 254 -20.92 -15.29 -1.23
C GLY F 254 -19.40 -15.18 -1.25
N PRO F 255 -18.74 -16.10 -1.98
CA PRO F 255 -17.29 -16.13 -2.09
C PRO F 255 -16.69 -14.80 -2.60
N GLU F 256 -17.40 -14.14 -3.52
CA GLU F 256 -16.91 -12.89 -4.07
C GLU F 256 -16.83 -11.83 -2.96
N ASP F 257 -17.89 -11.71 -2.17
CA ASP F 257 -17.90 -10.78 -1.05
C ASP F 257 -16.82 -11.16 -0.04
N MET F 258 -16.68 -12.46 0.24
CA MET F 258 -15.67 -12.92 1.21
C MET F 258 -14.27 -12.48 0.83
N VAL F 259 -13.92 -12.64 -0.45
CA VAL F 259 -12.59 -12.26 -0.92
C VAL F 259 -12.39 -10.77 -0.67
N ARG F 260 -13.41 -9.96 -0.96
CA ARG F 260 -13.33 -8.53 -0.73
C ARG F 260 -13.21 -8.20 0.76
N ALA F 261 -14.08 -8.80 1.55
CA ALA F 261 -14.09 -8.58 3.00
C ALA F 261 -12.75 -8.94 3.64
N ALA F 262 -12.15 -10.04 3.21
CA ALA F 262 -10.86 -10.49 3.74
C ALA F 262 -9.77 -9.49 3.35
N HIS F 263 -9.79 -9.06 2.09
CA HIS F 263 -8.81 -8.11 1.59
C HIS F 263 -8.86 -6.79 2.35
N GLU F 264 -10.07 -6.30 2.62
CA GLU F 264 -10.22 -5.04 3.32
C GLU F 264 -10.18 -5.17 4.85
N GLY F 265 -10.00 -6.40 5.33
CA GLY F 265 -9.93 -6.62 6.77
C GLY F 265 -11.07 -6.07 7.59
N ILE F 266 -12.30 -6.29 7.12
CA ILE F 266 -13.48 -5.75 7.81
C ILE F 266 -14.00 -6.60 8.98
N CYS F 267 -13.42 -7.79 9.18
CA CYS F 267 -13.91 -8.66 10.23
C CYS F 267 -12.94 -9.70 10.74
N ASP F 268 -13.33 -10.36 11.83
CA ASP F 268 -12.52 -11.43 12.41
C ASP F 268 -13.17 -12.75 12.03
N GLY F 269 -14.39 -12.67 11.52
CA GLY F 269 -15.11 -13.88 11.12
C GLY F 269 -16.36 -13.55 10.35
N VAL F 270 -17.07 -14.57 9.90
CA VAL F 270 -18.27 -14.34 9.11
C VAL F 270 -19.46 -15.21 9.52
N SER F 271 -20.65 -14.66 9.36
CA SER F 271 -21.87 -15.42 9.62
C SER F 271 -22.26 -15.98 8.26
N ILE F 272 -22.20 -17.29 8.12
CA ILE F 272 -22.54 -17.94 6.86
C ILE F 272 -23.99 -18.44 6.81
N LYS F 273 -24.69 -18.07 5.74
CA LYS F 273 -26.09 -18.45 5.53
C LYS F 273 -26.34 -18.90 4.09
N ILE F 274 -27.01 -20.02 3.90
CA ILE F 274 -27.26 -20.47 2.53
C ILE F 274 -28.16 -19.49 1.79
N MET F 275 -29.02 -18.76 2.51
CA MET F 275 -29.92 -17.80 1.88
C MET F 275 -29.13 -16.65 1.27
N LYS F 276 -27.93 -16.40 1.80
CA LYS F 276 -27.08 -15.34 1.26
C LYS F 276 -26.18 -15.91 0.16
N SER F 277 -25.54 -17.03 0.45
CA SER F 277 -24.64 -17.66 -0.52
C SER F 277 -25.37 -18.20 -1.76
N GLY F 278 -26.69 -18.37 -1.65
CA GLY F 278 -27.46 -18.85 -2.77
C GLY F 278 -27.18 -20.31 -3.12
N GLY F 279 -26.85 -21.09 -2.10
CA GLY F 279 -26.55 -22.49 -2.32
C GLY F 279 -25.71 -23.02 -1.17
N LEU F 280 -25.68 -24.34 -1.01
CA LEU F 280 -24.90 -24.95 0.06
C LEU F 280 -23.41 -24.95 -0.24
N THR F 281 -23.03 -25.34 -1.46
CA THR F 281 -21.63 -25.36 -1.84
C THR F 281 -21.02 -23.97 -1.72
N ARG F 282 -21.73 -22.96 -2.21
CA ARG F 282 -21.20 -21.60 -2.11
C ARG F 282 -21.01 -21.18 -0.65
N ALA F 283 -21.83 -21.73 0.25
CA ALA F 283 -21.70 -21.41 1.68
C ALA F 283 -20.40 -22.02 2.20
N GLN F 284 -20.10 -23.23 1.76
CA GLN F 284 -18.88 -23.93 2.14
C GLN F 284 -17.65 -23.17 1.62
N THR F 285 -17.76 -22.66 0.41
CA THR F 285 -16.65 -21.91 -0.18
C THR F 285 -16.37 -20.67 0.66
N VAL F 286 -17.42 -20.00 1.11
CA VAL F 286 -17.24 -18.82 1.95
C VAL F 286 -16.46 -19.22 3.21
N ALA F 287 -16.87 -20.33 3.82
CA ALA F 287 -16.22 -20.81 5.04
C ALA F 287 -14.74 -21.16 4.83
N ARG F 288 -14.45 -21.80 3.70
CA ARG F 288 -13.08 -22.19 3.38
C ARG F 288 -12.20 -20.98 3.06
N ILE F 289 -12.76 -19.98 2.38
CA ILE F 289 -11.99 -18.79 2.07
C ILE F 289 -11.70 -18.04 3.36
N ALA F 290 -12.69 -17.99 4.25
CA ALA F 290 -12.52 -17.32 5.53
C ALA F 290 -11.40 -17.99 6.31
N ALA F 291 -11.45 -19.32 6.39
CA ALA F 291 -10.43 -20.08 7.10
C ALA F 291 -9.02 -19.84 6.54
N ALA F 292 -8.93 -19.75 5.22
CA ALA F 292 -7.64 -19.51 4.56
C ALA F 292 -7.05 -18.15 4.95
N HIS F 293 -7.91 -17.24 5.39
CA HIS F 293 -7.46 -15.91 5.81
C HIS F 293 -7.38 -15.80 7.33
N GLY F 294 -7.54 -16.94 8.02
CA GLY F 294 -7.49 -16.92 9.47
C GLY F 294 -8.71 -16.26 10.09
N LEU F 295 -9.86 -16.42 9.45
CA LEU F 295 -11.09 -15.83 9.93
C LEU F 295 -12.06 -16.96 10.32
N MET F 296 -12.76 -16.79 11.44
CA MET F 296 -13.69 -17.81 11.92
C MET F 296 -15.04 -17.79 11.21
N ALA F 297 -15.85 -18.82 11.42
CA ALA F 297 -17.16 -18.91 10.78
C ALA F 297 -18.24 -19.42 11.72
N TYR F 298 -19.44 -18.85 11.54
CA TYR F 298 -20.62 -19.15 12.35
C TYR F 298 -21.80 -19.56 11.48
N GLY F 299 -22.61 -20.49 11.99
CA GLY F 299 -23.78 -20.95 11.24
C GLY F 299 -24.96 -20.04 11.46
N GLY F 300 -25.05 -18.96 10.69
CA GLY F 300 -26.16 -18.04 10.85
C GLY F 300 -27.39 -18.49 10.09
N ASP F 301 -28.50 -17.78 10.28
CA ASP F 301 -29.72 -18.13 9.56
C ASP F 301 -30.63 -16.93 9.43
N MET F 302 -31.69 -17.09 8.64
CA MET F 302 -32.67 -16.02 8.44
C MET F 302 -33.89 -16.49 9.23
N PHE F 303 -35.03 -15.79 9.09
CA PHE F 303 -36.22 -16.24 9.80
C PHE F 303 -36.82 -17.33 8.92
N GLU F 304 -36.24 -18.51 9.07
CA GLU F 304 -36.63 -19.68 8.30
C GLU F 304 -37.37 -20.73 9.12
N ALA F 305 -37.83 -21.77 8.44
CA ALA F 305 -38.53 -22.88 9.06
C ALA F 305 -37.64 -24.11 9.09
N GLY F 306 -38.22 -25.25 9.44
CA GLY F 306 -37.47 -26.50 9.53
C GLY F 306 -36.80 -27.00 8.26
N LEU F 307 -37.40 -26.72 7.11
CA LEU F 307 -36.84 -27.17 5.84
C LEU F 307 -35.50 -26.47 5.60
N ALA F 308 -35.47 -25.16 5.80
CA ALA F 308 -34.25 -24.39 5.63
C ALA F 308 -33.22 -24.79 6.69
N HIS F 309 -33.70 -25.11 7.89
CA HIS F 309 -32.81 -25.54 8.98
C HIS F 309 -32.08 -26.82 8.61
N LEU F 310 -32.81 -27.75 8.00
CA LEU F 310 -32.23 -29.01 7.58
C LEU F 310 -31.13 -28.79 6.56
N ALA F 311 -31.39 -27.96 5.57
CA ALA F 311 -30.40 -27.67 4.53
C ALA F 311 -29.15 -27.08 5.18
N GLY F 312 -29.35 -26.10 6.06
CA GLY F 312 -28.24 -25.48 6.74
C GLY F 312 -27.48 -26.48 7.62
N THR F 313 -28.23 -27.39 8.23
CA THR F 313 -27.62 -28.40 9.09
C THR F 313 -26.70 -29.36 8.33
N HIS F 314 -27.13 -29.82 7.16
CA HIS F 314 -26.31 -30.72 6.36
C HIS F 314 -25.05 -29.99 5.86
N MET F 315 -25.22 -28.72 5.53
CA MET F 315 -24.09 -27.93 5.05
C MET F 315 -23.03 -27.85 6.14
N ILE F 316 -23.43 -27.41 7.32
CA ILE F 316 -22.51 -27.28 8.44
C ILE F 316 -21.88 -28.62 8.82
N ALA F 317 -22.67 -29.68 8.76
CA ALA F 317 -22.16 -31.01 9.09
C ALA F 317 -20.98 -31.40 8.20
N ALA F 318 -20.96 -30.91 6.97
CA ALA F 318 -19.90 -31.22 6.01
C ALA F 318 -18.84 -30.13 5.93
N THR F 319 -18.92 -29.16 6.83
CA THR F 319 -18.00 -28.03 6.82
C THR F 319 -17.33 -27.76 8.17
N PRO F 320 -16.18 -28.42 8.42
CA PRO F 320 -15.44 -28.25 9.67
C PRO F 320 -15.07 -26.82 10.03
N GLU F 321 -14.94 -25.96 9.03
CA GLU F 321 -14.56 -24.56 9.25
C GLU F 321 -15.59 -23.75 10.02
N ILE F 322 -16.84 -24.21 10.03
CA ILE F 322 -17.89 -23.51 10.76
C ILE F 322 -17.86 -24.10 12.17
N THR F 323 -17.25 -23.38 13.09
CA THR F 323 -17.08 -23.86 14.47
C THR F 323 -17.79 -23.09 15.58
N LEU F 324 -18.43 -21.97 15.24
CA LEU F 324 -19.10 -21.17 16.27
C LEU F 324 -20.53 -21.56 16.60
N GLY F 325 -21.00 -22.68 16.06
CA GLY F 325 -22.36 -23.12 16.31
C GLY F 325 -23.31 -22.65 15.24
N CYS F 326 -24.62 -22.85 15.46
CA CYS F 326 -25.62 -22.42 14.48
C CYS F 326 -26.79 -21.80 15.20
N GLU F 327 -27.63 -21.08 14.47
CA GLU F 327 -28.79 -20.44 15.09
C GLU F 327 -30.12 -20.87 14.48
N PHE F 328 -30.26 -22.18 14.24
CA PHE F 328 -31.51 -22.71 13.67
C PHE F 328 -32.46 -22.97 14.84
N TYR F 329 -32.94 -21.88 15.44
CA TYR F 329 -33.83 -21.95 16.61
C TYR F 329 -35.30 -21.66 16.34
N GLN F 330 -35.60 -21.03 15.21
CA GLN F 330 -36.98 -20.66 14.90
C GLN F 330 -38.02 -21.78 14.90
N ALA F 331 -37.70 -22.92 14.31
CA ALA F 331 -38.65 -24.04 14.26
C ALA F 331 -39.04 -24.52 15.67
N SER F 332 -38.14 -24.34 16.62
CA SER F 332 -38.38 -24.77 18.00
C SER F 332 -38.95 -23.69 18.92
N TYR F 333 -38.45 -22.46 18.81
CA TYR F 333 -38.88 -21.39 19.70
C TYR F 333 -39.52 -20.15 19.11
N PHE F 334 -39.66 -20.07 17.78
CA PHE F 334 -40.24 -18.87 17.18
C PHE F 334 -41.56 -19.10 16.45
N LEU F 335 -41.58 -20.09 15.58
CA LEU F 335 -42.79 -20.40 14.82
C LEU F 335 -43.81 -21.12 15.69
N ASN F 336 -45.08 -20.77 15.50
CA ASN F 336 -46.16 -21.40 16.26
C ASN F 336 -46.14 -22.88 15.88
N GLU F 337 -45.96 -23.14 14.58
CA GLU F 337 -45.89 -24.51 14.08
C GLU F 337 -44.96 -24.57 12.87
N ASP F 338 -44.17 -25.64 12.78
CA ASP F 338 -43.24 -25.81 11.67
C ASP F 338 -43.95 -26.51 10.50
N ILE F 339 -43.28 -26.66 9.37
CA ILE F 339 -43.89 -27.27 8.20
C ILE F 339 -43.48 -28.72 7.90
N LEU F 340 -42.55 -29.26 8.68
CA LEU F 340 -42.09 -30.63 8.48
C LEU F 340 -43.09 -31.65 8.99
N GLU F 341 -43.02 -32.89 8.48
CA GLU F 341 -43.91 -33.96 8.92
C GLU F 341 -43.41 -34.48 10.25
N THR F 342 -42.11 -34.34 10.48
CA THR F 342 -41.47 -34.77 11.72
C THR F 342 -40.69 -33.55 12.23
N PRO F 343 -40.59 -33.40 13.57
CA PRO F 343 -39.88 -32.27 14.18
C PRO F 343 -38.39 -32.15 13.88
N PHE F 344 -37.94 -30.92 13.68
CA PHE F 344 -36.54 -30.64 13.45
C PHE F 344 -35.88 -31.04 14.77
N ARG F 345 -35.03 -32.05 14.73
CA ARG F 345 -34.39 -32.58 15.94
C ARG F 345 -33.30 -31.77 16.62
N VAL F 346 -33.54 -31.48 17.90
CA VAL F 346 -32.60 -30.76 18.74
C VAL F 346 -32.65 -31.45 20.12
N GLU F 347 -31.51 -31.93 20.60
CA GLU F 347 -31.46 -32.59 21.91
C GLU F 347 -30.36 -32.03 22.80
N ALA F 348 -30.74 -31.68 24.03
CA ALA F 348 -29.82 -31.12 24.99
C ALA F 348 -29.09 -29.91 24.40
N GLY F 349 -29.85 -29.07 23.71
CA GLY F 349 -29.29 -27.87 23.09
C GLY F 349 -28.41 -28.13 21.89
N GLN F 350 -28.49 -29.32 21.31
CA GLN F 350 -27.67 -29.67 20.14
C GLN F 350 -28.50 -30.12 18.95
N VAL F 351 -28.28 -29.47 17.80
CA VAL F 351 -28.98 -29.84 16.59
C VAL F 351 -28.45 -31.22 16.18
N ILE F 352 -29.35 -32.15 15.91
CA ILE F 352 -28.95 -33.51 15.53
C ILE F 352 -28.86 -33.60 14.00
N VAL F 353 -27.72 -34.03 13.50
CA VAL F 353 -27.53 -34.16 12.06
C VAL F 353 -28.23 -35.42 11.54
N PRO F 354 -29.24 -35.25 10.68
CA PRO F 354 -29.99 -36.37 10.10
C PRO F 354 -29.12 -37.28 9.24
N ASP F 355 -29.43 -38.57 9.22
CA ASP F 355 -28.66 -39.52 8.42
C ASP F 355 -29.53 -40.20 7.38
N GLY F 356 -30.84 -39.98 7.44
CA GLY F 356 -31.73 -40.59 6.48
C GLY F 356 -31.46 -40.06 5.09
N PRO F 357 -32.21 -40.50 4.07
CA PRO F 357 -31.97 -40.02 2.70
C PRO F 357 -32.41 -38.57 2.51
N GLY F 358 -31.75 -37.88 1.60
CA GLY F 358 -32.11 -36.49 1.35
C GLY F 358 -31.90 -35.62 2.57
N LEU F 359 -32.78 -34.65 2.76
CA LEU F 359 -32.66 -33.73 3.89
C LEU F 359 -32.94 -34.40 5.24
N GLY F 360 -33.52 -35.59 5.21
CA GLY F 360 -33.78 -36.31 6.45
C GLY F 360 -35.16 -36.13 7.05
N ALA F 361 -36.00 -35.36 6.37
CA ALA F 361 -37.37 -35.11 6.82
C ALA F 361 -38.14 -34.52 5.66
N ARG F 362 -39.44 -34.76 5.63
CA ARG F 362 -40.29 -34.26 4.56
C ARG F 362 -41.15 -33.08 4.98
N ALA F 363 -41.45 -32.22 4.02
CA ALA F 363 -42.29 -31.07 4.27
C ALA F 363 -43.72 -31.63 4.22
N ASP F 364 -44.54 -31.26 5.20
CA ASP F 364 -45.91 -31.73 5.26
C ASP F 364 -46.77 -31.04 4.21
N PRO F 365 -47.17 -31.77 3.16
CA PRO F 365 -48.00 -31.22 2.08
C PRO F 365 -49.23 -30.47 2.61
N GLU F 366 -49.82 -31.02 3.68
CA GLU F 366 -51.00 -30.43 4.28
C GLU F 366 -50.73 -29.02 4.82
N LYS F 367 -49.61 -28.87 5.51
CA LYS F 367 -49.24 -27.58 6.07
C LYS F 367 -48.95 -26.57 4.97
N LEU F 368 -48.29 -27.02 3.92
CA LEU F 368 -47.97 -26.14 2.80
C LEU F 368 -49.27 -25.56 2.26
N GLU F 369 -50.26 -26.43 2.09
CA GLU F 369 -51.55 -26.01 1.58
C GLU F 369 -52.25 -25.09 2.58
N HIS F 370 -52.24 -25.50 3.83
CA HIS F 370 -52.87 -24.75 4.92
C HIS F 370 -52.32 -23.34 5.16
N TYR F 371 -50.99 -23.20 5.10
CA TYR F 371 -50.37 -21.90 5.36
C TYR F 371 -50.04 -21.10 4.11
N ALA F 372 -50.32 -21.67 2.95
CA ALA F 372 -50.02 -21.00 1.68
C ALA F 372 -50.92 -19.80 1.42
N VAL F 373 -50.33 -18.73 0.89
CA VAL F 373 -51.09 -17.54 0.53
C VAL F 373 -51.04 -17.45 -0.98
N ARG F 374 -50.22 -18.31 -1.57
CA ARG F 374 -50.06 -18.38 -3.02
C ARG F 374 -49.39 -19.70 -3.41
N ARG F 375 -49.82 -20.27 -4.53
CA ARG F 375 -49.27 -21.53 -5.01
C ARG F 375 -49.18 -21.53 -6.54
N LEU G 6 -38.57 30.49 -14.83
CA LEU G 6 -37.12 30.66 -14.50
C LEU G 6 -36.31 31.02 -15.74
N GLU G 7 -37.01 31.35 -16.82
CA GLU G 7 -36.36 31.73 -18.06
C GLU G 7 -35.93 33.19 -17.93
N GLN G 8 -36.44 33.84 -16.90
CA GLN G 8 -36.13 35.24 -16.64
C GLN G 8 -34.62 35.47 -16.51
N LYS G 9 -34.16 36.63 -16.96
CA LYS G 9 -32.75 36.96 -16.88
C LYS G 9 -32.46 37.85 -15.68
N ILE G 10 -31.24 37.77 -15.18
CA ILE G 10 -30.81 38.56 -14.04
C ILE G 10 -30.35 39.91 -14.58
N ILE G 11 -31.03 40.96 -14.15
CA ILE G 11 -30.75 42.32 -14.62
C ILE G 11 -29.84 43.18 -13.75
N ALA G 12 -29.68 42.84 -12.48
CA ALA G 12 -28.83 43.65 -11.60
C ALA G 12 -28.17 42.89 -10.46
N MET G 13 -27.00 43.41 -10.03
CA MET G 13 -26.22 42.84 -8.92
C MET G 13 -25.84 43.99 -8.01
N ASP G 14 -26.25 43.91 -6.75
CA ASP G 14 -25.93 44.94 -5.76
C ASP G 14 -25.16 44.30 -4.62
N LEU G 15 -24.12 45.00 -4.16
CA LEU G 15 -23.28 44.48 -3.09
C LEU G 15 -23.11 45.46 -1.93
N TRP G 16 -22.86 44.90 -0.75
CA TRP G 16 -22.65 45.66 0.46
C TRP G 16 -21.58 44.98 1.31
N HIS G 17 -20.53 45.71 1.66
CA HIS G 17 -19.50 45.18 2.54
C HIS G 17 -19.98 45.75 3.88
N LEU G 18 -20.37 44.89 4.81
CA LEU G 18 -20.88 45.34 6.10
C LEU G 18 -19.96 45.09 7.27
N ALA G 19 -20.08 45.95 8.28
CA ALA G 19 -19.33 45.82 9.51
C ALA G 19 -20.42 45.79 10.58
N LEU G 20 -20.73 44.60 11.08
CA LEU G 20 -21.77 44.41 12.07
C LEU G 20 -21.21 44.34 13.49
N PRO G 21 -21.64 45.25 14.39
CA PRO G 21 -21.17 45.25 15.77
C PRO G 21 -21.56 43.95 16.49
N VAL G 22 -20.71 43.51 17.41
CA VAL G 22 -20.99 42.28 18.16
C VAL G 22 -20.99 42.51 19.67
N CYS G 37 -17.90 42.21 13.11
CA CYS G 37 -18.15 41.10 12.20
C CYS G 37 -18.43 41.60 10.79
N GLU G 38 -17.50 41.35 9.87
CA GLU G 38 -17.68 41.81 8.50
C GLU G 38 -18.19 40.72 7.56
N ILE G 39 -19.19 41.07 6.76
CA ILE G 39 -19.74 40.14 5.78
C ILE G 39 -20.03 40.94 4.51
N VAL G 40 -20.26 40.23 3.42
CA VAL G 40 -20.58 40.86 2.15
C VAL G 40 -21.93 40.33 1.73
N VAL G 41 -22.87 41.24 1.52
CA VAL G 41 -24.21 40.85 1.12
C VAL G 41 -24.40 41.12 -0.36
N LEU G 42 -25.09 40.20 -1.03
CA LEU G 42 -25.36 40.27 -2.45
C LEU G 42 -26.86 40.25 -2.72
N ARG G 43 -27.28 41.05 -3.70
CA ARG G 43 -28.67 41.07 -4.10
C ARG G 43 -28.72 40.95 -5.62
N LEU G 44 -29.53 40.03 -6.11
CA LEU G 44 -29.70 39.84 -7.55
C LEU G 44 -31.15 40.16 -7.85
N VAL G 45 -31.38 40.90 -8.93
CA VAL G 45 -32.73 41.28 -9.34
C VAL G 45 -33.02 40.66 -10.69
N ALA G 46 -34.17 39.99 -10.80
CA ALA G 46 -34.58 39.36 -12.05
C ALA G 46 -35.39 40.37 -12.85
N GLU G 47 -35.40 40.24 -14.17
CA GLU G 47 -36.15 41.17 -15.00
C GLU G 47 -37.62 41.21 -14.59
N GLY G 48 -38.11 40.09 -14.06
CA GLY G 48 -39.49 40.03 -13.60
C GLY G 48 -39.69 40.82 -12.33
N GLY G 49 -38.59 41.31 -11.74
CA GLY G 49 -38.68 42.09 -10.52
C GLY G 49 -38.33 41.38 -9.22
N ALA G 50 -38.33 40.05 -9.22
CA ALA G 50 -38.01 39.30 -8.02
C ALA G 50 -36.57 39.55 -7.58
N GLU G 51 -36.32 39.42 -6.28
CA GLU G 51 -34.99 39.64 -5.73
C GLU G 51 -34.48 38.43 -4.94
N GLY G 52 -33.18 38.19 -5.03
CA GLY G 52 -32.56 37.09 -4.32
C GLY G 52 -31.38 37.62 -3.52
N PHE G 53 -31.23 37.17 -2.29
CA PHE G 53 -30.14 37.61 -1.43
C PHE G 53 -29.20 36.47 -1.07
N GLY G 54 -27.93 36.81 -0.88
CA GLY G 54 -26.93 35.82 -0.51
C GLY G 54 -25.90 36.50 0.36
N GLU G 55 -25.29 35.74 1.27
CA GLU G 55 -24.28 36.28 2.16
C GLU G 55 -22.94 35.58 2.02
N ALA G 56 -21.87 36.35 2.08
CA ALA G 56 -20.50 35.83 2.05
C ALA G 56 -19.93 36.23 3.41
N SER G 57 -19.49 35.25 4.20
CA SER G 57 -18.97 35.51 5.54
C SER G 57 -17.51 35.05 5.63
N PRO G 58 -16.59 35.87 5.11
CA PRO G 58 -15.15 35.56 5.11
C PRO G 58 -14.41 35.64 6.44
N TRP G 59 -13.48 34.73 6.64
CA TRP G 59 -12.64 34.75 7.82
C TRP G 59 -11.24 34.93 7.26
N ALA G 60 -10.73 36.15 7.36
CA ALA G 60 -9.42 36.54 6.82
C ALA G 60 -8.31 35.51 6.89
N VAL G 61 -8.10 34.91 8.06
CA VAL G 61 -7.03 33.95 8.21
C VAL G 61 -7.35 32.54 7.69
N PHE G 62 -8.62 32.26 7.43
CA PHE G 62 -8.99 30.94 6.94
C PHE G 62 -9.48 30.88 5.49
N THR G 63 -10.67 31.43 5.21
CA THR G 63 -11.22 31.37 3.85
C THR G 63 -10.78 32.49 2.91
N GLY G 64 -10.46 33.65 3.48
CA GLY G 64 -10.07 34.79 2.68
C GLY G 64 -10.68 36.05 3.27
N THR G 65 -10.39 37.19 2.67
CA THR G 65 -10.88 38.47 3.20
C THR G 65 -12.20 38.98 2.60
N PRO G 66 -12.88 39.89 3.33
CA PRO G 66 -14.14 40.40 2.78
C PRO G 66 -13.82 41.22 1.52
N GLU G 67 -12.64 41.83 1.49
CA GLU G 67 -12.22 42.62 0.33
C GLU G 67 -12.08 41.72 -0.90
N ALA G 68 -11.52 40.53 -0.72
CA ALA G 68 -11.34 39.60 -1.83
C ALA G 68 -12.70 39.10 -2.35
N SER G 69 -13.60 38.75 -1.44
CA SER G 69 -14.92 38.28 -1.87
C SER G 69 -15.75 39.39 -2.49
N TYR G 70 -15.59 40.62 -2.01
CA TYR G 70 -16.32 41.74 -2.57
C TYR G 70 -15.89 41.95 -4.02
N ALA G 71 -14.57 41.95 -4.26
CA ALA G 71 -14.04 42.14 -5.60
C ALA G 71 -14.40 40.98 -6.52
N ALA G 72 -14.39 39.77 -5.99
CA ALA G 72 -14.72 38.59 -6.78
C ALA G 72 -16.11 38.74 -7.38
N LEU G 73 -17.05 39.23 -6.56
CA LEU G 73 -18.41 39.41 -7.02
C LEU G 73 -18.55 40.64 -7.89
N ASP G 74 -18.05 41.76 -7.39
CA ASP G 74 -18.16 43.04 -8.09
C ASP G 74 -17.51 43.14 -9.46
N ARG G 75 -16.34 42.54 -9.63
CA ARG G 75 -15.63 42.63 -10.90
C ARG G 75 -15.56 41.37 -11.75
N TYR G 76 -15.32 40.24 -11.11
CA TYR G 76 -15.17 38.99 -11.83
C TYR G 76 -16.41 38.15 -12.08
N LEU G 77 -17.33 38.12 -11.13
CA LEU G 77 -18.55 37.33 -11.29
C LEU G 77 -19.71 38.13 -11.87
N ARG G 78 -19.66 39.45 -11.72
CA ARG G 78 -20.72 40.31 -12.22
C ARG G 78 -21.00 40.09 -13.71
N PRO G 79 -19.97 40.19 -14.57
CA PRO G 79 -20.17 40.00 -16.01
C PRO G 79 -20.61 38.60 -16.39
N LEU G 80 -20.40 37.65 -15.48
CA LEU G 80 -20.77 36.28 -15.74
C LEU G 80 -22.24 36.00 -15.38
N VAL G 81 -22.76 36.75 -14.41
CA VAL G 81 -24.13 36.55 -13.95
C VAL G 81 -25.16 37.42 -14.66
N ILE G 82 -24.85 38.70 -14.83
CA ILE G 82 -25.78 39.61 -15.48
C ILE G 82 -26.14 39.12 -16.89
N GLY G 83 -27.43 38.98 -17.14
CA GLY G 83 -27.88 38.54 -18.45
C GLY G 83 -28.13 37.04 -18.55
N ARG G 84 -27.83 36.31 -17.48
CA ARG G 84 -28.04 34.87 -17.48
C ARG G 84 -29.42 34.55 -16.96
N ARG G 85 -29.96 33.41 -17.36
CA ARG G 85 -31.29 32.99 -16.93
C ARG G 85 -31.20 32.36 -15.55
N VAL G 86 -32.17 32.66 -14.70
CA VAL G 86 -32.20 32.12 -13.34
C VAL G 86 -32.12 30.60 -13.34
N GLY G 87 -32.84 29.98 -14.28
CA GLY G 87 -32.85 28.52 -14.38
C GLY G 87 -31.55 27.88 -14.81
N ASP G 88 -30.55 28.67 -15.17
CA ASP G 88 -29.25 28.13 -15.59
C ASP G 88 -28.25 28.10 -14.42
N ARG G 89 -28.77 28.03 -13.20
CA ARG G 89 -27.92 28.03 -12.00
C ARG G 89 -26.72 27.09 -12.06
N VAL G 90 -26.97 25.82 -12.41
CA VAL G 90 -25.90 24.83 -12.49
C VAL G 90 -24.75 25.30 -13.37
N ALA G 91 -25.08 25.83 -14.54
CA ALA G 91 -24.07 26.31 -15.46
C ALA G 91 -23.41 27.56 -14.91
N ILE G 92 -24.21 28.46 -14.35
CA ILE G 92 -23.66 29.69 -13.79
C ILE G 92 -22.62 29.36 -12.71
N MET G 93 -23.01 28.53 -11.77
CA MET G 93 -22.12 28.15 -10.68
C MET G 93 -20.91 27.32 -11.13
N ASP G 94 -21.09 26.52 -12.18
CA ASP G 94 -19.98 25.72 -12.69
C ASP G 94 -18.95 26.68 -13.26
N GLU G 95 -19.43 27.71 -13.95
CA GLU G 95 -18.55 28.72 -14.54
C GLU G 95 -17.96 29.64 -13.49
N ALA G 96 -18.77 30.00 -12.49
CA ALA G 96 -18.35 30.89 -11.42
C ALA G 96 -17.13 30.36 -10.67
N ALA G 97 -17.10 29.04 -10.44
CA ALA G 97 -15.98 28.44 -9.72
C ALA G 97 -14.65 28.69 -10.43
N ARG G 98 -14.70 28.68 -11.77
CA ARG G 98 -13.52 28.87 -12.59
C ARG G 98 -13.22 30.33 -12.92
N ALA G 99 -14.21 31.20 -12.77
CA ALA G 99 -14.07 32.63 -13.10
C ALA G 99 -13.13 33.42 -12.19
N VAL G 100 -12.99 32.99 -10.95
CA VAL G 100 -12.11 33.67 -10.00
C VAL G 100 -11.61 32.65 -8.98
N ALA G 101 -10.35 32.79 -8.57
CA ALA G 101 -9.76 31.85 -7.63
C ALA G 101 -10.25 32.08 -6.19
N HIS G 102 -10.41 30.99 -5.45
CA HIS G 102 -10.84 31.04 -4.06
C HIS G 102 -12.16 31.79 -3.91
N CYS G 103 -12.28 32.58 -2.85
CA CYS G 103 -13.51 33.34 -2.58
C CYS G 103 -14.71 32.41 -2.62
N THR G 104 -14.58 31.25 -1.96
CA THR G 104 -15.66 30.30 -1.92
C THR G 104 -16.85 30.95 -1.21
N GLU G 105 -16.57 31.97 -0.42
CA GLU G 105 -17.61 32.68 0.32
C GLU G 105 -18.48 33.44 -0.68
N ALA G 106 -17.85 34.12 -1.62
CA ALA G 106 -18.58 34.87 -2.63
C ALA G 106 -19.40 33.91 -3.50
N LYS G 107 -18.84 32.75 -3.78
CA LYS G 107 -19.51 31.74 -4.60
C LYS G 107 -20.74 31.18 -3.90
N ALA G 108 -20.65 31.02 -2.58
CA ALA G 108 -21.78 30.53 -1.81
C ALA G 108 -22.84 31.61 -1.79
N ALA G 109 -22.43 32.88 -1.68
CA ALA G 109 -23.37 33.98 -1.67
C ALA G 109 -24.13 34.03 -3.01
N LEU G 110 -23.40 33.81 -4.09
CA LEU G 110 -24.02 33.82 -5.42
C LEU G 110 -25.03 32.68 -5.52
N ASP G 111 -24.65 31.51 -5.02
CA ASP G 111 -25.53 30.35 -5.07
C ASP G 111 -26.77 30.58 -4.22
N SER G 112 -26.60 31.19 -3.05
CA SER G 112 -27.71 31.48 -2.17
C SER G 112 -28.67 32.47 -2.85
N ALA G 113 -28.11 33.50 -3.46
CA ALA G 113 -28.93 34.50 -4.15
C ALA G 113 -29.68 33.91 -5.33
N LEU G 114 -29.02 33.04 -6.10
CA LEU G 114 -29.65 32.41 -7.24
C LEU G 114 -30.79 31.50 -6.78
N LEU G 115 -30.58 30.81 -5.66
CA LEU G 115 -31.60 29.91 -5.11
C LEU G 115 -32.77 30.67 -4.51
N ASP G 116 -32.46 31.74 -3.79
CA ASP G 116 -33.48 32.58 -3.15
C ASP G 116 -34.35 33.16 -4.27
N LEU G 117 -33.70 33.62 -5.33
CA LEU G 117 -34.38 34.22 -6.47
C LEU G 117 -35.32 33.23 -7.15
N ALA G 118 -34.80 32.03 -7.45
CA ALA G 118 -35.61 31.00 -8.09
C ALA G 118 -36.77 30.59 -7.18
N GLY G 119 -36.55 30.62 -5.88
CA GLY G 119 -37.59 30.27 -4.93
C GLY G 119 -38.69 31.29 -4.91
N ARG G 120 -38.31 32.57 -5.00
CA ARG G 120 -39.28 33.65 -5.00
C ARG G 120 -40.14 33.55 -6.25
N ILE G 121 -39.49 33.34 -7.40
CA ILE G 121 -40.17 33.22 -8.68
C ILE G 121 -41.18 32.07 -8.71
N SER G 122 -40.72 30.89 -8.31
CA SER G 122 -41.58 29.70 -8.31
C SER G 122 -42.44 29.54 -7.06
N ASN G 123 -42.25 30.44 -6.09
CA ASN G 123 -42.98 30.40 -4.83
C ASN G 123 -42.70 29.11 -4.05
N LEU G 124 -41.41 28.79 -3.91
CA LEU G 124 -40.97 27.61 -3.19
C LEU G 124 -39.84 27.95 -2.23
N PRO G 125 -39.73 27.21 -1.12
CA PRO G 125 -38.63 27.50 -0.19
C PRO G 125 -37.38 26.89 -0.82
N VAL G 126 -36.21 27.41 -0.46
CA VAL G 126 -34.98 26.89 -1.03
C VAL G 126 -34.78 25.39 -0.88
N TRP G 127 -35.15 24.82 0.27
CA TRP G 127 -34.98 23.38 0.44
C TRP G 127 -35.73 22.59 -0.64
N ALA G 128 -36.82 23.15 -1.13
CA ALA G 128 -37.62 22.49 -2.16
C ALA G 128 -36.84 22.39 -3.48
N LEU G 129 -35.86 23.28 -3.66
CA LEU G 129 -35.02 23.29 -4.85
C LEU G 129 -33.76 22.46 -4.64
N LEU G 130 -33.61 21.88 -3.44
CA LEU G 130 -32.44 21.08 -3.11
C LEU G 130 -32.81 19.61 -2.91
N GLY G 131 -34.04 19.26 -3.29
CA GLY G 131 -34.48 17.88 -3.16
C GLY G 131 -35.62 17.64 -2.20
N GLY G 132 -36.05 18.66 -1.47
CA GLY G 132 -37.11 18.48 -0.50
C GLY G 132 -36.51 18.47 0.89
N LYS G 133 -37.30 18.16 1.91
CA LYS G 133 -36.79 18.17 3.27
C LYS G 133 -36.90 16.83 3.98
N CYS G 134 -36.04 16.63 4.98
CA CYS G 134 -36.06 15.40 5.77
C CYS G 134 -36.21 15.74 7.25
N ARG G 135 -36.22 17.03 7.57
CA ARG G 135 -36.38 17.48 8.95
C ARG G 135 -37.00 18.88 8.99
N ASP G 136 -37.78 19.16 10.04
CA ASP G 136 -38.42 20.46 10.18
C ASP G 136 -37.65 21.41 11.10
N THR G 137 -36.74 20.85 11.89
CA THR G 137 -35.91 21.66 12.80
C THR G 137 -34.52 21.02 12.85
N ILE G 138 -33.56 21.77 13.37
CA ILE G 138 -32.18 21.32 13.48
C ILE G 138 -31.63 21.72 14.86
N PRO G 139 -31.04 20.78 15.62
CA PRO G 139 -30.49 21.14 16.93
C PRO G 139 -29.40 22.21 16.79
N LEU G 140 -29.48 23.25 17.62
CA LEU G 140 -28.51 24.34 17.58
C LEU G 140 -27.39 24.22 18.62
N SER G 141 -26.17 24.53 18.19
CA SER G 141 -25.03 24.53 19.07
C SER G 141 -24.52 25.96 19.14
N CYS G 142 -24.13 26.41 20.33
CA CYS G 142 -23.59 27.75 20.50
C CYS G 142 -22.14 27.59 20.92
N SER G 143 -21.26 28.40 20.34
CA SER G 143 -19.85 28.34 20.66
C SER G 143 -19.55 29.11 21.95
N ILE G 144 -18.54 28.63 22.67
CA ILE G 144 -18.09 29.22 23.94
C ILE G 144 -16.63 29.56 23.69
N ALA G 145 -16.37 30.85 23.41
CA ALA G 145 -15.02 31.27 23.05
C ALA G 145 -14.54 32.58 23.64
N ASN G 146 -15.23 33.10 24.65
CA ASN G 146 -14.84 34.36 25.25
C ASN G 146 -13.59 34.22 26.12
N PRO G 147 -12.60 35.10 25.93
CA PRO G 147 -11.38 35.05 26.74
C PRO G 147 -11.79 35.22 28.20
N ASP G 148 -12.87 35.97 28.42
CA ASP G 148 -13.42 36.20 29.75
C ASP G 148 -14.51 35.15 29.93
N PHE G 149 -14.13 34.05 30.58
CA PHE G 149 -15.03 32.94 30.79
C PHE G 149 -16.28 33.25 31.62
N ASP G 150 -16.21 34.25 32.50
CA ASP G 150 -17.39 34.59 33.29
C ASP G 150 -18.50 35.09 32.38
N ALA G 151 -18.11 35.81 31.33
CA ALA G 151 -19.10 36.31 30.38
C ALA G 151 -19.77 35.12 29.71
N ASP G 152 -19.00 34.05 29.49
CA ASP G 152 -19.57 32.86 28.88
C ASP G 152 -20.45 32.08 29.83
N ILE G 153 -20.21 32.23 31.13
CA ILE G 153 -21.05 31.53 32.09
C ILE G 153 -22.43 32.19 32.04
N ALA G 154 -22.45 33.52 31.93
CA ALA G 154 -23.72 34.24 31.84
C ALA G 154 -24.41 33.80 30.55
N LEU G 155 -23.63 33.63 29.49
CA LEU G 155 -24.20 33.20 28.22
C LEU G 155 -24.77 31.78 28.34
N MET G 156 -24.03 30.89 29.01
CA MET G 156 -24.51 29.52 29.16
C MET G 156 -25.79 29.44 30.00
N GLU G 157 -25.94 30.34 30.96
CA GLU G 157 -27.15 30.36 31.79
C GLU G 157 -28.32 30.74 30.87
N ARG G 158 -28.05 31.64 29.93
CA ARG G 158 -29.05 32.08 28.97
C ARG G 158 -29.37 30.94 28.02
N LEU G 159 -28.32 30.28 27.51
CA LEU G 159 -28.50 29.18 26.58
C LEU G 159 -29.34 28.06 27.20
N ARG G 160 -29.05 27.72 28.44
CA ARG G 160 -29.77 26.66 29.14
C ARG G 160 -31.25 27.05 29.28
N ALA G 161 -31.49 28.29 29.66
CA ALA G 161 -32.86 28.78 29.80
C ALA G 161 -33.61 28.74 28.46
N ASP G 162 -32.89 29.02 27.37
CA ASP G 162 -33.51 29.02 26.04
C ASP G 162 -33.73 27.62 25.48
N GLY G 163 -33.19 26.61 26.14
CA GLY G 163 -33.37 25.24 25.66
C GLY G 163 -32.27 24.77 24.72
N VAL G 164 -31.20 25.55 24.57
CA VAL G 164 -30.11 25.11 23.70
C VAL G 164 -29.43 23.95 24.39
N GLY G 165 -29.27 22.83 23.69
CA GLY G 165 -28.66 21.66 24.32
C GLY G 165 -27.26 21.30 23.87
N LEU G 166 -26.66 22.11 23.01
CA LEU G 166 -25.32 21.82 22.51
C LEU G 166 -24.43 23.06 22.56
N ILE G 167 -23.18 22.86 22.94
CA ILE G 167 -22.21 23.95 22.95
C ILE G 167 -20.90 23.42 22.39
N LYS G 168 -20.09 24.29 21.82
CA LYS G 168 -18.80 23.88 21.28
C LYS G 168 -17.77 24.78 21.92
N LEU G 169 -16.85 24.19 22.67
CA LEU G 169 -15.81 24.98 23.33
C LEU G 169 -14.67 25.29 22.38
N LYS G 170 -14.38 26.58 22.21
CA LYS G 170 -13.27 26.99 21.36
C LYS G 170 -12.03 26.84 22.23
N THR G 171 -11.16 25.91 21.85
CA THR G 171 -9.95 25.62 22.60
C THR G 171 -8.67 26.01 21.87
N GLY G 172 -7.55 26.02 22.60
CA GLY G 172 -6.27 26.33 21.98
C GLY G 172 -5.87 27.76 21.70
N PHE G 173 -6.68 28.75 22.07
CA PHE G 173 -6.28 30.13 21.81
C PHE G 173 -5.52 30.74 22.98
N ARG G 174 -5.67 30.13 24.15
CA ARG G 174 -4.94 30.54 25.34
C ARG G 174 -4.11 29.31 25.68
N ASP G 175 -3.80 29.09 26.95
CA ASP G 175 -3.01 27.93 27.31
C ASP G 175 -3.89 26.70 27.55
N HIS G 176 -3.26 25.54 27.66
CA HIS G 176 -3.98 24.30 27.87
C HIS G 176 -4.82 24.34 29.15
N ALA G 177 -4.27 24.94 30.20
CA ALA G 177 -4.98 25.04 31.48
C ALA G 177 -6.34 25.72 31.35
N PHE G 178 -6.40 26.74 30.51
CA PHE G 178 -7.65 27.47 30.29
C PHE G 178 -8.69 26.53 29.66
N ASP G 179 -8.23 25.62 28.80
CA ASP G 179 -9.15 24.68 28.17
C ASP G 179 -9.69 23.68 29.17
N ILE G 180 -8.79 23.12 29.99
CA ILE G 180 -9.20 22.16 31.00
C ILE G 180 -10.10 22.81 32.05
N MET G 181 -9.76 24.02 32.47
CA MET G 181 -10.57 24.74 33.48
C MET G 181 -12.02 24.86 33.00
N ARG G 182 -12.20 25.30 31.76
CA ARG G 182 -13.56 25.46 31.25
C ARG G 182 -14.30 24.14 31.08
N LEU G 183 -13.62 23.08 30.66
CA LEU G 183 -14.26 21.78 30.49
C LEU G 183 -14.73 21.25 31.85
N GLU G 184 -13.94 21.47 32.88
CA GLU G 184 -14.32 21.02 34.21
C GLU G 184 -15.54 21.77 34.74
N LEU G 185 -15.51 23.09 34.63
CA LEU G 185 -16.63 23.90 35.11
C LEU G 185 -17.91 23.57 34.37
N ILE G 186 -17.82 23.38 33.04
CA ILE G 186 -18.99 23.05 32.26
C ILE G 186 -19.58 21.71 32.68
N ALA G 187 -18.73 20.72 32.90
CA ALA G 187 -19.21 19.39 33.30
C ALA G 187 -19.87 19.49 34.67
N ARG G 188 -19.36 20.38 35.51
CA ARG G 188 -19.89 20.54 36.86
C ARG G 188 -21.16 21.38 36.94
N ASP G 189 -21.10 22.60 36.43
CA ASP G 189 -22.24 23.52 36.50
C ASP G 189 -23.27 23.50 35.37
N PHE G 190 -22.89 23.00 34.20
CA PHE G 190 -23.83 22.94 33.08
C PHE G 190 -23.83 21.54 32.48
N PRO G 191 -24.13 20.53 33.31
CA PRO G 191 -24.16 19.13 32.87
C PRO G 191 -25.16 18.84 31.77
N GLU G 192 -26.18 19.69 31.64
CA GLU G 192 -27.22 19.49 30.63
C GLU G 192 -26.73 19.53 29.18
N PHE G 193 -25.70 20.32 28.90
CA PHE G 193 -25.18 20.44 27.54
C PHE G 193 -24.37 19.26 27.05
N ARG G 194 -24.48 18.95 25.76
CA ARG G 194 -23.62 17.93 25.17
C ARG G 194 -22.50 18.87 24.72
N VAL G 195 -21.25 18.49 24.95
CA VAL G 195 -20.14 19.37 24.61
C VAL G 195 -19.27 18.92 23.44
N ARG G 196 -18.98 19.86 22.54
CA ARG G 196 -18.11 19.61 21.42
C ARG G 196 -16.88 20.50 21.64
N VAL G 197 -15.80 20.22 20.91
CA VAL G 197 -14.55 20.98 21.05
C VAL G 197 -14.00 21.38 19.67
N ASP G 198 -13.47 22.59 19.57
CA ASP G 198 -12.91 23.06 18.30
C ASP G 198 -11.63 23.88 18.55
N TYR G 199 -10.51 23.39 18.03
CA TYR G 199 -9.21 24.06 18.17
C TYR G 199 -8.92 25.08 17.07
N ASN G 200 -9.75 25.09 16.03
CA ASN G 200 -9.58 26.01 14.90
C ASN G 200 -8.14 26.04 14.38
N GLN G 201 -7.58 24.86 14.11
CA GLN G 201 -6.20 24.74 13.61
C GLN G 201 -5.19 25.35 14.59
N GLY G 202 -5.60 25.62 15.82
CA GLY G 202 -4.71 26.29 16.76
C GLY G 202 -3.48 25.65 17.38
N LEU G 203 -3.35 24.33 17.34
CA LEU G 203 -2.19 23.71 17.98
C LEU G 203 -0.99 23.54 17.07
N GLU G 204 0.20 23.70 17.64
CA GLU G 204 1.44 23.52 16.89
C GLU G 204 1.77 22.04 16.94
N ILE G 205 2.64 21.60 16.02
CA ILE G 205 3.05 20.21 15.95
C ILE G 205 3.54 19.65 17.28
N ASP G 206 4.40 20.40 17.98
CA ASP G 206 4.95 19.87 19.23
C ASP G 206 4.03 19.78 20.44
N GLU G 207 2.80 20.26 20.31
CA GLU G 207 1.87 20.21 21.43
C GLU G 207 0.55 19.50 21.10
N ALA G 208 0.34 19.18 19.82
CA ALA G 208 -0.91 18.55 19.40
C ALA G 208 -1.30 17.27 20.13
N VAL G 209 -0.41 16.28 20.14
CA VAL G 209 -0.71 15.01 20.78
C VAL G 209 -1.08 15.12 22.28
N PRO G 210 -0.21 15.72 23.10
CA PRO G 210 -0.57 15.79 24.52
C PRO G 210 -1.83 16.60 24.86
N ARG G 211 -2.06 17.70 24.15
CA ARG G 211 -3.24 18.50 24.43
C ARG G 211 -4.53 17.80 24.02
N VAL G 212 -4.51 17.18 22.83
CA VAL G 212 -5.68 16.45 22.34
C VAL G 212 -6.00 15.26 23.26
N LEU G 213 -4.96 14.52 23.64
CA LEU G 213 -5.16 13.37 24.51
C LEU G 213 -5.82 13.76 25.81
N ASP G 214 -5.38 14.87 26.38
CA ASP G 214 -5.92 15.35 27.64
C ASP G 214 -7.37 15.80 27.51
N VAL G 215 -7.67 16.57 26.47
CA VAL G 215 -9.02 17.04 26.26
C VAL G 215 -9.93 15.85 25.97
N ALA G 216 -9.40 14.85 25.27
CA ALA G 216 -10.18 13.67 24.92
C ALA G 216 -10.71 12.93 26.17
N GLN G 217 -10.00 13.06 27.28
CA GLN G 217 -10.41 12.42 28.53
C GLN G 217 -11.77 12.92 28.99
N PHE G 218 -12.18 14.09 28.51
CA PHE G 218 -13.47 14.66 28.88
C PHE G 218 -14.60 14.14 28.01
N GLN G 219 -14.25 13.28 27.05
CA GLN G 219 -15.20 12.67 26.14
C GLN G 219 -16.16 13.61 25.43
N PRO G 220 -15.63 14.64 24.77
CA PRO G 220 -16.55 15.54 24.07
C PRO G 220 -17.12 14.76 22.87
N ASP G 221 -18.24 15.21 22.32
CA ASP G 221 -18.86 14.52 21.19
C ASP G 221 -17.89 14.41 20.02
N PHE G 222 -17.04 15.42 19.87
CA PHE G 222 -15.99 15.41 18.86
C PHE G 222 -14.99 16.51 19.12
N ILE G 223 -13.81 16.36 18.53
CA ILE G 223 -12.75 17.35 18.64
C ILE G 223 -12.49 17.77 17.20
N GLU G 224 -12.64 19.06 16.94
CA GLU G 224 -12.48 19.60 15.60
C GLU G 224 -11.11 20.20 15.30
N GLN G 225 -10.59 19.82 14.13
CA GLN G 225 -9.33 20.34 13.56
C GLN G 225 -8.27 20.90 14.53
N PRO G 226 -7.56 20.02 15.25
CA PRO G 226 -6.53 20.45 16.20
C PRO G 226 -5.35 21.21 15.57
N VAL G 227 -4.98 20.82 14.35
CA VAL G 227 -3.83 21.41 13.67
C VAL G 227 -4.14 22.06 12.30
N ARG G 228 -3.14 22.72 11.72
CA ARG G 228 -3.28 23.40 10.44
C ARG G 228 -3.86 22.50 9.34
N ALA G 229 -4.71 23.09 8.50
CA ALA G 229 -5.40 22.39 7.42
C ALA G 229 -4.56 21.43 6.57
N HIS G 230 -3.34 21.86 6.22
CA HIS G 230 -2.48 21.03 5.37
C HIS G 230 -1.88 19.81 6.05
N HIS G 231 -2.02 19.70 7.36
CA HIS G 231 -1.45 18.56 8.10
C HIS G 231 -2.30 17.29 8.03
N PHE G 232 -2.52 16.77 6.82
CA PHE G 232 -3.31 15.55 6.66
C PHE G 232 -2.65 14.37 7.38
N GLU G 233 -1.34 14.26 7.29
CA GLU G 233 -0.64 13.16 7.92
C GLU G 233 -0.78 13.18 9.45
N LEU G 234 -0.55 14.34 10.05
CA LEU G 234 -0.66 14.45 11.49
C LEU G 234 -2.11 14.26 11.95
N MET G 235 -3.06 14.77 11.16
CA MET G 235 -4.47 14.62 11.49
C MET G 235 -4.79 13.11 11.53
N ALA G 236 -4.31 12.37 10.53
CA ALA G 236 -4.54 10.93 10.49
C ALA G 236 -3.95 10.26 11.74
N ARG G 237 -2.76 10.70 12.16
CA ARG G 237 -2.14 10.13 13.36
C ARG G 237 -2.97 10.46 14.60
N LEU G 238 -3.43 11.71 14.69
CA LEU G 238 -4.25 12.13 15.81
C LEU G 238 -5.53 11.31 15.85
N ARG G 239 -6.10 11.01 14.67
CA ARG G 239 -7.33 10.23 14.61
C ARG G 239 -7.16 8.89 15.29
N GLY G 240 -5.99 8.28 15.14
CA GLY G 240 -5.77 6.98 15.74
C GLY G 240 -5.40 6.97 17.22
N LEU G 241 -5.33 8.14 17.85
CA LEU G 241 -4.94 8.18 19.25
C LEU G 241 -6.02 8.02 20.32
N THR G 242 -7.28 8.25 19.96
CA THR G 242 -8.37 8.13 20.93
C THR G 242 -9.61 7.65 20.20
N ASP G 243 -10.68 7.36 20.94
CA ASP G 243 -11.92 6.94 20.31
C ASP G 243 -12.91 8.09 20.29
N VAL G 244 -12.42 9.29 20.59
CA VAL G 244 -13.26 10.50 20.53
C VAL G 244 -13.21 10.88 19.04
N PRO G 245 -14.36 11.14 18.41
CA PRO G 245 -14.39 11.53 16.99
C PRO G 245 -13.55 12.75 16.69
N LEU G 246 -12.75 12.67 15.63
CA LEU G 246 -11.91 13.78 15.18
C LEU G 246 -12.58 14.33 13.92
N LEU G 247 -12.98 15.60 13.94
CA LEU G 247 -13.61 16.20 12.78
C LEU G 247 -12.67 17.09 12.01
N ALA G 248 -12.78 17.03 10.68
CA ALA G 248 -11.97 17.87 9.83
C ALA G 248 -12.81 19.09 9.53
N ASP G 249 -12.21 20.27 9.59
CA ASP G 249 -12.95 21.47 9.24
C ASP G 249 -12.13 22.15 8.16
N GLU G 250 -11.13 22.94 8.54
CA GLU G 250 -10.32 23.65 7.56
C GLU G 250 -9.63 22.76 6.52
N SER G 251 -9.41 21.48 6.86
CA SER G 251 -8.77 20.55 5.94
C SER G 251 -9.67 20.16 4.76
N VAL G 252 -10.98 20.38 4.92
CA VAL G 252 -11.93 20.02 3.87
C VAL G 252 -12.88 21.15 3.49
N TYR G 253 -12.76 21.65 2.27
CA TYR G 253 -13.64 22.69 1.77
C TYR G 253 -14.74 22.08 0.92
N GLY G 254 -14.36 21.45 -0.19
CA GLY G 254 -15.32 20.84 -1.08
C GLY G 254 -15.16 19.36 -1.36
N PRO G 255 -15.92 18.82 -2.33
CA PRO G 255 -15.89 17.41 -2.73
C PRO G 255 -14.49 16.89 -3.02
N GLU G 256 -13.65 17.72 -3.64
CA GLU G 256 -12.29 17.33 -3.98
C GLU G 256 -11.46 17.07 -2.72
N ASP G 257 -11.53 17.99 -1.75
CA ASP G 257 -10.83 17.82 -0.49
C ASP G 257 -11.40 16.62 0.26
N MET G 258 -12.72 16.44 0.19
CA MET G 258 -13.35 15.32 0.92
C MET G 258 -12.82 13.98 0.42
N VAL G 259 -12.68 13.84 -0.89
CA VAL G 259 -12.15 12.60 -1.46
C VAL G 259 -10.74 12.33 -0.93
N ARG G 260 -9.90 13.38 -0.90
CA ARG G 260 -8.54 13.22 -0.42
C ARG G 260 -8.52 12.89 1.07
N ALA G 261 -9.32 13.62 1.83
CA ALA G 261 -9.42 13.42 3.27
C ALA G 261 -9.87 12.01 3.61
N ALA G 262 -10.89 11.51 2.91
CA ALA G 262 -11.37 10.15 3.15
C ALA G 262 -10.28 9.12 2.82
N HIS G 263 -9.60 9.32 1.70
CA HIS G 263 -8.56 8.41 1.26
C HIS G 263 -7.38 8.34 2.24
N GLU G 264 -7.01 9.48 2.81
CA GLU G 264 -5.89 9.52 3.74
C GLU G 264 -6.30 9.23 5.19
N GLY G 265 -7.59 9.00 5.40
CA GLY G 265 -8.11 8.70 6.73
C GLY G 265 -7.78 9.73 7.80
N ILE G 266 -7.96 11.01 7.49
CA ILE G 266 -7.63 12.05 8.46
C ILE G 266 -8.69 12.37 9.50
N CYS G 267 -9.91 11.84 9.33
CA CYS G 267 -10.97 12.18 10.26
C CYS G 267 -12.05 11.11 10.41
N ASP G 268 -12.95 11.32 11.38
CA ASP G 268 -14.08 10.41 11.60
C ASP G 268 -15.33 11.09 11.07
N GLY G 269 -15.18 12.37 10.74
CA GLY G 269 -16.31 13.13 10.23
C GLY G 269 -15.85 14.50 9.75
N VAL G 270 -16.79 15.29 9.24
CA VAL G 270 -16.44 16.60 8.71
C VAL G 270 -17.45 17.69 9.07
N SER G 271 -16.93 18.90 9.22
CA SER G 271 -17.76 20.08 9.49
C SER G 271 -18.05 20.63 8.10
N ILE G 272 -19.32 20.70 7.74
CA ILE G 272 -19.70 21.19 6.43
C ILE G 272 -20.16 22.65 6.49
N LYS G 273 -19.64 23.48 5.60
CA LYS G 273 -20.01 24.89 5.56
C LYS G 273 -20.14 25.35 4.11
N ILE G 274 -21.22 26.06 3.80
CA ILE G 274 -21.38 26.53 2.44
C ILE G 274 -20.31 27.57 2.10
N MET G 275 -19.79 28.24 3.11
CA MET G 275 -18.76 29.25 2.86
C MET G 275 -17.47 28.58 2.38
N LYS G 276 -17.28 27.29 2.69
CA LYS G 276 -16.10 26.55 2.24
C LYS G 276 -16.38 25.84 0.92
N SER G 277 -17.56 25.23 0.81
CA SER G 277 -17.90 24.47 -0.40
C SER G 277 -18.25 25.37 -1.59
N GLY G 278 -18.44 26.66 -1.35
CA GLY G 278 -18.77 27.57 -2.43
C GLY G 278 -20.15 27.34 -3.02
N GLY G 279 -21.08 26.86 -2.21
CA GLY G 279 -22.41 26.60 -2.71
C GLY G 279 -23.11 25.57 -1.87
N LEU G 280 -24.43 25.53 -1.98
CA LEU G 280 -25.22 24.58 -1.20
C LEU G 280 -25.14 23.15 -1.70
N THR G 281 -25.19 22.97 -3.02
CA THR G 281 -25.10 21.63 -3.57
C THR G 281 -23.73 21.03 -3.28
N ARG G 282 -22.67 21.80 -3.48
CA ARG G 282 -21.34 21.29 -3.20
C ARG G 282 -21.21 20.88 -1.73
N ALA G 283 -21.93 21.57 -0.84
CA ALA G 283 -21.89 21.22 0.59
C ALA G 283 -22.56 19.85 0.75
N GLN G 284 -23.69 19.66 0.07
CA GLN G 284 -24.40 18.39 0.12
C GLN G 284 -23.52 17.24 -0.40
N THR G 285 -22.82 17.50 -1.51
CA THR G 285 -21.93 16.50 -2.10
C THR G 285 -20.85 16.07 -1.09
N VAL G 286 -20.31 17.02 -0.32
CA VAL G 286 -19.31 16.68 0.69
C VAL G 286 -19.91 15.73 1.72
N ALA G 287 -21.13 16.04 2.19
CA ALA G 287 -21.78 15.20 3.19
C ALA G 287 -22.07 13.80 2.65
N ARG G 288 -22.44 13.72 1.38
CA ARG G 288 -22.75 12.45 0.73
C ARG G 288 -21.50 11.59 0.52
N ILE G 289 -20.39 12.22 0.16
CA ILE G 289 -19.15 11.49 -0.02
C ILE G 289 -18.70 11.02 1.38
N ALA G 290 -18.86 11.88 2.37
CA ALA G 290 -18.48 11.53 3.74
C ALA G 290 -19.27 10.29 4.18
N ALA G 291 -20.59 10.32 3.98
CA ALA G 291 -21.45 9.21 4.34
C ALA G 291 -21.06 7.91 3.63
N ALA G 292 -20.69 8.03 2.36
CA ALA G 292 -20.27 6.87 1.57
C ALA G 292 -19.01 6.21 2.13
N HIS G 293 -18.23 6.98 2.90
CA HIS G 293 -17.00 6.46 3.52
C HIS G 293 -17.23 6.14 5.00
N GLY G 294 -18.47 6.21 5.44
CA GLY G 294 -18.77 5.91 6.84
C GLY G 294 -18.27 6.99 7.79
N LEU G 295 -18.30 8.24 7.33
CA LEU G 295 -17.86 9.38 8.13
C LEU G 295 -19.05 10.28 8.43
N MET G 296 -19.03 10.86 9.64
CA MET G 296 -20.07 11.77 10.18
C MET G 296 -20.06 13.15 9.53
N ALA G 297 -21.18 13.87 9.65
CA ALA G 297 -21.28 15.22 9.11
C ALA G 297 -21.97 16.18 10.08
N TYR G 298 -21.41 17.38 10.22
CA TYR G 298 -21.89 18.41 11.12
C TYR G 298 -22.12 19.72 10.34
N GLY G 299 -23.12 20.49 10.75
CA GLY G 299 -23.43 21.73 10.08
C GLY G 299 -22.67 22.88 10.73
N GLY G 300 -21.44 23.09 10.29
CA GLY G 300 -20.65 24.17 10.86
C GLY G 300 -20.98 25.51 10.22
N ASP G 301 -20.33 26.58 10.68
CA ASP G 301 -20.57 27.87 10.06
C ASP G 301 -19.40 28.79 10.33
N MET G 302 -19.39 29.95 9.66
CA MET G 302 -18.34 30.93 9.85
C MET G 302 -18.97 32.01 10.72
N PHE G 303 -18.33 33.17 10.84
CA PHE G 303 -18.94 34.25 11.60
C PHE G 303 -19.90 34.97 10.67
N GLU G 304 -21.08 34.37 10.55
CA GLU G 304 -22.13 34.82 9.67
C GLU G 304 -23.36 35.42 10.35
N ALA G 305 -24.21 36.03 9.51
CA ALA G 305 -25.44 36.64 9.98
C ALA G 305 -26.63 35.78 9.58
N GLY G 306 -27.83 36.30 9.81
CA GLY G 306 -29.05 35.56 9.51
C GLY G 306 -29.23 35.06 8.09
N LEU G 307 -28.78 35.85 7.11
CA LEU G 307 -28.90 35.47 5.72
C LEU G 307 -28.13 34.17 5.45
N ALA G 308 -26.89 34.11 5.91
CA ALA G 308 -26.07 32.91 5.73
C ALA G 308 -26.68 31.76 6.54
N HIS G 309 -27.18 32.04 7.74
CA HIS G 309 -27.80 31.02 8.58
C HIS G 309 -28.97 30.39 7.82
N LEU G 310 -29.78 31.22 7.17
CA LEU G 310 -30.92 30.71 6.42
C LEU G 310 -30.45 29.81 5.27
N ALA G 311 -29.43 30.23 4.53
CA ALA G 311 -28.94 29.41 3.43
C ALA G 311 -28.42 28.06 3.96
N GLY G 312 -27.72 28.09 5.09
CA GLY G 312 -27.19 26.87 5.67
C GLY G 312 -28.30 25.97 6.17
N THR G 313 -29.35 26.59 6.71
CA THR G 313 -30.49 25.86 7.23
C THR G 313 -31.26 25.13 6.13
N HIS G 314 -31.50 25.78 5.00
CA HIS G 314 -32.20 25.10 3.92
C HIS G 314 -31.33 23.94 3.40
N MET G 315 -30.02 24.14 3.37
CA MET G 315 -29.11 23.10 2.89
C MET G 315 -29.21 21.86 3.79
N ILE G 316 -29.11 22.07 5.09
CA ILE G 316 -29.17 20.94 6.03
C ILE G 316 -30.54 20.27 6.04
N ALA G 317 -31.59 21.07 5.84
CA ALA G 317 -32.95 20.55 5.81
C ALA G 317 -33.12 19.49 4.72
N ALA G 318 -32.35 19.61 3.64
CA ALA G 318 -32.43 18.68 2.53
C ALA G 318 -31.29 17.67 2.51
N THR G 319 -30.57 17.54 3.61
CA THR G 319 -29.42 16.65 3.66
C THR G 319 -29.42 15.74 4.89
N PRO G 320 -30.02 14.55 4.78
CA PRO G 320 -30.10 13.57 5.87
C PRO G 320 -28.74 13.19 6.46
N GLU G 321 -27.70 13.23 5.62
CA GLU G 321 -26.35 12.87 6.05
C GLU G 321 -25.76 13.75 7.15
N ILE G 322 -26.25 14.98 7.29
CA ILE G 322 -25.76 15.86 8.34
C ILE G 322 -26.64 15.64 9.57
N THR G 323 -26.10 14.91 10.54
CA THR G 323 -26.84 14.54 11.76
C THR G 323 -26.36 15.11 13.10
N LEU G 324 -25.21 15.78 13.10
CA LEU G 324 -24.65 16.29 14.36
C LEU G 324 -25.11 17.68 14.82
N GLY G 325 -26.10 18.24 14.14
CA GLY G 325 -26.62 19.55 14.51
C GLY G 325 -25.98 20.65 13.68
N CYS G 326 -26.26 21.91 14.02
CA CYS G 326 -25.69 23.03 13.29
C CYS G 326 -25.27 24.10 14.30
N GLU G 327 -24.45 25.05 13.87
CA GLU G 327 -24.01 26.11 14.78
C GLU G 327 -24.34 27.52 14.28
N PHE G 328 -25.57 27.70 13.82
CA PHE G 328 -26.03 29.01 13.33
C PHE G 328 -26.55 29.76 14.55
N TYR G 329 -25.62 30.14 15.44
CA TYR G 329 -25.95 30.82 16.70
C TYR G 329 -25.66 32.31 16.76
N GLN G 330 -24.84 32.80 15.83
CA GLN G 330 -24.45 34.21 15.87
C GLN G 330 -25.56 35.22 15.77
N ALA G 331 -26.54 35.00 14.89
CA ALA G 331 -27.65 35.95 14.75
C ALA G 331 -28.37 36.11 16.08
N SER G 332 -28.46 35.03 16.84
CA SER G 332 -29.15 35.06 18.13
C SER G 332 -28.30 35.49 19.32
N TYR G 333 -27.06 35.02 19.37
CA TYR G 333 -26.20 35.27 20.52
C TYR G 333 -24.88 36.02 20.35
N PHE G 334 -24.51 36.39 19.12
CA PHE G 334 -23.23 37.06 18.91
C PHE G 334 -23.35 38.48 18.37
N LEU G 335 -24.15 38.64 17.30
CA LEU G 335 -24.33 39.94 16.69
C LEU G 335 -25.21 40.82 17.57
N ASN G 336 -24.84 42.09 17.72
CA ASN G 336 -25.65 43.00 18.51
C ASN G 336 -26.99 43.16 17.82
N GLU G 337 -26.96 43.09 16.49
CA GLU G 337 -28.16 43.21 15.66
C GLU G 337 -27.94 42.47 14.33
N ASP G 338 -28.95 41.71 13.91
CA ASP G 338 -28.91 40.94 12.67
C ASP G 338 -29.42 41.80 11.50
N ILE G 339 -29.25 41.33 10.27
CA ILE G 339 -29.67 42.09 9.09
C ILE G 339 -31.00 41.70 8.46
N LEU G 340 -31.71 40.76 9.06
CA LEU G 340 -33.00 40.33 8.50
C LEU G 340 -34.13 41.24 8.98
N GLU G 341 -35.23 41.26 8.23
CA GLU G 341 -36.38 42.08 8.61
C GLU G 341 -37.18 41.35 9.68
N THR G 342 -37.03 40.04 9.72
CA THR G 342 -37.69 39.21 10.71
C THR G 342 -36.60 38.30 11.29
N PRO G 343 -36.63 38.06 12.61
CA PRO G 343 -35.66 37.24 13.34
C PRO G 343 -35.40 35.84 12.81
N PHE G 344 -34.15 35.41 12.86
CA PHE G 344 -33.79 34.07 12.43
C PHE G 344 -34.39 33.20 13.53
N ARG G 345 -35.36 32.38 13.16
CA ARG G 345 -36.09 31.56 14.11
C ARG G 345 -35.45 30.33 14.74
N VAL G 346 -35.38 30.36 16.06
CA VAL G 346 -34.85 29.26 16.85
C VAL G 346 -35.85 29.11 18.00
N GLU G 347 -36.38 27.91 18.16
CA GLU G 347 -37.35 27.64 19.22
C GLU G 347 -36.93 26.43 20.05
N ALA G 348 -36.91 26.60 21.37
CA ALA G 348 -36.53 25.54 22.28
C ALA G 348 -35.19 24.92 21.89
N GLY G 349 -34.25 25.76 21.50
CA GLY G 349 -32.92 25.28 21.12
C GLY G 349 -32.81 24.64 19.75
N GLN G 350 -33.85 24.74 18.94
CA GLN G 350 -33.82 24.15 17.61
C GLN G 350 -34.10 25.19 16.53
N VAL G 351 -33.25 25.20 15.51
CA VAL G 351 -33.41 26.12 14.39
C VAL G 351 -34.68 25.68 13.63
N ILE G 352 -35.52 26.63 13.26
CA ILE G 352 -36.75 26.31 12.54
C ILE G 352 -36.54 26.39 11.03
N VAL G 353 -36.79 25.29 10.32
CA VAL G 353 -36.64 25.30 8.86
C VAL G 353 -37.81 26.09 8.28
N PRO G 354 -37.53 27.18 7.55
CA PRO G 354 -38.59 28.01 6.95
C PRO G 354 -39.35 27.32 5.82
N ASP G 355 -40.64 27.64 5.70
CA ASP G 355 -41.46 27.06 4.63
C ASP G 355 -41.86 28.12 3.61
N GLY G 356 -41.55 29.37 3.91
CA GLY G 356 -41.90 30.46 3.01
C GLY G 356 -41.09 30.46 1.73
N PRO G 357 -41.40 31.34 0.77
CA PRO G 357 -40.67 31.41 -0.50
C PRO G 357 -39.21 31.82 -0.32
N GLY G 358 -38.35 31.31 -1.20
CA GLY G 358 -36.94 31.65 -1.12
C GLY G 358 -36.31 31.23 0.18
N LEU G 359 -35.42 32.08 0.71
CA LEU G 359 -34.74 31.77 1.96
C LEU G 359 -35.63 31.85 3.20
N GLY G 360 -36.82 32.42 3.05
CA GLY G 360 -37.73 32.53 4.17
C GLY G 360 -37.71 33.85 4.92
N ALA G 361 -36.85 34.77 4.48
CA ALA G 361 -36.75 36.07 5.11
C ALA G 361 -35.98 36.99 4.19
N ARG G 362 -36.26 38.29 4.31
CA ARG G 362 -35.58 39.28 3.49
C ARG G 362 -34.59 40.04 4.32
N ALA G 363 -33.54 40.53 3.68
CA ALA G 363 -32.53 41.33 4.36
C ALA G 363 -33.13 42.73 4.43
N ASP G 364 -32.92 43.40 5.56
CA ASP G 364 -33.45 44.75 5.74
C ASP G 364 -32.59 45.76 4.97
N PRO G 365 -33.14 46.36 3.91
CA PRO G 365 -32.42 47.34 3.09
C PRO G 365 -31.83 48.49 3.91
N GLU G 366 -32.55 48.91 4.93
CA GLU G 366 -32.09 50.01 5.78
C GLU G 366 -30.87 49.59 6.58
N LYS G 367 -30.84 48.33 7.02
CA LYS G 367 -29.71 47.83 7.80
C LYS G 367 -28.48 47.71 6.91
N LEU G 368 -28.70 47.28 5.66
CA LEU G 368 -27.60 47.12 4.72
C LEU G 368 -26.92 48.46 4.48
N GLU G 369 -27.71 49.51 4.33
CA GLU G 369 -27.16 50.83 4.10
C GLU G 369 -26.49 51.36 5.36
N HIS G 370 -27.14 51.15 6.50
CA HIS G 370 -26.62 51.61 7.78
C HIS G 370 -25.25 51.03 8.14
N TYR G 371 -25.08 49.72 8.00
CA TYR G 371 -23.82 49.07 8.36
C TYR G 371 -22.77 48.92 7.26
N ALA G 372 -23.11 49.36 6.05
CA ALA G 372 -22.18 49.25 4.94
C ALA G 372 -20.96 50.15 5.05
N VAL G 373 -19.77 49.57 4.86
CA VAL G 373 -18.55 50.36 4.90
C VAL G 373 -18.19 50.61 3.44
N ARG G 374 -18.87 49.88 2.56
CA ARG G 374 -18.71 49.99 1.12
C ARG G 374 -19.89 49.34 0.41
N ARG G 375 -20.30 49.91 -0.72
CA ARG G 375 -21.42 49.37 -1.48
C ARG G 375 -21.20 49.65 -2.97
N LEU H 6 -23.15 -46.25 3.71
CA LEU H 6 -21.86 -45.55 3.97
C LEU H 6 -21.52 -45.53 5.45
N GLU H 7 -22.15 -46.43 6.20
CA GLU H 7 -21.92 -46.54 7.63
C GLU H 7 -20.90 -47.66 7.85
N GLN H 8 -20.62 -48.40 6.78
CA GLN H 8 -19.66 -49.49 6.83
C GLN H 8 -18.32 -48.97 7.32
N LYS H 9 -17.37 -49.88 7.51
CA LYS H 9 -16.06 -49.50 7.98
C LYS H 9 -14.96 -49.98 7.05
N ILE H 10 -13.94 -49.14 6.89
CA ILE H 10 -12.80 -49.48 6.04
C ILE H 10 -11.99 -50.49 6.85
N ILE H 11 -11.80 -51.68 6.28
CA ILE H 11 -11.08 -52.73 6.98
C ILE H 11 -9.69 -53.05 6.46
N ALA H 12 -9.35 -52.55 5.27
CA ALA H 12 -8.03 -52.84 4.72
C ALA H 12 -7.45 -51.78 3.80
N MET H 13 -6.12 -51.65 3.84
CA MET H 13 -5.37 -50.72 3.02
C MET H 13 -4.23 -51.49 2.37
N ASP H 14 -4.18 -51.46 1.04
CA ASP H 14 -3.12 -52.14 0.30
C ASP H 14 -2.37 -51.12 -0.54
N LEU H 15 -1.04 -51.22 -0.53
CA LEU H 15 -0.22 -50.28 -1.29
C LEU H 15 0.71 -50.96 -2.29
N TRP H 16 0.96 -50.27 -3.40
CA TRP H 16 1.84 -50.76 -4.45
C TRP H 16 2.71 -49.64 -5.00
N HIS H 17 4.02 -49.78 -4.87
CA HIS H 17 4.93 -48.79 -5.43
C HIS H 17 5.27 -49.38 -6.80
N LEU H 18 4.80 -48.73 -7.86
CA LEU H 18 5.00 -49.23 -9.22
C LEU H 18 6.06 -48.52 -10.05
N ALA H 19 6.59 -49.26 -11.03
CA ALA H 19 7.60 -48.74 -11.96
C ALA H 19 7.06 -49.10 -13.34
N LEU H 20 6.47 -48.13 -14.01
CA LEU H 20 5.88 -48.36 -15.32
C LEU H 20 6.74 -47.89 -16.50
N PRO H 21 6.95 -48.78 -17.49
CA PRO H 21 7.74 -48.47 -18.67
C PRO H 21 7.09 -47.35 -19.47
N VAL H 22 7.90 -46.51 -20.11
CA VAL H 22 7.38 -45.39 -20.89
C VAL H 22 7.60 -45.62 -22.38
N CYS H 37 8.20 -44.50 -15.21
CA CYS H 37 7.25 -43.70 -14.45
C CYS H 37 6.81 -44.41 -13.18
N GLU H 38 7.21 -43.86 -12.03
CA GLU H 38 6.87 -44.45 -10.74
C GLU H 38 5.67 -43.78 -10.10
N ILE H 39 4.74 -44.60 -9.61
CA ILE H 39 3.55 -44.10 -8.92
C ILE H 39 3.25 -45.03 -7.76
N VAL H 40 2.37 -44.60 -6.87
CA VAL H 40 1.98 -45.41 -5.73
C VAL H 40 0.48 -45.59 -5.83
N VAL H 41 0.02 -46.83 -5.86
CA VAL H 41 -1.41 -47.10 -5.97
C VAL H 41 -1.96 -47.57 -4.62
N LEU H 42 -3.12 -47.04 -4.25
CA LEU H 42 -3.78 -47.37 -2.99
C LEU H 42 -5.13 -48.04 -3.19
N ARG H 43 -5.42 -49.03 -2.35
CA ARG H 43 -6.70 -49.74 -2.42
C ARG H 43 -7.34 -49.81 -1.04
N LEU H 44 -8.62 -49.46 -0.96
CA LEU H 44 -9.36 -49.51 0.29
C LEU H 44 -10.52 -50.49 0.17
N VAL H 45 -10.71 -51.33 1.18
CA VAL H 45 -11.79 -52.31 1.18
C VAL H 45 -12.72 -52.09 2.36
N ALA H 46 -14.02 -52.08 2.10
CA ALA H 46 -15.01 -51.89 3.15
C ALA H 46 -15.56 -53.23 3.63
N GLU H 47 -16.32 -53.19 4.72
CA GLU H 47 -16.91 -54.40 5.29
C GLU H 47 -17.80 -55.09 4.25
N GLY H 48 -18.59 -54.28 3.54
CA GLY H 48 -19.47 -54.84 2.52
C GLY H 48 -18.71 -55.47 1.37
N GLY H 49 -17.40 -55.26 1.35
CA GLY H 49 -16.57 -55.83 0.30
C GLY H 49 -16.18 -54.89 -0.82
N ALA H 50 -16.83 -53.72 -0.90
CA ALA H 50 -16.51 -52.76 -1.95
C ALA H 50 -15.03 -52.35 -1.87
N GLU H 51 -14.45 -52.05 -3.04
CA GLU H 51 -13.06 -51.63 -3.10
C GLU H 51 -12.96 -50.24 -3.73
N GLY H 52 -12.00 -49.46 -3.22
CA GLY H 52 -11.78 -48.12 -3.73
C GLY H 52 -10.31 -47.95 -4.09
N PHE H 53 -10.03 -47.29 -5.21
CA PHE H 53 -8.66 -47.09 -5.65
C PHE H 53 -8.26 -45.62 -5.79
N GLY H 54 -6.98 -45.34 -5.57
CA GLY H 54 -6.47 -43.98 -5.67
C GLY H 54 -5.00 -44.01 -6.06
N GLU H 55 -4.56 -43.03 -6.84
CA GLU H 55 -3.17 -42.98 -7.28
C GLU H 55 -2.42 -41.78 -6.73
N ALA H 56 -1.15 -41.99 -6.42
CA ALA H 56 -0.25 -40.94 -5.94
C ALA H 56 0.83 -40.91 -7.01
N SER H 57 0.99 -39.76 -7.65
CA SER H 57 1.98 -39.63 -8.73
C SER H 57 3.01 -38.55 -8.39
N PRO H 58 3.92 -38.84 -7.46
CA PRO H 58 4.94 -37.85 -7.08
C PRO H 58 6.05 -37.60 -8.09
N TRP H 59 6.56 -36.38 -8.07
CA TRP H 59 7.67 -35.97 -8.90
C TRP H 59 8.73 -35.59 -7.87
N ALA H 60 9.68 -36.49 -7.67
CA ALA H 60 10.75 -36.37 -6.69
C ALA H 60 11.34 -34.98 -6.42
N VAL H 61 11.61 -34.20 -7.45
CA VAL H 61 12.21 -32.88 -7.22
C VAL H 61 11.21 -31.77 -6.91
N PHE H 62 9.92 -32.06 -7.02
CA PHE H 62 8.93 -31.02 -6.74
C PHE H 62 7.92 -31.31 -5.64
N THR H 63 7.06 -32.31 -5.84
CA THR H 63 6.04 -32.65 -4.83
C THR H 63 6.56 -33.59 -3.74
N GLY H 64 7.51 -34.43 -4.10
CA GLY H 64 8.05 -35.39 -3.13
C GLY H 64 8.40 -36.70 -3.82
N THR H 65 8.94 -37.65 -3.06
CA THR H 65 9.33 -38.93 -3.62
C THR H 65 8.27 -40.01 -3.44
N PRO H 66 8.28 -41.03 -4.32
CA PRO H 66 7.28 -42.09 -4.16
C PRO H 66 7.49 -42.78 -2.81
N GLU H 67 8.73 -42.79 -2.34
CA GLU H 67 9.05 -43.42 -1.05
C GLU H 67 8.36 -42.66 0.07
N ALA H 68 8.37 -41.32 -0.02
CA ALA H 68 7.73 -40.49 0.99
C ALA H 68 6.23 -40.73 1.03
N SER H 69 5.59 -40.79 -0.13
CA SER H 69 4.15 -41.00 -0.19
C SER H 69 3.75 -42.42 0.26
N TYR H 70 4.63 -43.38 0.03
CA TYR H 70 4.36 -44.76 0.44
C TYR H 70 4.30 -44.86 1.96
N ALA H 71 5.32 -44.33 2.63
CA ALA H 71 5.40 -44.37 4.09
C ALA H 71 4.29 -43.53 4.71
N ALA H 72 3.93 -42.42 4.06
CA ALA H 72 2.87 -41.56 4.58
C ALA H 72 1.60 -42.38 4.66
N LEU H 73 1.28 -43.10 3.58
CA LEU H 73 0.08 -43.93 3.54
C LEU H 73 0.20 -45.17 4.42
N ASP H 74 1.25 -45.95 4.19
CA ASP H 74 1.47 -47.18 4.92
C ASP H 74 1.60 -47.06 6.43
N ARG H 75 2.32 -46.04 6.90
CA ARG H 75 2.52 -45.89 8.34
C ARG H 75 1.75 -44.79 9.06
N TYR H 76 1.70 -43.60 8.47
CA TYR H 76 1.04 -42.48 9.12
C TYR H 76 -0.46 -42.28 8.91
N LEU H 77 -0.95 -42.60 7.73
CA LEU H 77 -2.38 -42.42 7.46
C LEU H 77 -3.19 -43.68 7.71
N ARG H 78 -2.53 -44.82 7.64
CA ARG H 78 -3.20 -46.11 7.85
C ARG H 78 -4.03 -46.14 9.14
N PRO H 79 -3.45 -45.71 10.27
CA PRO H 79 -4.18 -45.72 11.55
C PRO H 79 -5.35 -44.74 11.64
N LEU H 80 -5.40 -43.78 10.71
CA LEU H 80 -6.48 -42.80 10.69
C LEU H 80 -7.62 -43.22 9.78
N VAL H 81 -7.37 -44.21 8.94
CA VAL H 81 -8.38 -44.70 7.99
C VAL H 81 -8.99 -46.03 8.39
N ILE H 82 -8.15 -46.99 8.77
CA ILE H 82 -8.65 -48.31 9.15
C ILE H 82 -9.59 -48.21 10.34
N GLY H 83 -10.80 -48.75 10.16
CA GLY H 83 -11.80 -48.72 11.23
C GLY H 83 -12.72 -47.53 11.16
N ARG H 84 -12.46 -46.61 10.22
CA ARG H 84 -13.29 -45.42 10.06
C ARG H 84 -14.48 -45.67 9.15
N ARG H 85 -15.51 -44.85 9.26
CA ARG H 85 -16.70 -44.95 8.44
C ARG H 85 -16.48 -44.22 7.11
N VAL H 86 -16.82 -44.88 6.01
CA VAL H 86 -16.65 -44.29 4.69
C VAL H 86 -17.28 -42.90 4.59
N GLY H 87 -18.38 -42.68 5.30
CA GLY H 87 -19.04 -41.40 5.26
C GLY H 87 -18.32 -40.29 6.02
N ASP H 88 -17.25 -40.64 6.72
CA ASP H 88 -16.49 -39.67 7.50
C ASP H 88 -15.31 -39.09 6.69
N ARG H 89 -15.47 -39.05 5.38
CA ARG H 89 -14.41 -38.55 4.50
C ARG H 89 -13.85 -37.19 4.90
N VAL H 90 -14.71 -36.18 5.04
CA VAL H 90 -14.24 -34.84 5.40
C VAL H 90 -13.38 -34.85 6.65
N ALA H 91 -13.83 -35.62 7.65
CA ALA H 91 -13.10 -35.73 8.91
C ALA H 91 -11.74 -36.40 8.72
N ILE H 92 -11.74 -37.52 8.00
CA ILE H 92 -10.50 -38.25 7.74
C ILE H 92 -9.49 -37.38 7.00
N MET H 93 -9.93 -36.71 5.94
CA MET H 93 -9.02 -35.88 5.16
C MET H 93 -8.56 -34.66 5.93
N ASP H 94 -9.43 -34.09 6.76
CA ASP H 94 -9.06 -32.93 7.56
C ASP H 94 -7.93 -33.35 8.49
N GLU H 95 -8.04 -34.55 9.05
CA GLU H 95 -7.05 -35.10 9.96
C GLU H 95 -5.75 -35.52 9.26
N ALA H 96 -5.89 -36.25 8.16
CA ALA H 96 -4.73 -36.72 7.40
C ALA H 96 -3.80 -35.57 7.06
N ALA H 97 -4.39 -34.44 6.68
CA ALA H 97 -3.61 -33.26 6.32
C ALA H 97 -2.63 -32.90 7.42
N ARG H 98 -3.06 -33.03 8.67
CA ARG H 98 -2.21 -32.69 9.82
C ARG H 98 -1.41 -33.88 10.35
N ALA H 99 -1.75 -35.08 9.91
CA ALA H 99 -1.10 -36.30 10.36
C ALA H 99 0.32 -36.49 9.81
N VAL H 100 0.57 -36.01 8.60
CA VAL H 100 1.88 -36.15 7.99
C VAL H 100 2.15 -34.96 7.08
N ALA H 101 3.35 -34.40 7.18
CA ALA H 101 3.74 -33.25 6.38
C ALA H 101 3.90 -33.59 4.91
N HIS H 102 3.55 -32.63 4.07
CA HIS H 102 3.66 -32.80 2.63
C HIS H 102 2.90 -34.04 2.16
N CYS H 103 3.47 -34.75 1.20
CA CYS H 103 2.83 -35.95 0.66
C CYS H 103 1.40 -35.66 0.21
N THR H 104 1.22 -34.55 -0.51
CA THR H 104 -0.09 -34.20 -1.00
C THR H 104 -0.55 -35.22 -2.03
N GLU H 105 0.40 -35.92 -2.65
CA GLU H 105 0.08 -36.95 -3.64
C GLU H 105 -0.59 -38.13 -2.94
N ALA H 106 -0.07 -38.49 -1.77
CA ALA H 106 -0.64 -39.60 -0.99
C ALA H 106 -2.01 -39.19 -0.50
N LYS H 107 -2.13 -37.96 -0.04
CA LYS H 107 -3.41 -37.45 0.45
C LYS H 107 -4.43 -37.44 -0.69
N ALA H 108 -3.97 -37.11 -1.89
CA ALA H 108 -4.86 -37.08 -3.04
C ALA H 108 -5.29 -38.52 -3.35
N ALA H 109 -4.36 -39.45 -3.13
CA ALA H 109 -4.62 -40.87 -3.38
C ALA H 109 -5.67 -41.38 -2.39
N LEU H 110 -5.49 -41.03 -1.12
CA LEU H 110 -6.44 -41.44 -0.09
C LEU H 110 -7.83 -40.87 -0.40
N ASP H 111 -7.89 -39.58 -0.69
CA ASP H 111 -9.16 -38.95 -1.01
C ASP H 111 -9.83 -39.61 -2.21
N SER H 112 -9.02 -39.98 -3.21
CA SER H 112 -9.58 -40.62 -4.40
C SER H 112 -10.19 -41.99 -4.07
N ALA H 113 -9.49 -42.76 -3.25
CA ALA H 113 -9.97 -44.09 -2.87
C ALA H 113 -11.25 -44.00 -2.06
N LEU H 114 -11.33 -43.03 -1.15
CA LEU H 114 -12.51 -42.86 -0.32
C LEU H 114 -13.73 -42.52 -1.16
N LEU H 115 -13.54 -41.65 -2.15
CA LEU H 115 -14.61 -41.24 -3.05
C LEU H 115 -15.00 -42.40 -3.97
N ASP H 116 -14.00 -43.16 -4.39
CA ASP H 116 -14.21 -44.31 -5.27
C ASP H 116 -15.00 -45.35 -4.49
N LEU H 117 -14.57 -45.60 -3.26
CA LEU H 117 -15.24 -46.57 -2.38
C LEU H 117 -16.68 -46.15 -2.12
N ALA H 118 -16.87 -44.88 -1.81
CA ALA H 118 -18.21 -44.35 -1.54
C ALA H 118 -19.11 -44.43 -2.77
N GLY H 119 -18.55 -44.14 -3.93
CA GLY H 119 -19.32 -44.19 -5.16
C GLY H 119 -19.79 -45.60 -5.47
N ARG H 120 -18.92 -46.58 -5.24
CA ARG H 120 -19.25 -47.98 -5.48
C ARG H 120 -20.39 -48.39 -4.56
N ILE H 121 -20.26 -48.08 -3.28
CA ILE H 121 -21.26 -48.41 -2.27
C ILE H 121 -22.65 -47.80 -2.54
N SER H 122 -22.69 -46.52 -2.91
CA SER H 122 -23.96 -45.85 -3.17
C SER H 122 -24.40 -45.92 -4.63
N ASN H 123 -23.58 -46.53 -5.47
CA ASN H 123 -23.87 -46.68 -6.89
C ASN H 123 -23.93 -45.31 -7.59
N LEU H 124 -22.89 -44.51 -7.42
CA LEU H 124 -22.80 -43.19 -8.02
C LEU H 124 -21.39 -42.92 -8.53
N PRO H 125 -21.27 -42.14 -9.61
CA PRO H 125 -19.94 -41.83 -10.15
C PRO H 125 -19.34 -40.81 -9.18
N VAL H 126 -18.02 -40.76 -9.09
CA VAL H 126 -17.37 -39.82 -8.17
C VAL H 126 -17.82 -38.37 -8.34
N TRP H 127 -18.06 -37.93 -9.57
CA TRP H 127 -18.49 -36.55 -9.78
C TRP H 127 -19.80 -36.23 -9.07
N ALA H 128 -20.64 -37.24 -8.87
CA ALA H 128 -21.92 -37.05 -8.20
C ALA H 128 -21.70 -36.77 -6.72
N LEU H 129 -20.52 -37.13 -6.22
CA LEU H 129 -20.17 -36.91 -4.82
C LEU H 129 -19.41 -35.58 -4.66
N LEU H 130 -19.21 -34.88 -5.77
CA LEU H 130 -18.51 -33.60 -5.76
C LEU H 130 -19.47 -32.46 -6.12
N GLY H 131 -20.76 -32.75 -6.09
CA GLY H 131 -21.76 -31.73 -6.39
C GLY H 131 -22.53 -31.94 -7.68
N GLY H 132 -22.04 -32.84 -8.53
CA GLY H 132 -22.74 -33.06 -9.79
C GLY H 132 -21.82 -32.84 -10.97
N LYS H 133 -22.40 -32.71 -12.15
CA LYS H 133 -21.64 -32.54 -13.38
C LYS H 133 -22.02 -31.29 -14.17
N CYS H 134 -21.05 -30.69 -14.84
CA CYS H 134 -21.30 -29.51 -15.66
C CYS H 134 -20.82 -29.74 -17.09
N ARG H 135 -20.16 -30.87 -17.32
CA ARG H 135 -19.65 -31.21 -18.65
C ARG H 135 -19.49 -32.73 -18.81
N ASP H 136 -19.70 -33.23 -20.02
CA ASP H 136 -19.60 -34.66 -20.29
C ASP H 136 -18.23 -35.03 -20.85
N THR H 137 -17.52 -34.04 -21.37
CA THR H 137 -16.18 -34.28 -21.92
C THR H 137 -15.26 -33.10 -21.56
N ILE H 138 -13.97 -33.34 -21.67
CA ILE H 138 -12.95 -32.32 -21.36
C ILE H 138 -11.91 -32.28 -22.47
N PRO H 139 -11.68 -31.10 -23.06
CA PRO H 139 -10.67 -31.02 -24.13
C PRO H 139 -9.32 -31.51 -23.61
N LEU H 140 -8.69 -32.42 -24.35
CA LEU H 140 -7.40 -32.98 -23.96
C LEU H 140 -6.20 -32.29 -24.59
N SER H 141 -5.15 -32.12 -23.80
CA SER H 141 -3.91 -31.51 -24.28
C SER H 141 -2.77 -32.50 -24.11
N CYS H 142 -1.94 -32.62 -25.13
CA CYS H 142 -0.80 -33.52 -25.06
C CYS H 142 0.47 -32.67 -25.04
N SER H 143 1.41 -33.05 -24.19
CA SER H 143 2.66 -32.32 -24.07
C SER H 143 3.67 -32.73 -25.14
N ILE H 144 4.48 -31.75 -25.55
CA ILE H 144 5.52 -31.94 -26.55
C ILE H 144 6.80 -31.61 -25.78
N ALA H 145 7.46 -32.66 -25.29
CA ALA H 145 8.66 -32.49 -24.48
C ALA H 145 9.84 -33.37 -24.86
N ASN H 146 9.85 -33.90 -26.08
CA ASN H 146 10.95 -34.77 -26.48
C ASN H 146 12.17 -33.99 -26.96
N PRO H 147 13.37 -34.31 -26.42
CA PRO H 147 14.59 -33.61 -26.85
C PRO H 147 14.85 -33.85 -28.34
N ASP H 148 14.23 -34.92 -28.86
CA ASP H 148 14.31 -35.30 -30.26
C ASP H 148 13.02 -34.79 -30.89
N PHE H 149 13.04 -33.55 -31.37
CA PHE H 149 11.85 -32.96 -31.96
C PHE H 149 11.26 -33.76 -33.12
N ASP H 150 12.11 -34.41 -33.91
CA ASP H 150 11.62 -35.21 -35.03
C ASP H 150 10.56 -36.22 -34.55
N ALA H 151 10.83 -36.87 -33.43
CA ALA H 151 9.88 -37.84 -32.87
C ALA H 151 8.55 -37.14 -32.51
N ASP H 152 8.63 -35.93 -31.94
CA ASP H 152 7.41 -35.21 -31.57
C ASP H 152 6.65 -34.76 -32.82
N ILE H 153 7.36 -34.54 -33.91
CA ILE H 153 6.68 -34.14 -35.14
C ILE H 153 5.86 -35.36 -35.56
N ALA H 154 6.40 -36.54 -35.30
CA ALA H 154 5.70 -37.78 -35.62
C ALA H 154 4.48 -37.86 -34.70
N LEU H 155 4.71 -37.60 -33.41
CA LEU H 155 3.63 -37.64 -32.43
C LEU H 155 2.54 -36.64 -32.79
N MET H 156 2.93 -35.44 -33.23
CA MET H 156 1.94 -34.43 -33.59
C MET H 156 1.09 -34.86 -34.80
N GLU H 157 1.68 -35.66 -35.69
CA GLU H 157 0.96 -36.16 -36.86
C GLU H 157 -0.16 -37.07 -36.35
N ARG H 158 0.21 -37.92 -35.39
CA ARG H 158 -0.70 -38.85 -34.78
C ARG H 158 -1.80 -38.11 -34.00
N LEU H 159 -1.38 -37.17 -33.15
CA LEU H 159 -2.31 -36.38 -32.36
C LEU H 159 -3.36 -35.73 -33.25
N ARG H 160 -2.91 -35.07 -34.32
CA ARG H 160 -3.83 -34.39 -35.23
C ARG H 160 -4.78 -35.39 -35.88
N ALA H 161 -4.31 -36.61 -36.10
CA ALA H 161 -5.13 -37.66 -36.69
C ALA H 161 -6.15 -38.12 -35.66
N ASP H 162 -5.76 -38.13 -34.39
CA ASP H 162 -6.65 -38.56 -33.31
C ASP H 162 -7.65 -37.49 -32.86
N GLY H 163 -7.58 -36.31 -33.45
CA GLY H 163 -8.51 -35.24 -33.08
C GLY H 163 -8.09 -34.36 -31.92
N VAL H 164 -6.91 -34.60 -31.34
CA VAL H 164 -6.43 -33.78 -30.24
C VAL H 164 -6.20 -32.37 -30.78
N GLY H 165 -6.84 -31.38 -30.17
CA GLY H 165 -6.70 -30.02 -30.65
C GLY H 165 -5.86 -29.07 -29.80
N LEU H 166 -5.26 -29.60 -28.74
CA LEU H 166 -4.44 -28.79 -27.85
C LEU H 166 -3.13 -29.49 -27.55
N ILE H 167 -2.04 -28.73 -27.52
CA ILE H 167 -0.73 -29.29 -27.18
C ILE H 167 -0.03 -28.27 -26.28
N LYS H 168 0.90 -28.74 -25.46
CA LYS H 168 1.65 -27.87 -24.57
C LYS H 168 3.14 -28.15 -24.76
N LEU H 169 3.84 -27.17 -25.32
CA LEU H 169 5.27 -27.30 -25.57
C LEU H 169 6.05 -27.15 -24.27
N LYS H 170 6.85 -28.15 -23.94
CA LYS H 170 7.68 -28.07 -22.75
C LYS H 170 8.91 -27.28 -23.18
N THR H 171 9.12 -26.13 -22.58
CA THR H 171 10.25 -25.28 -22.91
C THR H 171 11.28 -25.18 -21.80
N GLY H 172 12.39 -24.50 -22.11
CA GLY H 172 13.44 -24.28 -21.14
C GLY H 172 14.35 -25.43 -20.72
N PHE H 173 14.09 -26.65 -21.17
CA PHE H 173 14.95 -27.75 -20.78
C PHE H 173 16.20 -27.82 -21.67
N ARG H 174 16.12 -27.18 -22.82
CA ARG H 174 17.23 -27.11 -23.77
C ARG H 174 17.55 -25.63 -23.89
N ASP H 175 18.22 -25.26 -24.98
CA ASP H 175 18.56 -23.86 -25.19
C ASP H 175 17.32 -23.11 -25.67
N HIS H 176 17.41 -21.79 -25.71
CA HIS H 176 16.28 -20.97 -26.15
C HIS H 176 15.95 -21.20 -27.62
N ALA H 177 16.98 -21.33 -28.45
CA ALA H 177 16.79 -21.55 -29.89
C ALA H 177 15.89 -22.75 -30.15
N PHE H 178 16.03 -23.79 -29.32
CA PHE H 178 15.24 -25.00 -29.46
C PHE H 178 13.76 -24.71 -29.23
N ASP H 179 13.46 -23.79 -28.32
CA ASP H 179 12.08 -23.45 -28.06
C ASP H 179 11.52 -22.68 -29.24
N ILE H 180 12.28 -21.69 -29.71
CA ILE H 180 11.86 -20.87 -30.83
C ILE H 180 11.65 -21.71 -32.10
N MET H 181 12.58 -22.62 -32.35
CA MET H 181 12.52 -23.49 -33.52
C MET H 181 11.20 -24.24 -33.60
N ARG H 182 10.84 -24.91 -32.51
CA ARG H 182 9.60 -25.69 -32.46
C ARG H 182 8.33 -24.86 -32.58
N LEU H 183 8.30 -23.70 -31.93
CA LEU H 183 7.13 -22.84 -32.02
C LEU H 183 6.92 -22.40 -33.46
N GLU H 184 8.02 -22.12 -34.16
CA GLU H 184 7.94 -21.70 -35.56
C GLU H 184 7.39 -22.83 -36.45
N LEU H 185 7.90 -24.03 -36.23
CA LEU H 185 7.46 -25.17 -37.02
C LEU H 185 6.02 -25.53 -36.75
N ILE H 186 5.62 -25.50 -35.49
CA ILE H 186 4.25 -25.83 -35.13
C ILE H 186 3.27 -24.86 -35.80
N ALA H 187 3.59 -23.56 -35.74
CA ALA H 187 2.75 -22.53 -36.33
C ALA H 187 2.59 -22.71 -37.85
N ARG H 188 3.62 -23.24 -38.48
CA ARG H 188 3.60 -23.45 -39.93
C ARG H 188 3.00 -24.80 -40.34
N ASP H 189 3.54 -25.88 -39.77
CA ASP H 189 3.11 -27.23 -40.11
C ASP H 189 1.94 -27.82 -39.32
N PHE H 190 1.60 -27.20 -38.20
CA PHE H 190 0.50 -27.69 -37.37
C PHE H 190 -0.35 -26.55 -36.83
N PRO H 191 -0.84 -25.67 -37.72
CA PRO H 191 -1.67 -24.54 -37.31
C PRO H 191 -2.99 -24.95 -36.69
N GLU H 192 -3.29 -26.25 -36.76
CA GLU H 192 -4.53 -26.79 -36.21
C GLU H 192 -4.60 -26.71 -34.69
N PHE H 193 -3.49 -27.04 -34.03
CA PHE H 193 -3.42 -27.04 -32.58
C PHE H 193 -3.39 -25.66 -31.95
N ARG H 194 -3.97 -25.55 -30.76
CA ARG H 194 -3.90 -24.32 -29.99
C ARG H 194 -2.65 -24.69 -29.20
N VAL H 195 -1.73 -23.75 -29.04
CA VAL H 195 -0.49 -24.05 -28.35
C VAL H 195 -0.28 -23.36 -27.00
N ARG H 196 0.12 -24.16 -26.02
CA ARG H 196 0.41 -23.67 -24.67
C ARG H 196 1.90 -23.92 -24.44
N VAL H 197 2.49 -23.26 -23.44
CA VAL H 197 3.91 -23.40 -23.12
C VAL H 197 4.11 -23.62 -21.62
N ASP H 198 5.02 -24.52 -21.26
CA ASP H 198 5.32 -24.80 -19.85
C ASP H 198 6.83 -24.92 -19.61
N TYR H 199 7.36 -24.01 -18.80
CA TYR H 199 8.78 -24.00 -18.47
C TYR H 199 9.15 -24.89 -17.28
N ASN H 200 8.14 -25.39 -16.58
CA ASN H 200 8.34 -26.24 -15.40
C ASN H 200 9.34 -25.63 -14.42
N GLN H 201 9.16 -24.34 -14.13
CA GLN H 201 10.00 -23.57 -13.22
C GLN H 201 11.50 -23.77 -13.48
N GLY H 202 11.85 -24.00 -14.74
CA GLY H 202 13.25 -24.26 -15.08
C GLY H 202 14.16 -23.12 -15.54
N LEU H 203 13.67 -21.90 -15.61
CA LEU H 203 14.52 -20.79 -16.04
C LEU H 203 15.20 -20.12 -14.84
N GLU H 204 16.44 -19.69 -15.03
CA GLU H 204 17.17 -19.03 -13.96
C GLU H 204 16.82 -17.54 -13.98
N ILE H 205 17.05 -16.87 -12.87
CA ILE H 205 16.75 -15.44 -12.76
C ILE H 205 17.32 -14.59 -13.90
N ASP H 206 18.62 -14.75 -14.17
CA ASP H 206 19.24 -13.94 -15.21
C ASP H 206 18.81 -14.21 -16.65
N GLU H 207 17.93 -15.19 -16.86
CA GLU H 207 17.48 -15.50 -18.22
C GLU H 207 15.96 -15.47 -18.39
N ALA H 208 15.23 -15.40 -17.28
CA ALA H 208 13.77 -15.41 -17.32
C ALA H 208 13.09 -14.40 -18.25
N VAL H 209 13.38 -13.12 -18.06
CA VAL H 209 12.75 -12.07 -18.87
C VAL H 209 12.96 -12.17 -20.38
N PRO H 210 14.23 -12.27 -20.84
CA PRO H 210 14.45 -12.36 -22.29
C PRO H 210 13.82 -13.58 -22.97
N ARG H 211 13.92 -14.74 -22.34
CA ARG H 211 13.35 -15.93 -22.93
C ARG H 211 11.82 -15.87 -22.97
N VAL H 212 11.20 -15.40 -21.89
CA VAL H 212 9.75 -15.29 -21.83
C VAL H 212 9.21 -14.28 -22.86
N LEU H 213 9.88 -13.13 -22.99
CA LEU H 213 9.44 -12.12 -23.94
C LEU H 213 9.49 -12.65 -25.37
N ASP H 214 10.54 -13.42 -25.65
CA ASP H 214 10.73 -13.98 -26.98
C ASP H 214 9.61 -14.95 -27.34
N VAL H 215 9.39 -15.93 -26.47
CA VAL H 215 8.35 -16.93 -26.68
C VAL H 215 6.97 -16.28 -26.73
N ALA H 216 6.75 -15.25 -25.93
CA ALA H 216 5.46 -14.57 -25.90
C ALA H 216 5.09 -14.05 -27.28
N GLN H 217 6.08 -13.71 -28.09
CA GLN H 217 5.81 -13.21 -29.44
C GLN H 217 5.02 -14.20 -30.28
N PHE H 218 5.10 -15.49 -29.94
CA PHE H 218 4.39 -16.52 -30.67
C PHE H 218 2.94 -16.63 -30.21
N GLN H 219 2.62 -15.86 -29.18
CA GLN H 219 1.27 -15.81 -28.63
C GLN H 219 0.63 -17.15 -28.26
N PRO H 220 1.29 -17.93 -27.40
CA PRO H 220 0.69 -19.22 -26.99
C PRO H 220 -0.49 -18.89 -26.10
N ASP H 221 -1.40 -19.84 -25.90
CA ASP H 221 -2.57 -19.60 -25.05
C ASP H 221 -2.15 -19.16 -23.66
N PHE H 222 -1.03 -19.70 -23.19
CA PHE H 222 -0.48 -19.31 -21.90
C PHE H 222 0.92 -19.86 -21.70
N ILE H 223 1.63 -19.28 -20.74
CA ILE H 223 2.98 -19.70 -20.41
C ILE H 223 2.99 -20.08 -18.94
N GLU H 224 3.30 -21.34 -18.64
CA GLU H 224 3.32 -21.80 -17.26
C GLU H 224 4.67 -21.66 -16.56
N GLN H 225 4.58 -21.34 -15.28
CA GLN H 225 5.70 -21.24 -14.34
C GLN H 225 7.12 -21.15 -14.89
N PRO H 226 7.52 -19.99 -15.43
CA PRO H 226 8.87 -19.84 -15.97
C PRO H 226 10.01 -20.01 -14.95
N VAL H 227 9.77 -19.61 -13.71
CA VAL H 227 10.78 -19.67 -12.65
C VAL H 227 10.38 -20.51 -11.44
N ARG H 228 11.32 -20.69 -10.50
CA ARG H 228 11.09 -21.48 -9.29
C ARG H 228 9.86 -21.02 -8.51
N ALA H 229 9.19 -21.98 -7.87
CA ALA H 229 7.98 -21.74 -7.10
C ALA H 229 8.01 -20.58 -6.12
N HIS H 230 9.10 -20.46 -5.37
CA HIS H 230 9.20 -19.40 -4.37
C HIS H 230 9.39 -17.99 -4.94
N HIS H 231 9.60 -17.88 -6.24
CA HIS H 231 9.80 -16.56 -6.86
C HIS H 231 8.51 -15.81 -7.16
N PHE H 232 7.72 -15.54 -6.12
CA PHE H 232 6.47 -14.81 -6.30
C PHE H 232 6.70 -13.43 -6.87
N GLU H 233 7.72 -12.72 -6.38
CA GLU H 233 8.00 -11.37 -6.85
C GLU H 233 8.36 -11.35 -8.32
N LEU H 234 9.25 -12.25 -8.72
CA LEU H 234 9.68 -12.34 -10.12
C LEU H 234 8.51 -12.73 -11.01
N MET H 235 7.68 -13.67 -10.55
CA MET H 235 6.52 -14.09 -11.33
C MET H 235 5.60 -12.91 -11.58
N ALA H 236 5.37 -12.10 -10.55
CA ALA H 236 4.51 -10.93 -10.70
C ALA H 236 5.11 -9.96 -11.72
N ARG H 237 6.44 -9.81 -11.69
CA ARG H 237 7.09 -8.92 -12.65
C ARG H 237 6.92 -9.50 -14.06
N LEU H 238 7.14 -10.79 -14.21
CA LEU H 238 6.98 -11.43 -15.51
C LEU H 238 5.56 -11.25 -16.04
N ARG H 239 4.58 -11.36 -15.14
CA ARG H 239 3.18 -11.21 -15.55
C ARG H 239 2.95 -9.84 -16.18
N GLY H 240 3.62 -8.81 -15.68
CA GLY H 240 3.42 -7.48 -16.24
C GLY H 240 4.14 -7.16 -17.55
N LEU H 241 4.99 -8.07 -18.01
CA LEU H 241 5.74 -7.84 -19.24
C LEU H 241 5.06 -8.06 -20.59
N THR H 242 4.02 -8.90 -20.63
CA THR H 242 3.34 -9.16 -21.89
C THR H 242 1.87 -9.39 -21.62
N ASP H 243 1.07 -9.54 -22.69
CA ASP H 243 -0.35 -9.80 -22.52
C ASP H 243 -0.71 -11.27 -22.70
N VAL H 244 0.30 -12.13 -22.75
CA VAL H 244 0.08 -13.56 -22.85
C VAL H 244 -0.16 -14.03 -21.42
N PRO H 245 -1.21 -14.83 -21.18
CA PRO H 245 -1.48 -15.30 -19.82
C PRO H 245 -0.31 -16.05 -19.19
N LEU H 246 -0.03 -15.71 -17.94
CA LEU H 246 1.04 -16.37 -17.20
C LEU H 246 0.34 -17.23 -16.15
N LEU H 247 0.56 -18.54 -16.20
CA LEU H 247 -0.07 -19.44 -15.24
C LEU H 247 0.89 -19.91 -14.15
N ALA H 248 0.38 -19.95 -12.92
CA ALA H 248 1.17 -20.43 -11.81
C ALA H 248 0.88 -21.91 -11.73
N ASP H 249 1.91 -22.71 -11.48
CA ASP H 249 1.75 -24.14 -11.31
C ASP H 249 2.40 -24.50 -9.98
N GLU H 250 3.72 -24.70 -10.00
CA GLU H 250 4.47 -25.06 -8.81
C GLU H 250 4.33 -24.04 -7.67
N SER H 251 4.01 -22.80 -8.01
CA SER H 251 3.83 -21.76 -7.00
C SER H 251 2.55 -21.93 -6.19
N VAL H 252 1.62 -22.74 -6.70
CA VAL H 252 0.34 -22.94 -6.01
C VAL H 252 -0.09 -24.40 -5.85
N TYR H 253 -0.13 -24.86 -4.61
CA TYR H 253 -0.56 -26.22 -4.30
C TYR H 253 -2.04 -26.25 -3.93
N GLY H 254 -2.39 -25.59 -2.83
CA GLY H 254 -3.77 -25.57 -2.39
C GLY H 254 -4.39 -24.21 -2.19
N PRO H 255 -5.56 -24.15 -1.53
CA PRO H 255 -6.26 -22.89 -1.29
C PRO H 255 -5.39 -21.83 -0.60
N GLU H 256 -4.52 -22.27 0.32
CA GLU H 256 -3.65 -21.36 1.04
C GLU H 256 -2.71 -20.63 0.08
N ASP H 257 -2.04 -21.38 -0.79
CA ASP H 257 -1.15 -20.77 -1.77
C ASP H 257 -1.95 -19.92 -2.75
N MET H 258 -3.17 -20.35 -3.11
CA MET H 258 -3.95 -19.58 -4.07
C MET H 258 -4.26 -18.19 -3.52
N VAL H 259 -4.61 -18.12 -2.24
CA VAL H 259 -4.90 -16.83 -1.62
C VAL H 259 -3.66 -15.94 -1.69
N ARG H 260 -2.49 -16.51 -1.39
CA ARG H 260 -1.25 -15.73 -1.43
C ARG H 260 -0.92 -15.32 -2.86
N ALA H 261 -1.03 -16.25 -3.79
CA ALA H 261 -0.72 -15.98 -5.20
C ALA H 261 -1.62 -14.89 -5.77
N ALA H 262 -2.90 -14.90 -5.40
CA ALA H 262 -3.83 -13.90 -5.89
C ALA H 262 -3.51 -12.54 -5.29
N HIS H 263 -3.17 -12.52 -4.01
CA HIS H 263 -2.84 -11.28 -3.34
C HIS H 263 -1.61 -10.61 -3.96
N GLU H 264 -0.56 -11.40 -4.21
CA GLU H 264 0.66 -10.85 -4.78
C GLU H 264 0.63 -10.66 -6.31
N GLY H 265 -0.50 -11.05 -6.93
CA GLY H 265 -0.67 -10.90 -8.37
C GLY H 265 0.39 -11.53 -9.23
N ILE H 266 0.77 -12.76 -8.89
CA ILE H 266 1.81 -13.46 -9.63
C ILE H 266 1.36 -14.16 -10.90
N CYS H 267 0.06 -14.18 -11.18
CA CYS H 267 -0.43 -14.87 -12.38
C CYS H 267 -1.78 -14.38 -12.90
N ASP H 268 -2.16 -14.93 -14.06
CA ASP H 268 -3.43 -14.62 -14.71
C ASP H 268 -4.33 -15.86 -14.57
N GLY H 269 -3.70 -16.95 -14.14
CA GLY H 269 -4.43 -18.20 -13.97
C GLY H 269 -3.56 -19.23 -13.27
N VAL H 270 -4.14 -20.39 -13.00
CA VAL H 270 -3.43 -21.44 -12.28
C VAL H 270 -3.69 -22.84 -12.85
N SER H 271 -2.66 -23.68 -12.75
CA SER H 271 -2.75 -25.06 -13.19
C SER H 271 -3.12 -25.83 -11.93
N ILE H 272 -4.31 -26.44 -11.93
CA ILE H 272 -4.81 -27.19 -10.79
C ILE H 272 -4.55 -28.68 -10.94
N LYS H 273 -3.95 -29.27 -9.91
CA LYS H 273 -3.63 -30.69 -9.92
C LYS H 273 -4.00 -31.28 -8.57
N ILE H 274 -4.72 -32.40 -8.57
CA ILE H 274 -5.10 -33.00 -7.30
C ILE H 274 -3.88 -33.49 -6.53
N MET H 275 -2.80 -33.81 -7.22
CA MET H 275 -1.59 -34.27 -6.53
C MET H 275 -0.98 -33.14 -5.70
N LYS H 276 -1.28 -31.89 -6.06
CA LYS H 276 -0.78 -30.74 -5.29
C LYS H 276 -1.78 -30.35 -4.21
N SER H 277 -3.07 -30.31 -4.56
CA SER H 277 -4.10 -29.93 -3.61
C SER H 277 -4.29 -30.96 -2.50
N GLY H 278 -3.85 -32.19 -2.74
CA GLY H 278 -3.99 -33.24 -1.74
C GLY H 278 -5.43 -33.67 -1.56
N GLY H 279 -6.22 -33.55 -2.62
CA GLY H 279 -7.62 -33.92 -2.55
C GLY H 279 -8.40 -33.25 -3.65
N LEU H 280 -9.53 -33.84 -4.04
CA LEU H 280 -10.34 -33.27 -5.11
C LEU H 280 -11.09 -32.00 -4.68
N THR H 281 -11.59 -31.97 -3.45
CA THR H 281 -12.30 -30.80 -2.99
C THR H 281 -11.36 -29.60 -2.92
N ARG H 282 -10.18 -29.81 -2.34
CA ARG H 282 -9.20 -28.72 -2.23
C ARG H 282 -8.82 -28.19 -3.62
N ALA H 283 -8.84 -29.06 -4.62
CA ALA H 283 -8.53 -28.66 -5.99
C ALA H 283 -9.64 -27.75 -6.46
N GLN H 284 -10.88 -28.10 -6.13
CA GLN H 284 -12.02 -27.28 -6.52
C GLN H 284 -11.95 -25.91 -5.86
N THR H 285 -11.57 -25.89 -4.58
CA THR H 285 -11.47 -24.64 -3.84
C THR H 285 -10.44 -23.72 -4.51
N VAL H 286 -9.32 -24.30 -4.96
CA VAL H 286 -8.32 -23.50 -5.64
C VAL H 286 -8.96 -22.84 -6.86
N ALA H 287 -9.72 -23.63 -7.63
CA ALA H 287 -10.38 -23.13 -8.82
C ALA H 287 -11.38 -22.04 -8.52
N ARG H 288 -12.12 -22.23 -7.42
CA ARG H 288 -13.13 -21.25 -7.03
C ARG H 288 -12.51 -19.96 -6.51
N ILE H 289 -11.40 -20.06 -5.79
CA ILE H 289 -10.73 -18.89 -5.29
C ILE H 289 -10.18 -18.13 -6.50
N ALA H 290 -9.57 -18.86 -7.43
CA ALA H 290 -9.03 -18.24 -8.65
C ALA H 290 -10.12 -17.48 -9.38
N ALA H 291 -11.26 -18.13 -9.61
CA ALA H 291 -12.37 -17.48 -10.30
C ALA H 291 -12.84 -16.21 -9.61
N ALA H 292 -12.89 -16.23 -8.28
CA ALA H 292 -13.33 -15.08 -7.51
C ALA H 292 -12.38 -13.89 -7.65
N HIS H 293 -11.17 -14.16 -8.15
CA HIS H 293 -10.17 -13.12 -8.35
C HIS H 293 -10.03 -12.81 -9.84
N GLY H 294 -10.90 -13.39 -10.66
CA GLY H 294 -10.83 -13.15 -12.09
C GLY H 294 -9.61 -13.80 -12.73
N LEU H 295 -9.23 -14.97 -12.22
CA LEU H 295 -8.09 -15.72 -12.73
C LEU H 295 -8.62 -17.02 -13.34
N MET H 296 -8.06 -17.43 -14.48
CA MET H 296 -8.49 -18.66 -15.15
C MET H 296 -7.88 -19.91 -14.53
N ALA H 297 -8.45 -21.07 -14.84
CA ALA H 297 -7.96 -22.32 -14.30
C ALA H 297 -7.84 -23.42 -15.36
N TYR H 298 -6.81 -24.24 -15.20
CA TYR H 298 -6.47 -25.32 -16.14
C TYR H 298 -6.33 -26.65 -15.43
N GLY H 299 -6.73 -27.72 -16.11
CA GLY H 299 -6.62 -29.05 -15.53
C GLY H 299 -5.25 -29.64 -15.79
N GLY H 300 -4.28 -29.30 -14.95
CA GLY H 300 -2.94 -29.83 -15.13
C GLY H 300 -2.83 -31.22 -14.52
N ASP H 301 -1.66 -31.86 -14.68
CA ASP H 301 -1.46 -33.18 -14.10
C ASP H 301 0.02 -33.46 -13.93
N MET H 302 0.34 -34.55 -13.25
CA MET H 302 1.72 -34.95 -13.02
C MET H 302 1.94 -36.13 -13.97
N PHE H 303 3.08 -36.81 -13.85
CA PHE H 303 3.31 -37.96 -14.71
C PHE H 303 2.60 -39.11 -14.02
N GLU H 304 1.29 -39.15 -14.25
CA GLU H 304 0.39 -40.11 -13.66
C GLU H 304 -0.16 -41.12 -14.65
N ALA H 305 -0.95 -42.05 -14.15
CA ALA H 305 -1.56 -43.10 -14.95
C ALA H 305 -3.07 -42.87 -15.06
N GLY H 306 -3.76 -43.79 -15.73
CA GLY H 306 -5.20 -43.67 -15.91
C GLY H 306 -6.01 -43.51 -14.63
N LEU H 307 -5.52 -44.10 -13.54
CA LEU H 307 -6.22 -43.99 -12.26
C LEU H 307 -6.29 -42.53 -11.82
N ALA H 308 -5.14 -41.86 -11.82
CA ALA H 308 -5.09 -40.47 -11.43
C ALA H 308 -5.84 -39.62 -12.45
N HIS H 309 -5.83 -40.06 -13.70
CA HIS H 309 -6.55 -39.35 -14.76
C HIS H 309 -8.05 -39.36 -14.47
N LEU H 310 -8.53 -40.49 -13.94
CA LEU H 310 -9.95 -40.63 -13.62
C LEU H 310 -10.36 -39.71 -12.48
N ALA H 311 -9.55 -39.69 -11.42
CA ALA H 311 -9.83 -38.82 -10.28
C ALA H 311 -9.85 -37.38 -10.77
N GLY H 312 -8.84 -37.00 -11.55
CA GLY H 312 -8.78 -35.65 -12.08
C GLY H 312 -9.97 -35.32 -12.94
N THR H 313 -10.38 -36.27 -13.78
CA THR H 313 -11.50 -36.08 -14.69
C THR H 313 -12.82 -35.84 -13.95
N HIS H 314 -13.05 -36.58 -12.87
CA HIS H 314 -14.27 -36.41 -12.10
C HIS H 314 -14.28 -35.06 -11.40
N MET H 315 -13.09 -34.58 -10.99
CA MET H 315 -12.98 -33.29 -10.31
C MET H 315 -13.34 -32.18 -11.30
N ILE H 316 -12.73 -32.22 -12.47
CA ILE H 316 -12.97 -31.23 -13.51
C ILE H 316 -14.43 -31.25 -14.01
N ALA H 317 -15.01 -32.44 -14.14
CA ALA H 317 -16.40 -32.55 -14.59
C ALA H 317 -17.36 -31.81 -13.66
N ALA H 318 -17.00 -31.71 -12.39
CA ALA H 318 -17.84 -31.03 -11.40
C ALA H 318 -17.34 -29.63 -11.06
N THR H 319 -16.43 -29.11 -11.88
CA THR H 319 -15.86 -27.78 -11.62
C THR H 319 -15.89 -26.88 -12.85
N PRO H 320 -16.97 -26.11 -13.02
CA PRO H 320 -17.09 -25.21 -14.18
C PRO H 320 -15.96 -24.20 -14.28
N GLU H 321 -15.31 -23.90 -13.15
CA GLU H 321 -14.21 -22.95 -13.13
C GLU H 321 -13.00 -23.36 -13.98
N ILE H 322 -12.84 -24.66 -14.23
CA ILE H 322 -11.72 -25.15 -15.03
C ILE H 322 -12.20 -25.14 -16.48
N THR H 323 -11.76 -24.16 -17.25
CA THR H 323 -12.21 -24.00 -18.62
C THR H 323 -11.15 -24.17 -19.70
N LEU H 324 -9.90 -24.32 -19.29
CA LEU H 324 -8.81 -24.44 -20.26
C LEU H 324 -8.42 -25.86 -20.70
N GLY H 325 -9.26 -26.84 -20.36
CA GLY H 325 -8.96 -28.22 -20.74
C GLY H 325 -8.12 -28.96 -19.71
N CYS H 326 -7.67 -30.15 -20.06
CA CYS H 326 -6.85 -30.96 -19.17
C CYS H 326 -5.73 -31.62 -19.95
N GLU H 327 -4.70 -32.06 -19.24
CA GLU H 327 -3.56 -32.72 -19.88
C GLU H 327 -3.39 -34.17 -19.42
N PHE H 328 -4.50 -34.90 -19.34
CA PHE H 328 -4.45 -36.29 -18.94
C PHE H 328 -4.15 -37.11 -20.20
N TYR H 329 -2.92 -36.96 -20.69
CA TYR H 329 -2.48 -37.63 -21.92
C TYR H 329 -1.54 -38.81 -21.73
N GLN H 330 -0.98 -38.96 -20.54
CA GLN H 330 -0.02 -40.03 -20.29
C GLN H 330 -0.50 -41.44 -20.60
N ALA H 331 -1.63 -41.84 -20.02
CA ALA H 331 -2.16 -43.18 -20.25
C ALA H 331 -2.27 -43.51 -21.74
N SER H 332 -2.64 -42.52 -22.54
CA SER H 332 -2.81 -42.72 -23.97
C SER H 332 -1.56 -42.59 -24.84
N TYR H 333 -0.71 -41.61 -24.55
CA TYR H 333 0.48 -41.35 -25.35
C TYR H 333 1.85 -41.46 -24.68
N PHE H 334 1.91 -41.74 -23.39
CA PHE H 334 3.21 -41.80 -22.71
C PHE H 334 3.59 -43.15 -22.13
N LEU H 335 2.69 -43.74 -21.35
CA LEU H 335 2.97 -45.02 -20.73
C LEU H 335 2.91 -46.14 -21.77
N ASN H 336 3.76 -47.16 -21.60
CA ASN H 336 3.76 -48.28 -22.53
C ASN H 336 2.44 -49.02 -22.30
N GLU H 337 2.15 -49.29 -21.04
CA GLU H 337 0.93 -49.99 -20.66
C GLU H 337 0.36 -49.30 -19.41
N ASP H 338 -0.94 -49.06 -19.40
CA ASP H 338 -1.59 -48.42 -18.25
C ASP H 338 -1.97 -49.48 -17.22
N ILE H 339 -2.49 -49.06 -16.08
CA ILE H 339 -2.85 -50.01 -15.03
C ILE H 339 -4.35 -50.31 -14.88
N LEU H 340 -5.17 -49.66 -15.68
CA LEU H 340 -6.62 -49.86 -15.62
C LEU H 340 -7.03 -51.09 -16.42
N GLU H 341 -8.09 -51.77 -15.96
CA GLU H 341 -8.58 -52.95 -16.65
C GLU H 341 -9.17 -52.53 -17.98
N THR H 342 -9.79 -51.35 -17.99
CA THR H 342 -10.37 -50.79 -19.21
C THR H 342 -9.66 -49.48 -19.48
N PRO H 343 -9.34 -49.20 -20.75
CA PRO H 343 -8.65 -47.96 -21.14
C PRO H 343 -9.31 -46.64 -20.75
N PHE H 344 -8.47 -45.65 -20.48
CA PHE H 344 -8.94 -44.31 -20.13
C PHE H 344 -9.56 -43.73 -21.40
N ARG H 345 -10.88 -43.54 -21.38
CA ARG H 345 -11.62 -43.06 -22.54
C ARG H 345 -11.40 -41.65 -23.05
N VAL H 346 -10.93 -41.57 -24.30
CA VAL H 346 -10.70 -40.29 -24.98
C VAL H 346 -11.18 -40.47 -26.41
N GLU H 347 -12.15 -39.67 -26.81
CA GLU H 347 -12.68 -39.77 -28.16
C GLU H 347 -12.66 -38.42 -28.87
N ALA H 348 -12.12 -38.40 -30.07
CA ALA H 348 -12.01 -37.18 -30.87
C ALA H 348 -11.27 -36.07 -30.11
N GLY H 349 -10.28 -36.47 -29.32
CA GLY H 349 -9.49 -35.51 -28.57
C GLY H 349 -10.15 -34.96 -27.31
N GLN H 350 -11.22 -35.60 -26.87
CA GLN H 350 -11.94 -35.16 -25.68
C GLN H 350 -12.01 -36.29 -24.66
N VAL H 351 -11.57 -36.01 -23.43
CA VAL H 351 -11.64 -36.99 -22.36
C VAL H 351 -13.12 -37.22 -22.09
N ILE H 352 -13.52 -38.48 -21.94
CA ILE H 352 -14.92 -38.78 -21.68
C ILE H 352 -15.19 -38.94 -20.19
N VAL H 353 -16.12 -38.14 -19.67
CA VAL H 353 -16.45 -38.23 -18.24
C VAL H 353 -17.27 -39.50 -18.00
N PRO H 354 -16.75 -40.42 -17.18
CA PRO H 354 -17.44 -41.68 -16.86
C PRO H 354 -18.74 -41.44 -16.08
N ASP H 355 -19.74 -42.28 -16.31
CA ASP H 355 -21.00 -42.15 -15.60
C ASP H 355 -21.31 -43.38 -14.75
N GLY H 356 -20.39 -44.35 -14.78
CA GLY H 356 -20.59 -45.56 -13.99
C GLY H 356 -20.20 -45.32 -12.54
N PRO H 357 -20.38 -46.31 -11.66
CA PRO H 357 -20.06 -46.24 -10.23
C PRO H 357 -18.59 -45.93 -9.92
N GLY H 358 -18.36 -45.16 -8.86
CA GLY H 358 -17.01 -44.80 -8.48
C GLY H 358 -16.26 -44.06 -9.57
N LEU H 359 -14.97 -44.35 -9.68
CA LEU H 359 -14.11 -43.71 -10.68
C LEU H 359 -14.47 -44.07 -12.12
N GLY H 360 -15.11 -45.21 -12.31
CA GLY H 360 -15.50 -45.62 -13.65
C GLY H 360 -14.61 -46.70 -14.24
N ALA H 361 -13.66 -47.20 -13.45
CA ALA H 361 -12.75 -48.24 -13.89
C ALA H 361 -11.95 -48.74 -12.70
N ARG H 362 -11.51 -50.00 -12.76
CA ARG H 362 -10.74 -50.59 -11.68
C ARG H 362 -9.29 -50.81 -12.07
N ALA H 363 -8.41 -50.83 -11.08
CA ALA H 363 -6.99 -51.06 -11.33
C ALA H 363 -6.81 -52.56 -11.48
N ASP H 364 -6.10 -52.98 -12.54
CA ASP H 364 -5.86 -54.39 -12.79
C ASP H 364 -4.88 -54.96 -11.77
N PRO H 365 -5.35 -55.86 -10.89
CA PRO H 365 -4.50 -56.48 -9.86
C PRO H 365 -3.30 -57.19 -10.44
N GLU H 366 -3.47 -57.75 -11.64
CA GLU H 366 -2.38 -58.46 -12.30
C GLU H 366 -1.25 -57.50 -12.68
N LYS H 367 -1.62 -56.27 -13.03
CA LYS H 367 -0.63 -55.27 -13.39
C LYS H 367 0.00 -54.68 -12.13
N LEU H 368 -0.81 -54.49 -11.10
CA LEU H 368 -0.32 -53.94 -9.83
C LEU H 368 0.75 -54.84 -9.22
N GLU H 369 0.57 -56.15 -9.38
CA GLU H 369 1.53 -57.11 -8.83
C GLU H 369 2.73 -57.22 -9.75
N HIS H 370 2.46 -57.22 -11.06
CA HIS H 370 3.49 -57.34 -12.08
C HIS H 370 4.48 -56.16 -12.17
N TYR H 371 4.01 -54.96 -11.88
CA TYR H 371 4.87 -53.78 -11.96
C TYR H 371 5.33 -53.21 -10.63
N ALA H 372 4.94 -53.85 -9.53
CA ALA H 372 5.32 -53.37 -8.21
C ALA H 372 6.80 -53.61 -7.88
N VAL H 373 7.39 -52.67 -7.16
CA VAL H 373 8.78 -52.78 -6.73
C VAL H 373 8.72 -52.93 -5.22
N ARG H 374 7.53 -52.70 -4.67
CA ARG H 374 7.26 -52.82 -3.25
C ARG H 374 5.75 -52.85 -3.05
N ARG H 375 5.30 -53.61 -2.07
CA ARG H 375 3.86 -53.73 -1.78
C ARG H 375 3.63 -53.97 -0.29
#